data_1OG0
#
_entry.id   1OG0
#
_cell.length_a   82.154
_cell.length_b   93.971
_cell.length_c   104.843
_cell.angle_alpha   65.39
_cell.angle_beta   85.77
_cell.angle_gamma   75.52
#
_symmetry.space_group_name_H-M   'P 1'
#
loop_
_entity.id
_entity.type
_entity.pdbx_description
1 polymer 'Phospho-2-dehydro-3-deoxyheptonate aldolase, tyrosine-inhibited'
2 non-polymer 'MANGANESE (II) ION'
3 non-polymer PHENYLALANINE
4 water water
#
_entity_poly.entity_id   1
_entity_poly.type   'polypeptide(L)'
_entity_poly.pdbx_seq_one_letter_code
;MSESPMFAANGMPKVNQGAEEDVRILGYDPLASPALLQVQIPATPTSLETAKRGRREAIDIITGKDDRVLVIVGPCSIHD
LEAAQEYALRLKKLSDELKGDLSIIMRAYLEKPRTTVGWKGLINDPDVNNTFNINKGLQSARQLFVNLTNIGLPIGSEML
DTISPQYLADLVSFGAIGARTTESQLHRELASGLSFPVGFKNGTDGTLNVAVDACQAAAHSHHFMSVTKHGVAAITTTKG
NEHCFVILRGGKKGTNYDAKSVAEAKAQLPAGSNGLMIDYSHGNSNKDFRNQPKVNDVVCEQIANGENAITGVMIESNIN
EGNQGIPAEGKAGLKYGVSITDACIGWETTEDVLRKLAAAVRQRREVNKK
;
_entity_poly.pdbx_strand_id   A,B,C,D,E,F,G,H
#
loop_
_chem_comp.id
_chem_comp.type
_chem_comp.name
_chem_comp.formula
MN non-polymer 'MANGANESE (II) ION' 'Mn 2'
#
# COMPACT_ATOMS: atom_id res chain seq x y z
N GLY A 18 16.55 22.16 1.31
CA GLY A 18 16.80 20.71 1.59
C GLY A 18 15.99 20.18 2.76
N ALA A 19 16.67 19.47 3.67
CA ALA A 19 16.04 18.89 4.86
C ALA A 19 16.32 19.80 6.07
N GLU A 20 16.09 19.28 7.28
CA GLU A 20 16.33 20.08 8.49
C GLU A 20 16.65 19.23 9.72
N GLU A 21 17.68 18.40 9.63
CA GLU A 21 18.05 17.59 10.78
C GLU A 21 19.15 18.32 11.54
N ASP A 22 19.53 17.77 12.69
CA ASP A 22 20.59 18.33 13.53
C ASP A 22 20.59 19.85 13.84
N VAL A 23 19.46 20.52 13.65
CA VAL A 23 19.36 21.96 13.97
C VAL A 23 19.68 22.21 15.44
N ARG A 24 19.53 21.18 16.27
CA ARG A 24 19.81 21.30 17.70
C ARG A 24 21.08 20.53 18.06
N ILE A 25 21.82 20.10 17.04
CA ILE A 25 23.08 19.39 17.25
C ILE A 25 24.22 20.36 16.94
N LEU A 26 24.90 20.84 17.98
CA LEU A 26 25.99 21.79 17.79
C LEU A 26 27.19 21.18 17.09
N GLY A 27 27.30 19.86 17.11
CA GLY A 27 28.42 19.22 16.46
C GLY A 27 28.87 17.91 17.08
N TYR A 28 29.56 17.10 16.28
CA TYR A 28 30.07 15.82 16.75
C TYR A 28 31.58 15.91 16.98
N ASP A 29 32.11 15.04 17.81
CA ASP A 29 33.53 15.04 18.07
C ASP A 29 34.11 13.64 17.92
N PRO A 30 35.34 13.54 17.40
CA PRO A 30 35.97 12.24 17.22
C PRO A 30 36.09 11.54 18.56
N LEU A 31 35.78 10.26 18.56
CA LEU A 31 35.81 9.44 19.77
C LEU A 31 36.66 8.18 19.60
N ALA A 32 37.65 8.00 20.46
CA ALA A 32 38.48 6.79 20.38
C ALA A 32 37.56 5.57 20.54
N SER A 33 37.77 4.54 19.74
CA SER A 33 36.93 3.35 19.83
C SER A 33 37.27 2.54 21.08
N PRO A 34 36.36 1.63 21.48
CA PRO A 34 36.63 0.81 22.67
C PRO A 34 37.93 0.03 22.48
N ALA A 35 38.01 -0.66 21.34
CA ALA A 35 39.19 -1.46 21.02
C ALA A 35 40.46 -0.63 21.15
N LEU A 36 40.43 0.60 20.64
CA LEU A 36 41.58 1.48 20.72
C LEU A 36 41.91 1.80 22.17
N LEU A 37 40.89 2.18 22.95
CA LEU A 37 41.09 2.52 24.35
C LEU A 37 41.63 1.32 25.12
N GLN A 38 41.10 0.14 24.82
CA GLN A 38 41.52 -1.08 25.51
C GLN A 38 42.97 -1.46 25.26
N VAL A 39 43.54 -0.89 24.22
CA VAL A 39 44.94 -1.15 23.90
C VAL A 39 45.78 -0.07 24.61
N GLN A 40 45.34 1.18 24.51
CA GLN A 40 46.02 2.29 25.16
C GLN A 40 46.16 2.05 26.67
N ILE A 41 45.04 1.69 27.30
CA ILE A 41 45.03 1.42 28.73
C ILE A 41 44.65 -0.04 28.90
N PRO A 42 45.63 -0.94 28.76
CA PRO A 42 45.44 -2.39 28.87
C PRO A 42 45.15 -2.87 30.29
N ALA A 43 44.45 -3.99 30.40
CA ALA A 43 44.12 -4.56 31.68
C ALA A 43 45.18 -5.58 32.07
N THR A 44 45.77 -5.43 33.26
CA THR A 44 46.79 -6.37 33.71
C THR A 44 46.14 -7.74 33.96
N PRO A 45 46.94 -8.81 33.95
CA PRO A 45 46.38 -10.15 34.19
C PRO A 45 45.63 -10.19 35.51
N THR A 46 46.12 -9.42 36.48
CA THR A 46 45.52 -9.36 37.79
C THR A 46 44.15 -8.72 37.69
N SER A 47 44.09 -7.59 37.01
CA SER A 47 42.82 -6.88 36.83
C SER A 47 41.77 -7.80 36.25
N LEU A 48 42.14 -8.54 35.20
CA LEU A 48 41.21 -9.46 34.55
C LEU A 48 40.83 -10.63 35.45
N GLU A 49 41.73 -11.04 36.32
CA GLU A 49 41.43 -12.16 37.20
C GLU A 49 40.51 -11.67 38.32
N THR A 50 40.80 -10.49 38.85
CA THR A 50 40.00 -9.89 39.91
C THR A 50 38.56 -9.75 39.43
N ALA A 51 38.38 -9.28 38.20
CA ALA A 51 37.04 -9.10 37.66
C ALA A 51 36.28 -10.41 37.59
N LYS A 52 36.94 -11.46 37.15
CA LYS A 52 36.29 -12.77 37.01
C LYS A 52 35.91 -13.33 38.37
N ARG A 53 36.81 -13.17 39.34
CA ARG A 53 36.56 -13.67 40.68
C ARG A 53 35.32 -12.99 41.27
N GLY A 54 35.29 -11.66 41.17
CA GLY A 54 34.17 -10.91 41.69
C GLY A 54 32.85 -11.41 41.14
N ARG A 55 32.80 -11.70 39.86
CA ARG A 55 31.56 -12.18 39.27
C ARG A 55 31.17 -13.54 39.83
N ARG A 56 32.16 -14.42 39.99
CA ARG A 56 31.88 -15.75 40.51
C ARG A 56 31.30 -15.68 41.90
N GLU A 57 31.97 -14.95 42.77
CA GLU A 57 31.52 -14.80 44.13
C GLU A 57 30.13 -14.17 44.20
N ALA A 58 29.92 -13.10 43.43
CA ALA A 58 28.63 -12.42 43.40
C ALA A 58 27.56 -13.40 42.94
N ILE A 59 27.86 -14.17 41.90
CA ILE A 59 26.91 -15.15 41.37
C ILE A 59 26.51 -16.19 42.41
N ASP A 60 27.50 -16.76 43.10
CA ASP A 60 27.23 -17.78 44.10
C ASP A 60 26.36 -17.26 45.22
N ILE A 61 26.63 -16.03 45.64
CA ILE A 61 25.87 -15.44 46.72
C ILE A 61 24.42 -15.14 46.35
N ILE A 62 24.19 -14.51 45.21
CA ILE A 62 22.82 -14.18 44.84
C ILE A 62 21.99 -15.37 44.39
N THR A 63 22.63 -16.51 44.14
CA THR A 63 21.87 -17.68 43.71
C THR A 63 21.69 -18.69 44.83
N GLY A 64 22.22 -18.39 46.01
CA GLY A 64 22.05 -19.27 47.15
C GLY A 64 23.17 -20.26 47.41
N LYS A 65 24.15 -20.33 46.51
CA LYS A 65 25.26 -21.26 46.70
C LYS A 65 26.26 -20.87 47.78
N ASP A 66 26.25 -19.61 48.22
CA ASP A 66 27.18 -19.16 49.26
C ASP A 66 26.41 -18.39 50.32
N ASP A 67 26.71 -18.64 51.59
CA ASP A 67 26.00 -17.97 52.67
C ASP A 67 26.58 -16.61 53.07
N ARG A 68 27.57 -16.13 52.31
CA ARG A 68 28.16 -14.84 52.62
C ARG A 68 27.24 -13.75 52.06
N VAL A 69 27.52 -12.51 52.43
CA VAL A 69 26.72 -11.40 51.95
C VAL A 69 27.52 -10.56 50.96
N LEU A 70 26.93 -10.32 49.80
CA LEU A 70 27.57 -9.52 48.75
C LEU A 70 27.48 -8.06 49.17
N VAL A 71 28.62 -7.39 49.25
CA VAL A 71 28.65 -5.98 49.65
C VAL A 71 29.21 -5.03 48.59
N ILE A 72 28.38 -4.14 48.06
CA ILE A 72 28.83 -3.16 47.09
C ILE A 72 29.00 -1.87 47.90
N VAL A 73 30.23 -1.59 48.33
CA VAL A 73 30.53 -0.40 49.13
C VAL A 73 31.60 0.51 48.52
N GLY A 74 31.46 1.82 48.73
CA GLY A 74 32.41 2.77 48.20
C GLY A 74 31.80 4.14 47.95
N PRO A 75 32.59 5.11 47.46
CA PRO A 75 32.13 6.47 47.18
C PRO A 75 30.86 6.51 46.35
N CYS A 76 30.15 7.62 46.46
CA CYS A 76 28.93 7.80 45.69
C CYS A 76 29.34 7.91 44.22
N SER A 77 30.46 8.59 44.00
CA SER A 77 31.03 8.79 42.67
C SER A 77 32.51 9.13 42.83
N ILE A 78 33.32 8.70 41.86
CA ILE A 78 34.75 8.97 41.92
C ILE A 78 35.11 10.20 41.07
N HIS A 79 35.81 11.15 41.67
CA HIS A 79 36.23 12.34 40.95
C HIS A 79 37.73 12.54 41.20
N ASP A 80 38.29 11.66 42.01
CA ASP A 80 39.71 11.73 42.37
C ASP A 80 40.29 10.32 42.35
N LEU A 81 41.14 10.01 41.37
CA LEU A 81 41.74 8.69 41.27
C LEU A 81 42.72 8.38 42.40
N GLU A 82 43.31 9.43 42.96
CA GLU A 82 44.28 9.28 44.04
C GLU A 82 43.53 8.83 45.28
N ALA A 83 42.55 9.65 45.68
CA ALA A 83 41.73 9.38 46.86
C ALA A 83 41.03 8.02 46.73
N ALA A 84 40.59 7.69 45.52
CA ALA A 84 39.91 6.43 45.27
C ALA A 84 40.88 5.27 45.47
N GLN A 85 42.15 5.50 45.18
CA GLN A 85 43.14 4.45 45.33
C GLN A 85 43.48 4.22 46.79
N GLU A 86 43.52 5.29 47.58
CA GLU A 86 43.83 5.15 49.00
C GLU A 86 42.70 4.35 49.64
N TYR A 87 41.48 4.73 49.30
CA TYR A 87 40.30 4.07 49.81
C TYR A 87 40.32 2.60 49.43
N ALA A 88 40.66 2.33 48.18
CA ALA A 88 40.71 0.95 47.71
C ALA A 88 41.65 0.12 48.57
N LEU A 89 42.83 0.65 48.87
CA LEU A 89 43.79 -0.07 49.69
C LEU A 89 43.18 -0.42 51.05
N ARG A 90 42.55 0.57 51.68
CA ARG A 90 41.93 0.34 52.98
C ARG A 90 40.87 -0.74 52.89
N LEU A 91 39.96 -0.58 51.92
CA LEU A 91 38.88 -1.54 51.73
C LEU A 91 39.40 -2.92 51.37
N LYS A 92 40.53 -2.97 50.68
CA LYS A 92 41.11 -4.25 50.28
C LYS A 92 41.62 -4.99 51.50
N LYS A 93 42.16 -4.24 52.46
CA LYS A 93 42.70 -4.84 53.67
C LYS A 93 41.55 -5.33 54.55
N LEU A 94 40.46 -4.59 54.57
CA LEU A 94 39.32 -5.00 55.39
C LEU A 94 38.64 -6.16 54.70
N SER A 95 38.56 -6.07 53.37
CA SER A 95 37.95 -7.11 52.58
C SER A 95 38.69 -8.43 52.82
N ASP A 96 40.01 -8.35 52.96
CA ASP A 96 40.84 -9.53 53.19
C ASP A 96 40.47 -10.22 54.49
N GLU A 97 40.12 -9.41 55.49
CA GLU A 97 39.79 -9.91 56.81
C GLU A 97 38.38 -10.49 56.98
N LEU A 98 37.39 -9.91 56.31
CA LEU A 98 36.01 -10.37 56.41
C LEU A 98 35.63 -11.21 55.20
N LYS A 99 36.64 -11.71 54.49
CA LYS A 99 36.43 -12.52 53.29
C LYS A 99 35.65 -13.79 53.58
N GLY A 100 35.59 -14.18 54.85
CA GLY A 100 34.86 -15.39 55.23
C GLY A 100 33.38 -15.19 55.40
N ASP A 101 32.96 -13.93 55.55
CA ASP A 101 31.56 -13.58 55.76
C ASP A 101 31.01 -12.65 54.69
N LEU A 102 31.87 -11.77 54.16
CA LEU A 102 31.43 -10.82 53.15
C LEU A 102 32.28 -10.79 51.88
N SER A 103 31.62 -10.70 50.74
CA SER A 103 32.31 -10.59 49.47
C SER A 103 32.14 -9.12 49.08
N ILE A 104 33.24 -8.38 49.15
CA ILE A 104 33.21 -6.96 48.87
C ILE A 104 33.60 -6.54 47.45
N ILE A 105 32.76 -5.68 46.88
CA ILE A 105 32.97 -5.11 45.55
C ILE A 105 32.86 -3.60 45.79
N MET A 106 33.81 -2.83 45.26
CA MET A 106 33.79 -1.38 45.48
C MET A 106 32.91 -0.57 44.56
N ARG A 107 32.25 0.43 45.12
CA ARG A 107 31.41 1.31 44.33
C ARG A 107 32.35 2.23 43.56
N ALA A 108 32.32 2.15 42.24
CA ALA A 108 33.18 2.99 41.42
C ALA A 108 32.31 3.61 40.36
N TYR A 109 31.24 4.26 40.78
CA TYR A 109 30.34 4.88 39.82
C TYR A 109 30.97 6.11 39.14
N LEU A 110 30.65 6.30 37.85
CA LEU A 110 31.13 7.44 37.05
C LEU A 110 29.95 8.33 36.67
N TRP A 119 27.36 18.34 38.18
CA TRP A 119 28.44 17.50 37.69
C TRP A 119 27.84 16.33 36.94
N LYS A 120 28.54 15.87 35.91
CA LYS A 120 28.04 14.75 35.10
C LYS A 120 28.74 13.42 35.46
N GLY A 121 30.04 13.49 35.76
CA GLY A 121 30.78 12.29 36.12
C GLY A 121 32.18 12.26 35.55
N LEU A 122 33.02 11.43 36.13
CA LEU A 122 34.41 11.30 35.68
C LEU A 122 34.53 11.21 34.15
N ILE A 123 33.48 10.75 33.49
CA ILE A 123 33.51 10.60 32.04
C ILE A 123 33.17 11.86 31.27
N ASN A 124 32.12 12.56 31.70
CA ASN A 124 31.73 13.79 31.04
C ASN A 124 32.64 14.95 31.40
N ASP A 125 32.93 15.12 32.69
CA ASP A 125 33.78 16.21 33.15
C ASP A 125 34.90 15.67 34.04
N PRO A 126 35.85 14.95 33.44
CA PRO A 126 36.98 14.36 34.18
C PRO A 126 37.79 15.36 35.00
N ASP A 127 37.78 16.62 34.56
CA ASP A 127 38.50 17.66 35.28
C ASP A 127 37.60 18.42 36.25
N VAL A 128 36.29 18.25 36.11
CA VAL A 128 35.35 18.94 37.00
C VAL A 128 35.42 20.47 36.80
N ASN A 129 35.01 20.94 35.62
CA ASN A 129 35.03 22.37 35.32
C ASN A 129 34.23 22.72 34.08
N ASN A 130 33.19 21.94 33.80
CA ASN A 130 32.34 22.17 32.65
C ASN A 130 33.12 22.35 31.36
N THR A 131 33.99 21.39 31.04
CA THR A 131 34.77 21.46 29.82
C THR A 131 34.61 20.13 29.06
N PHE A 132 33.62 19.37 29.48
CA PHE A 132 33.27 18.09 28.88
C PHE A 132 34.31 17.54 27.89
N ASN A 133 35.25 16.76 28.42
CA ASN A 133 36.29 16.15 27.63
C ASN A 133 36.12 14.64 27.77
N ILE A 134 35.12 14.11 27.06
CA ILE A 134 34.82 12.68 27.13
C ILE A 134 36.02 11.77 26.85
N ASN A 135 36.73 12.02 25.76
CA ASN A 135 37.88 11.18 25.45
C ASN A 135 38.78 11.03 26.66
N LYS A 136 39.06 12.13 27.33
CA LYS A 136 39.91 12.08 28.53
C LYS A 136 39.12 11.40 29.66
N GLY A 137 37.81 11.64 29.68
CA GLY A 137 36.95 11.06 30.69
C GLY A 137 36.98 9.53 30.63
N LEU A 138 36.87 9.00 29.42
CA LEU A 138 36.90 7.57 29.22
C LEU A 138 38.26 7.02 29.61
N GLN A 139 39.29 7.81 29.38
CA GLN A 139 40.64 7.38 29.74
C GLN A 139 40.74 7.27 31.26
N SER A 140 40.29 8.32 31.95
CA SER A 140 40.33 8.32 33.41
C SER A 140 39.49 7.16 33.91
N ALA A 141 38.27 7.05 33.40
CA ALA A 141 37.38 5.98 33.79
C ALA A 141 38.10 4.64 33.71
N ARG A 142 38.63 4.32 32.53
CA ARG A 142 39.31 3.04 32.36
C ARG A 142 40.58 2.87 33.16
N GLN A 143 41.34 3.95 33.29
CA GLN A 143 42.58 3.88 34.08
C GLN A 143 42.20 3.54 35.52
N LEU A 144 41.17 4.24 36.01
CA LEU A 144 40.66 4.04 37.36
C LEU A 144 40.29 2.58 37.57
N PHE A 145 39.42 2.06 36.71
CA PHE A 145 39.01 0.68 36.83
C PHE A 145 40.23 -0.26 36.83
N VAL A 146 41.23 0.05 36.02
CA VAL A 146 42.41 -0.81 35.98
C VAL A 146 43.18 -0.68 37.29
N ASN A 147 43.35 0.55 37.78
CA ASN A 147 44.08 0.76 39.02
C ASN A 147 43.47 -0.02 40.16
N LEU A 148 42.15 0.06 40.29
CA LEU A 148 41.45 -0.63 41.36
C LEU A 148 41.53 -2.15 41.24
N THR A 149 40.97 -2.70 40.16
CA THR A 149 40.99 -4.14 39.98
C THR A 149 42.40 -4.70 40.00
N ASN A 150 43.38 -3.85 39.73
CA ASN A 150 44.78 -4.27 39.71
C ASN A 150 45.30 -4.67 41.08
N ILE A 151 44.76 -4.09 42.15
CA ILE A 151 45.22 -4.46 43.48
C ILE A 151 44.38 -5.61 44.05
N GLY A 152 43.59 -6.24 43.19
CA GLY A 152 42.77 -7.37 43.60
C GLY A 152 41.40 -7.07 44.18
N LEU A 153 40.92 -5.84 44.00
CA LEU A 153 39.62 -5.43 44.52
C LEU A 153 38.59 -5.32 43.39
N PRO A 154 37.58 -6.20 43.37
CA PRO A 154 36.58 -6.13 42.32
C PRO A 154 35.85 -4.80 42.36
N ILE A 155 35.20 -4.43 41.27
CA ILE A 155 34.47 -3.16 41.24
C ILE A 155 33.10 -3.27 40.60
N GLY A 156 32.22 -2.34 40.97
CA GLY A 156 30.88 -2.32 40.41
C GLY A 156 30.60 -0.89 39.97
N SER A 157 29.70 -0.72 39.00
CA SER A 157 29.40 0.62 38.52
C SER A 157 27.99 0.65 37.98
N GLU A 158 27.46 1.85 37.72
CA GLU A 158 26.12 1.96 37.16
C GLU A 158 26.21 1.88 35.64
N MET A 159 25.32 1.12 35.03
CA MET A 159 25.32 1.00 33.59
C MET A 159 24.54 2.16 33.02
N LEU A 160 25.25 3.27 32.91
CA LEU A 160 24.78 4.56 32.40
C LEU A 160 24.08 4.48 31.07
N ASP A 161 24.87 4.43 30.01
CA ASP A 161 24.34 4.37 28.65
C ASP A 161 24.65 3.02 28.04
N THR A 162 24.21 2.86 26.81
CA THR A 162 24.40 1.63 26.05
C THR A 162 25.76 1.47 25.33
N ILE A 163 26.63 2.48 25.41
CA ILE A 163 27.94 2.43 24.76
C ILE A 163 29.10 2.35 25.76
N SER A 164 29.04 3.21 26.76
CA SER A 164 30.05 3.29 27.80
C SER A 164 30.62 1.94 28.27
N PRO A 165 29.75 0.97 28.62
CA PRO A 165 30.25 -0.33 29.09
C PRO A 165 31.27 -0.99 28.15
N GLN A 166 31.05 -0.87 26.83
CA GLN A 166 31.94 -1.44 25.85
C GLN A 166 33.40 -1.05 26.11
N TYR A 167 33.61 0.05 26.81
CA TYR A 167 34.96 0.49 27.14
C TYR A 167 35.44 0.00 28.48
N LEU A 168 34.57 -0.64 29.28
CA LEU A 168 34.97 -1.05 30.62
C LEU A 168 34.47 -2.41 31.11
N ALA A 169 33.56 -3.03 30.38
CA ALA A 169 32.99 -4.32 30.78
C ALA A 169 34.01 -5.35 31.28
N ASP A 170 35.10 -5.52 30.53
CA ASP A 170 36.13 -6.50 30.88
C ASP A 170 36.72 -6.33 32.28
N LEU A 171 36.40 -5.20 32.93
CA LEU A 171 36.94 -4.93 34.25
C LEU A 171 35.90 -4.89 35.38
N VAL A 172 34.63 -4.91 34.99
CA VAL A 172 33.50 -4.83 35.93
C VAL A 172 33.02 -6.19 36.47
N SER A 173 32.73 -6.25 37.76
CA SER A 173 32.24 -7.48 38.36
C SER A 173 30.72 -7.42 38.66
N PHE A 174 30.20 -6.20 38.82
CA PHE A 174 28.79 -5.99 39.12
C PHE A 174 28.31 -4.68 38.48
N GLY A 175 27.09 -4.70 37.94
CA GLY A 175 26.52 -3.53 37.31
C GLY A 175 25.12 -3.24 37.86
N ALA A 176 24.84 -1.99 38.14
CA ALA A 176 23.56 -1.62 38.69
C ALA A 176 22.79 -0.70 37.75
N ILE A 177 21.47 -0.88 37.67
CA ILE A 177 20.63 -0.01 36.85
C ILE A 177 19.93 0.83 37.92
N GLY A 178 19.99 2.17 37.78
CA GLY A 178 19.39 3.03 38.79
C GLY A 178 17.89 3.18 38.70
N ALA A 179 17.28 3.70 39.77
CA ALA A 179 15.82 3.89 39.83
C ALA A 179 15.21 4.56 38.61
N ARG A 180 15.83 5.63 38.12
CA ARG A 180 15.31 6.33 36.96
C ARG A 180 15.38 5.57 35.63
N THR A 181 16.10 4.45 35.61
CA THR A 181 16.19 3.68 34.36
C THR A 181 15.69 2.24 34.37
N THR A 182 15.40 1.70 35.54
CA THR A 182 14.88 0.35 35.69
C THR A 182 13.70 0.03 34.75
N GLU A 183 12.90 1.03 34.40
CA GLU A 183 11.76 0.82 33.52
C GLU A 183 12.13 0.93 32.05
N SER A 184 13.33 1.45 31.79
CA SER A 184 13.80 1.66 30.43
C SER A 184 14.07 0.38 29.65
N GLN A 185 13.29 0.16 28.61
CA GLN A 185 13.42 -1.01 27.76
C GLN A 185 14.89 -1.10 27.34
N LEU A 186 15.44 0.05 26.96
CA LEU A 186 16.81 0.13 26.53
C LEU A 186 17.81 -0.45 27.54
N HIS A 187 17.61 -0.15 28.81
CA HIS A 187 18.51 -0.65 29.85
C HIS A 187 18.24 -2.12 30.23
N ARG A 188 17.05 -2.61 29.91
CA ARG A 188 16.72 -4.00 30.20
C ARG A 188 17.43 -4.86 29.15
N GLU A 189 17.38 -4.40 27.90
CA GLU A 189 18.05 -5.09 26.81
C GLU A 189 19.56 -5.08 27.05
N LEU A 190 20.08 -3.97 27.52
CA LEU A 190 21.51 -3.86 27.80
C LEU A 190 21.96 -4.84 28.87
N ALA A 191 21.14 -4.97 29.91
CA ALA A 191 21.47 -5.87 31.03
C ALA A 191 21.49 -7.33 30.56
N SER A 192 20.59 -7.65 29.63
CA SER A 192 20.47 -9.00 29.09
C SER A 192 21.70 -9.43 28.31
N GLY A 193 22.67 -8.53 28.12
CA GLY A 193 23.86 -8.88 27.37
C GLY A 193 25.14 -8.57 28.10
N LEU A 194 25.06 -8.24 29.38
CA LEU A 194 26.28 -7.94 30.14
C LEU A 194 26.86 -9.23 30.70
N SER A 195 28.18 -9.26 30.84
CA SER A 195 28.87 -10.45 31.33
C SER A 195 28.99 -10.53 32.85
N PHE A 196 28.02 -9.98 33.56
CA PHE A 196 28.04 -10.00 35.02
C PHE A 196 26.67 -9.73 35.63
N PRO A 197 26.54 -9.95 36.94
CA PRO A 197 25.25 -9.73 37.61
C PRO A 197 24.82 -8.26 37.58
N VAL A 198 23.53 -8.05 37.36
CA VAL A 198 22.96 -6.71 37.31
C VAL A 198 21.87 -6.50 38.36
N GLY A 199 21.99 -5.42 39.13
CA GLY A 199 20.98 -5.11 40.13
C GLY A 199 20.05 -4.02 39.64
N PHE A 200 18.75 -4.28 39.66
CA PHE A 200 17.75 -3.30 39.26
C PHE A 200 17.10 -2.68 40.51
N LYS A 201 17.27 -1.37 40.69
CA LYS A 201 16.69 -0.68 41.83
C LYS A 201 15.18 -0.50 41.64
N ASN A 202 14.42 -0.48 42.73
CA ASN A 202 12.97 -0.30 42.60
C ASN A 202 12.65 1.14 42.15
N GLY A 203 11.42 1.37 41.72
CA GLY A 203 11.02 2.67 41.24
C GLY A 203 11.24 3.79 42.24
N THR A 204 11.35 5.03 41.75
CA THR A 204 11.54 6.16 42.64
C THR A 204 10.27 6.39 43.46
N ASP A 205 9.19 5.72 43.07
CA ASP A 205 7.93 5.84 43.80
C ASP A 205 7.80 4.77 44.89
N GLY A 206 8.90 4.06 45.16
CA GLY A 206 8.91 3.04 46.19
C GLY A 206 8.40 1.63 45.85
N THR A 207 7.91 1.41 44.62
CA THR A 207 7.41 0.08 44.24
C THR A 207 8.47 -0.85 43.64
N LEU A 208 8.24 -2.16 43.73
CA LEU A 208 9.17 -3.17 43.21
C LEU A 208 8.75 -3.80 41.90
N ASN A 209 7.48 -3.66 41.55
CA ASN A 209 6.97 -4.24 40.32
C ASN A 209 7.90 -3.98 39.13
N VAL A 210 8.30 -2.73 38.95
CA VAL A 210 9.18 -2.39 37.84
C VAL A 210 10.55 -3.09 37.87
N ALA A 211 11.09 -3.30 39.06
CA ALA A 211 12.39 -3.96 39.15
C ALA A 211 12.23 -5.45 38.89
N VAL A 212 11.10 -6.01 39.32
CA VAL A 212 10.85 -7.43 39.11
C VAL A 212 10.66 -7.65 37.61
N ASP A 213 9.93 -6.76 36.94
CA ASP A 213 9.72 -6.90 35.50
C ASP A 213 11.05 -6.75 34.76
N ALA A 214 11.93 -5.88 35.26
CA ALA A 214 13.22 -5.66 34.64
C ALA A 214 14.03 -6.96 34.65
N CYS A 215 14.07 -7.63 35.80
CA CYS A 215 14.78 -8.90 35.92
C CYS A 215 14.19 -9.95 34.95
N GLN A 216 12.86 -10.04 34.88
CA GLN A 216 12.23 -10.98 33.99
C GLN A 216 12.66 -10.70 32.55
N ALA A 217 12.59 -9.44 32.15
CA ALA A 217 12.95 -9.03 30.81
C ALA A 217 14.42 -9.25 30.46
N ALA A 218 15.32 -8.88 31.38
CA ALA A 218 16.74 -9.04 31.15
C ALA A 218 17.15 -10.51 31.05
N ALA A 219 16.24 -11.41 31.43
CA ALA A 219 16.55 -12.83 31.37
C ALA A 219 16.37 -13.38 29.96
N HIS A 220 15.63 -12.65 29.14
CA HIS A 220 15.39 -13.07 27.75
C HIS A 220 16.46 -12.56 26.81
N SER A 221 16.39 -13.02 25.56
CA SER A 221 17.32 -12.63 24.54
C SER A 221 16.73 -11.40 23.84
N HIS A 222 17.56 -10.38 23.60
CA HIS A 222 17.10 -9.18 22.94
C HIS A 222 17.94 -8.82 21.73
N HIS A 223 17.36 -8.03 20.84
CA HIS A 223 18.03 -7.56 19.62
C HIS A 223 18.02 -6.05 19.59
N PHE A 224 19.14 -5.43 19.94
CA PHE A 224 19.19 -3.97 19.90
C PHE A 224 20.36 -3.42 19.11
N MET A 225 20.51 -2.10 19.10
CA MET A 225 21.59 -1.46 18.37
C MET A 225 22.58 -0.87 19.35
N SER A 226 23.83 -1.32 19.24
CA SER A 226 24.93 -0.85 20.08
C SER A 226 26.13 -0.64 19.14
N VAL A 227 27.26 -0.23 19.67
CA VAL A 227 28.43 -0.07 18.83
C VAL A 227 29.39 -1.22 19.13
N THR A 228 30.15 -1.63 18.13
CA THR A 228 31.11 -2.71 18.31
C THR A 228 32.36 -2.20 19.00
N LYS A 229 33.30 -3.09 19.22
CA LYS A 229 34.57 -2.74 19.84
C LYS A 229 35.29 -1.72 18.95
N HIS A 230 34.91 -1.69 17.68
CA HIS A 230 35.55 -0.78 16.73
C HIS A 230 34.83 0.55 16.49
N GLY A 231 33.88 0.87 17.35
CA GLY A 231 33.16 2.13 17.23
C GLY A 231 32.12 2.24 16.13
N VAL A 232 31.69 1.10 15.60
CA VAL A 232 30.70 1.08 14.54
C VAL A 232 29.36 0.58 15.06
N ALA A 233 28.27 1.10 14.49
CA ALA A 233 26.94 0.71 14.89
C ALA A 233 26.62 -0.68 14.34
N ALA A 234 26.04 -1.54 15.17
CA ALA A 234 25.67 -2.88 14.72
C ALA A 234 24.46 -3.43 15.45
N ILE A 235 23.85 -4.46 14.90
CA ILE A 235 22.69 -5.11 15.50
C ILE A 235 23.19 -6.14 16.51
N THR A 236 23.03 -5.87 17.80
CA THR A 236 23.47 -6.79 18.84
C THR A 236 22.40 -7.84 19.17
N THR A 237 22.84 -9.03 19.58
CA THR A 237 21.91 -10.09 19.95
C THR A 237 22.37 -10.64 21.27
N THR A 238 21.54 -10.53 22.30
CA THR A 238 21.92 -11.00 23.62
C THR A 238 21.48 -12.43 23.94
N LYS A 239 22.13 -13.01 24.93
CA LYS A 239 21.87 -14.37 25.36
C LYS A 239 20.81 -14.42 26.47
N GLY A 240 20.72 -13.33 27.23
CA GLY A 240 19.79 -13.26 28.34
C GLY A 240 20.66 -13.33 29.56
N ASN A 241 20.29 -12.61 30.61
CA ASN A 241 21.08 -12.61 31.85
C ASN A 241 20.25 -13.19 32.99
N GLU A 242 20.72 -14.29 33.58
CA GLU A 242 19.96 -14.90 34.67
C GLU A 242 20.47 -14.47 36.04
N HIS A 243 21.42 -13.54 36.05
CA HIS A 243 21.97 -13.06 37.30
C HIS A 243 21.53 -11.64 37.63
N CYS A 244 20.24 -11.38 37.45
CA CYS A 244 19.66 -10.07 37.74
C CYS A 244 18.81 -10.16 39.00
N PHE A 245 19.06 -9.25 39.93
CA PHE A 245 18.32 -9.21 41.17
C PHE A 245 17.73 -7.84 41.46
N VAL A 246 16.90 -7.78 42.50
CA VAL A 246 16.25 -6.53 42.87
C VAL A 246 16.99 -5.86 44.00
N ILE A 247 17.07 -4.52 43.91
CA ILE A 247 17.72 -3.73 44.98
C ILE A 247 16.67 -2.83 45.62
N LEU A 248 16.55 -2.92 46.95
CA LEU A 248 15.59 -2.10 47.67
C LEU A 248 16.30 -0.83 48.10
N ARG A 249 15.79 0.31 47.65
CA ARG A 249 16.42 1.58 47.97
C ARG A 249 15.48 2.70 48.41
N GLY A 250 14.29 2.32 48.89
CA GLY A 250 13.34 3.32 49.33
C GLY A 250 12.55 3.94 48.21
N GLY A 251 11.86 5.02 48.50
CA GLY A 251 11.05 5.68 47.50
C GLY A 251 9.92 6.43 48.16
N LYS A 252 9.02 7.00 47.37
CA LYS A 252 7.91 7.76 47.93
C LYS A 252 7.14 6.97 48.96
N LYS A 253 6.75 5.75 48.58
CA LYS A 253 6.01 4.85 49.47
C LYS A 253 6.77 4.58 50.78
N GLY A 254 7.94 5.17 50.92
CA GLY A 254 8.72 5.01 52.14
C GLY A 254 9.86 4.01 52.08
N THR A 255 10.76 4.12 53.07
CA THR A 255 11.90 3.22 53.19
C THR A 255 11.41 1.76 53.16
N ASN A 256 12.26 0.84 52.75
CA ASN A 256 11.86 -0.57 52.68
C ASN A 256 12.92 -1.59 53.08
N TYR A 257 13.64 -1.32 54.16
CA TYR A 257 14.69 -2.23 54.63
C TYR A 257 14.22 -3.00 55.87
N ASP A 258 13.00 -2.72 56.32
CA ASP A 258 12.45 -3.39 57.50
C ASP A 258 11.87 -4.75 57.12
N ALA A 259 11.88 -5.67 58.07
CA ALA A 259 11.35 -7.03 57.85
C ALA A 259 10.02 -7.09 57.11
N LYS A 260 9.04 -6.27 57.51
CA LYS A 260 7.75 -6.30 56.82
C LYS A 260 7.89 -5.93 55.34
N SER A 261 8.84 -5.05 55.02
CA SER A 261 9.06 -4.67 53.62
C SER A 261 9.72 -5.85 52.90
N VAL A 262 10.79 -6.36 53.49
CA VAL A 262 11.51 -7.52 52.93
C VAL A 262 10.49 -8.61 52.62
N ALA A 263 9.61 -8.86 53.59
CA ALA A 263 8.59 -9.89 53.45
C ALA A 263 7.64 -9.61 52.30
N GLU A 264 7.16 -8.38 52.19
CA GLU A 264 6.25 -8.05 51.10
C GLU A 264 6.99 -8.21 49.77
N ALA A 265 8.29 -7.91 49.80
CA ALA A 265 9.15 -8.04 48.64
C ALA A 265 9.21 -9.52 48.22
N LYS A 266 9.67 -10.37 49.15
CA LYS A 266 9.78 -11.81 48.94
C LYS A 266 8.49 -12.39 48.37
N ALA A 267 7.35 -11.87 48.81
CA ALA A 267 6.06 -12.36 48.35
C ALA A 267 5.80 -12.01 46.90
N GLN A 268 6.48 -10.97 46.40
CA GLN A 268 6.31 -10.55 45.01
C GLN A 268 7.31 -11.20 44.06
N LEU A 269 8.41 -11.74 44.59
CA LEU A 269 9.42 -12.34 43.75
C LEU A 269 8.95 -13.60 43.03
N PRO A 270 9.05 -13.61 41.69
CA PRO A 270 8.63 -14.75 40.87
C PRO A 270 9.49 -16.01 41.06
N ALA A 271 9.12 -17.08 40.36
CA ALA A 271 9.86 -18.34 40.46
C ALA A 271 11.28 -18.17 39.93
N GLY A 272 12.25 -18.62 40.72
CA GLY A 272 13.64 -18.53 40.29
C GLY A 272 14.31 -17.19 40.42
N SER A 273 13.70 -16.25 41.12
CA SER A 273 14.32 -14.95 41.27
C SER A 273 15.57 -15.13 42.13
N ASN A 274 16.46 -14.14 42.14
CA ASN A 274 17.67 -14.26 42.91
C ASN A 274 17.54 -13.57 44.25
N GLY A 275 18.60 -13.60 45.04
CA GLY A 275 18.57 -12.98 46.35
C GLY A 275 18.52 -11.45 46.33
N LEU A 276 17.67 -10.89 47.20
CA LEU A 276 17.48 -9.45 47.32
C LEU A 276 18.69 -8.71 47.85
N MET A 277 18.84 -7.47 47.38
CA MET A 277 19.90 -6.59 47.86
C MET A 277 19.23 -5.35 48.46
N ILE A 278 19.83 -4.82 49.52
CA ILE A 278 19.29 -3.63 50.18
C ILE A 278 20.30 -2.50 50.26
N ASP A 279 19.97 -1.40 49.58
CA ASP A 279 20.78 -0.20 49.57
C ASP A 279 20.49 0.55 50.87
N TYR A 280 21.54 0.86 51.63
CA TYR A 280 21.38 1.59 52.89
C TYR A 280 21.18 3.10 52.68
N SER A 281 21.78 3.67 51.64
CA SER A 281 21.62 5.11 51.43
C SER A 281 20.49 5.40 50.49
N HIS A 282 20.54 6.58 49.87
CA HIS A 282 19.48 6.99 48.97
C HIS A 282 18.14 6.99 49.69
N GLY A 283 17.09 6.55 49.01
CA GLY A 283 15.77 6.56 49.62
C GLY A 283 15.61 5.89 50.97
N ASN A 284 16.59 5.13 51.44
CA ASN A 284 16.44 4.46 52.72
C ASN A 284 17.17 5.16 53.85
N SER A 285 18.12 6.02 53.51
CA SER A 285 18.87 6.78 54.52
C SER A 285 18.02 8.03 54.81
N ASN A 286 17.02 8.25 53.97
CA ASN A 286 16.10 9.37 54.08
C ASN A 286 16.73 10.75 54.14
N LYS A 287 17.58 11.06 53.15
CA LYS A 287 18.24 12.36 53.05
C LYS A 287 19.31 12.64 54.12
N ASP A 288 19.60 11.67 54.99
CA ASP A 288 20.63 11.87 56.01
C ASP A 288 21.54 10.65 56.05
N PHE A 289 22.77 10.83 55.57
CA PHE A 289 23.74 9.74 55.53
C PHE A 289 24.02 9.07 56.86
N ARG A 290 23.73 9.75 57.96
CA ARG A 290 23.97 9.19 59.29
C ARG A 290 22.98 8.07 59.63
N ASN A 291 22.00 7.88 58.75
CA ASN A 291 20.99 6.84 58.94
C ASN A 291 21.40 5.52 58.35
N GLN A 292 22.56 5.48 57.70
CA GLN A 292 23.04 4.25 57.11
C GLN A 292 23.41 3.25 58.20
N PRO A 293 24.12 3.71 59.24
CA PRO A 293 24.50 2.79 60.32
C PRO A 293 23.25 2.15 60.91
N LYS A 294 22.15 2.90 60.86
CA LYS A 294 20.88 2.44 61.40
C LYS A 294 20.25 1.36 60.55
N VAL A 295 20.12 1.63 59.25
CA VAL A 295 19.55 0.65 58.36
C VAL A 295 20.33 -0.64 58.56
N ASN A 296 21.64 -0.52 58.71
CA ASN A 296 22.50 -1.68 58.92
C ASN A 296 21.94 -2.53 60.05
N ASP A 297 21.91 -1.95 61.24
CA ASP A 297 21.40 -2.61 62.44
C ASP A 297 20.07 -3.32 62.21
N VAL A 298 19.11 -2.60 61.63
CA VAL A 298 17.81 -3.17 61.36
C VAL A 298 17.92 -4.35 60.39
N VAL A 299 18.83 -4.23 59.43
CA VAL A 299 19.02 -5.28 58.44
C VAL A 299 19.89 -6.39 59.02
N CYS A 300 20.85 -6.02 59.86
CA CYS A 300 21.72 -6.99 60.49
C CYS A 300 20.94 -7.90 61.43
N GLU A 301 19.79 -7.42 61.88
CA GLU A 301 18.97 -8.17 62.80
C GLU A 301 18.17 -9.23 62.04
N GLN A 302 17.70 -8.90 60.85
CA GLN A 302 16.96 -9.88 60.06
C GLN A 302 17.89 -11.01 59.68
N ILE A 303 19.14 -10.66 59.39
CA ILE A 303 20.14 -11.62 59.00
C ILE A 303 20.58 -12.54 60.16
N ALA A 304 20.87 -11.95 61.31
CA ALA A 304 21.30 -12.72 62.48
C ALA A 304 20.23 -13.67 63.03
N ASN A 305 18.98 -13.53 62.55
CA ASN A 305 17.91 -14.40 62.99
C ASN A 305 17.56 -15.45 61.94
N GLY A 306 18.24 -15.46 60.80
CA GLY A 306 17.95 -16.46 59.80
C GLY A 306 17.37 -15.99 58.47
N GLU A 307 17.38 -14.69 58.20
CA GLU A 307 16.85 -14.20 56.92
C GLU A 307 17.85 -14.52 55.82
N ASN A 308 17.45 -15.36 54.89
CA ASN A 308 18.34 -15.74 53.81
C ASN A 308 17.89 -15.09 52.53
N ALA A 309 16.81 -14.32 52.60
CA ALA A 309 16.31 -13.65 51.41
C ALA A 309 17.20 -12.45 51.10
N ILE A 310 17.92 -11.95 52.10
CA ILE A 310 18.81 -10.82 51.93
C ILE A 310 20.21 -11.35 51.69
N THR A 311 20.69 -11.19 50.46
CA THR A 311 22.00 -11.67 50.09
C THR A 311 23.02 -10.59 49.82
N GLY A 312 22.56 -9.35 49.70
CA GLY A 312 23.48 -8.25 49.46
C GLY A 312 23.09 -6.91 50.03
N VAL A 313 24.07 -6.07 50.26
CA VAL A 313 23.84 -4.71 50.77
C VAL A 313 24.67 -3.74 49.95
N MET A 314 24.23 -2.48 49.91
CA MET A 314 24.91 -1.44 49.16
C MET A 314 25.12 -0.25 50.10
N ILE A 315 26.35 0.25 50.16
CA ILE A 315 26.68 1.35 51.05
C ILE A 315 27.51 2.46 50.42
N GLU A 316 27.01 3.69 50.47
CA GLU A 316 27.74 4.83 49.94
C GLU A 316 28.69 5.25 51.04
N SER A 317 29.97 4.93 50.85
CA SER A 317 31.01 5.20 51.82
C SER A 317 32.11 6.02 51.17
N ASN A 318 33.05 6.52 51.97
CA ASN A 318 34.17 7.30 51.45
C ASN A 318 35.21 7.48 52.52
N ILE A 319 36.30 8.20 52.23
CA ILE A 319 37.34 8.41 53.23
C ILE A 319 36.90 9.30 54.39
N ASN A 320 36.18 10.37 54.09
CA ASN A 320 35.66 11.29 55.08
C ASN A 320 34.17 11.45 54.88
N GLU A 321 33.42 11.41 55.98
CA GLU A 321 31.97 11.52 55.92
C GLU A 321 31.48 12.75 55.17
N GLY A 322 30.17 12.77 54.94
CA GLY A 322 29.50 13.88 54.27
C GLY A 322 29.92 14.17 52.84
N ASN A 323 29.59 15.37 52.40
CA ASN A 323 29.91 15.81 51.05
C ASN A 323 30.25 17.31 51.05
N GLN A 324 30.27 17.90 49.85
CA GLN A 324 30.59 19.32 49.68
C GLN A 324 30.19 19.79 48.29
N GLY A 325 30.63 20.98 47.95
CA GLY A 325 30.35 21.54 46.64
C GLY A 325 31.64 21.78 45.86
N ILE A 326 31.52 22.34 44.67
CA ILE A 326 32.68 22.61 43.83
C ILE A 326 33.01 24.11 43.76
N PRO A 327 33.99 24.56 44.55
CA PRO A 327 34.42 25.96 44.61
C PRO A 327 34.90 26.53 43.28
N ALA A 328 34.85 27.86 43.19
CA ALA A 328 35.29 28.59 42.00
C ALA A 328 36.71 28.17 41.69
N GLU A 329 37.42 27.75 42.74
CA GLU A 329 38.80 27.28 42.63
C GLU A 329 38.83 25.95 41.89
N GLY A 330 38.33 25.98 40.65
CA GLY A 330 38.28 24.79 39.80
C GLY A 330 37.90 23.50 40.51
N LYS A 331 38.92 22.81 41.03
CA LYS A 331 38.73 21.54 41.72
C LYS A 331 39.78 21.30 42.79
N ALA A 332 40.97 21.88 42.62
CA ALA A 332 42.06 21.70 43.57
C ALA A 332 41.78 22.45 44.86
N GLY A 333 40.55 22.94 44.99
CA GLY A 333 40.15 23.65 46.19
C GLY A 333 39.03 22.84 46.82
N LEU A 334 39.13 21.51 46.67
CA LEU A 334 38.12 20.59 47.20
C LEU A 334 38.64 19.76 48.38
N LYS A 335 37.81 19.65 49.41
CA LYS A 335 38.17 18.85 50.58
C LYS A 335 38.49 17.42 50.10
N TYR A 336 39.65 16.92 50.48
CA TYR A 336 40.09 15.57 50.09
C TYR A 336 39.21 14.48 50.70
N GLY A 337 39.05 13.38 49.96
CA GLY A 337 38.25 12.27 50.44
C GLY A 337 36.78 12.59 50.72
N VAL A 338 36.30 13.72 50.22
CA VAL A 338 34.91 14.06 50.45
C VAL A 338 34.15 14.02 49.12
N SER A 339 32.98 13.38 49.16
CA SER A 339 32.13 13.26 47.97
C SER A 339 31.68 14.62 47.43
N ILE A 340 31.55 14.70 46.10
CA ILE A 340 31.07 15.93 45.49
C ILE A 340 29.68 15.67 44.91
N THR A 341 29.01 14.65 45.45
CA THR A 341 27.64 14.31 45.05
C THR A 341 26.86 13.91 46.32
N ASP A 342 26.45 12.64 46.47
CA ASP A 342 25.71 12.24 47.66
C ASP A 342 26.61 12.21 48.89
N ALA A 343 26.01 12.42 50.05
CA ALA A 343 26.76 12.40 51.30
C ALA A 343 27.09 10.95 51.62
N CYS A 344 28.28 10.71 52.16
CA CYS A 344 28.69 9.35 52.48
C CYS A 344 29.19 9.27 53.91
N ILE A 345 29.30 8.05 54.43
CA ILE A 345 29.81 7.88 55.77
C ILE A 345 31.31 7.82 55.63
N GLY A 346 32.03 8.00 56.74
CA GLY A 346 33.48 7.98 56.68
C GLY A 346 34.04 6.57 56.75
N TRP A 347 35.33 6.44 56.50
CA TRP A 347 35.96 5.12 56.56
C TRP A 347 35.71 4.51 57.92
N GLU A 348 36.05 5.27 58.95
CA GLU A 348 35.88 4.86 60.34
C GLU A 348 34.50 4.24 60.56
N THR A 349 33.47 5.07 60.43
CA THR A 349 32.08 4.64 60.63
C THR A 349 31.65 3.48 59.72
N THR A 350 32.35 3.30 58.61
CA THR A 350 32.03 2.21 57.69
C THR A 350 32.59 0.89 58.19
N GLU A 351 33.83 0.91 58.65
CA GLU A 351 34.47 -0.30 59.14
C GLU A 351 33.68 -0.98 60.25
N ASP A 352 32.70 -0.28 60.80
CA ASP A 352 31.87 -0.86 61.85
C ASP A 352 30.77 -1.61 61.15
N VAL A 353 29.97 -0.85 60.43
CA VAL A 353 28.87 -1.37 59.66
C VAL A 353 29.27 -2.72 59.10
N LEU A 354 30.43 -2.75 58.45
CA LEU A 354 30.94 -3.97 57.84
C LEU A 354 31.30 -5.05 58.84
N ARG A 355 31.78 -4.66 60.02
CA ARG A 355 32.12 -5.62 61.05
C ARG A 355 30.88 -6.20 61.74
N LYS A 356 29.83 -5.38 61.85
CA LYS A 356 28.58 -5.84 62.45
C LYS A 356 27.91 -6.74 61.45
N LEU A 357 27.91 -6.30 60.19
CA LEU A 357 27.31 -7.07 59.12
C LEU A 357 28.05 -8.39 59.06
N ALA A 358 29.38 -8.31 59.11
CA ALA A 358 30.21 -9.50 59.08
C ALA A 358 29.69 -10.48 60.11
N ALA A 359 29.50 -9.99 61.33
CA ALA A 359 29.01 -10.83 62.42
C ALA A 359 27.58 -11.32 62.17
N ALA A 360 26.69 -10.42 61.72
CA ALA A 360 25.30 -10.81 61.47
C ALA A 360 25.24 -12.05 60.58
N VAL A 361 26.18 -12.15 59.65
CA VAL A 361 26.28 -13.27 58.73
C VAL A 361 26.72 -14.48 59.55
N ARG A 362 27.88 -14.36 60.16
CA ARG A 362 28.47 -15.41 61.00
C ARG A 362 27.39 -16.05 61.87
N GLN A 363 26.43 -15.24 62.28
CA GLN A 363 25.34 -15.70 63.11
C GLN A 363 24.40 -16.54 62.26
N ARG A 364 23.86 -15.91 61.22
CA ARG A 364 22.93 -16.55 60.31
C ARG A 364 23.30 -18.00 60.03
N ARG A 365 24.57 -18.24 59.69
CA ARG A 365 25.04 -19.59 59.39
C ARG A 365 24.78 -20.56 60.54
N GLU A 366 24.66 -20.03 61.75
CA GLU A 366 24.37 -20.86 62.91
C GLU A 366 22.89 -21.21 62.88
N VAL A 367 22.05 -20.19 62.82
CA VAL A 367 20.60 -20.39 62.77
C VAL A 367 20.21 -21.36 61.65
N ASN A 368 21.04 -21.42 60.60
CA ASN A 368 20.76 -22.31 59.48
C ASN A 368 21.45 -23.65 59.66
N LYS A 369 22.38 -23.71 60.62
CA LYS A 369 23.13 -24.94 60.90
C LYS A 369 22.22 -26.02 61.47
N LYS A 370 21.52 -25.75 62.47
N ALA B 19 40.56 -12.45 29.71
CA ALA B 19 39.64 -11.27 29.57
C ALA B 19 38.23 -11.69 29.15
N GLU B 20 37.33 -11.81 30.12
CA GLU B 20 35.95 -12.22 29.87
C GLU B 20 35.03 -11.09 29.35
N GLU B 21 34.63 -11.18 28.08
CA GLU B 21 33.74 -10.19 27.47
C GLU B 21 32.79 -10.84 26.49
N ASP B 22 31.66 -10.16 26.27
CA ASP B 22 30.63 -10.62 25.34
C ASP B 22 30.10 -12.05 25.49
N VAL B 23 30.22 -12.62 26.69
CA VAL B 23 29.75 -13.98 26.96
C VAL B 23 28.23 -14.08 26.79
N ARG B 24 27.54 -12.95 26.90
CA ARG B 24 26.09 -12.93 26.74
C ARG B 24 25.69 -12.25 25.44
N ILE B 25 26.66 -12.03 24.56
CA ILE B 25 26.41 -11.41 23.27
C ILE B 25 26.53 -12.51 22.20
N LEU B 26 25.40 -12.96 21.67
CA LEU B 26 25.42 -14.01 20.65
C LEU B 26 26.07 -13.58 19.34
N GLY B 27 26.16 -12.27 19.11
CA GLY B 27 26.78 -11.80 17.89
C GLY B 27 26.24 -10.49 17.37
N TYR B 28 27.03 -9.82 16.54
CA TYR B 28 26.64 -8.55 15.96
C TYR B 28 26.26 -8.76 14.50
N ASP B 29 25.50 -7.84 13.93
CA ASP B 29 25.11 -7.96 12.54
C ASP B 29 25.35 -6.65 11.83
N PRO B 30 25.76 -6.72 10.56
CA PRO B 30 26.01 -5.50 9.80
C PRO B 30 24.74 -4.67 9.74
N LEU B 31 24.90 -3.35 9.87
CA LEU B 31 23.79 -2.43 9.86
C LEU B 31 23.99 -1.28 8.89
N ALA B 32 23.08 -1.10 7.94
CA ALA B 32 23.19 0.02 7.00
C ALA B 32 23.23 1.32 7.81
N SER B 33 24.12 2.23 7.44
CA SER B 33 24.21 3.49 8.19
C SER B 33 23.01 4.39 7.86
N PRO B 34 22.77 5.42 8.70
CA PRO B 34 21.65 6.34 8.45
C PRO B 34 21.82 6.98 7.08
N ALA B 35 23.01 7.54 6.83
CA ALA B 35 23.32 8.18 5.56
C ALA B 35 22.99 7.27 4.39
N LEU B 36 23.37 6.00 4.51
CA LEU B 36 23.10 5.03 3.46
C LEU B 36 21.59 4.83 3.27
N LEU B 37 20.88 4.63 4.37
CA LEU B 37 19.44 4.43 4.31
C LEU B 37 18.73 5.67 3.74
N GLN B 38 19.20 6.85 4.11
CA GLN B 38 18.60 8.09 3.62
C GLN B 38 18.77 8.31 2.13
N VAL B 39 19.71 7.58 1.54
CA VAL B 39 19.93 7.67 0.10
C VAL B 39 19.06 6.61 -0.58
N GLN B 40 19.05 5.40 0.00
CA GLN B 40 18.25 4.31 -0.52
C GLN B 40 16.78 4.71 -0.57
N ILE B 41 16.28 5.22 0.55
CA ILE B 41 14.89 5.64 0.65
C ILE B 41 14.90 7.15 0.88
N PRO B 42 15.04 7.93 -0.20
CA PRO B 42 15.07 9.39 -0.13
C PRO B 42 13.74 10.04 0.20
N ALA B 43 13.81 11.22 0.81
CA ALA B 43 12.61 11.98 1.19
C ALA B 43 12.24 12.94 0.06
N THR B 44 11.00 12.85 -0.42
CA THR B 44 10.55 13.73 -1.50
C THR B 44 10.48 15.15 -0.96
N PRO B 45 10.52 16.15 -1.85
CA PRO B 45 10.47 17.54 -1.40
C PRO B 45 9.22 17.80 -0.56
N THR B 46 8.14 17.11 -0.91
CA THR B 46 6.89 17.23 -0.20
C THR B 46 7.05 16.70 1.22
N SER B 47 7.61 15.50 1.33
CA SER B 47 7.83 14.90 2.64
C SER B 47 8.59 15.85 3.54
N LEU B 48 9.68 16.44 3.02
CA LEU B 48 10.48 17.36 3.80
C LEU B 48 9.75 18.66 4.14
N GLU B 49 8.85 19.07 3.26
CA GLU B 49 8.10 20.30 3.53
C GLU B 49 7.03 20.01 4.58
N THR B 50 6.35 18.87 4.44
CA THR B 50 5.31 18.45 5.37
C THR B 50 5.88 18.40 6.78
N ALA B 51 7.06 17.81 6.92
CA ALA B 51 7.72 17.70 8.22
C ALA B 51 8.00 19.05 8.86
N LYS B 52 8.48 20.00 8.06
CA LYS B 52 8.79 21.34 8.57
C LYS B 52 7.52 22.07 9.00
N ARG B 53 6.48 21.95 8.19
CA ARG B 53 5.23 22.60 8.50
C ARG B 53 4.68 22.09 9.84
N GLY B 54 4.65 20.78 9.99
CA GLY B 54 4.14 20.20 11.21
C GLY B 54 4.85 20.73 12.43
N ARG B 55 6.16 20.89 12.35
CA ARG B 55 6.92 21.40 13.49
C ARG B 55 6.53 22.84 13.78
N ARG B 56 6.36 23.65 12.74
CA ARG B 56 6.01 25.05 12.92
C ARG B 56 4.65 25.16 13.61
N GLU B 57 3.66 24.48 13.07
CA GLU B 57 2.32 24.51 13.66
C GLU B 57 2.33 24.01 15.10
N ALA B 58 3.00 22.89 15.35
CA ALA B 58 3.08 22.34 16.69
C ALA B 58 3.72 23.35 17.63
N ILE B 59 4.80 23.98 17.18
CA ILE B 59 5.50 24.97 17.98
C ILE B 59 4.61 26.16 18.36
N ASP B 60 3.89 26.70 17.38
CA ASP B 60 3.02 27.85 17.61
C ASP B 60 1.94 27.51 18.63
N ILE B 61 1.37 26.31 18.49
CA ILE B 61 0.31 25.89 19.40
C ILE B 61 0.77 25.67 20.84
N ILE B 62 1.87 24.96 21.04
CA ILE B 62 2.31 24.72 22.41
C ILE B 62 2.94 25.92 23.08
N THR B 63 3.26 26.96 22.32
CA THR B 63 3.87 28.16 22.92
C THR B 63 2.85 29.29 23.11
N GLY B 64 1.61 29.06 22.69
CA GLY B 64 0.58 30.06 22.84
C GLY B 64 0.30 30.95 21.65
N LYS B 65 1.13 30.89 20.62
CA LYS B 65 0.95 31.73 19.44
C LYS B 65 -0.25 31.35 18.58
N ASP B 66 -0.80 30.16 18.75
CA ASP B 66 -1.95 29.73 17.95
C ASP B 66 -3.01 29.14 18.87
N ASP B 67 -4.27 29.50 18.64
CA ASP B 67 -5.35 29.01 19.49
C ASP B 67 -5.92 27.67 19.06
N ARG B 68 -5.31 27.03 18.07
CA ARG B 68 -5.79 25.71 17.64
C ARG B 68 -5.26 24.66 18.60
N VAL B 69 -5.80 23.46 18.49
CA VAL B 69 -5.34 22.37 19.34
C VAL B 69 -4.50 21.37 18.54
N LEU B 70 -3.31 21.07 19.06
CA LEU B 70 -2.42 20.11 18.43
C LEU B 70 -2.97 18.71 18.70
N VAL B 71 -3.22 17.95 17.64
CA VAL B 71 -3.75 16.59 17.80
C VAL B 71 -2.82 15.49 17.23
N ILE B 72 -2.32 14.62 18.10
CA ILE B 72 -1.47 13.51 17.65
C ILE B 72 -2.42 12.30 17.67
N VAL B 73 -2.97 11.95 16.50
CA VAL B 73 -3.91 10.85 16.39
C VAL B 73 -3.49 9.79 15.37
N GLY B 74 -3.81 8.53 15.65
CA GLY B 74 -3.46 7.44 14.74
C GLY B 74 -3.30 6.13 15.48
N PRO B 75 -2.97 5.04 14.75
CA PRO B 75 -2.79 3.70 15.32
C PRO B 75 -1.85 3.67 16.50
N CYS B 76 -2.02 2.64 17.34
CA CYS B 76 -1.16 2.50 18.51
C CYS B 76 0.23 2.22 17.99
N SER B 77 0.30 1.40 16.94
CA SER B 77 1.55 1.03 16.30
C SER B 77 1.22 0.59 14.88
N ILE B 78 2.15 0.81 13.96
CA ILE B 78 1.94 0.44 12.56
C ILE B 78 2.62 -0.89 12.25
N HIS B 79 1.87 -1.83 11.70
CA HIS B 79 2.45 -3.13 11.35
C HIS B 79 2.05 -3.44 9.91
N ASP B 80 1.30 -2.53 9.30
CA ASP B 80 0.81 -2.68 7.94
C ASP B 80 0.92 -1.33 7.22
N LEU B 81 1.84 -1.21 6.28
CA LEU B 81 2.01 0.03 5.55
C LEU B 81 0.86 0.35 4.62
N GLU B 82 0.15 -0.67 4.15
CA GLU B 82 -0.98 -0.43 3.25
C GLU B 82 -2.22 0.06 3.99
N ALA B 83 -2.46 -0.49 5.19
CA ALA B 83 -3.57 -0.07 6.04
C ALA B 83 -3.26 1.32 6.61
N ALA B 84 -1.99 1.56 6.93
CA ALA B 84 -1.58 2.84 7.46
C ALA B 84 -1.74 3.93 6.41
N GLN B 85 -1.60 3.55 5.15
CA GLN B 85 -1.72 4.51 4.06
C GLN B 85 -3.18 4.88 3.82
N GLU B 86 -4.07 3.90 3.93
CA GLU B 86 -5.50 4.18 3.71
C GLU B 86 -5.95 5.13 4.80
N TYR B 87 -5.55 4.82 6.05
CA TYR B 87 -5.88 5.64 7.19
C TYR B 87 -5.34 7.04 7.00
N ALA B 88 -4.10 7.17 6.55
CA ALA B 88 -3.52 8.48 6.34
C ALA B 88 -4.38 9.30 5.38
N LEU B 89 -4.83 8.68 4.29
CA LEU B 89 -5.66 9.41 3.33
C LEU B 89 -6.93 9.95 3.98
N ARG B 90 -7.61 9.10 4.75
CA ARG B 90 -8.82 9.52 5.44
C ARG B 90 -8.53 10.67 6.41
N LEU B 91 -7.50 10.49 7.24
CA LEU B 91 -7.12 11.52 8.21
C LEU B 91 -6.67 12.79 7.53
N LYS B 92 -6.08 12.67 6.35
CA LYS B 92 -5.61 13.84 5.61
C LYS B 92 -6.80 14.65 5.15
N LYS B 93 -7.88 13.96 4.79
CA LYS B 93 -9.08 14.65 4.34
C LYS B 93 -9.72 15.36 5.53
N LEU B 94 -10.08 14.60 6.56
CA LEU B 94 -10.68 15.19 7.75
C LEU B 94 -9.80 16.35 8.20
N SER B 95 -8.50 16.16 8.13
CA SER B 95 -7.54 17.18 8.51
C SER B 95 -7.81 18.46 7.72
N ASP B 96 -8.23 18.28 6.47
CA ASP B 96 -8.51 19.39 5.57
C ASP B 96 -9.79 20.16 5.92
N GLU B 97 -10.75 19.45 6.49
CA GLU B 97 -12.01 20.06 6.88
C GLU B 97 -11.90 20.82 8.19
N LEU B 98 -11.05 20.34 9.10
CA LEU B 98 -10.90 20.97 10.40
C LEU B 98 -9.59 21.71 10.59
N LYS B 99 -9.01 22.17 9.49
CA LYS B 99 -7.73 22.89 9.54
C LYS B 99 -7.82 24.17 10.38
N GLY B 100 -8.97 24.83 10.34
CA GLY B 100 -9.16 26.06 11.09
C GLY B 100 -9.16 25.96 12.61
N ASP B 101 -9.40 24.77 13.14
CA ASP B 101 -9.45 24.59 14.58
C ASP B 101 -8.40 23.59 15.08
N LEU B 102 -8.14 22.58 14.25
CA LEU B 102 -7.19 21.54 14.60
C LEU B 102 -5.95 21.42 13.72
N SER B 103 -4.80 21.21 14.33
CA SER B 103 -3.55 20.97 13.57
C SER B 103 -3.25 19.49 13.82
N ILE B 104 -3.62 18.65 12.85
CA ILE B 104 -3.47 17.20 12.96
C ILE B 104 -2.17 16.53 12.48
N ILE B 105 -1.56 15.78 13.39
CA ILE B 105 -0.34 15.05 13.12
C ILE B 105 -0.64 13.56 13.26
N MET B 106 -0.13 12.74 12.35
CA MET B 106 -0.42 11.33 12.42
C MET B 106 0.52 10.57 13.32
N ARG B 107 -0.05 9.59 14.03
CA ARG B 107 0.72 8.74 14.93
C ARG B 107 1.35 7.67 14.06
N ALA B 108 2.68 7.66 14.00
CA ALA B 108 3.38 6.65 13.23
C ALA B 108 4.28 5.96 14.22
N TYR B 109 3.66 5.21 15.13
CA TYR B 109 4.43 4.52 16.15
C TYR B 109 4.86 3.12 15.73
N LEU B 110 6.09 2.80 16.09
CA LEU B 110 6.72 1.53 15.79
C LEU B 110 6.37 0.38 16.73
N GLU B 111 5.99 0.71 17.98
CA GLU B 111 5.69 -0.33 18.95
C GLU B 111 4.95 0.07 20.24
N LYS B 112 4.90 -0.89 21.17
CA LYS B 112 4.27 -0.74 22.47
C LYS B 112 5.34 -1.15 23.50
N PRO B 113 4.99 -1.24 24.80
CA PRO B 113 5.98 -1.62 25.83
C PRO B 113 6.59 -3.01 25.66
N VAL B 117 6.63 -10.49 25.28
CA VAL B 117 5.25 -10.47 25.77
C VAL B 117 4.26 -10.36 24.59
N GLY B 118 4.71 -9.73 23.50
CA GLY B 118 3.88 -9.56 22.30
C GLY B 118 4.75 -9.07 21.15
N TRP B 119 4.14 -8.73 20.00
CA TRP B 119 4.87 -8.24 18.82
C TRP B 119 5.93 -7.16 19.15
N LYS B 120 7.16 -7.41 18.75
CA LYS B 120 8.26 -6.51 19.05
C LYS B 120 8.33 -5.17 18.27
N GLY B 121 7.46 -4.96 17.28
CA GLY B 121 7.49 -3.70 16.56
C GLY B 121 7.90 -3.83 15.10
N LEU B 122 7.61 -2.80 14.29
CA LEU B 122 7.96 -2.83 12.87
C LEU B 122 9.48 -2.80 12.58
N ILE B 123 10.29 -2.28 13.50
CA ILE B 123 11.72 -2.22 13.26
C ILE B 123 12.38 -3.58 13.51
N ASN B 124 12.04 -4.21 14.64
CA ASN B 124 12.59 -5.53 14.97
C ASN B 124 11.96 -6.59 14.10
N ASP B 125 10.64 -6.74 14.20
CA ASP B 125 9.94 -7.76 13.43
C ASP B 125 9.00 -7.19 12.39
N PRO B 126 9.56 -6.61 11.32
CA PRO B 126 8.76 -6.03 10.24
C PRO B 126 7.87 -7.00 9.50
N ASP B 127 8.20 -8.28 9.59
CA ASP B 127 7.44 -9.32 8.91
C ASP B 127 6.34 -9.91 9.80
N VAL B 128 6.37 -9.56 11.07
CA VAL B 128 5.38 -10.05 12.02
C VAL B 128 5.30 -11.57 11.84
N ASN B 129 6.35 -12.26 12.32
CA ASN B 129 6.45 -13.72 12.24
C ASN B 129 7.50 -14.16 13.27
N ASN B 130 7.74 -13.26 14.23
CA ASN B 130 8.68 -13.50 15.31
C ASN B 130 10.13 -13.68 14.89
N THR B 131 10.49 -13.16 13.72
CA THR B 131 11.87 -13.21 13.28
C THR B 131 12.38 -11.79 13.39
N PHE B 132 13.63 -11.61 13.78
CA PHE B 132 14.19 -10.28 13.93
C PHE B 132 14.94 -9.94 12.68
N ASN B 133 14.75 -8.71 12.19
CA ASN B 133 15.44 -8.24 10.99
C ASN B 133 15.43 -6.72 10.92
N ILE B 134 16.22 -6.10 11.81
CA ILE B 134 16.34 -4.64 11.87
C ILE B 134 16.62 -3.90 10.56
N ASN B 135 17.49 -4.44 9.71
CA ASN B 135 17.80 -3.75 8.46
C ASN B 135 16.54 -3.54 7.63
N LYS B 136 15.72 -4.59 7.53
CA LYS B 136 14.48 -4.50 6.76
C LYS B 136 13.49 -3.65 7.55
N GLY B 137 13.56 -3.75 8.88
CA GLY B 137 12.69 -2.99 9.74
C GLY B 137 12.90 -1.50 9.56
N LEU B 138 14.16 -1.08 9.54
CA LEU B 138 14.48 0.32 9.35
C LEU B 138 14.04 0.77 7.97
N GLN B 139 14.07 -0.13 7.00
CA GLN B 139 13.66 0.22 5.65
C GLN B 139 12.17 0.47 5.66
N SER B 140 11.42 -0.45 6.25
CA SER B 140 9.97 -0.31 6.34
C SER B 140 9.66 0.98 7.07
N ALA B 141 10.26 1.14 8.25
CA ALA B 141 10.06 2.32 9.05
C ALA B 141 10.22 3.58 8.21
N ARG B 142 11.37 3.73 7.55
CA ARG B 142 11.60 4.92 6.75
C ARG B 142 10.71 5.05 5.53
N GLN B 143 10.40 3.92 4.89
CA GLN B 143 9.54 3.98 3.71
C GLN B 143 8.18 4.48 4.17
N LEU B 144 7.71 3.93 5.29
CA LEU B 144 6.43 4.33 5.87
C LEU B 144 6.40 5.83 6.11
N PHE B 145 7.38 6.33 6.86
CA PHE B 145 7.45 7.74 7.14
C PHE B 145 7.43 8.56 5.85
N VAL B 146 8.11 8.08 4.82
CA VAL B 146 8.13 8.82 3.57
C VAL B 146 6.75 8.77 2.92
N ASN B 147 6.14 7.59 2.89
CA ASN B 147 4.81 7.45 2.29
C ASN B 147 3.80 8.40 2.89
N LEU B 148 3.79 8.45 4.23
CA LEU B 148 2.85 9.31 4.95
C LEU B 148 3.11 10.80 4.73
N THR B 149 4.29 11.28 5.14
CA THR B 149 4.62 12.69 4.97
C THR B 149 4.53 13.11 3.51
N ASN B 150 4.63 12.14 2.61
CA ASN B 150 4.57 12.44 1.19
C ASN B 150 3.20 12.94 0.73
N ILE B 151 2.12 12.51 1.39
CA ILE B 151 0.80 12.98 0.99
C ILE B 151 0.43 14.27 1.75
N GLY B 152 1.41 14.85 2.43
CA GLY B 152 1.18 16.09 3.15
C GLY B 152 0.71 15.98 4.60
N LEU B 153 0.80 14.78 5.17
CA LEU B 153 0.36 14.56 6.55
C LEU B 153 1.54 14.41 7.49
N PRO B 154 1.75 15.38 8.40
CA PRO B 154 2.88 15.29 9.33
C PRO B 154 2.75 14.06 10.21
N ILE B 155 3.84 13.62 10.80
CA ILE B 155 3.80 12.43 11.64
C ILE B 155 4.56 12.60 12.93
N GLY B 156 4.20 11.77 13.92
CA GLY B 156 4.86 11.82 15.21
C GLY B 156 5.17 10.38 15.61
N SER B 157 6.20 10.19 16.42
CA SER B 157 6.58 8.84 16.82
C SER B 157 7.26 8.87 18.18
N GLU B 158 7.42 7.71 18.80
CA GLU B 158 8.09 7.68 20.09
C GLU B 158 9.60 7.59 19.86
N MET B 159 10.36 8.34 20.62
CA MET B 159 11.80 8.32 20.50
C MET B 159 12.31 7.19 21.36
N LEU B 160 12.27 6.01 20.79
CA LEU B 160 12.68 4.78 21.44
C LEU B 160 14.10 4.81 21.98
N ASP B 161 15.08 5.08 21.11
CA ASP B 161 16.47 5.07 21.54
C ASP B 161 17.35 6.18 20.97
N THR B 162 18.63 6.13 21.35
CA THR B 162 19.64 7.09 20.93
C THR B 162 20.20 6.95 19.50
N ILE B 163 19.87 5.85 18.80
CA ILE B 163 20.40 5.60 17.46
C ILE B 163 19.33 5.68 16.38
N SER B 164 18.25 4.94 16.59
CA SER B 164 17.13 4.90 15.66
C SER B 164 16.67 6.24 15.06
N PRO B 165 16.59 7.32 15.86
CA PRO B 165 16.14 8.61 15.31
C PRO B 165 17.03 9.12 14.15
N GLN B 166 18.29 8.72 14.17
CA GLN B 166 19.23 9.11 13.11
C GLN B 166 18.79 8.59 11.74
N TYR B 167 17.87 7.62 11.72
CA TYR B 167 17.36 7.08 10.46
C TYR B 167 16.04 7.73 10.08
N LEU B 168 15.35 8.36 11.04
CA LEU B 168 14.03 8.91 10.76
C LEU B 168 13.72 10.34 11.18
N ALA B 169 14.59 10.94 11.98
CA ALA B 169 14.39 12.30 12.49
C ALA B 169 13.97 13.41 11.51
N ASP B 170 14.41 13.33 10.27
CA ASP B 170 14.10 14.37 9.28
C ASP B 170 12.66 14.42 8.77
N LEU B 171 11.88 13.36 9.00
CA LEU B 171 10.52 13.32 8.52
C LEU B 171 9.53 13.42 9.66
N VAL B 172 10.05 13.62 10.87
CA VAL B 172 9.22 13.69 12.07
C VAL B 172 8.91 15.11 12.58
N SER B 173 7.63 15.42 12.75
CA SER B 173 7.26 16.73 13.26
C SER B 173 7.12 16.73 14.77
N PHE B 174 6.85 15.56 15.34
CA PHE B 174 6.64 15.44 16.77
C PHE B 174 7.26 14.17 17.38
N GLY B 175 7.84 14.30 18.56
CA GLY B 175 8.44 13.17 19.24
C GLY B 175 7.91 13.05 20.65
N ALA B 176 7.61 11.82 21.08
CA ALA B 176 7.07 11.58 22.42
C ALA B 176 7.97 10.65 23.20
N ILE B 177 8.23 10.97 24.47
CA ILE B 177 9.05 10.15 25.33
C ILE B 177 8.16 9.39 26.31
N GLY B 178 7.87 8.14 25.97
CA GLY B 178 7.02 7.30 26.80
C GLY B 178 7.26 7.30 28.29
N ALA B 179 6.17 7.04 29.00
CA ALA B 179 6.13 6.99 30.46
C ALA B 179 7.27 6.24 31.12
N ARG B 180 7.67 5.11 30.53
CA ARG B 180 8.74 4.32 31.11
C ARG B 180 10.16 4.89 30.95
N THR B 181 10.29 5.91 30.11
CA THR B 181 11.59 6.52 29.90
C THR B 181 11.75 8.01 30.25
N THR B 182 10.65 8.67 30.61
CA THR B 182 10.69 10.09 31.00
C THR B 182 11.74 10.43 32.07
N GLU B 183 12.05 9.47 32.93
CA GLU B 183 13.05 9.72 33.97
C GLU B 183 14.46 9.42 33.48
N SER B 184 14.57 8.73 32.34
CA SER B 184 15.87 8.34 31.78
C SER B 184 16.73 9.51 31.35
N GLN B 185 17.87 9.67 32.02
CA GLN B 185 18.81 10.73 31.69
C GLN B 185 19.13 10.67 30.19
N LEU B 186 19.32 9.44 29.73
CA LEU B 186 19.64 9.18 28.33
C LEU B 186 18.61 9.78 27.37
N HIS B 187 17.33 9.62 27.69
CA HIS B 187 16.28 10.16 26.83
C HIS B 187 16.06 11.66 26.98
N ARG B 188 16.52 12.22 28.10
CA ARG B 188 16.38 13.66 28.31
C ARG B 188 17.45 14.33 27.45
N GLU B 189 18.66 13.75 27.44
CA GLU B 189 19.74 14.29 26.63
C GLU B 189 19.38 14.18 25.15
N LEU B 190 18.77 13.06 24.77
CA LEU B 190 18.37 12.85 23.39
C LEU B 190 17.36 13.90 22.94
N ALA B 191 16.39 14.21 23.81
CA ALA B 191 15.35 15.19 23.49
C ALA B 191 15.95 16.57 23.30
N SER B 192 16.98 16.87 24.09
CA SER B 192 17.65 18.17 24.02
C SER B 192 18.35 18.40 22.68
N GLY B 193 18.38 17.39 21.82
CA GLY B 193 19.05 17.55 20.55
C GLY B 193 18.18 17.23 19.36
N LEU B 194 16.88 17.03 19.57
CA LEU B 194 15.98 16.71 18.45
C LEU B 194 15.51 18.00 17.79
N SER B 195 15.28 17.94 16.49
CA SER B 195 14.84 19.09 15.72
C SER B 195 13.34 19.34 15.71
N PHE B 196 12.66 18.93 16.78
CA PHE B 196 11.20 19.13 16.85
C PHE B 196 10.69 19.05 18.28
N PRO B 197 9.42 19.41 18.50
CA PRO B 197 8.84 19.37 19.85
C PRO B 197 8.79 17.96 20.43
N VAL B 198 9.10 17.83 21.73
CA VAL B 198 9.07 16.56 22.40
C VAL B 198 8.10 16.55 23.58
N GLY B 199 7.24 15.54 23.64
CA GLY B 199 6.30 15.44 24.74
C GLY B 199 6.75 14.37 25.73
N PHE B 200 6.84 14.74 27.00
CA PHE B 200 7.23 13.82 28.05
C PHE B 200 6.00 13.38 28.84
N LYS B 201 5.68 12.09 28.82
CA LYS B 201 4.52 11.59 29.56
C LYS B 201 4.84 11.51 31.04
N ASN B 202 3.82 11.66 31.90
CA ASN B 202 4.07 11.61 33.33
C ASN B 202 4.41 10.18 33.76
N GLY B 203 4.93 10.02 34.96
CA GLY B 203 5.31 8.70 35.44
C GLY B 203 4.18 7.69 35.42
N THR B 204 4.53 6.40 35.39
CA THR B 204 3.53 5.35 35.39
C THR B 204 2.81 5.33 36.74
N ASP B 205 3.36 6.03 37.72
CA ASP B 205 2.72 6.09 39.03
C ASP B 205 1.76 7.29 39.13
N GLY B 206 1.48 7.92 37.99
CA GLY B 206 0.56 9.05 37.98
C GLY B 206 1.06 10.44 38.31
N THR B 207 2.34 10.59 38.70
CA THR B 207 2.89 11.90 39.02
C THR B 207 3.48 12.67 37.83
N LEU B 208 3.54 14.00 37.94
CA LEU B 208 4.07 14.87 36.87
C LEU B 208 5.46 15.40 37.14
N ASN B 209 5.90 15.32 38.39
CA ASN B 209 7.22 15.81 38.73
C ASN B 209 8.30 15.37 37.75
N VAL B 210 8.35 14.07 37.46
CA VAL B 210 9.34 13.53 36.53
C VAL B 210 9.24 14.12 35.13
N ALA B 211 8.03 14.38 34.64
CA ALA B 211 7.89 14.93 33.30
C ALA B 211 8.27 16.41 33.30
N VAL B 212 8.04 17.10 34.41
CA VAL B 212 8.39 18.51 34.52
C VAL B 212 9.90 18.61 34.57
N ASP B 213 10.55 17.73 35.33
CA ASP B 213 12.02 17.73 35.40
C ASP B 213 12.61 17.39 34.03
N ALA B 214 11.96 16.50 33.29
CA ALA B 214 12.44 16.10 31.97
C ALA B 214 12.49 17.32 31.04
N CYS B 215 11.42 18.10 31.02
CA CYS B 215 11.37 19.30 30.20
C CYS B 215 12.47 20.28 30.61
N GLN B 216 12.68 20.45 31.90
CA GLN B 216 13.70 21.37 32.38
C GLN B 216 15.05 20.92 31.85
N ALA B 217 15.36 19.64 32.05
CA ALA B 217 16.64 19.06 31.62
C ALA B 217 16.83 19.12 30.11
N ALA B 218 15.81 18.74 29.35
CA ALA B 218 15.92 18.76 27.90
C ALA B 218 16.15 20.17 27.33
N ALA B 219 15.92 21.18 28.15
CA ALA B 219 16.11 22.55 27.70
C ALA B 219 17.58 22.96 27.73
N HIS B 220 18.39 22.22 28.48
CA HIS B 220 19.81 22.52 28.55
C HIS B 220 20.60 21.81 27.47
N SER B 221 21.89 22.15 27.40
CA SER B 221 22.79 21.56 26.43
C SER B 221 23.42 20.33 27.08
N HIS B 222 23.48 19.23 26.33
CA HIS B 222 24.07 18.00 26.86
C HIS B 222 25.15 17.45 25.97
N HIS B 223 26.01 16.62 26.57
CA HIS B 223 27.10 15.98 25.86
C HIS B 223 26.98 14.48 26.01
N PHE B 224 26.48 13.80 24.99
CA PHE B 224 26.38 12.36 25.07
C PHE B 224 27.03 11.62 23.90
N MET B 225 26.90 10.30 23.88
CA MET B 225 27.47 9.50 22.81
C MET B 225 26.38 8.89 21.94
N SER B 226 26.44 9.19 20.64
CA SER B 226 25.46 8.66 19.69
C SER B 226 26.26 8.15 18.49
N VAL B 227 25.58 7.92 17.38
CA VAL B 227 26.30 7.53 16.18
C VAL B 227 26.01 8.61 15.14
N THR B 228 26.97 8.86 14.27
CA THR B 228 26.82 9.87 13.24
C THR B 228 25.98 9.32 12.11
N LYS B 229 25.77 10.14 11.10
CA LYS B 229 25.00 9.74 9.93
C LYS B 229 25.73 8.57 9.25
N HIS B 230 27.02 8.46 9.51
CA HIS B 230 27.81 7.40 8.90
C HIS B 230 27.98 6.14 9.72
N GLY B 231 27.19 5.99 10.76
CA GLY B 231 27.25 4.78 11.58
C GLY B 231 28.40 4.66 12.55
N VAL B 232 29.09 5.77 12.81
CA VAL B 232 30.23 5.78 13.73
C VAL B 232 29.88 6.43 15.05
N ALA B 233 30.49 5.95 16.13
CA ALA B 233 30.24 6.50 17.45
C ALA B 233 30.97 7.84 17.60
N ALA B 234 30.27 8.83 18.15
CA ALA B 234 30.87 10.15 18.35
C ALA B 234 30.29 10.87 19.57
N ILE B 235 31.00 11.90 20.01
CA ILE B 235 30.57 12.71 21.14
C ILE B 235 29.62 13.80 20.63
N THR B 236 28.32 13.67 20.92
CA THR B 236 27.34 14.65 20.48
C THR B 236 27.20 15.82 21.46
N THR B 237 26.92 17.01 20.94
CA THR B 237 26.72 18.19 21.77
C THR B 237 25.40 18.82 21.37
N THR B 238 24.44 18.88 22.28
CA THR B 238 23.14 19.45 21.96
C THR B 238 23.00 20.94 22.29
N LYS B 239 22.02 21.56 21.63
CA LYS B 239 21.74 22.97 21.80
C LYS B 239 20.76 23.22 22.95
N GLY B 240 19.87 22.25 23.19
CA GLY B 240 18.87 22.38 24.22
C GLY B 240 17.56 22.52 23.46
N ASN B 241 16.50 21.92 23.98
CA ASN B 241 15.21 21.99 23.30
C ASN B 241 14.20 22.75 24.15
N GLU B 242 13.69 23.87 23.63
CA GLU B 242 12.73 24.65 24.41
C GLU B 242 11.28 24.31 24.04
N HIS B 243 11.09 23.32 23.18
CA HIS B 243 9.75 22.92 22.78
C HIS B 243 9.33 21.57 23.37
N CYS B 244 9.62 21.40 24.66
CA CYS B 244 9.26 20.20 25.38
C CYS B 244 8.08 20.50 26.30
N PHE B 245 7.05 19.66 26.23
CA PHE B 245 5.88 19.84 27.06
C PHE B 245 5.53 18.56 27.80
N VAL B 246 4.55 18.65 28.71
CA VAL B 246 4.12 17.52 29.50
C VAL B 246 2.86 16.89 28.93
N ILE B 247 2.80 15.56 28.98
CA ILE B 247 1.63 14.85 28.50
C ILE B 247 0.99 14.12 29.67
N LEU B 248 -0.31 14.34 29.87
CA LEU B 248 -1.03 13.70 30.96
C LEU B 248 -1.64 12.41 30.41
N ARG B 249 -1.28 11.30 31.00
CA ARG B 249 -1.76 10.00 30.52
C ARG B 249 -2.22 9.03 31.60
N GLY B 250 -2.54 9.55 32.78
CA GLY B 250 -3.01 8.68 33.85
C GLY B 250 -1.89 8.01 34.61
N GLY B 251 -2.26 7.01 35.42
CA GLY B 251 -1.28 6.29 36.20
C GLY B 251 -1.87 5.74 37.50
N LYS B 252 -1.01 5.15 38.33
CA LYS B 252 -1.46 4.59 39.61
C LYS B 252 -2.02 5.68 40.52
N GLY B 254 -4.91 7.81 40.01
CA GLY B 254 -5.62 7.26 38.86
C GLY B 254 -5.51 8.10 37.59
N THR B 255 -6.61 8.20 36.85
CA THR B 255 -6.64 8.98 35.62
C THR B 255 -6.39 10.46 35.96
N ASN B 256 -6.13 11.30 34.96
CA ASN B 256 -5.83 12.70 35.23
C ASN B 256 -6.20 13.70 34.12
N TYR B 257 -7.32 13.46 33.45
CA TYR B 257 -7.76 14.35 32.39
C TYR B 257 -8.89 15.27 32.87
N ASP B 258 -9.22 15.19 34.15
CA ASP B 258 -10.30 16.00 34.73
C ASP B 258 -9.81 17.35 35.30
N ALA B 259 -10.70 18.35 35.22
CA ALA B 259 -10.43 19.70 35.73
C ALA B 259 -9.61 19.73 37.02
N LYS B 260 -10.03 18.93 38.01
CA LYS B 260 -9.29 18.91 39.26
C LYS B 260 -7.85 18.48 39.03
N SER B 261 -7.63 17.47 38.18
CA SER B 261 -6.26 16.98 37.89
C SER B 261 -5.47 17.97 37.03
N VAL B 262 -6.11 18.50 35.99
CA VAL B 262 -5.48 19.49 35.13
C VAL B 262 -5.04 20.72 35.96
N ALA B 263 -5.87 21.10 36.93
CA ALA B 263 -5.55 22.23 37.77
C ALA B 263 -4.31 21.90 38.60
N GLU B 264 -4.19 20.66 39.03
CA GLU B 264 -3.04 20.28 39.84
C GLU B 264 -1.78 20.25 38.98
N ALA B 265 -1.97 19.92 37.70
CA ALA B 265 -0.87 19.87 36.75
C ALA B 265 -0.35 21.27 36.55
N LYS B 266 -1.23 22.15 36.03
CA LYS B 266 -0.91 23.56 35.79
C LYS B 266 -0.18 24.08 37.04
N ALA B 267 -0.68 23.66 38.19
CA ALA B 267 -0.08 24.06 39.44
C ALA B 267 1.39 23.70 39.49
N GLN B 268 1.79 22.66 38.76
CA GLN B 268 3.18 22.25 38.82
C GLN B 268 4.15 22.75 37.77
N LEU B 269 3.64 23.37 36.70
CA LEU B 269 4.49 23.88 35.63
C LEU B 269 5.16 25.22 35.92
N PRO B 270 6.48 25.32 35.69
CA PRO B 270 7.24 26.56 35.92
C PRO B 270 6.79 27.67 34.98
N ALA B 271 7.10 28.91 35.31
CA ALA B 271 6.71 30.03 34.46
C ALA B 271 7.30 29.82 33.07
N GLY B 272 6.49 30.03 32.04
CA GLY B 272 6.96 29.85 30.68
C GLY B 272 6.68 28.46 30.12
N SER B 273 6.40 27.50 30.99
CA SER B 273 6.11 26.15 30.56
C SER B 273 5.14 26.15 29.38
N ASN B 274 5.23 25.13 28.54
CA ASN B 274 4.38 25.04 27.37
C ASN B 274 3.04 24.36 27.65
N GLY B 275 2.12 24.48 26.71
CA GLY B 275 0.83 23.86 26.89
C GLY B 275 0.85 22.37 27.19
N LEU B 276 -0.03 21.96 28.08
CA LEU B 276 -0.18 20.56 28.46
C LEU B 276 -0.80 19.81 27.28
N MET B 277 -0.48 18.51 27.19
CA MET B 277 -1.08 17.66 26.16
C MET B 277 -1.79 16.56 26.93
N ILE B 278 -2.91 16.07 26.41
CA ILE B 278 -3.62 15.01 27.09
C ILE B 278 -3.88 13.76 26.26
N ASP B 279 -3.44 12.63 26.82
CA ASP B 279 -3.59 11.33 26.19
C ASP B 279 -4.91 10.66 26.56
N TYR B 280 -5.81 10.52 25.60
CA TYR B 280 -7.11 9.88 25.86
C TYR B 280 -6.99 8.39 26.16
N SER B 281 -5.84 7.78 25.88
CA SER B 281 -5.68 6.35 26.09
C SER B 281 -4.79 5.95 27.24
N HIS B 282 -4.38 4.68 27.22
CA HIS B 282 -3.50 4.17 28.24
C HIS B 282 -4.11 4.38 29.61
N GLY B 283 -3.33 4.93 30.53
CA GLY B 283 -3.84 5.18 31.86
C GLY B 283 -5.12 6.01 31.92
N ASN B 284 -5.35 6.87 30.92
CA ASN B 284 -6.57 7.68 30.97
C ASN B 284 -7.85 6.98 30.53
N SER B 285 -7.74 5.92 29.75
CA SER B 285 -8.96 5.21 29.36
C SER B 285 -9.01 3.91 30.18
N ASN B 286 -7.97 3.76 31.01
CA ASN B 286 -7.78 2.62 31.90
C ASN B 286 -8.45 1.28 31.50
N LYS B 287 -7.75 0.53 30.66
CA LYS B 287 -8.23 -0.78 30.22
C LYS B 287 -9.42 -0.81 29.27
N ASP B 288 -9.59 0.23 28.47
CA ASP B 288 -10.70 0.23 27.52
C ASP B 288 -10.67 1.42 26.57
N PHE B 289 -10.62 1.12 25.27
CA PHE B 289 -10.58 2.15 24.23
C PHE B 289 -11.90 2.90 24.11
N ARG B 290 -12.99 2.27 24.54
CA ARG B 290 -14.31 2.88 24.46
C ARG B 290 -14.34 4.13 25.33
N ASN B 291 -13.45 4.21 26.31
CA ASN B 291 -13.37 5.36 27.19
C ASN B 291 -12.69 6.57 26.57
N GLN B 292 -12.22 6.44 25.32
CA GLN B 292 -11.57 7.59 24.69
C GLN B 292 -12.56 8.69 24.34
N PRO B 293 -13.77 8.33 23.88
CA PRO B 293 -14.75 9.37 23.56
C PRO B 293 -15.19 10.11 24.82
N LYS B 294 -15.32 9.37 25.93
CA LYS B 294 -15.72 9.97 27.21
C LYS B 294 -14.67 11.01 27.60
N VAL B 295 -13.40 10.61 27.57
CA VAL B 295 -12.30 11.51 27.91
C VAL B 295 -12.33 12.74 26.98
N ASN B 296 -12.87 12.58 25.78
CA ASN B 296 -12.95 13.71 24.87
C ASN B 296 -13.94 14.76 25.38
N ASP B 297 -15.06 14.30 25.94
CA ASP B 297 -16.09 15.19 26.47
C ASP B 297 -15.54 16.01 27.64
N VAL B 298 -14.96 15.30 28.59
CA VAL B 298 -14.36 15.89 29.78
C VAL B 298 -13.22 16.84 29.40
N VAL B 299 -12.64 16.67 28.22
CA VAL B 299 -11.57 17.56 27.81
C VAL B 299 -12.21 18.68 26.97
N CYS B 300 -13.20 18.33 26.17
CA CYS B 300 -13.89 19.33 25.38
C CYS B 300 -14.56 20.35 26.32
N GLU B 301 -15.14 19.88 27.43
CA GLU B 301 -15.79 20.77 28.40
C GLU B 301 -14.82 21.87 28.85
N GLN B 302 -13.72 21.46 29.45
CA GLN B 302 -12.72 22.39 29.94
C GLN B 302 -12.21 23.31 28.85
N ILE B 303 -12.18 22.81 27.63
CA ILE B 303 -11.69 23.63 26.53
C ILE B 303 -12.75 24.69 26.16
N ALA B 304 -14.01 24.31 26.02
CA ALA B 304 -15.05 25.29 25.69
C ALA B 304 -15.22 26.32 26.83
N ASN B 305 -15.13 25.88 28.08
CA ASN B 305 -15.26 26.79 29.22
C ASN B 305 -14.05 27.71 29.36
N GLY B 306 -13.11 27.62 28.42
CA GLY B 306 -11.93 28.48 28.48
C GLY B 306 -10.59 27.95 28.97
N GLU B 307 -10.34 26.64 28.94
CA GLU B 307 -9.04 26.16 29.41
C GLU B 307 -7.97 26.40 28.31
N ASN B 308 -7.01 27.28 28.58
CA ASN B 308 -5.96 27.61 27.60
C ASN B 308 -4.67 26.80 27.75
N ALA B 309 -4.54 26.08 28.86
CA ALA B 309 -3.37 25.28 29.12
C ALA B 309 -3.42 23.93 28.40
N ILE B 310 -4.59 23.55 27.90
CA ILE B 310 -4.72 22.30 27.18
C ILE B 310 -4.53 22.61 25.71
N THR B 311 -3.28 22.48 25.25
CA THR B 311 -2.92 22.76 23.87
C THR B 311 -2.99 21.57 22.93
N GLY B 312 -2.82 20.36 23.47
CA GLY B 312 -2.86 19.19 22.61
C GLY B 312 -3.49 17.93 23.17
N VAL B 313 -3.84 17.00 22.28
CA VAL B 313 -4.44 15.74 22.66
C VAL B 313 -3.85 14.56 21.87
N MET B 314 -3.95 13.37 22.45
CA MET B 314 -3.41 12.19 21.81
C MET B 314 -4.50 11.14 21.74
N ILE B 315 -4.81 10.68 20.54
CA ILE B 315 -5.84 9.68 20.32
C ILE B 315 -5.33 8.42 19.61
N GLU B 316 -5.65 7.24 20.14
CA GLU B 316 -5.25 5.99 19.49
C GLU B 316 -6.46 5.49 18.69
N SER B 317 -6.52 5.82 17.42
CA SER B 317 -7.61 5.39 16.58
C SER B 317 -7.11 4.58 15.40
N ASN B 318 -8.00 3.80 14.79
CA ASN B 318 -7.64 2.97 13.65
C ASN B 318 -8.74 2.99 12.62
N ILE B 319 -8.65 2.06 11.67
CA ILE B 319 -9.66 1.95 10.62
C ILE B 319 -10.87 1.19 11.17
N ASN B 320 -10.59 0.23 12.04
CA ASN B 320 -11.63 -0.60 12.66
C ASN B 320 -11.21 -0.76 14.12
N GLU B 321 -12.19 -0.65 15.01
CA GLU B 321 -11.95 -0.70 16.44
C GLU B 321 -11.27 -1.92 17.04
N GLY B 322 -11.00 -1.79 18.35
CA GLY B 322 -10.36 -2.85 19.09
C GLY B 322 -8.98 -3.20 18.57
N ASN B 323 -8.42 -4.26 19.14
CA ASN B 323 -7.12 -4.75 18.72
C ASN B 323 -7.31 -6.22 18.28
N GLN B 324 -6.36 -7.08 18.63
CA GLN B 324 -6.41 -8.51 18.28
C GLN B 324 -5.05 -9.15 18.51
N GLY B 325 -4.98 -10.45 18.26
CA GLY B 325 -3.73 -11.17 18.41
C GLY B 325 -3.31 -11.75 17.07
N ILE B 326 -2.08 -12.23 16.98
CA ILE B 326 -1.62 -12.82 15.73
C ILE B 326 -2.00 -14.30 15.73
N PRO B 327 -2.87 -14.72 14.80
CA PRO B 327 -3.35 -16.10 14.68
C PRO B 327 -2.20 -17.07 14.41
N ALA B 328 -2.52 -18.34 14.13
CA ALA B 328 -1.49 -19.33 13.84
C ALA B 328 -0.56 -18.75 12.77
N GLU B 329 -1.14 -18.26 11.68
CA GLU B 329 -0.36 -17.66 10.59
C GLU B 329 0.00 -16.22 10.95
N GLY B 330 0.86 -15.61 10.14
CA GLY B 330 1.27 -14.24 10.40
C GLY B 330 0.30 -13.21 9.89
N LYS B 331 0.86 -12.12 9.36
CA LYS B 331 0.09 -11.00 8.83
C LYS B 331 -1.05 -11.29 7.86
N ALA B 332 -1.60 -12.51 7.88
CA ALA B 332 -2.70 -12.86 6.98
C ALA B 332 -3.83 -13.65 7.64
N LEU B 334 -5.14 -12.53 10.03
CA LEU B 334 -5.04 -11.21 10.66
C LEU B 334 -6.11 -10.31 10.07
N LYS B 335 -6.91 -9.70 10.94
CA LYS B 335 -7.98 -8.81 10.50
C LYS B 335 -7.42 -7.46 10.01
N TYR B 336 -7.89 -7.02 8.86
CA TYR B 336 -7.43 -5.77 8.28
C TYR B 336 -7.76 -4.54 9.13
N GLY B 337 -6.93 -3.49 9.00
CA GLY B 337 -7.13 -2.26 9.75
C GLY B 337 -7.42 -2.40 11.23
N VAL B 338 -6.83 -3.40 11.88
CA VAL B 338 -7.04 -3.61 13.32
C VAL B 338 -5.72 -3.75 14.05
N SER B 339 -5.45 -2.85 14.99
CA SER B 339 -4.22 -2.87 15.75
C SER B 339 -3.90 -4.27 16.28
N ILE B 340 -2.60 -4.60 16.38
CA ILE B 340 -2.18 -5.90 16.92
C ILE B 340 -1.51 -5.64 18.28
N THR B 341 -1.63 -4.41 18.77
CA THR B 341 -1.12 -3.99 20.08
C THR B 341 -2.32 -3.31 20.78
N ASP B 342 -2.09 -2.24 21.52
CA ASP B 342 -3.20 -1.54 22.20
C ASP B 342 -4.41 -1.32 21.28
N ALA B 343 -5.61 -1.47 21.85
CA ALA B 343 -6.85 -1.31 21.08
C ALA B 343 -7.15 0.14 20.76
N CYS B 344 -7.68 0.38 19.57
CA CYS B 344 -8.00 1.72 19.11
C CYS B 344 -9.50 1.87 18.95
N ILE B 345 -9.94 3.07 18.62
CA ILE B 345 -11.36 3.33 18.39
C ILE B 345 -11.49 3.23 16.89
N GLY B 346 -12.67 2.91 16.39
CA GLY B 346 -12.83 2.82 14.94
C GLY B 346 -12.65 4.18 14.30
N TRP B 347 -12.88 4.26 13.00
CA TRP B 347 -12.73 5.52 12.28
C TRP B 347 -13.83 6.54 12.55
N GLU B 348 -15.07 6.14 12.33
CA GLU B 348 -16.20 7.06 12.55
C GLU B 348 -16.13 7.61 13.97
N THR B 349 -15.92 6.74 14.95
CA THR B 349 -15.82 7.19 16.32
C THR B 349 -14.75 8.26 16.39
N THR B 350 -13.84 8.23 15.43
CA THR B 350 -12.75 9.20 15.37
C THR B 350 -13.22 10.47 14.69
N GLU B 351 -14.02 10.32 13.65
CA GLU B 351 -14.55 11.49 12.93
C GLU B 351 -15.28 12.39 13.90
N ASP B 352 -16.12 11.78 14.73
CA ASP B 352 -16.87 12.53 15.71
C ASP B 352 -15.89 13.16 16.67
N VAL B 353 -15.27 12.33 17.50
CA VAL B 353 -14.32 12.82 18.48
C VAL B 353 -13.53 14.07 18.07
N LEU B 354 -13.21 14.20 16.78
CA LEU B 354 -12.44 15.35 16.30
C LEU B 354 -13.27 16.56 15.90
N ARG B 355 -14.45 16.29 15.32
CA ARG B 355 -15.36 17.35 14.92
C ARG B 355 -15.84 18.02 16.21
N LYS B 356 -16.09 17.19 17.22
CA LYS B 356 -16.55 17.63 18.51
C LYS B 356 -15.45 18.38 19.24
N LEU B 357 -14.19 18.11 18.91
CA LEU B 357 -13.06 18.79 19.55
C LEU B 357 -12.84 20.11 18.85
N ALA B 358 -13.16 20.15 17.57
CA ALA B 358 -13.00 21.36 16.79
C ALA B 358 -14.00 22.39 17.33
N ALA B 359 -15.21 21.94 17.63
CA ALA B 359 -16.27 22.78 18.17
C ALA B 359 -15.78 23.42 19.46
N ALA B 360 -15.34 22.57 20.39
CA ALA B 360 -14.82 23.06 21.66
C ALA B 360 -13.74 24.11 21.42
N VAL B 361 -12.99 23.96 20.32
CA VAL B 361 -11.94 24.93 20.00
C VAL B 361 -12.54 26.27 19.65
N ARG B 362 -13.61 26.25 18.85
CA ARG B 362 -14.30 27.46 18.45
C ARG B 362 -14.93 28.10 19.69
N GLN B 363 -15.75 27.33 20.39
CA GLN B 363 -16.40 27.83 21.59
C GLN B 363 -15.40 28.41 22.60
N ARG B 364 -14.17 27.92 22.59
CA ARG B 364 -13.17 28.44 23.52
C ARG B 364 -12.59 29.72 22.95
N ARG B 365 -12.69 29.84 21.64
CA ARG B 365 -12.18 30.99 20.91
C ARG B 365 -13.00 32.22 21.24
N GLU B 366 -14.28 31.99 21.53
CA GLU B 366 -15.20 33.08 21.88
C GLU B 366 -14.96 33.51 23.33
N VAL B 367 -15.04 32.56 24.27
CA VAL B 367 -14.82 32.85 25.69
C VAL B 367 -13.57 33.73 25.94
N ASN B 368 -12.60 33.66 25.03
CA ASN B 368 -11.39 34.45 25.22
C ASN B 368 -11.54 35.85 24.66
N LYS B 369 -12.53 36.04 23.79
CA LYS B 369 -12.77 37.34 23.20
C LYS B 369 -13.47 38.28 24.20
N LYS B 370 -12.76 38.94 25.00
N GLY C 18 31.29 -24.30 5.08
CA GLY C 18 31.44 -22.83 5.33
C GLY C 18 32.40 -22.13 4.37
N ALA C 19 32.57 -20.82 4.54
CA ALA C 19 33.46 -20.04 3.68
C ALA C 19 34.95 -20.27 3.99
N GLU C 20 35.79 -19.34 3.55
CA GLU C 20 37.23 -19.42 3.77
C GLU C 20 37.90 -18.11 3.36
N GLU C 21 38.00 -17.19 4.33
CA GLU C 21 38.63 -15.90 4.12
C GLU C 21 39.71 -15.65 5.16
N ASP C 22 40.41 -14.54 5.00
CA ASP C 22 41.46 -14.16 5.92
C ASP C 22 42.35 -15.33 6.37
N VAL C 23 42.51 -16.36 5.53
CA VAL C 23 43.39 -17.46 5.90
C VAL C 23 44.84 -16.95 5.92
N ARG C 24 45.09 -15.87 5.19
CA ARG C 24 46.44 -15.29 5.15
C ARG C 24 46.49 -13.95 5.90
N ILE C 25 45.42 -13.65 6.63
CA ILE C 25 45.33 -12.43 7.43
C ILE C 25 45.53 -12.82 8.90
N LEU C 26 46.70 -12.51 9.45
CA LEU C 26 47.00 -12.86 10.84
C LEU C 26 46.15 -12.10 11.85
N GLY C 27 45.59 -10.96 11.44
CA GLY C 27 44.76 -10.19 12.34
C GLY C 27 44.73 -8.70 12.08
N TYR C 28 43.69 -8.05 12.55
CA TYR C 28 43.56 -6.61 12.38
C TYR C 28 43.86 -5.91 13.70
N ASP C 29 44.24 -4.64 13.64
CA ASP C 29 44.53 -3.90 14.85
C ASP C 29 43.79 -2.59 14.86
N PRO C 30 43.35 -2.14 16.04
CA PRO C 30 42.62 -0.88 16.14
C PRO C 30 43.51 0.26 15.66
N LEU C 31 42.90 1.15 14.88
CA LEU C 31 43.63 2.28 14.32
C LEU C 31 42.94 3.63 14.61
N ALA C 32 43.67 4.55 15.23
CA ALA C 32 43.11 5.87 15.53
C ALA C 32 42.68 6.50 14.20
N SER C 33 41.51 7.11 14.17
CA SER C 33 41.04 7.72 12.94
C SER C 33 41.80 9.01 12.62
N PRO C 34 41.71 9.49 11.37
CA PRO C 34 42.40 10.72 11.00
C PRO C 34 41.94 11.86 11.93
N ALA C 35 40.62 12.05 11.98
CA ALA C 35 40.02 13.08 12.81
C ALA C 35 40.56 13.03 14.24
N LEU C 36 40.64 11.82 14.80
CA LEU C 36 41.15 11.66 16.15
C LEU C 36 42.61 12.12 16.23
N LEU C 37 43.44 11.66 15.29
CA LEU C 37 44.85 12.00 15.27
C LEU C 37 45.03 13.50 15.09
N GLN C 38 44.22 14.10 14.22
CA GLN C 38 44.31 15.54 13.98
C GLN C 38 43.98 16.40 15.19
N VAL C 39 43.31 15.81 16.17
CA VAL C 39 42.96 16.53 17.38
C VAL C 39 44.10 16.30 18.39
N GLN C 40 44.58 15.06 18.48
CA GLN C 40 45.67 14.72 19.38
C GLN C 40 46.90 15.55 19.05
N ILE C 41 47.27 15.58 17.78
CA ILE C 41 48.42 16.34 17.32
C ILE C 41 47.90 17.41 16.38
N PRO C 42 47.40 18.52 16.95
CA PRO C 42 46.86 19.64 16.18
C PRO C 42 47.91 20.45 15.40
N ALA C 43 47.48 21.07 14.32
CA ALA C 43 48.36 21.88 13.50
C ALA C 43 48.29 23.34 13.96
N THR C 44 49.44 23.94 14.25
CA THR C 44 49.48 25.33 14.70
C THR C 44 49.08 26.23 13.53
N PRO C 45 48.62 27.45 13.83
CA PRO C 45 48.21 28.38 12.76
C PRO C 45 49.34 28.59 11.77
N THR C 46 50.56 28.56 12.28
CA THR C 46 51.74 28.73 11.45
C THR C 46 51.86 27.55 10.50
N SER C 47 51.79 26.34 11.05
CA SER C 47 51.88 25.14 10.25
C SER C 47 50.90 25.19 9.10
N LEU C 48 49.66 25.55 9.39
CA LEU C 48 48.64 25.62 8.35
C LEU C 48 48.90 26.72 7.33
N GLU C 49 49.53 27.80 7.77
CA GLU C 49 49.80 28.90 6.87
C GLU C 49 50.99 28.52 5.99
N THR C 50 52.00 27.91 6.60
CA THR C 50 53.17 27.45 5.88
C THR C 50 52.76 26.52 4.72
N ALA C 51 51.87 25.57 5.04
CA ALA C 51 51.41 24.63 4.03
C ALA C 51 50.73 25.30 2.87
N LYS C 52 49.88 26.28 3.15
CA LYS C 52 49.16 26.99 2.09
C LYS C 52 50.10 27.80 1.21
N ARG C 53 51.08 28.44 1.84
CA ARG C 53 52.05 29.25 1.11
C ARG C 53 52.81 28.37 0.14
N GLY C 54 53.34 27.25 0.65
CA GLY C 54 54.09 26.32 -0.17
C GLY C 54 53.34 25.90 -1.43
N ARG C 55 52.05 25.62 -1.28
CA ARG C 55 51.25 25.23 -2.43
C ARG C 55 51.13 26.38 -3.42
N ARG C 56 50.91 27.59 -2.92
CA ARG C 56 50.76 28.74 -3.81
C ARG C 56 52.03 28.95 -4.63
N GLU C 57 53.17 29.00 -3.95
CA GLU C 57 54.44 29.19 -4.61
C GLU C 57 54.73 28.08 -5.61
N ALA C 58 54.50 26.84 -5.20
CA ALA C 58 54.72 25.70 -6.08
C ALA C 58 53.83 25.82 -7.32
N ILE C 59 52.57 26.18 -7.11
CA ILE C 59 51.63 26.33 -8.21
C ILE C 59 52.07 27.40 -9.22
N ASP C 60 52.48 28.55 -8.72
CA ASP C 60 52.91 29.65 -9.58
C ASP C 60 54.12 29.27 -10.42
N ILE C 61 55.04 28.56 -9.79
CA ILE C 61 56.24 28.14 -10.48
C ILE C 61 56.01 27.09 -11.56
N ILE C 62 55.23 26.06 -11.27
CA ILE C 62 55.01 25.03 -12.28
C ILE C 62 54.04 25.45 -13.36
N THR C 63 53.34 26.56 -13.17
CA THR C 63 52.40 27.00 -14.21
C THR C 63 52.93 28.17 -15.03
N GLY C 64 54.15 28.61 -14.72
CA GLY C 64 54.75 29.69 -15.48
C GLY C 64 54.60 31.08 -14.92
N LYS C 65 53.81 31.24 -13.88
CA LYS C 65 53.59 32.55 -13.29
C LYS C 65 54.78 33.10 -12.50
N ASP C 66 55.73 32.25 -12.12
CA ASP C 66 56.89 32.71 -11.38
C ASP C 66 58.17 32.13 -11.99
N ASP C 67 59.19 32.96 -12.14
CA ASP C 67 60.45 32.51 -12.75
C ASP C 67 61.43 31.85 -11.80
N ARG C 68 61.01 31.63 -10.56
CA ARG C 68 61.87 30.96 -9.60
C ARG C 68 61.82 29.45 -9.86
N VAL C 69 62.71 28.72 -9.20
CA VAL C 69 62.74 27.28 -9.37
C VAL C 69 62.26 26.59 -8.10
N LEU C 70 61.31 25.68 -8.26
CA LEU C 70 60.75 24.92 -7.14
C LEU C 70 61.78 23.87 -6.76
N VAL C 71 62.19 23.85 -5.49
CA VAL C 71 63.18 22.90 -5.04
C VAL C 71 62.67 22.00 -3.92
N ILE C 72 62.58 20.69 -4.19
CA ILE C 72 62.17 19.72 -3.18
C ILE C 72 63.47 19.08 -2.69
N VAL C 73 64.02 19.56 -1.58
CA VAL C 73 65.28 19.05 -1.06
C VAL C 73 65.18 18.56 0.39
N GLY C 74 65.96 17.54 0.73
CA GLY C 74 65.93 17.00 2.08
C GLY C 74 66.30 15.53 2.11
N PRO C 75 66.33 14.92 3.31
CA PRO C 75 66.67 13.50 3.50
C PRO C 75 65.90 12.58 2.58
N CYS C 76 66.47 11.40 2.35
CA CYS C 76 65.80 10.41 1.51
C CYS C 76 64.55 9.97 2.28
N SER C 77 64.72 9.82 3.59
CA SER C 77 63.64 9.41 4.48
C SER C 77 63.99 9.86 5.90
N ILE C 78 62.98 10.20 6.67
CA ILE C 78 63.21 10.66 8.04
C ILE C 78 63.00 9.52 9.03
N HIS C 79 63.99 9.30 9.89
CA HIS C 79 63.90 8.25 10.89
C HIS C 79 64.27 8.85 12.25
N ASP C 80 64.61 10.13 12.23
CA ASP C 80 65.02 10.86 13.43
C ASP C 80 64.39 12.26 13.40
N LEU C 81 63.40 12.50 14.26
CA LEU C 81 62.75 13.80 14.31
C LEU C 81 63.66 14.92 14.79
N GLU C 82 64.65 14.56 15.60
CA GLU C 82 65.59 15.55 16.12
C GLU C 82 66.45 16.03 14.96
N ALA C 83 67.19 15.09 14.37
CA ALA C 83 68.06 15.38 13.25
C ALA C 83 67.31 16.11 12.14
N ALA C 84 66.06 15.71 11.90
CA ALA C 84 65.27 16.33 10.87
C ALA C 84 64.96 17.77 11.22
N GLN C 85 64.85 18.06 12.52
CA GLN C 85 64.55 19.41 12.97
C GLN C 85 65.77 20.30 12.81
N GLU C 86 66.96 19.76 13.11
CA GLU C 86 68.18 20.56 12.99
C GLU C 86 68.33 20.94 11.52
N TYR C 87 68.15 19.94 10.67
CA TYR C 87 68.26 20.14 9.23
C TYR C 87 67.27 21.18 8.77
N ALA C 88 66.04 21.09 9.26
CA ALA C 88 65.01 22.05 8.87
C ALA C 88 65.45 23.46 9.18
N LEU C 89 66.00 23.67 10.38
CA LEU C 89 66.46 25.00 10.76
C LEU C 89 67.49 25.53 9.77
N ARG C 90 68.48 24.70 9.44
CA ARG C 90 69.51 25.09 8.49
C ARG C 90 68.91 25.45 7.14
N LEU C 91 68.08 24.55 6.62
CA LEU C 91 67.43 24.74 5.33
C LEU C 91 66.51 25.96 5.34
N LYS C 92 65.93 26.25 6.50
CA LYS C 92 65.03 27.39 6.62
C LYS C 92 65.80 28.71 6.49
N LYS C 93 66.98 28.80 7.10
CA LYS C 93 67.76 30.03 7.00
C LYS C 93 68.25 30.21 5.56
N LEU C 94 68.75 29.14 4.97
CA LEU C 94 69.24 29.18 3.61
C LEU C 94 68.10 29.60 2.67
N SER C 95 66.90 29.16 3.01
CA SER C 95 65.70 29.45 2.25
C SER C 95 65.37 30.94 2.25
N ASP C 96 65.70 31.62 3.35
CA ASP C 96 65.45 33.06 3.49
C ASP C 96 66.42 33.91 2.64
N GLU C 97 67.66 33.44 2.52
CA GLU C 97 68.67 34.11 1.73
C GLU C 97 68.31 34.02 0.24
N LEU C 98 68.06 32.78 -0.21
CA LEU C 98 67.74 32.47 -1.60
C LEU C 98 66.26 32.50 -2.00
N LYS C 99 65.41 33.08 -1.16
CA LYS C 99 63.96 33.13 -1.42
C LYS C 99 63.59 33.92 -2.67
N GLY C 100 64.52 34.72 -3.18
CA GLY C 100 64.21 35.50 -4.36
C GLY C 100 64.37 34.70 -5.63
N ASP C 101 65.11 33.60 -5.56
CA ASP C 101 65.34 32.76 -6.75
C ASP C 101 64.80 31.35 -6.59
N LEU C 102 64.82 30.83 -5.38
CA LEU C 102 64.36 29.48 -5.10
C LEU C 102 63.25 29.38 -4.09
N SER C 103 62.24 28.58 -4.43
CA SER C 103 61.12 28.32 -3.54
C SER C 103 61.46 26.93 -2.96
N ILE C 104 61.91 26.90 -1.70
CA ILE C 104 62.31 25.64 -1.10
C ILE C 104 61.26 24.93 -0.24
N ILE C 105 61.08 23.63 -0.55
CA ILE C 105 60.17 22.75 0.18
C ILE C 105 61.03 21.58 0.66
N MET C 106 60.99 21.27 1.95
CA MET C 106 61.80 20.17 2.46
C MET C 106 61.23 18.78 2.19
N ARG C 107 62.13 17.82 1.96
CA ARG C 107 61.75 16.43 1.72
C ARG C 107 61.48 15.74 3.06
N ALA C 108 60.31 15.13 3.18
CA ALA C 108 59.94 14.42 4.40
C ALA C 108 59.23 13.12 4.04
N TYR C 109 59.94 12.25 3.32
CA TYR C 109 59.38 10.97 2.90
C TYR C 109 59.49 10.01 4.08
N LEU C 110 58.43 9.24 4.32
CA LEU C 110 58.42 8.30 5.43
C LEU C 110 59.09 6.95 5.13
N GLU C 111 58.85 6.42 3.93
CA GLU C 111 59.39 5.13 3.50
C GLU C 111 60.28 5.21 2.26
N LYS C 112 60.68 4.04 1.75
CA LYS C 112 61.53 3.93 0.55
C LYS C 112 60.85 3.06 -0.51
N TRP C 119 64.20 -1.43 6.77
CA TRP C 119 63.34 -0.41 7.37
C TRP C 119 62.16 -0.14 6.46
N LYS C 120 60.98 -0.56 6.91
CA LYS C 120 59.78 -0.42 6.12
C LYS C 120 59.19 1.00 6.00
N GLY C 121 59.69 1.92 6.82
CA GLY C 121 59.22 3.31 6.79
C GLY C 121 59.07 3.88 8.18
N LEU C 122 58.48 5.08 8.29
CA LEU C 122 58.26 5.70 9.61
C LEU C 122 56.86 5.38 10.13
N ILE C 123 55.91 5.15 9.21
CA ILE C 123 54.57 4.80 9.62
C ILE C 123 54.57 3.36 10.14
N ASN C 124 55.12 2.43 9.34
CA ASN C 124 55.16 1.03 9.73
C ASN C 124 55.94 0.79 11.02
N ASP C 125 57.24 1.04 10.95
CA ASP C 125 58.12 0.82 12.08
C ASP C 125 58.85 2.11 12.49
N PRO C 126 58.19 2.96 13.32
CA PRO C 126 58.74 4.23 13.81
C PRO C 126 59.94 4.17 14.74
N ASP C 127 60.18 3.03 15.38
CA ASP C 127 61.33 2.94 16.27
C ASP C 127 62.53 2.27 15.62
N VAL C 128 62.43 2.04 14.31
CA VAL C 128 63.49 1.40 13.52
C VAL C 128 64.25 0.31 14.32
N ASN C 129 63.53 -0.78 14.60
CA ASN C 129 64.06 -1.93 15.33
C ASN C 129 63.38 -3.21 14.82
N ASN C 130 62.56 -3.06 13.79
CA ASN C 130 61.84 -4.16 13.15
C ASN C 130 60.48 -4.49 13.80
N THR C 131 60.16 -3.84 14.92
CA THR C 131 58.85 -4.11 15.52
C THR C 131 57.90 -3.25 14.73
N PHE C 132 56.62 -3.37 14.97
CA PHE C 132 55.67 -2.56 14.22
C PHE C 132 54.75 -1.82 15.16
N ASN C 133 54.31 -0.65 14.73
CA ASN C 133 53.44 0.17 15.55
C ASN C 133 52.94 1.33 14.73
N ILE C 134 52.11 1.04 13.74
CA ILE C 134 51.59 2.11 12.90
C ILE C 134 50.95 3.25 13.68
N ASN C 135 50.20 2.92 14.73
CA ASN C 135 49.56 3.99 15.51
C ASN C 135 50.63 4.99 15.97
N LYS C 136 51.73 4.48 16.49
CA LYS C 136 52.80 5.36 16.96
C LYS C 136 53.47 5.98 15.74
N GLY C 137 53.54 5.20 14.66
CA GLY C 137 54.17 5.69 13.45
C GLY C 137 53.44 6.88 12.89
N LEU C 138 52.12 6.80 12.85
CA LEU C 138 51.29 7.89 12.36
C LEU C 138 51.45 9.10 13.28
N GLN C 139 51.63 8.86 14.56
CA GLN C 139 51.82 9.94 15.51
C GLN C 139 53.13 10.65 15.19
N SER C 140 54.20 9.88 15.06
CA SER C 140 55.50 10.44 14.74
C SER C 140 55.40 11.21 13.42
N ALA C 141 54.86 10.54 12.41
CA ALA C 141 54.70 11.15 11.11
C ALA C 141 54.05 12.51 11.25
N ARG C 142 52.87 12.55 11.87
CA ARG C 142 52.17 13.82 12.00
C ARG C 142 52.89 14.86 12.88
N GLN C 143 53.50 14.39 13.96
CA GLN C 143 54.21 15.30 14.85
C GLN C 143 55.33 15.95 14.03
N LEU C 144 56.06 15.11 13.30
CA LEU C 144 57.15 15.55 12.45
C LEU C 144 56.67 16.65 11.50
N PHE C 145 55.64 16.34 10.73
CA PHE C 145 55.11 17.32 9.79
C PHE C 145 54.74 18.61 10.50
N VAL C 146 54.20 18.50 11.71
CA VAL C 146 53.83 19.71 12.44
C VAL C 146 55.09 20.47 12.86
N ASN C 147 56.07 19.75 13.41
CA ASN C 147 57.31 20.39 13.84
C ASN C 147 57.98 21.17 12.73
N LEU C 148 58.06 20.57 11.55
CA LEU C 148 58.68 21.21 10.40
C LEU C 148 57.89 22.42 9.90
N THR C 149 56.66 22.21 9.45
CA THR C 149 55.85 23.30 8.94
C THR C 149 55.68 24.40 9.97
N ASN C 150 55.86 24.04 11.24
CA ASN C 150 55.71 25.00 12.31
C ASN C 150 56.77 26.10 12.31
N ILE C 151 57.96 25.79 11.81
CA ILE C 151 59.01 26.81 11.77
C ILE C 151 58.95 27.58 10.45
N GLY C 152 57.88 27.41 9.70
CA GLY C 152 57.71 28.11 8.44
C GLY C 152 58.31 27.46 7.20
N LEU C 153 58.69 26.19 7.30
CA LEU C 153 59.27 25.48 6.16
C LEU C 153 58.29 24.48 5.56
N PRO C 154 57.82 24.74 4.33
CA PRO C 154 56.87 23.81 3.69
C PRO C 154 57.49 22.43 3.54
N ILE C 155 56.66 21.40 3.37
CA ILE C 155 57.18 20.04 3.22
C ILE C 155 56.50 19.27 2.10
N GLY C 156 57.20 18.26 1.60
CA GLY C 156 56.67 17.44 0.54
C GLY C 156 56.89 15.98 0.93
N SER C 157 56.05 15.08 0.44
CA SER C 157 56.21 13.68 0.80
C SER C 157 55.69 12.80 -0.32
N GLU C 158 55.96 11.50 -0.26
CA GLU C 158 55.46 10.60 -1.27
C GLU C 158 54.09 10.11 -0.86
N MET C 159 53.16 10.09 -1.81
CA MET C 159 51.81 9.63 -1.52
C MET C 159 51.81 8.12 -1.72
N LEU C 160 52.34 7.37 -0.75
CA LEU C 160 52.39 5.92 -0.90
C LEU C 160 51.01 5.29 -0.82
N ASP C 161 50.47 5.31 0.38
CA ASP C 161 49.16 4.76 0.74
C ASP C 161 48.00 5.55 0.10
N THR C 162 46.82 4.93 0.06
CA THR C 162 45.60 5.57 -0.46
C THR C 162 44.74 6.04 0.76
N ILE C 163 45.24 5.76 1.96
CA ILE C 163 44.57 6.11 3.20
C ILE C 163 45.45 7.03 4.02
N SER C 164 46.73 6.69 4.08
CA SER C 164 47.71 7.46 4.82
C SER C 164 47.53 8.99 4.70
N PRO C 165 47.36 9.53 3.47
CA PRO C 165 47.19 10.98 3.30
C PRO C 165 46.18 11.64 4.24
N GLN C 166 45.02 11.02 4.43
CA GLN C 166 43.97 11.56 5.31
C GLN C 166 44.49 12.04 6.65
N TYR C 167 45.59 11.46 7.12
CA TYR C 167 46.15 11.85 8.40
C TYR C 167 47.17 12.97 8.27
N LEU C 168 47.58 13.28 7.03
CA LEU C 168 48.62 14.29 6.85
C LEU C 168 48.43 15.35 5.75
N ALA C 169 47.40 15.21 4.92
CA ALA C 169 47.17 16.16 3.84
C ALA C 169 47.04 17.63 4.24
N ASP C 170 46.77 17.91 5.50
CA ASP C 170 46.62 19.31 5.90
C ASP C 170 47.93 20.04 6.13
N LEU C 171 49.01 19.28 6.31
CA LEU C 171 50.33 19.86 6.57
C LEU C 171 51.27 19.78 5.38
N VAL C 172 50.83 19.10 4.31
CA VAL C 172 51.63 18.88 3.10
C VAL C 172 51.45 19.90 1.98
N SER C 173 52.55 20.29 1.36
CA SER C 173 52.57 21.28 0.27
C SER C 173 52.82 20.70 -1.13
N PHE C 174 53.50 19.55 -1.16
CA PHE C 174 53.84 18.86 -2.40
C PHE C 174 53.72 17.34 -2.25
N GLY C 175 53.16 16.70 -3.29
CA GLY C 175 53.01 15.27 -3.26
C GLY C 175 53.65 14.61 -4.47
N ALA C 176 54.47 13.60 -4.22
CA ALA C 176 55.14 12.88 -5.30
C ALA C 176 54.71 11.41 -5.39
N ILE C 177 54.45 10.95 -6.60
CA ILE C 177 54.09 9.54 -6.82
C ILE C 177 55.34 8.86 -7.34
N GLY C 178 55.79 7.83 -6.62
CA GLY C 178 56.98 7.12 -7.01
C GLY C 178 56.95 6.56 -8.41
N ALA C 179 58.13 6.19 -8.90
CA ALA C 179 58.25 5.59 -10.23
C ALA C 179 57.49 4.25 -10.26
N ARG C 180 57.55 3.50 -9.17
CA ARG C 180 56.87 2.21 -9.09
C ARG C 180 55.34 2.29 -9.01
N THR C 181 54.78 3.50 -8.88
CA THR C 181 53.32 3.64 -8.81
C THR C 181 52.67 4.59 -9.81
N THR C 182 53.49 5.32 -10.57
CA THR C 182 52.99 6.24 -11.59
C THR C 182 51.96 5.60 -12.53
N GLU C 183 52.08 4.30 -12.75
CA GLU C 183 51.14 3.60 -13.66
C GLU C 183 49.89 3.12 -12.95
N SER C 184 49.94 3.12 -11.63
CA SER C 184 48.84 2.65 -10.80
C SER C 184 47.59 3.53 -10.89
N GLN C 185 46.52 2.96 -11.43
CA GLN C 185 45.25 3.65 -11.57
C GLN C 185 44.86 4.22 -10.19
N LEU C 186 45.09 3.41 -9.17
CA LEU C 186 44.76 3.78 -7.81
C LEU C 186 45.45 5.09 -7.39
N HIS C 187 46.73 5.24 -7.74
CA HIS C 187 47.46 6.45 -7.38
C HIS C 187 47.13 7.65 -8.27
N ARG C 188 46.61 7.39 -9.45
CA ARG C 188 46.23 8.47 -10.34
C ARG C 188 44.93 9.07 -9.81
N GLU C 189 44.02 8.21 -9.37
CA GLU C 189 42.76 8.66 -8.81
C GLU C 189 43.03 9.43 -7.52
N LEU C 190 43.96 8.93 -6.71
CA LEU C 190 44.30 9.59 -5.46
C LEU C 190 44.84 10.99 -5.72
N ALA C 191 45.68 11.14 -6.75
CA ALA C 191 46.27 12.44 -7.05
C ALA C 191 45.23 13.43 -7.49
N SER C 192 44.20 12.92 -8.18
CA SER C 192 43.14 13.78 -8.69
C SER C 192 42.30 14.40 -7.57
N GLY C 193 42.57 14.02 -6.33
CA GLY C 193 41.80 14.56 -5.22
C GLY C 193 42.65 15.15 -4.12
N LEU C 194 43.94 15.35 -4.38
CA LEU C 194 44.80 15.93 -3.36
C LEU C 194 44.75 17.45 -3.47
N SER C 195 44.88 18.13 -2.33
CA SER C 195 44.82 19.58 -2.29
C SER C 195 46.14 20.30 -2.59
N PHE C 196 47.00 19.69 -3.39
CA PHE C 196 48.29 20.29 -3.72
C PHE C 196 48.90 19.69 -4.97
N PRO C 197 49.98 20.30 -5.47
CA PRO C 197 50.63 19.79 -6.68
C PRO C 197 51.24 18.39 -6.49
N VAL C 198 51.09 17.56 -7.53
CA VAL C 198 51.60 16.21 -7.50
C VAL C 198 52.60 15.94 -8.65
N GLY C 199 53.77 15.41 -8.29
CA GLY C 199 54.77 15.10 -9.29
C GLY C 199 54.80 13.60 -9.58
N PHE C 200 54.63 13.24 -10.85
CA PHE C 200 54.68 11.85 -11.27
C PHE C 200 56.04 11.53 -11.89
N LYS C 201 56.81 10.65 -11.25
CA LYS C 201 58.13 10.25 -11.79
C LYS C 201 57.95 9.35 -13.01
N ASN C 202 58.91 9.39 -13.94
CA ASN C 202 58.82 8.54 -15.13
C ASN C 202 59.03 7.08 -14.75
N GLY C 203 58.67 6.17 -15.65
CA GLY C 203 58.84 4.75 -15.38
C GLY C 203 60.24 4.34 -15.00
N THR C 204 60.37 3.21 -14.31
CA THR C 204 61.68 2.71 -13.91
C THR C 204 62.47 2.28 -15.15
N ASP C 205 61.78 2.17 -16.28
CA ASP C 205 62.44 1.78 -17.52
C ASP C 205 62.92 3.00 -18.31
N GLY C 206 62.88 4.17 -17.67
CA GLY C 206 63.34 5.39 -18.30
C GLY C 206 62.39 6.15 -19.21
N THR C 207 61.19 5.65 -19.47
CA THR C 207 60.23 6.34 -20.34
C THR C 207 59.32 7.35 -19.61
N LEU C 208 58.80 8.33 -20.35
CA LEU C 208 57.92 9.37 -19.77
C LEU C 208 56.46 9.18 -20.09
N ASN C 209 56.17 8.36 -21.09
CA ASN C 209 54.79 8.14 -21.48
C ASN C 209 53.87 7.90 -20.28
N VAL C 210 54.29 7.00 -19.39
CA VAL C 210 53.48 6.69 -18.22
C VAL C 210 53.24 7.88 -17.29
N ALA C 211 54.24 8.74 -17.13
CA ALA C 211 54.08 9.91 -16.26
C ALA C 211 53.19 10.95 -16.95
N VAL C 212 53.27 11.04 -18.27
CA VAL C 212 52.44 11.98 -18.99
C VAL C 212 51.00 11.52 -18.89
N ASP C 213 50.76 10.21 -19.04
CA ASP C 213 49.40 9.67 -18.95
C ASP C 213 48.84 9.88 -17.53
N ALA C 214 49.72 9.75 -16.54
CA ALA C 214 49.31 9.94 -15.16
C ALA C 214 48.75 11.34 -14.97
N CYS C 215 49.47 12.34 -15.48
CA CYS C 215 49.06 13.74 -15.36
C CYS C 215 47.73 13.97 -16.06
N GLN C 216 47.56 13.38 -17.23
CA GLN C 216 46.31 13.54 -17.95
C GLN C 216 45.18 12.95 -17.12
N ALA C 217 45.39 11.74 -16.60
CA ALA C 217 44.36 11.06 -15.82
C ALA C 217 44.02 11.79 -14.53
N ALA C 218 45.04 12.20 -13.77
CA ALA C 218 44.81 12.89 -12.51
C ALA C 218 44.07 14.22 -12.69
N ALA C 219 43.99 14.70 -13.93
CA ALA C 219 43.31 15.96 -14.19
C ALA C 219 41.80 15.77 -14.24
N HIS C 220 41.36 14.53 -14.42
CA HIS C 220 39.94 14.24 -14.47
C HIS C 220 39.36 13.93 -13.10
N SER C 221 38.04 13.84 -13.07
CA SER C 221 37.32 13.54 -11.85
C SER C 221 37.22 12.00 -11.74
N HIS C 222 37.48 11.48 -10.55
CA HIS C 222 37.42 10.04 -10.33
C HIS C 222 36.54 9.66 -9.15
N HIS C 223 36.07 8.42 -9.16
CA HIS C 223 35.23 7.89 -8.10
C HIS C 223 35.88 6.66 -7.50
N PHE C 224 36.49 6.79 -6.34
CA PHE C 224 37.13 5.64 -5.73
C PHE C 224 36.70 5.41 -4.28
N MET C 225 37.31 4.43 -3.63
CA MET C 225 36.98 4.12 -2.25
C MET C 225 38.17 4.42 -1.35
N SER C 226 37.96 5.26 -0.34
CA SER C 226 39.00 5.62 0.62
C SER C 226 38.27 5.68 1.95
N VAL C 227 38.93 6.15 2.98
CA VAL C 227 38.27 6.24 4.28
C VAL C 227 38.06 7.72 4.60
N THR C 228 37.01 8.01 5.35
CA THR C 228 36.72 9.39 5.74
C THR C 228 37.59 9.80 6.91
N LYS C 229 37.42 11.04 7.36
CA LYS C 229 38.19 11.56 8.48
C LYS C 229 37.90 10.73 9.71
N HIS C 230 36.74 10.06 9.70
CA HIS C 230 36.33 9.24 10.83
C HIS C 230 36.68 7.75 10.76
N GLY C 231 37.56 7.39 9.84
CA GLY C 231 37.99 6.01 9.72
C GLY C 231 37.02 5.04 9.07
N VAL C 232 36.01 5.57 8.38
CA VAL C 232 35.02 4.72 7.74
C VAL C 232 35.20 4.72 6.23
N ALA C 233 34.88 3.58 5.61
CA ALA C 233 35.02 3.45 4.16
C ALA C 233 33.89 4.20 3.46
N ALA C 234 34.23 4.93 2.41
CA ALA C 234 33.22 5.67 1.67
C ALA C 234 33.60 5.85 0.20
N ILE C 235 32.62 6.20 -0.61
CA ILE C 235 32.82 6.44 -2.03
C ILE C 235 33.28 7.90 -2.23
N THR C 236 34.55 8.10 -2.53
CA THR C 236 35.09 9.43 -2.75
C THR C 236 34.86 9.91 -4.20
N THR C 237 34.70 11.22 -4.36
CA THR C 237 34.53 11.81 -5.68
C THR C 237 35.50 12.98 -5.80
N THR C 238 36.44 12.90 -6.74
CA THR C 238 37.44 13.96 -6.90
C THR C 238 37.06 15.01 -7.92
N LYS C 239 37.71 16.16 -7.79
CA LYS C 239 37.48 17.31 -8.66
C LYS C 239 38.39 17.29 -9.88
N GLY C 240 39.56 16.67 -9.72
CA GLY C 240 40.53 16.62 -10.79
C GLY C 240 41.64 17.55 -10.35
N ASN C 241 42.89 17.19 -10.63
CA ASN C 241 44.01 18.01 -10.21
C ASN C 241 44.75 18.54 -11.44
N GLU C 242 44.81 19.86 -11.59
CA GLU C 242 45.48 20.42 -12.76
C GLU C 242 46.92 20.83 -12.46
N HIS C 243 47.38 20.51 -11.26
CA HIS C 243 48.73 20.85 -10.85
C HIS C 243 49.63 19.64 -10.75
N CYS C 244 49.55 18.78 -11.76
CA CYS C 244 50.36 17.58 -11.85
C CYS C 244 51.41 17.75 -12.93
N PHE C 245 52.65 17.48 -12.58
CA PHE C 245 53.76 17.60 -13.51
C PHE C 245 54.59 16.33 -13.57
N VAL C 246 55.54 16.29 -14.51
CA VAL C 246 56.41 15.15 -14.69
C VAL C 246 57.74 15.37 -14.03
N ILE C 247 58.30 14.31 -13.44
CA ILE C 247 59.61 14.37 -12.80
C ILE C 247 60.53 13.41 -13.55
N LEU C 248 61.68 13.91 -13.98
CA LEU C 248 62.65 13.10 -14.69
C LEU C 248 63.61 12.58 -13.65
N ARG C 249 63.73 11.27 -13.57
CA ARG C 249 64.61 10.65 -12.59
C ARG C 249 65.46 9.50 -13.11
N GLY C 250 65.65 9.46 -14.41
CA GLY C 250 66.46 8.39 -14.98
C GLY C 250 65.72 7.08 -15.19
N GLY C 251 66.48 6.03 -15.49
CA GLY C 251 65.89 4.73 -15.73
C GLY C 251 66.79 3.89 -16.62
N LYS C 252 66.22 2.81 -17.14
CA LYS C 252 66.93 1.87 -18.01
C LYS C 252 67.45 2.56 -19.25
N LYS C 253 66.63 3.41 -19.83
CA LYS C 253 67.02 4.14 -21.03
C LYS C 253 68.16 5.14 -20.73
N GLY C 254 68.51 5.31 -19.45
CA GLY C 254 69.58 6.23 -19.09
C GLY C 254 69.19 7.53 -18.39
N THR C 255 70.17 8.17 -17.74
CA THR C 255 69.93 9.44 -17.05
C THR C 255 69.39 10.41 -18.09
N ASN C 256 68.32 11.13 -17.72
CA ASN C 256 67.68 12.10 -18.62
C ASN C 256 67.60 13.56 -18.12
N TYR C 257 68.70 14.08 -17.59
CA TYR C 257 68.71 15.45 -17.07
C TYR C 257 69.48 16.40 -17.99
N ASP C 258 69.75 15.96 -19.21
CA ASP C 258 70.52 16.73 -20.16
C ASP C 258 69.60 17.44 -21.15
N ALA C 259 70.17 18.36 -21.93
CA ALA C 259 69.37 19.10 -22.88
C ALA C 259 68.67 18.26 -23.95
N LYS C 260 69.30 17.18 -24.41
CA LYS C 260 68.64 16.37 -25.43
C LYS C 260 67.47 15.63 -24.80
N SER C 261 67.67 15.10 -23.59
CA SER C 261 66.61 14.38 -22.90
C SER C 261 65.48 15.33 -22.58
N VAL C 262 65.83 16.52 -22.10
CA VAL C 262 64.84 17.52 -21.76
C VAL C 262 64.03 17.93 -22.99
N ALA C 263 64.66 17.96 -24.15
CA ALA C 263 63.93 18.35 -25.36
C ALA C 263 62.99 17.22 -25.77
N GLU C 264 63.40 15.97 -25.56
CA GLU C 264 62.57 14.82 -25.92
C GLU C 264 61.30 14.89 -25.05
N ALA C 265 61.50 15.30 -23.81
CA ALA C 265 60.39 15.43 -22.88
C ALA C 265 59.40 16.49 -23.35
N LYS C 266 59.88 17.73 -23.49
CA LYS C 266 59.03 18.84 -23.91
C LYS C 266 58.10 18.51 -25.08
N ALA C 267 58.63 17.84 -26.10
CA ALA C 267 57.86 17.48 -27.29
C ALA C 267 56.82 16.39 -27.02
N GLN C 268 56.79 15.88 -25.79
CA GLN C 268 55.83 14.85 -25.43
C GLN C 268 54.67 15.47 -24.65
N LEU C 269 54.94 16.57 -23.98
CA LEU C 269 53.93 17.26 -23.19
C LEU C 269 52.86 17.88 -24.07
N PRO C 270 51.58 17.70 -23.70
CA PRO C 270 50.44 18.25 -24.45
C PRO C 270 49.89 19.59 -23.90
N ALA C 271 48.67 19.95 -24.29
CA ALA C 271 48.05 21.18 -23.83
C ALA C 271 47.86 21.16 -22.31
N GLY C 272 47.84 22.34 -21.71
CA GLY C 272 47.65 22.43 -20.27
C GLY C 272 48.70 21.69 -19.47
N SER C 273 49.89 21.56 -20.05
CA SER C 273 50.99 20.86 -19.39
C SER C 273 51.85 21.79 -18.57
N ASN C 274 52.03 21.44 -17.30
CA ASN C 274 52.84 22.25 -16.41
C ASN C 274 54.32 22.12 -16.74
N GLY C 275 55.16 22.49 -15.78
CA GLY C 275 56.60 22.44 -15.97
C GLY C 275 57.20 21.12 -15.55
N LEU C 276 58.50 20.96 -15.82
CA LEU C 276 59.24 19.74 -15.51
C LEU C 276 60.11 19.87 -14.29
N MET C 277 60.22 18.79 -13.55
CA MET C 277 61.07 18.76 -12.38
C MET C 277 62.10 17.67 -12.69
N ILE C 278 63.33 17.85 -12.21
CA ILE C 278 64.36 16.89 -12.47
C ILE C 278 64.95 16.42 -11.17
N ASP C 279 65.04 15.10 -11.03
CA ASP C 279 65.56 14.48 -9.83
C ASP C 279 67.05 14.20 -9.98
N TYR C 280 67.87 14.96 -9.26
CA TYR C 280 69.32 14.77 -9.31
C TYR C 280 69.74 13.41 -8.76
N SER C 281 68.83 12.74 -8.06
CA SER C 281 69.15 11.44 -7.48
C SER C 281 68.58 10.26 -8.22
N HIS C 282 68.66 9.10 -7.58
CA HIS C 282 68.12 7.87 -8.14
C HIS C 282 68.66 7.59 -9.53
N GLY C 283 67.78 7.48 -10.52
CA GLY C 283 68.23 7.22 -11.88
C GLY C 283 69.32 8.18 -12.34
N ASN C 284 68.99 9.48 -12.38
CA ASN C 284 69.93 10.51 -12.81
C ASN C 284 71.23 10.55 -12.03
N SER C 285 71.15 10.23 -10.75
CA SER C 285 72.33 10.23 -9.89
C SER C 285 73.24 9.08 -10.30
N ASN C 286 72.66 8.11 -11.00
CA ASN C 286 73.42 6.98 -11.50
C ASN C 286 74.18 6.18 -10.44
N LYS C 287 73.48 5.74 -9.41
CA LYS C 287 74.10 4.92 -8.37
C LYS C 287 75.13 5.57 -7.43
N ASP C 288 75.43 6.86 -7.62
CA ASP C 288 76.39 7.54 -6.74
C ASP C 288 75.88 8.92 -6.36
N PHE C 289 75.84 9.19 -5.05
CA PHE C 289 75.35 10.49 -4.58
C PHE C 289 76.25 11.66 -4.95
N ARG C 290 77.50 11.39 -5.31
CA ARG C 290 78.46 12.43 -5.70
C ARG C 290 78.13 13.04 -7.06
N ASN C 291 77.34 12.33 -7.86
CA ASN C 291 76.96 12.81 -9.17
C ASN C 291 75.86 13.86 -9.12
N GLN C 292 75.32 14.11 -7.92
CA GLN C 292 74.26 15.09 -7.79
C GLN C 292 74.81 16.47 -8.15
N PRO C 293 75.93 16.86 -7.52
CA PRO C 293 76.49 18.17 -7.84
C PRO C 293 76.84 18.29 -9.31
N LYS C 294 76.94 17.15 -9.99
CA LYS C 294 77.27 17.16 -11.40
C LYS C 294 76.01 17.37 -12.22
N VAL C 295 74.94 16.65 -11.87
CA VAL C 295 73.68 16.81 -12.59
C VAL C 295 73.29 18.28 -12.44
N ASN C 296 73.62 18.84 -11.28
CA ASN C 296 73.32 20.22 -11.01
C ASN C 296 73.98 21.11 -12.06
N ASP C 297 75.28 20.88 -12.30
CA ASP C 297 76.00 21.68 -13.30
C ASP C 297 75.30 21.63 -14.66
N VAL C 298 74.92 20.44 -15.12
CA VAL C 298 74.24 20.32 -16.40
C VAL C 298 72.89 21.04 -16.40
N VAL C 299 72.20 20.99 -15.26
CA VAL C 299 70.89 21.62 -15.15
C VAL C 299 70.99 23.15 -15.07
N CYS C 300 71.82 23.67 -14.16
CA CYS C 300 71.97 25.12 -14.02
C CYS C 300 72.24 25.74 -15.37
N GLU C 301 73.08 25.06 -16.15
CA GLU C 301 73.43 25.52 -17.48
C GLU C 301 72.26 25.66 -18.43
N GLN C 302 71.37 24.68 -18.46
CA GLN C 302 70.23 24.78 -19.35
C GLN C 302 69.31 25.89 -18.90
N ILE C 303 69.28 26.13 -17.58
CA ILE C 303 68.45 27.19 -17.02
C ILE C 303 69.07 28.57 -17.34
N ALA C 304 70.32 28.75 -16.92
CA ALA C 304 71.06 30.00 -17.13
C ALA C 304 71.08 30.45 -18.60
N ASN C 305 71.02 29.51 -19.53
CA ASN C 305 71.03 29.87 -20.93
C ASN C 305 69.64 30.06 -21.50
N GLY C 306 68.62 29.95 -20.65
CA GLY C 306 67.26 30.17 -21.12
C GLY C 306 66.21 29.06 -21.12
N GLU C 307 66.48 27.92 -20.49
CA GLU C 307 65.47 26.86 -20.48
C GLU C 307 64.35 27.21 -19.51
N ASN C 308 63.16 27.47 -20.04
CA ASN C 308 62.02 27.83 -19.19
C ASN C 308 61.07 26.69 -18.82
N ALA C 309 61.30 25.50 -19.36
CA ALA C 309 60.44 24.38 -19.06
C ALA C 309 60.92 23.65 -17.81
N ILE C 310 62.13 23.93 -17.37
CA ILE C 310 62.63 23.26 -16.17
C ILE C 310 62.23 24.14 -14.97
N THR C 311 61.07 23.84 -14.40
CA THR C 311 60.52 24.59 -13.28
C THR C 311 60.94 24.12 -11.90
N GLY C 312 61.39 22.88 -11.77
CA GLY C 312 61.80 22.44 -10.44
C GLY C 312 62.89 21.40 -10.47
N VAL C 313 63.46 21.09 -9.32
CA VAL C 313 64.50 20.08 -9.21
C VAL C 313 64.34 19.42 -7.85
N MET C 314 64.78 18.19 -7.73
CA MET C 314 64.66 17.47 -6.48
C MET C 314 66.03 17.03 -6.00
N ILE C 315 66.29 17.15 -4.70
CA ILE C 315 67.59 16.80 -4.17
C ILE C 315 67.59 15.92 -2.91
N GLU C 316 68.45 14.90 -2.88
CA GLU C 316 68.55 14.03 -1.71
C GLU C 316 69.68 14.57 -0.83
N SER C 317 69.32 15.43 0.10
CA SER C 317 70.25 16.08 1.00
C SER C 317 70.04 15.71 2.45
N ASN C 318 71.12 15.73 3.22
CA ASN C 318 71.06 15.40 4.64
C ASN C 318 72.11 16.24 5.35
N ILE C 319 72.19 16.13 6.68
CA ILE C 319 73.18 16.86 7.46
C ILE C 319 74.60 16.38 7.13
N ASN C 320 74.73 15.08 6.91
CA ASN C 320 76.02 14.47 6.57
C ASN C 320 75.85 13.53 5.39
N GLU C 321 76.75 13.66 4.42
CA GLU C 321 76.75 12.86 3.20
C GLU C 321 76.74 11.35 3.44
N GLY C 322 76.33 10.63 2.41
CA GLY C 322 76.30 9.18 2.46
C GLY C 322 75.03 8.57 2.99
N ASN C 323 75.19 7.41 3.61
CA ASN C 323 74.09 6.69 4.23
C ASN C 323 74.72 5.69 5.18
N GLN C 324 73.94 4.75 5.68
CA GLN C 324 74.46 3.76 6.60
C GLN C 324 73.48 2.62 6.80
N GLY C 325 73.93 1.56 7.47
CA GLY C 325 73.08 0.42 7.72
C GLY C 325 72.50 0.46 9.13
N ILE C 326 71.55 -0.43 9.41
CA ILE C 326 70.91 -0.52 10.73
C ILE C 326 71.61 -1.59 11.57
N PRO C 327 72.44 -1.16 12.56
CA PRO C 327 73.16 -2.09 13.42
C PRO C 327 72.32 -2.78 14.51
N ALA C 328 72.98 -3.65 15.26
CA ALA C 328 72.36 -4.42 16.35
C ALA C 328 71.66 -3.56 17.39
N GLU C 329 72.27 -2.42 17.72
CA GLU C 329 71.75 -1.50 18.72
C GLU C 329 70.61 -0.60 18.24
N GLY C 330 69.95 -1.00 17.15
CA GLY C 330 68.85 -0.20 16.61
C GLY C 330 69.18 1.27 16.50
N LYS C 331 68.16 2.11 16.71
CA LYS C 331 68.30 3.56 16.63
C LYS C 331 69.49 4.15 17.43
N ALA C 332 69.93 3.45 18.47
CA ALA C 332 71.04 3.93 19.29
C ALA C 332 72.43 3.71 18.65
N GLY C 333 72.50 2.83 17.66
CA GLY C 333 73.77 2.58 17.01
C GLY C 333 74.04 3.59 15.90
N LEU C 334 72.97 3.99 15.22
CA LEU C 334 73.03 4.95 14.10
C LEU C 334 73.87 6.21 14.27
N LYS C 335 74.51 6.61 13.17
CA LYS C 335 75.34 7.83 13.11
C LYS C 335 74.38 8.99 12.88
N TYR C 336 74.59 10.09 13.60
CA TYR C 336 73.73 11.27 13.47
C TYR C 336 73.72 11.85 12.05
N GLY C 337 72.62 12.52 11.70
CA GLY C 337 72.48 13.13 10.39
C GLY C 337 72.84 12.28 9.16
N VAL C 338 72.79 10.96 9.27
CA VAL C 338 73.12 10.12 8.11
C VAL C 338 72.00 9.17 7.70
N SER C 339 71.44 9.44 6.52
CA SER C 339 70.36 8.64 5.93
C SER C 339 70.51 7.14 6.14
N ILE C 340 69.42 6.44 6.39
CA ILE C 340 69.47 4.99 6.53
C ILE C 340 68.88 4.32 5.30
N THR C 341 68.56 5.11 4.28
CA THR C 341 68.02 4.59 3.03
C THR C 341 69.01 4.93 1.91
N ASP C 342 68.56 5.69 0.90
CA ASP C 342 69.45 6.08 -0.20
C ASP C 342 70.50 7.06 0.31
N ALA C 343 71.73 6.94 -0.20
CA ALA C 343 72.83 7.83 0.21
C ALA C 343 72.57 9.25 -0.26
N CYS C 344 72.72 10.21 0.66
CA CYS C 344 72.50 11.63 0.36
C CYS C 344 73.81 12.43 0.32
N ILE C 345 73.71 13.67 -0.12
CA ILE C 345 74.87 14.56 -0.15
C ILE C 345 74.84 15.36 1.17
N GLY C 346 76.02 15.73 1.68
CA GLY C 346 76.07 16.48 2.92
C GLY C 346 75.46 17.87 2.80
N TRP C 347 75.38 18.58 3.93
CA TRP C 347 74.78 19.91 3.97
C TRP C 347 75.50 20.98 3.13
N GLU C 348 76.77 21.23 3.46
CA GLU C 348 77.56 22.23 2.75
C GLU C 348 77.55 22.02 1.22
N THR C 349 77.57 20.76 0.77
CA THR C 349 77.53 20.49 -0.66
C THR C 349 76.22 21.09 -1.17
N THR C 350 75.19 20.97 -0.32
CA THR C 350 73.86 21.45 -0.65
C THR C 350 73.82 22.98 -0.74
N GLU C 351 74.55 23.66 0.15
CA GLU C 351 74.59 25.11 0.10
C GLU C 351 75.14 25.53 -1.26
N ASP C 352 76.23 24.90 -1.66
CA ASP C 352 76.85 25.19 -2.95
C ASP C 352 75.82 25.03 -4.03
N VAL C 353 75.39 23.79 -4.21
CA VAL C 353 74.42 23.42 -5.23
C VAL C 353 73.25 24.37 -5.34
N LEU C 354 72.65 24.70 -4.21
CA LEU C 354 71.51 25.61 -4.21
C LEU C 354 71.90 27.03 -4.57
N ARG C 355 73.10 27.43 -4.18
CA ARG C 355 73.56 28.77 -4.48
C ARG C 355 73.82 28.87 -5.99
N LYS C 356 74.39 27.81 -6.57
CA LYS C 356 74.66 27.80 -8.01
C LYS C 356 73.36 27.84 -8.80
N LEU C 357 72.35 27.15 -8.28
CA LEU C 357 71.04 27.10 -8.92
C LEU C 357 70.38 28.49 -8.87
N ALA C 358 70.42 29.12 -7.69
CA ALA C 358 69.84 30.46 -7.56
C ALA C 358 70.56 31.40 -8.54
N ALA C 359 71.85 31.12 -8.77
CA ALA C 359 72.64 31.92 -9.70
C ALA C 359 72.14 31.72 -11.13
N ALA C 360 71.83 30.47 -11.50
CA ALA C 360 71.34 30.20 -12.85
C ALA C 360 69.94 30.78 -13.00
N VAL C 361 69.16 30.72 -11.93
CA VAL C 361 67.80 31.27 -11.96
C VAL C 361 67.91 32.76 -12.33
N ARG C 362 68.75 33.50 -11.61
CA ARG C 362 68.96 34.93 -11.89
C ARG C 362 69.41 35.13 -13.33
N GLN C 363 70.38 34.33 -13.76
CA GLN C 363 70.87 34.47 -15.11
C GLN C 363 69.73 34.27 -16.12
N ARG C 364 68.84 33.31 -15.85
CA ARG C 364 67.74 33.07 -16.77
C ARG C 364 66.86 34.31 -16.86
N ARG C 365 66.75 35.04 -15.74
CA ARG C 365 65.95 36.27 -15.70
C ARG C 365 66.49 37.23 -16.74
N GLU C 366 67.80 37.47 -16.68
CA GLU C 366 68.47 38.36 -17.62
C GLU C 366 68.21 37.90 -19.04
N VAL C 367 68.46 36.61 -19.29
CA VAL C 367 68.26 36.01 -20.60
C VAL C 367 66.82 36.17 -21.11
N ASN C 368 65.84 36.11 -20.22
CA ASN C 368 64.45 36.25 -20.68
C ASN C 368 64.04 37.69 -20.95
N LYS C 369 64.91 38.63 -20.55
CA LYS C 369 64.67 40.07 -20.76
C LYS C 369 64.84 40.43 -22.24
N LYS C 370 63.81 40.68 -22.90
N GLY D 18 41.48 28.48 8.19
CA GLY D 18 42.35 27.48 8.90
C GLY D 18 42.83 26.38 7.96
N ALA D 19 42.83 25.13 8.42
CA ALA D 19 43.26 23.99 7.61
C ALA D 19 42.61 23.97 6.22
N GLU D 20 43.39 23.57 5.21
CA GLU D 20 42.91 23.51 3.84
C GLU D 20 42.93 22.09 3.31
N GLU D 21 41.77 21.42 3.36
CA GLU D 21 41.67 20.05 2.88
C GLU D 21 40.50 19.88 1.94
N ASP D 22 40.31 18.64 1.48
CA ASP D 22 39.25 18.29 0.55
C ASP D 22 38.87 19.34 -0.50
N VAL D 23 39.80 20.19 -0.91
CA VAL D 23 39.46 21.20 -1.92
C VAL D 23 39.19 20.53 -3.26
N ARG D 24 39.75 19.35 -3.46
CA ARG D 24 39.56 18.63 -4.72
C ARG D 24 38.67 17.41 -4.51
N ILE D 25 38.06 17.33 -3.33
CA ILE D 25 37.15 16.23 -3.00
C ILE D 25 35.72 16.76 -3.07
N LEU D 26 34.99 16.41 -4.12
CA LEU D 26 33.61 16.87 -4.30
C LEU D 26 32.65 16.32 -3.26
N GLY D 27 33.03 15.23 -2.60
CA GLY D 27 32.16 14.67 -1.58
C GLY D 27 32.27 13.17 -1.42
N TYR D 28 31.87 12.68 -0.24
CA TYR D 28 31.88 11.25 0.06
C TYR D 28 30.46 10.69 -0.01
N ASP D 29 30.34 9.40 -0.20
CA ASP D 29 29.03 8.79 -0.27
C ASP D 29 29.00 7.58 0.62
N PRO D 30 27.86 7.32 1.24
CA PRO D 30 27.71 6.17 2.12
C PRO D 30 27.97 4.88 1.33
N LEU D 31 28.68 3.97 1.97
CA LEU D 31 29.04 2.71 1.34
C LEU D 31 28.70 1.50 2.21
N ALA D 32 27.89 0.58 1.68
CA ALA D 32 27.54 -0.62 2.44
C ALA D 32 28.83 -1.35 2.79
N SER D 33 28.95 -1.82 4.02
CA SER D 33 30.17 -2.51 4.41
C SER D 33 30.25 -3.92 3.79
N PRO D 34 31.45 -4.52 3.77
CA PRO D 34 31.59 -5.85 3.21
C PRO D 34 30.64 -6.81 3.93
N ALA D 35 30.73 -6.84 5.26
CA ALA D 35 29.88 -7.70 6.08
C ALA D 35 28.40 -7.55 5.71
N LEU D 36 27.96 -6.31 5.51
CA LEU D 36 26.58 -6.05 5.14
C LEU D 36 26.27 -6.65 3.78
N LEU D 37 27.15 -6.41 2.81
CA LEU D 37 26.95 -6.91 1.45
C LEU D 37 26.94 -8.44 1.43
N GLN D 38 27.82 -9.04 2.22
CA GLN D 38 27.91 -10.49 2.30
C GLN D 38 26.68 -11.16 2.88
N VAL D 39 25.86 -10.38 3.58
CA VAL D 39 24.63 -10.90 4.13
C VAL D 39 23.53 -10.69 3.09
N GLN D 40 23.51 -9.51 2.49
CA GLN D 40 22.50 -9.19 1.48
C GLN D 40 22.56 -10.19 0.33
N ILE D 41 23.78 -10.42 -0.16
CA ILE D 41 24.00 -11.34 -1.26
C ILE D 41 24.89 -12.47 -0.74
N PRO D 42 24.28 -13.43 -0.02
CA PRO D 42 24.99 -14.57 0.57
C PRO D 42 25.53 -15.57 -0.45
N ALA D 43 26.59 -16.27 -0.06
CA ALA D 43 27.20 -17.26 -0.92
C ALA D 43 26.60 -18.64 -0.62
N THR D 44 26.10 -19.32 -1.66
CA THR D 44 25.51 -20.64 -1.46
C THR D 44 26.62 -21.62 -1.08
N PRO D 45 26.26 -22.74 -0.45
CA PRO D 45 27.28 -23.73 -0.05
C PRO D 45 28.09 -24.18 -1.26
N THR D 46 27.41 -24.25 -2.41
CA THR D 46 28.07 -24.65 -3.64
C THR D 46 29.11 -23.61 -4.03
N SER D 47 28.72 -22.34 -4.04
CA SER D 47 29.61 -21.26 -4.37
C SER D 47 30.87 -21.33 -3.52
N LEU D 48 30.71 -21.51 -2.22
CA LEU D 48 31.85 -21.59 -1.33
C LEU D 48 32.71 -22.83 -1.55
N GLU D 49 32.07 -23.91 -1.99
CA GLU D 49 32.82 -25.14 -2.25
C GLU D 49 33.59 -25.00 -3.56
N THR D 50 32.92 -24.44 -4.57
CA THR D 50 33.53 -24.22 -5.86
C THR D 50 34.79 -23.38 -5.70
N ALA D 51 34.72 -22.32 -4.90
CA ALA D 51 35.86 -21.45 -4.69
C ALA D 51 37.05 -22.16 -4.06
N LYS D 52 36.77 -23.01 -3.08
CA LYS D 52 37.83 -23.76 -2.39
C LYS D 52 38.48 -24.77 -3.33
N ARG D 53 37.67 -25.44 -4.12
CA ARG D 53 38.18 -26.43 -5.06
C ARG D 53 39.13 -25.75 -6.05
N GLY D 54 38.68 -24.65 -6.64
CA GLY D 54 39.49 -23.93 -7.60
C GLY D 54 40.86 -23.59 -7.06
N ARG D 55 40.91 -23.15 -5.81
CA ARG D 55 42.18 -22.80 -5.19
C ARG D 55 43.07 -24.02 -5.03
N ARG D 56 42.48 -25.14 -4.60
CA ARG D 56 43.25 -26.36 -4.43
C ARG D 56 43.87 -26.81 -5.74
N GLU D 57 43.04 -26.91 -6.78
CA GLU D 57 43.52 -27.33 -8.08
C GLU D 57 44.59 -26.38 -8.62
N ALA D 58 44.35 -25.08 -8.52
CA ALA D 58 45.30 -24.08 -8.99
C ALA D 58 46.62 -24.25 -8.24
N ILE D 59 46.53 -24.43 -6.93
CA ILE D 59 47.73 -24.61 -6.10
C ILE D 59 48.56 -25.84 -6.51
N ASP D 60 47.89 -26.98 -6.70
CA ASP D 60 48.58 -28.21 -7.09
C ASP D 60 49.27 -28.05 -8.44
N ILE D 61 48.60 -27.39 -9.38
CA ILE D 61 49.18 -27.19 -10.69
C ILE D 61 50.39 -26.26 -10.72
N ILE D 62 50.31 -25.11 -10.05
CA ILE D 62 51.44 -24.19 -10.08
C ILE D 62 52.60 -24.63 -9.21
N THR D 63 52.39 -25.62 -8.35
CA THR D 63 53.49 -26.08 -7.48
C THR D 63 54.12 -27.38 -7.98
N GLY D 64 53.60 -27.90 -9.09
CA GLY D 64 54.15 -29.13 -9.66
C GLY D 64 53.47 -30.43 -9.26
N LYS D 65 52.54 -30.38 -8.31
CA LYS D 65 51.85 -31.59 -7.86
C LYS D 65 50.84 -32.16 -8.86
N ASP D 66 50.45 -31.38 -9.87
CA ASP D 66 49.50 -31.87 -10.87
C ASP D 66 49.99 -31.52 -12.26
N ASP D 67 49.91 -32.47 -13.19
CA ASP D 67 50.39 -32.24 -14.54
C ASP D 67 49.40 -31.59 -15.48
N ARG D 68 48.26 -31.17 -14.95
CA ARG D 68 47.28 -30.50 -15.78
C ARG D 68 47.70 -29.02 -15.96
N VAL D 69 47.03 -28.34 -16.87
CA VAL D 69 47.33 -26.94 -17.10
C VAL D 69 46.21 -26.06 -16.56
N LEU D 70 46.60 -25.09 -15.73
CA LEU D 70 45.65 -24.14 -15.16
C LEU D 70 45.22 -23.16 -16.27
N VAL D 71 43.93 -23.05 -16.52
CA VAL D 71 43.45 -22.15 -17.56
C VAL D 71 42.50 -21.06 -17.04
N ILE D 72 42.92 -19.79 -17.15
CA ILE D 72 42.07 -18.67 -16.74
C ILE D 72 41.50 -18.13 -18.04
N VAL D 73 40.28 -18.54 -18.39
CA VAL D 73 39.65 -18.12 -19.64
C VAL D 73 38.28 -17.46 -19.44
N GLY D 74 37.96 -16.50 -20.29
CA GLY D 74 36.69 -15.81 -20.19
C GLY D 74 36.75 -14.40 -20.74
N PRO D 75 35.63 -13.65 -20.70
CA PRO D 75 35.56 -12.27 -21.21
C PRO D 75 36.65 -11.36 -20.67
N CYS D 76 36.93 -10.30 -21.41
CA CYS D 76 37.95 -9.35 -20.97
C CYS D 76 37.41 -8.67 -19.72
N SER D 77 36.11 -8.38 -19.75
CA SER D 77 35.42 -7.76 -18.62
C SER D 77 33.93 -8.09 -18.75
N ILE D 78 33.25 -8.20 -17.61
CA ILE D 78 31.83 -8.51 -17.61
C ILE D 78 30.98 -7.26 -17.44
N HIS D 79 30.05 -7.05 -18.36
CA HIS D 79 29.18 -5.88 -18.27
C HIS D 79 27.74 -6.35 -18.40
N ASP D 80 27.56 -7.65 -18.58
CA ASP D 80 26.26 -8.27 -18.74
C ASP D 80 26.22 -9.59 -17.98
N LEU D 81 25.47 -9.63 -16.87
CA LEU D 81 25.37 -10.83 -16.06
C LEU D 81 24.64 -11.99 -16.75
N GLU D 82 23.70 -11.67 -17.63
CA GLU D 82 22.97 -12.72 -18.34
C GLU D 82 23.92 -13.39 -19.32
N ALA D 83 24.57 -12.60 -20.18
CA ALA D 83 25.52 -13.11 -21.16
C ALA D 83 26.67 -13.86 -20.48
N ALA D 84 27.09 -13.38 -19.32
CA ALA D 84 28.18 -14.01 -18.58
C ALA D 84 27.71 -15.36 -18.07
N GLN D 85 26.42 -15.46 -17.79
CA GLN D 85 25.89 -16.71 -17.27
C GLN D 85 25.77 -17.76 -18.37
N GLU D 86 25.40 -17.33 -19.58
CA GLU D 86 25.27 -18.26 -20.69
C GLU D 86 26.65 -18.82 -20.97
N TYR D 87 27.63 -17.92 -21.02
CA TYR D 87 29.01 -18.31 -21.27
C TYR D 87 29.48 -19.27 -20.20
N ALA D 88 29.17 -18.98 -18.95
CA ALA D 88 29.58 -19.85 -17.86
C ALA D 88 29.06 -21.26 -18.06
N LEU D 89 27.80 -21.39 -18.45
CA LEU D 89 27.22 -22.71 -18.69
C LEU D 89 28.01 -23.46 -19.76
N ARG D 90 28.29 -22.79 -20.87
CA ARG D 90 29.04 -23.42 -21.95
C ARG D 90 30.42 -23.86 -21.45
N LEU D 91 31.14 -22.94 -20.81
CA LEU D 91 32.48 -23.22 -20.29
C LEU D 91 32.46 -24.32 -19.25
N LYS D 92 31.37 -24.40 -18.51
CA LYS D 92 31.25 -25.40 -17.46
C LYS D 92 31.13 -26.79 -18.07
N LYS D 93 30.39 -26.92 -19.15
CA LYS D 93 30.21 -28.22 -19.81
C LYS D 93 31.58 -28.75 -20.29
N LEU D 94 32.21 -27.95 -21.14
CA LEU D 94 33.52 -28.23 -21.68
C LEU D 94 34.49 -28.56 -20.55
N SER D 95 34.44 -27.78 -19.49
CA SER D 95 35.31 -27.98 -18.33
C SER D 95 35.14 -29.39 -17.77
N ASP D 96 33.95 -29.97 -17.91
CA ASP D 96 33.74 -31.31 -17.39
C ASP D 96 34.43 -32.30 -18.33
N GLU D 97 34.28 -32.03 -19.61
CA GLU D 97 34.88 -32.86 -20.62
C GLU D 97 36.40 -32.90 -20.47
N LEU D 98 37.02 -31.73 -20.28
CA LEU D 98 38.47 -31.66 -20.19
C LEU D 98 39.08 -31.63 -18.81
N LYS D 99 38.33 -31.96 -17.77
CA LYS D 99 38.91 -31.88 -16.43
C LYS D 99 40.01 -32.89 -16.15
N GLY D 100 40.32 -33.72 -17.14
CA GLY D 100 41.35 -34.72 -16.99
C GLY D 100 42.71 -34.12 -17.33
N ASP D 101 42.68 -33.08 -18.16
CA ASP D 101 43.90 -32.39 -18.59
C ASP D 101 43.90 -30.90 -18.22
N LEU D 102 42.73 -30.28 -18.33
CA LEU D 102 42.57 -28.87 -18.02
C LEU D 102 41.79 -28.55 -16.73
N SER D 103 42.40 -27.71 -15.88
CA SER D 103 41.76 -27.23 -14.63
C SER D 103 41.32 -25.81 -14.96
N ILE D 104 40.06 -25.64 -15.32
CA ILE D 104 39.56 -24.33 -15.74
C ILE D 104 39.01 -23.43 -14.66
N ILE D 105 39.14 -22.13 -14.92
CA ILE D 105 38.68 -21.06 -14.04
C ILE D 105 38.22 -19.96 -14.98
N MET D 106 37.00 -19.47 -14.77
CA MET D 106 36.47 -18.42 -15.63
C MET D 106 36.99 -17.04 -15.26
N ARG D 107 37.12 -16.19 -16.27
CA ARG D 107 37.56 -14.81 -16.09
C ARG D 107 36.34 -13.97 -15.74
N ALA D 108 36.30 -13.48 -14.50
CA ALA D 108 35.21 -12.61 -14.04
C ALA D 108 35.86 -11.27 -13.70
N TYR D 109 36.25 -10.52 -14.73
CA TYR D 109 36.90 -9.25 -14.50
C TYR D 109 35.88 -8.13 -14.55
N LEU D 110 36.00 -7.22 -13.59
CA LEU D 110 35.08 -6.09 -13.49
C LEU D 110 35.49 -4.89 -14.35
N GLU D 111 36.79 -4.58 -14.37
CA GLU D 111 37.28 -3.46 -15.14
C GLU D 111 38.36 -3.82 -16.15
N LYS D 112 38.67 -2.87 -17.01
CA LYS D 112 39.71 -3.01 -18.04
C LYS D 112 40.66 -1.85 -17.81
N PRO D 113 41.98 -2.09 -17.85
CA PRO D 113 42.94 -1.00 -17.64
C PRO D 113 42.63 0.22 -18.53
N ARG D 114 42.15 1.31 -17.93
CA ARG D 114 41.81 2.50 -18.71
C ARG D 114 43.02 3.39 -18.97
N GLY D 118 36.72 4.60 -22.30
CA GLY D 118 35.46 3.91 -22.38
C GLY D 118 34.88 3.45 -21.05
N TRP D 119 33.92 2.52 -21.10
CA TRP D 119 33.24 1.96 -19.93
C TRP D 119 34.16 1.75 -18.74
N LYS D 120 33.86 2.45 -17.64
CA LYS D 120 34.71 2.37 -16.47
C LYS D 120 34.62 1.10 -15.63
N GLY D 121 33.92 0.08 -16.11
CA GLY D 121 33.85 -1.17 -15.34
C GLY D 121 32.52 -1.39 -14.65
N LEU D 122 32.28 -2.63 -14.21
CA LEU D 122 31.01 -2.98 -13.54
C LEU D 122 30.85 -2.37 -12.17
N ILE D 123 31.93 -2.34 -11.40
CA ILE D 123 31.88 -1.77 -10.06
C ILE D 123 31.51 -0.28 -10.11
N ASN D 124 32.14 0.48 -11.01
CA ASN D 124 31.85 1.92 -11.12
C ASN D 124 30.63 2.31 -11.93
N ASP D 125 30.38 1.64 -13.06
CA ASP D 125 29.25 1.98 -13.89
C ASP D 125 28.41 0.77 -14.32
N PRO D 126 27.89 0.02 -13.35
CA PRO D 126 27.08 -1.18 -13.61
C PRO D 126 25.93 -1.02 -14.60
N ASP D 127 25.52 0.22 -14.87
CA ASP D 127 24.41 0.44 -15.81
C ASP D 127 24.83 0.64 -17.26
N VAL D 128 26.15 0.71 -17.48
CA VAL D 128 26.66 0.89 -18.83
C VAL D 128 25.91 2.10 -19.41
N ASN D 129 25.82 3.17 -18.63
CA ASN D 129 25.15 4.39 -19.05
C ASN D 129 25.92 5.64 -18.62
N ASN D 130 27.22 5.44 -18.38
CA ASN D 130 28.16 6.49 -17.99
C ASN D 130 27.88 7.26 -16.70
N THR D 131 27.22 6.62 -15.76
CA THR D 131 26.96 7.26 -14.47
C THR D 131 27.83 6.49 -13.49
N PHE D 132 27.96 6.98 -12.27
CA PHE D 132 28.75 6.25 -11.30
C PHE D 132 27.79 5.77 -10.24
N ASN D 133 28.07 4.61 -9.65
CA ASN D 133 27.20 4.05 -8.63
C ASN D 133 27.84 2.80 -8.03
N ILE D 134 28.91 2.99 -7.28
CA ILE D 134 29.60 1.87 -6.65
C ILE D 134 28.72 0.90 -5.85
N ASN D 135 27.80 1.40 -5.01
CA ASN D 135 26.95 0.50 -4.19
C ASN D 135 26.24 -0.55 -5.04
N LYS D 136 25.63 -0.11 -6.14
CA LYS D 136 24.95 -1.04 -7.03
C LYS D 136 26.00 -1.87 -7.76
N GLY D 137 27.13 -1.25 -8.04
CA GLY D 137 28.20 -1.93 -8.72
C GLY D 137 28.73 -3.10 -7.91
N LEU D 138 28.94 -2.88 -6.63
CA LEU D 138 29.41 -3.92 -5.76
C LEU D 138 28.36 -5.01 -5.64
N GLN D 139 27.09 -4.64 -5.73
CA GLN D 139 26.02 -5.63 -5.64
C GLN D 139 26.08 -6.52 -6.87
N SER D 140 26.16 -5.89 -8.04
CA SER D 140 26.24 -6.64 -9.30
C SER D 140 27.47 -7.52 -9.24
N ALA D 141 28.61 -6.92 -8.92
CA ALA D 141 29.84 -7.67 -8.83
C ALA D 141 29.64 -8.93 -7.99
N ARG D 142 29.21 -8.78 -6.74
CA ARG D 142 29.03 -9.94 -5.88
C ARG D 142 27.95 -10.91 -6.36
N GLN D 143 26.85 -10.40 -6.90
CA GLN D 143 25.79 -11.27 -7.39
C GLN D 143 26.39 -12.14 -8.50
N LEU D 144 27.12 -11.47 -9.40
CA LEU D 144 27.77 -12.13 -10.52
C LEU D 144 28.65 -13.27 -10.02
N PHE D 145 29.58 -12.95 -9.14
CA PHE D 145 30.46 -13.96 -8.60
C PHE D 145 29.66 -15.11 -7.98
N VAL D 146 28.55 -14.80 -7.34
CA VAL D 146 27.77 -15.86 -6.73
C VAL D 146 27.11 -16.69 -7.82
N ASN D 147 26.53 -16.04 -8.81
CA ASN D 147 25.87 -16.75 -9.90
C ASN D 147 26.80 -17.74 -10.57
N LEU D 148 28.02 -17.29 -10.88
CA LEU D 148 29.00 -18.13 -11.55
C LEU D 148 29.46 -19.30 -10.68
N THR D 149 30.09 -19.01 -9.55
CA THR D 149 30.59 -20.05 -8.66
C THR D 149 29.47 -21.00 -8.23
N ASN D 150 28.23 -20.51 -8.30
CA ASN D 150 27.09 -21.31 -7.89
C ASN D 150 26.83 -22.50 -8.81
N ILE D 151 27.20 -22.39 -10.09
CA ILE D 151 27.00 -23.51 -11.00
C ILE D 151 28.23 -24.44 -11.00
N GLY D 152 29.14 -24.22 -10.07
CA GLY D 152 30.34 -25.06 -9.96
C GLY D 152 31.55 -24.63 -10.75
N LEU D 153 31.54 -23.42 -11.28
CA LEU D 153 32.64 -22.90 -12.08
C LEU D 153 33.48 -21.88 -11.30
N PRO D 154 34.73 -22.23 -10.96
CA PRO D 154 35.57 -21.28 -10.22
C PRO D 154 35.79 -20.01 -11.01
N ILE D 155 36.16 -18.92 -10.35
CA ILE D 155 36.38 -17.65 -11.03
C ILE D 155 37.67 -16.96 -10.60
N GLY D 156 38.16 -16.09 -11.45
CA GLY D 156 39.37 -15.34 -11.16
C GLY D 156 39.13 -13.90 -11.55
N SER D 157 39.80 -12.97 -10.89
CA SER D 157 39.57 -11.57 -11.18
C SER D 157 40.82 -10.76 -10.87
N GLU D 158 40.86 -9.51 -11.34
CA GLU D 158 42.02 -8.68 -11.07
C GLU D 158 41.84 -8.01 -9.73
N MET D 159 42.90 -8.00 -8.92
CA MET D 159 42.83 -7.37 -7.62
C MET D 159 43.13 -5.87 -7.78
N LEU D 160 42.07 -5.12 -8.07
CA LEU D 160 42.08 -3.68 -8.30
C LEU D 160 42.67 -2.85 -7.17
N ASP D 161 42.17 -3.04 -5.94
CA ASP D 161 42.62 -2.26 -4.78
C ASP D 161 42.62 -3.02 -3.47
N THR D 162 42.88 -2.31 -2.37
CA THR D 162 42.90 -2.96 -1.06
C THR D 162 41.54 -2.97 -0.34
N ILE D 163 40.48 -2.57 -1.03
CA ILE D 163 39.15 -2.55 -0.42
C ILE D 163 38.15 -3.49 -1.10
N SER D 164 38.08 -3.45 -2.44
CA SER D 164 37.17 -4.32 -3.22
C SER D 164 37.24 -5.77 -2.74
N PRO D 165 38.46 -6.36 -2.64
CA PRO D 165 38.66 -7.74 -2.19
C PRO D 165 37.81 -8.16 -0.99
N GLN D 166 37.61 -7.27 -0.02
CA GLN D 166 36.82 -7.58 1.16
C GLN D 166 35.38 -7.90 0.79
N TYR D 167 34.93 -7.37 -0.34
CA TYR D 167 33.57 -7.62 -0.82
C TYR D 167 33.47 -8.85 -1.71
N LEU D 168 34.57 -9.55 -1.97
CA LEU D 168 34.52 -10.69 -2.90
C LEU D 168 35.54 -11.82 -2.75
N ALA D 169 36.55 -11.66 -1.89
CA ALA D 169 37.57 -12.69 -1.72
C ALA D 169 37.03 -14.11 -1.46
N ASP D 170 35.97 -14.22 -0.65
CA ASP D 170 35.38 -15.51 -0.29
C ASP D 170 34.93 -16.36 -1.47
N LEU D 171 34.72 -15.72 -2.63
CA LEU D 171 34.25 -16.40 -3.83
C LEU D 171 35.28 -16.55 -4.94
N VAL D 172 36.51 -16.11 -4.70
CA VAL D 172 37.53 -16.16 -5.75
C VAL D 172 38.55 -17.25 -5.57
N SER D 173 38.91 -17.92 -6.66
CA SER D 173 39.90 -19.00 -6.59
C SER D 173 41.24 -18.54 -7.12
N PHE D 174 41.22 -17.52 -7.98
CA PHE D 174 42.44 -16.96 -8.56
C PHE D 174 42.48 -15.42 -8.65
N GLY D 175 43.63 -14.85 -8.28
CA GLY D 175 43.80 -13.40 -8.34
C GLY D 175 44.91 -12.93 -9.28
N ALA D 176 44.64 -11.86 -10.03
CA ALA D 176 45.63 -11.37 -10.97
C ALA D 176 46.04 -9.89 -10.81
N ILE D 177 47.30 -9.64 -10.48
CA ILE D 177 47.77 -8.26 -10.42
C ILE D 177 48.21 -7.84 -11.83
N GLY D 178 47.63 -6.78 -12.37
CA GLY D 178 47.96 -6.30 -13.71
C GLY D 178 49.37 -5.75 -13.91
N ALA D 179 49.72 -5.56 -15.18
CA ALA D 179 51.05 -5.04 -15.55
C ALA D 179 51.34 -3.68 -14.94
N ARG D 180 50.33 -2.82 -14.94
CA ARG D 180 50.48 -1.47 -14.42
C ARG D 180 50.58 -1.40 -12.89
N THR D 181 50.37 -2.51 -12.20
CA THR D 181 50.46 -2.50 -10.73
C THR D 181 51.43 -3.47 -10.08
N THR D 182 52.01 -4.36 -10.87
CA THR D 182 52.98 -5.35 -10.38
C THR D 182 54.11 -4.73 -9.56
N GLU D 183 54.48 -3.48 -9.87
CA GLU D 183 55.55 -2.80 -9.14
C GLU D 183 55.06 -2.11 -7.88
N SER D 184 53.74 -1.92 -7.79
CA SER D 184 53.11 -1.25 -6.66
C SER D 184 53.28 -1.98 -5.34
N GLN D 185 53.99 -1.34 -4.41
CA GLN D 185 54.22 -1.90 -3.09
C GLN D 185 52.86 -2.28 -2.48
N LEU D 186 51.89 -1.39 -2.68
CA LEU D 186 50.55 -1.56 -2.16
C LEU D 186 49.93 -2.87 -2.61
N HIS D 187 50.10 -3.20 -3.90
CA HIS D 187 49.52 -4.44 -4.42
C HIS D 187 50.32 -5.67 -4.06
N ARG D 188 51.58 -5.50 -3.67
CA ARG D 188 52.38 -6.65 -3.29
C ARG D 188 51.97 -7.03 -1.89
N GLU D 189 51.73 -6.02 -1.06
CA GLU D 189 51.30 -6.26 0.32
C GLU D 189 49.91 -6.91 0.30
N LEU D 190 49.05 -6.42 -0.58
CA LEU D 190 47.70 -6.96 -0.69
C LEU D 190 47.74 -8.44 -1.07
N ALA D 191 48.61 -8.80 -2.01
CA ALA D 191 48.71 -10.18 -2.47
C ALA D 191 49.20 -11.09 -1.36
N SER D 192 50.06 -10.56 -0.50
CA SER D 192 50.61 -11.33 0.61
C SER D 192 49.57 -11.71 1.64
N GLY D 193 48.34 -11.23 1.47
CA GLY D 193 47.29 -11.53 2.43
C GLY D 193 46.02 -12.10 1.80
N LEU D 194 46.08 -12.45 0.52
CA LEU D 194 44.92 -13.02 -0.14
C LEU D 194 44.87 -14.52 0.11
N SER D 195 43.66 -15.07 0.19
CA SER D 195 43.49 -16.50 0.44
C SER D 195 43.53 -17.38 -0.80
N PHE D 196 44.26 -16.97 -1.83
CA PHE D 196 44.34 -17.74 -3.06
C PHE D 196 45.57 -17.36 -3.88
N PRO D 197 45.88 -18.14 -4.92
CA PRO D 197 47.04 -17.85 -5.76
C PRO D 197 46.94 -16.54 -6.50
N VAL D 198 48.05 -15.82 -6.60
CA VAL D 198 48.08 -14.54 -7.28
C VAL D 198 49.10 -14.53 -8.43
N GLY D 199 48.67 -14.09 -9.59
CA GLY D 199 49.58 -14.02 -10.73
C GLY D 199 50.00 -12.58 -11.00
N PHE D 200 51.31 -12.35 -11.04
CA PHE D 200 51.86 -11.04 -11.31
C PHE D 200 52.33 -10.94 -12.76
N LYS D 201 51.72 -10.07 -13.55
CA LYS D 201 52.09 -9.90 -14.94
C LYS D 201 53.41 -9.14 -15.04
N ASN D 202 54.19 -9.39 -16.10
CA ASN D 202 55.47 -8.69 -16.25
C ASN D 202 55.21 -7.23 -16.60
N GLY D 203 56.25 -6.40 -16.48
CA GLY D 203 56.11 -4.99 -16.77
C GLY D 203 55.59 -4.68 -18.17
N THR D 204 55.02 -3.49 -18.34
CA THR D 204 54.51 -3.11 -19.65
C THR D 204 55.67 -2.90 -20.62
N ASP D 205 56.89 -2.86 -20.10
CA ASP D 205 58.06 -2.71 -20.94
C ASP D 205 58.65 -4.06 -21.35
N GLY D 206 57.90 -5.13 -21.07
CA GLY D 206 58.33 -6.47 -21.44
C GLY D 206 59.27 -7.23 -20.52
N THR D 207 59.72 -6.63 -19.43
CA THR D 207 60.64 -7.31 -18.51
C THR D 207 59.93 -8.11 -17.41
N LEU D 208 60.63 -9.09 -16.85
CA LEU D 208 60.07 -9.95 -15.80
C LEU D 208 60.60 -9.66 -14.41
N ASN D 209 61.70 -8.93 -14.34
CA ASN D 209 62.29 -8.61 -13.05
C ASN D 209 61.25 -8.12 -12.04
N VAL D 210 60.42 -7.17 -12.45
CA VAL D 210 59.40 -6.64 -11.56
C VAL D 210 58.40 -7.68 -11.08
N ALA D 211 58.01 -8.63 -11.93
CA ALA D 211 57.06 -9.65 -11.53
C ALA D 211 57.74 -10.66 -10.61
N VAL D 212 59.03 -10.91 -10.82
CA VAL D 212 59.76 -11.84 -9.98
C VAL D 212 59.91 -11.22 -8.59
N ASP D 213 60.22 -9.91 -8.54
CA ASP D 213 60.36 -9.23 -7.26
C ASP D 213 59.01 -9.20 -6.54
N ALA D 214 57.93 -9.03 -7.30
CA ALA D 214 56.58 -9.00 -6.71
C ALA D 214 56.32 -10.33 -5.96
N CYS D 215 56.63 -11.45 -6.61
CA CYS D 215 56.42 -12.74 -6.00
C CYS D 215 57.24 -12.88 -4.74
N GLN D 216 58.48 -12.43 -4.78
CA GLN D 216 59.35 -12.53 -3.62
C GLN D 216 58.75 -11.73 -2.48
N ALA D 217 58.34 -10.51 -2.77
CA ALA D 217 57.76 -9.62 -1.77
C ALA D 217 56.44 -10.15 -1.19
N ALA D 218 55.54 -10.60 -2.07
CA ALA D 218 54.26 -11.12 -1.63
C ALA D 218 54.38 -12.37 -0.75
N ALA D 219 55.57 -12.97 -0.72
CA ALA D 219 55.78 -14.16 0.08
C ALA D 219 56.03 -13.80 1.53
N HIS D 220 56.42 -12.56 1.79
CA HIS D 220 56.69 -12.12 3.15
C HIS D 220 55.44 -11.58 3.84
N SER D 221 55.58 -11.33 5.14
CA SER D 221 54.50 -10.80 5.95
C SER D 221 54.55 -9.27 5.85
N HIS D 222 53.39 -8.64 5.67
CA HIS D 222 53.34 -7.19 5.57
C HIS D 222 52.34 -6.58 6.52
N HIS D 223 52.55 -5.31 6.83
CA HIS D 223 51.66 -4.55 7.73
C HIS D 223 51.11 -3.35 7.00
N PHE D 224 49.89 -3.43 6.51
CA PHE D 224 49.31 -2.28 5.83
C PHE D 224 47.96 -1.83 6.39
N MET D 225 47.37 -0.83 5.75
CA MET D 225 46.07 -0.32 6.19
C MET D 225 45.00 -0.65 5.17
N SER D 226 43.94 -1.32 5.63
CA SER D 226 42.82 -1.68 4.77
C SER D 226 41.57 -1.47 5.62
N VAL D 227 40.42 -1.93 5.15
CA VAL D 227 39.23 -1.78 5.96
C VAL D 227 38.77 -3.18 6.38
N THR D 228 38.14 -3.26 7.55
CA THR D 228 37.65 -4.54 8.05
C THR D 228 36.36 -4.90 7.37
N LYS D 229 35.81 -6.05 7.75
CA LYS D 229 34.55 -6.52 7.19
C LYS D 229 33.45 -5.52 7.52
N HIS D 230 33.68 -4.73 8.57
CA HIS D 230 32.70 -3.75 8.99
C HIS D 230 32.87 -2.34 8.45
N GLY D 231 33.73 -2.18 7.44
CA GLY D 231 33.93 -0.87 6.83
C GLY D 231 34.79 0.12 7.59
N VAL D 232 35.54 -0.36 8.57
CA VAL D 232 36.40 0.51 9.37
C VAL D 232 37.86 0.31 9.02
N ALA D 233 38.64 1.39 9.11
CA ALA D 233 40.06 1.33 8.79
C ALA D 233 40.82 0.62 9.91
N ALA D 234 41.73 -0.28 9.55
CA ALA D 234 42.52 -0.98 10.54
C ALA D 234 43.90 -1.38 10.02
N ILE D 235 44.78 -1.72 10.95
CA ILE D 235 46.12 -2.14 10.61
C ILE D 235 46.10 -3.64 10.33
N THR D 236 46.26 -4.01 9.05
CA THR D 236 46.26 -5.41 8.66
C THR D 236 47.67 -6.04 8.76
N THR D 237 47.71 -7.32 9.09
CA THR D 237 48.97 -8.05 9.18
C THR D 237 48.83 -9.33 8.37
N THR D 238 49.64 -9.45 7.32
CA THR D 238 49.55 -10.64 6.46
C THR D 238 50.49 -11.76 6.85
N LYS D 239 50.16 -12.97 6.38
CA LYS D 239 50.93 -14.16 6.66
C LYS D 239 52.00 -14.39 5.60
N GLY D 240 51.76 -13.89 4.39
CA GLY D 240 52.70 -14.09 3.30
C GLY D 240 52.03 -15.08 2.37
N ASN D 241 52.19 -14.89 1.06
CA ASN D 241 51.55 -15.79 0.10
C ASN D 241 52.62 -16.54 -0.69
N GLU D 242 52.64 -17.86 -0.57
CA GLU D 242 53.63 -18.64 -1.32
C GLU D 242 53.10 -19.15 -2.66
N HIS D 243 51.88 -18.75 -3.01
CA HIS D 243 51.28 -19.19 -4.25
C HIS D 243 51.18 -18.08 -5.29
N CYS D 244 52.29 -17.36 -5.43
CA CYS D 244 52.39 -16.27 -6.39
C CYS D 244 53.30 -16.70 -7.53
N PHE D 245 52.82 -16.53 -8.76
CA PHE D 245 53.58 -16.87 -9.93
C PHE D 245 53.67 -15.72 -10.93
N VAL D 246 54.48 -15.91 -11.95
CA VAL D 246 54.67 -14.90 -12.98
C VAL D 246 53.82 -15.18 -14.20
N ILE D 247 53.28 -14.12 -14.81
CA ILE D 247 52.47 -14.25 -16.01
C ILE D 247 53.18 -13.52 -17.13
N LEU D 248 53.39 -14.19 -18.26
CA LEU D 248 54.06 -13.59 -19.41
C LEU D 248 52.97 -13.05 -20.31
N ARG D 249 53.02 -11.75 -20.55
CA ARG D 249 52.00 -11.12 -21.38
C ARG D 249 52.52 -10.12 -22.41
N GLY D 250 53.79 -10.25 -22.78
CA GLY D 250 54.34 -9.37 -23.78
C GLY D 250 54.75 -8.03 -23.22
N GLY D 251 54.96 -7.05 -24.10
CA GLY D 251 55.38 -5.75 -23.63
C GLY D 251 56.09 -4.95 -24.70
N LYS D 252 56.81 -3.92 -24.32
CA LYS D 252 57.50 -3.16 -25.34
C LYS D 252 58.66 -3.97 -25.91
N LYS D 253 59.29 -4.80 -25.08
CA LYS D 253 60.40 -5.62 -25.55
C LYS D 253 59.85 -6.71 -26.49
N GLY D 254 58.58 -6.59 -26.88
CA GLY D 254 57.96 -7.55 -27.78
C GLY D 254 57.22 -8.70 -27.11
N THR D 255 56.54 -9.53 -27.91
CA THR D 255 55.80 -10.69 -27.40
C THR D 255 56.74 -11.69 -26.70
N ASN D 256 56.26 -12.39 -25.69
CA ASN D 256 57.13 -13.33 -24.99
C ASN D 256 56.55 -14.72 -24.69
N TYR D 257 55.79 -15.27 -25.63
CA TYR D 257 55.20 -16.59 -25.46
C TYR D 257 56.04 -17.73 -26.05
N ASP D 258 56.90 -17.41 -27.02
CA ASP D 258 57.76 -18.39 -27.70
C ASP D 258 58.79 -19.07 -26.78
N ALA D 259 59.37 -20.18 -27.26
CA ALA D 259 60.35 -20.95 -26.50
C ALA D 259 61.57 -20.18 -26.01
N LYS D 260 62.08 -19.28 -26.84
CA LYS D 260 63.25 -18.51 -26.43
C LYS D 260 62.88 -17.64 -25.22
N SER D 261 61.75 -16.94 -25.33
CA SER D 261 61.26 -16.06 -24.26
C SER D 261 61.00 -16.85 -22.97
N VAL D 262 60.45 -18.05 -23.10
CA VAL D 262 60.18 -18.88 -21.93
C VAL D 262 61.44 -19.37 -21.21
N ALA D 263 62.55 -19.53 -21.94
CA ALA D 263 63.81 -19.99 -21.32
C ALA D 263 64.37 -18.85 -20.50
N GLU D 264 64.36 -17.66 -21.10
CA GLU D 264 64.84 -16.45 -20.43
C GLU D 264 64.03 -16.29 -19.13
N ALA D 265 62.71 -16.48 -19.23
CA ALA D 265 61.85 -16.40 -18.06
C ALA D 265 62.27 -17.45 -17.05
N LYS D 266 62.29 -18.71 -17.52
CA LYS D 266 62.69 -19.85 -16.70
C LYS D 266 64.00 -19.60 -15.96
N ALA D 267 64.91 -18.89 -16.62
CA ALA D 267 66.24 -18.57 -16.08
C ALA D 267 66.25 -17.51 -14.97
N GLN D 268 65.39 -16.51 -15.09
CA GLN D 268 65.31 -15.46 -14.06
C GLN D 268 64.60 -15.92 -12.80
N LEU D 269 63.74 -16.94 -12.91
CA LEU D 269 63.01 -17.44 -11.74
C LEU D 269 63.93 -18.11 -10.71
N PRO D 270 63.74 -17.78 -9.42
CA PRO D 270 64.56 -18.34 -8.32
C PRO D 270 64.26 -19.81 -8.04
N ALA D 271 65.09 -20.43 -7.20
CA ALA D 271 64.87 -21.83 -6.86
C ALA D 271 63.58 -21.99 -6.03
N GLY D 272 62.70 -22.87 -6.46
CA GLY D 272 61.46 -23.06 -5.72
C GLY D 272 60.30 -22.21 -6.23
N SER D 273 60.53 -21.50 -7.33
CA SER D 273 59.49 -20.65 -7.92
C SER D 273 58.37 -21.55 -8.42
N ASN D 274 57.16 -21.02 -8.48
CA ASN D 274 56.01 -21.79 -8.96
C ASN D 274 56.04 -21.74 -10.49
N GLY D 275 55.04 -22.32 -11.14
CA GLY D 275 55.00 -22.30 -12.59
C GLY D 275 54.82 -20.94 -13.26
N LEU D 276 54.91 -20.93 -14.58
CA LEU D 276 54.74 -19.73 -15.36
C LEU D 276 53.39 -19.80 -16.02
N MET D 277 52.79 -18.64 -16.22
CA MET D 277 51.50 -18.56 -16.88
C MET D 277 51.78 -17.70 -18.09
N ILE D 278 51.06 -17.96 -19.18
CA ILE D 278 51.25 -17.21 -20.40
C ILE D 278 49.92 -16.67 -20.86
N ASP D 279 49.86 -15.34 -20.98
CA ASP D 279 48.65 -14.66 -21.42
C ASP D 279 48.66 -14.58 -22.96
N TYR D 280 47.69 -15.22 -23.59
CA TYR D 280 47.59 -15.23 -25.04
C TYR D 280 47.16 -13.91 -25.63
N SER D 281 46.53 -13.06 -24.83
CA SER D 281 46.07 -11.77 -25.36
C SER D 281 46.94 -10.61 -24.91
N HIS D 282 46.41 -9.41 -25.08
CA HIS D 282 47.10 -8.19 -24.69
C HIS D 282 48.41 -8.00 -25.45
N GLY D 283 49.52 -8.00 -24.72
CA GLY D 283 50.82 -7.81 -25.35
C GLY D 283 51.19 -8.88 -26.39
N ASN D 284 50.86 -10.13 -26.09
CA ASN D 284 51.17 -11.24 -26.98
C ASN D 284 50.30 -11.43 -28.23
N SER D 285 49.10 -10.85 -28.25
CA SER D 285 48.28 -11.02 -29.45
C SER D 285 48.58 -9.85 -30.40
N ASN D 286 49.46 -8.98 -29.94
CA ASN D 286 49.89 -7.82 -30.72
C ASN D 286 48.73 -7.05 -31.36
N LYS D 287 47.90 -6.43 -30.52
CA LYS D 287 46.78 -5.63 -31.01
C LYS D 287 45.77 -6.36 -31.90
N ASP D 288 45.73 -7.69 -31.84
CA ASP D 288 44.78 -8.46 -32.66
C ASP D 288 44.35 -9.73 -31.93
N PHE D 289 43.04 -9.94 -31.78
CA PHE D 289 42.55 -11.11 -31.08
C PHE D 289 42.66 -12.39 -31.89
N ARG D 290 42.78 -12.24 -33.21
CA ARG D 290 42.90 -13.37 -34.10
C ARG D 290 44.21 -14.12 -33.88
N ASN D 291 45.16 -13.46 -33.22
CA ASN D 291 46.45 -14.09 -32.96
C ASN D 291 46.51 -14.85 -31.65
N GLN D 292 45.38 -15.18 -31.06
CA GLN D 292 45.42 -15.94 -29.82
C GLN D 292 45.53 -17.43 -30.12
N PRO D 293 44.80 -17.90 -31.16
CA PRO D 293 44.92 -19.33 -31.48
C PRO D 293 46.34 -19.61 -31.99
N LYS D 294 46.94 -18.60 -32.62
CA LYS D 294 48.29 -18.71 -33.13
C LYS D 294 49.29 -18.78 -31.96
N VAL D 295 49.00 -18.06 -30.88
CA VAL D 295 49.86 -18.07 -29.70
C VAL D 295 49.67 -19.42 -29.04
N ASN D 296 48.45 -19.94 -29.11
CA ASN D 296 48.12 -21.24 -28.52
C ASN D 296 48.95 -22.34 -29.21
N ASP D 297 48.96 -22.30 -30.55
CA ASP D 297 49.75 -23.26 -31.31
C ASP D 297 51.18 -23.23 -30.79
N VAL D 298 51.84 -22.07 -30.87
CA VAL D 298 53.22 -21.95 -30.41
C VAL D 298 53.44 -22.42 -28.98
N VAL D 299 52.43 -22.24 -28.14
CA VAL D 299 52.53 -22.64 -26.73
C VAL D 299 52.28 -24.15 -26.58
N CYS D 300 51.29 -24.68 -27.28
CA CYS D 300 51.02 -26.10 -27.18
C CYS D 300 52.24 -26.91 -27.61
N GLU D 301 52.95 -26.42 -28.63
CA GLU D 301 54.13 -27.13 -29.08
C GLU D 301 55.14 -27.27 -27.97
N GLN D 302 55.37 -26.22 -27.19
CA GLN D 302 56.33 -26.30 -26.11
C GLN D 302 55.85 -27.22 -25.03
N ILE D 303 54.54 -27.30 -24.86
CA ILE D 303 53.99 -28.16 -23.83
C ILE D 303 54.15 -29.62 -24.24
N ALA D 304 53.71 -29.92 -25.46
CA ALA D 304 53.80 -31.25 -26.01
C ALA D 304 55.25 -31.70 -25.94
N ASN D 305 56.16 -30.87 -26.44
CA ASN D 305 57.57 -31.22 -26.43
C ASN D 305 58.16 -31.40 -25.04
N GLY D 306 57.30 -31.51 -24.02
CA GLY D 306 57.78 -31.72 -22.68
C GLY D 306 58.11 -30.55 -21.76
N GLU D 307 57.67 -29.34 -22.11
CA GLU D 307 57.91 -28.15 -21.28
C GLU D 307 57.05 -28.16 -20.02
N ASN D 308 57.69 -28.29 -18.87
CA ASN D 308 56.97 -28.35 -17.60
C ASN D 308 56.81 -27.03 -16.84
N ALA D 309 57.61 -26.02 -17.18
CA ALA D 309 57.51 -24.74 -16.49
C ALA D 309 56.29 -23.92 -16.92
N ILE D 310 55.59 -24.36 -17.95
CA ILE D 310 54.40 -23.66 -18.41
C ILE D 310 53.19 -24.38 -17.78
N THR D 311 52.77 -23.88 -16.62
CA THR D 311 51.66 -24.48 -15.88
C THR D 311 50.30 -23.83 -16.10
N GLY D 312 50.29 -22.65 -16.71
CA GLY D 312 49.02 -21.98 -16.95
C GLY D 312 49.02 -20.98 -18.09
N VAL D 313 47.88 -20.83 -18.72
CA VAL D 313 47.73 -19.90 -19.82
C VAL D 313 46.50 -19.07 -19.48
N MET D 314 46.26 -18.01 -20.24
CA MET D 314 45.15 -17.10 -20.02
C MET D 314 44.60 -16.71 -21.39
N ILE D 315 43.30 -16.88 -21.57
CA ILE D 315 42.67 -16.58 -22.83
C ILE D 315 41.51 -15.61 -22.62
N GLU D 316 41.27 -14.74 -23.59
CA GLU D 316 40.16 -13.82 -23.50
C GLU D 316 39.16 -14.27 -24.53
N SER D 317 38.21 -15.07 -24.05
CA SER D 317 37.15 -15.65 -24.85
C SER D 317 35.80 -15.00 -24.55
N ASN D 318 34.82 -15.24 -25.40
CA ASN D 318 33.48 -14.68 -25.21
C ASN D 318 32.53 -15.50 -26.08
N ILE D 319 31.23 -15.23 -25.97
CA ILE D 319 30.25 -15.93 -26.79
C ILE D 319 30.50 -15.61 -28.28
N ASN D 320 30.78 -14.34 -28.57
CA ASN D 320 31.06 -13.91 -29.93
C ASN D 320 32.36 -13.09 -29.98
N GLU D 321 33.10 -13.28 -31.05
CA GLU D 321 34.38 -12.59 -31.23
C GLU D 321 34.28 -11.09 -31.43
N GLY D 322 35.44 -10.45 -31.37
CA GLY D 322 35.53 -9.03 -31.56
C GLY D 322 35.21 -8.22 -30.32
N ASN D 323 34.68 -7.03 -30.54
CA ASN D 323 34.30 -6.15 -29.45
C ASN D 323 33.48 -5.01 -30.05
N GLN D 324 33.10 -4.03 -29.24
CA GLN D 324 32.29 -2.92 -29.73
C GLN D 324 32.31 -1.75 -28.77
N GLY D 325 31.97 -0.58 -29.30
CA GLY D 325 31.91 0.59 -28.45
C GLY D 325 30.45 0.72 -28.04
N ILE D 326 30.18 1.47 -26.97
CA ILE D 326 28.81 1.67 -26.54
C ILE D 326 28.19 2.61 -27.57
N PRO D 327 27.04 2.22 -28.13
CA PRO D 327 26.31 3.00 -29.13
C PRO D 327 25.85 4.35 -28.60
N ALA D 328 25.12 5.09 -29.43
CA ALA D 328 24.58 6.38 -29.01
C ALA D 328 23.44 6.00 -28.06
N GLU D 329 22.61 5.08 -28.53
CA GLU D 329 21.47 4.58 -27.80
C GLU D 329 21.91 3.76 -26.58
N GLY D 330 23.19 3.89 -26.21
CA GLY D 330 23.72 3.19 -25.05
C GLY D 330 23.52 1.68 -24.97
N LYS D 331 23.52 1.17 -23.74
CA LYS D 331 23.39 -0.27 -23.48
C LYS D 331 22.26 -1.00 -24.23
N ALA D 332 21.56 -0.28 -25.11
CA ALA D 332 20.46 -0.89 -25.86
C ALA D 332 20.85 -1.24 -27.30
N GLY D 333 21.98 -0.71 -27.74
CA GLY D 333 22.43 -1.00 -29.09
C GLY D 333 23.57 -2.01 -29.08
N LEU D 334 23.96 -2.46 -27.90
CA LEU D 334 25.05 -3.42 -27.76
C LEU D 334 24.73 -4.80 -28.33
N LYS D 335 25.67 -5.35 -29.09
CA LYS D 335 25.49 -6.69 -29.66
C LYS D 335 25.67 -7.68 -28.51
N TYR D 336 24.82 -8.70 -28.49
CA TYR D 336 24.87 -9.71 -27.45
C TYR D 336 26.22 -10.43 -27.38
N GLY D 337 26.52 -10.98 -26.22
CA GLY D 337 27.77 -11.71 -26.03
C GLY D 337 29.02 -11.20 -26.73
N VAL D 338 29.13 -9.88 -26.90
CA VAL D 338 30.31 -9.27 -27.52
C VAL D 338 30.94 -8.30 -26.53
N SER D 339 32.21 -8.51 -26.18
CA SER D 339 32.87 -7.63 -25.22
C SER D 339 32.82 -6.17 -25.63
N ILE D 340 32.83 -5.27 -24.65
CA ILE D 340 32.82 -3.83 -24.91
C ILE D 340 34.15 -3.21 -24.51
N THR D 341 35.14 -4.06 -24.24
CA THR D 341 36.48 -3.62 -23.90
C THR D 341 37.45 -4.25 -24.90
N ASP D 342 38.38 -5.08 -24.44
CA ASP D 342 39.32 -5.76 -25.36
C ASP D 342 38.56 -6.79 -26.21
N ALA D 343 39.06 -7.10 -27.39
CA ALA D 343 38.40 -8.07 -28.27
C ALA D 343 38.67 -9.52 -27.82
N CYS D 344 37.74 -10.43 -28.12
CA CYS D 344 37.88 -11.83 -27.72
C CYS D 344 37.65 -12.81 -28.86
N ILE D 345 38.03 -14.05 -28.62
CA ILE D 345 37.80 -15.06 -29.63
C ILE D 345 36.39 -15.56 -29.34
N GLY D 346 35.69 -16.00 -30.38
CA GLY D 346 34.34 -16.51 -30.21
C GLY D 346 34.34 -17.78 -29.40
N TRP D 347 33.16 -18.30 -29.09
CA TRP D 347 33.09 -19.51 -28.30
C TRP D 347 33.69 -20.71 -29.04
N GLU D 348 33.31 -20.86 -30.31
CA GLU D 348 33.78 -21.95 -31.13
C GLU D 348 35.32 -21.98 -31.10
N THR D 349 35.92 -20.86 -31.43
CA THR D 349 37.37 -20.77 -31.43
C THR D 349 37.96 -21.18 -30.10
N THR D 350 37.25 -20.86 -29.02
CA THR D 350 37.71 -21.16 -27.67
C THR D 350 37.67 -22.66 -27.39
N GLU D 351 36.72 -23.35 -28.04
CA GLU D 351 36.60 -24.78 -27.86
C GLU D 351 37.74 -25.45 -28.62
N ASP D 352 38.08 -24.89 -29.77
CA ASP D 352 39.16 -25.44 -30.56
C ASP D 352 40.44 -25.22 -29.77
N VAL D 353 40.64 -24.00 -29.32
CA VAL D 353 41.85 -23.68 -28.58
C VAL D 353 42.03 -24.54 -27.34
N LEU D 354 40.96 -24.77 -26.61
CA LEU D 354 41.05 -25.54 -25.39
C LEU D 354 41.36 -27.01 -25.59
N ARG D 355 40.67 -27.64 -26.55
CA ARG D 355 40.86 -29.05 -26.86
C ARG D 355 42.30 -29.30 -27.34
N LYS D 356 42.79 -28.40 -28.18
CA LYS D 356 44.14 -28.44 -28.72
C LYS D 356 45.13 -28.43 -27.55
N LEU D 357 44.78 -27.65 -26.54
CA LEU D 357 45.62 -27.49 -25.35
C LEU D 357 45.49 -28.71 -24.44
N ALA D 358 44.32 -29.31 -24.39
CA ALA D 358 44.17 -30.48 -23.54
C ALA D 358 44.96 -31.59 -24.23
N ALA D 359 44.90 -31.57 -25.56
CA ALA D 359 45.62 -32.54 -26.37
C ALA D 359 47.11 -32.47 -26.01
N ALA D 360 47.62 -31.24 -25.93
CA ALA D 360 49.02 -30.97 -25.60
C ALA D 360 49.40 -31.38 -24.18
N VAL D 361 48.43 -31.38 -23.28
CA VAL D 361 48.70 -31.77 -21.90
C VAL D 361 48.84 -33.28 -21.83
N ARG D 362 48.06 -33.97 -22.64
CA ARG D 362 48.11 -35.43 -22.68
C ARG D 362 49.45 -35.81 -23.31
N GLN D 363 49.81 -35.14 -24.40
CA GLN D 363 51.07 -35.44 -25.05
C GLN D 363 52.31 -35.14 -24.21
N ARG D 364 52.24 -34.17 -23.30
CA ARG D 364 53.39 -33.87 -22.47
C ARG D 364 53.46 -34.95 -21.40
N ARG D 365 52.31 -35.47 -21.03
CA ARG D 365 52.22 -36.51 -20.02
C ARG D 365 53.01 -37.73 -20.52
N GLU D 366 52.95 -37.93 -21.83
CA GLU D 366 53.64 -39.00 -22.53
C GLU D 366 55.14 -38.77 -22.36
N VAL D 367 55.61 -37.71 -22.98
CA VAL D 367 57.03 -37.33 -22.92
C VAL D 367 57.63 -37.37 -21.51
N ASN D 368 56.80 -37.53 -20.49
CA ASN D 368 57.32 -37.55 -19.12
C ASN D 368 57.21 -38.91 -18.44
N LYS D 369 56.59 -39.88 -19.11
CA LYS D 369 56.45 -41.22 -18.53
C LYS D 369 57.84 -41.86 -18.43
N LYS D 370 58.15 -42.46 -17.36
N GLY E 18 -25.21 -21.25 8.93
CA GLY E 18 -25.59 -20.13 8.00
C GLY E 18 -26.60 -19.17 8.58
N ALA E 19 -27.26 -18.40 7.70
CA ALA E 19 -28.27 -17.42 8.10
C ALA E 19 -29.66 -17.85 7.61
N GLU E 20 -30.71 -17.39 8.27
CA GLU E 20 -32.07 -17.76 7.87
C GLU E 20 -33.05 -16.60 7.72
N GLU E 21 -33.47 -16.36 6.49
CA GLU E 21 -34.43 -15.30 6.18
C GLU E 21 -35.55 -15.91 5.36
N ASP E 22 -36.47 -15.06 4.92
CA ASP E 22 -37.60 -15.47 4.12
C ASP E 22 -38.19 -16.85 4.48
N VAL E 23 -37.91 -17.33 5.69
CA VAL E 23 -38.47 -18.61 6.12
C VAL E 23 -39.99 -18.56 5.97
N ARG E 24 -40.57 -17.37 5.97
CA ARG E 24 -42.01 -17.22 5.82
C ARG E 24 -42.35 -16.62 4.45
N ILE E 25 -41.35 -16.56 3.56
CA ILE E 25 -41.56 -16.05 2.21
C ILE E 25 -41.58 -17.24 1.26
N LEU E 26 -42.76 -17.61 0.77
CA LEU E 26 -42.88 -18.75 -0.13
C LEU E 26 -42.21 -18.54 -1.49
N GLY E 27 -41.97 -17.29 -1.85
CA GLY E 27 -41.33 -17.02 -3.13
C GLY E 27 -41.73 -15.71 -3.76
N TYR E 28 -40.87 -15.21 -4.64
CA TYR E 28 -41.12 -13.96 -5.34
C TYR E 28 -41.52 -14.28 -6.79
N ASP E 29 -42.20 -13.33 -7.43
CA ASP E 29 -42.62 -13.54 -8.80
C ASP E 29 -42.26 -12.32 -9.64
N PRO E 30 -41.86 -12.55 -10.90
CA PRO E 30 -41.50 -11.46 -11.79
C PRO E 30 -42.67 -10.50 -11.94
N LEU E 31 -42.37 -9.21 -11.91
CA LEU E 31 -43.39 -8.19 -12.01
C LEU E 31 -43.08 -7.16 -13.08
N ALA E 32 -43.97 -6.98 -14.04
CA ALA E 32 -43.75 -5.99 -15.09
C ALA E 32 -43.56 -4.63 -14.42
N SER E 33 -42.60 -3.84 -14.89
CA SER E 33 -42.37 -2.54 -14.29
C SER E 33 -43.44 -1.54 -14.69
N PRO E 34 -43.55 -0.41 -13.95
CA PRO E 34 -44.56 0.58 -14.27
C PRO E 34 -44.36 1.07 -15.71
N ALA E 35 -43.13 1.48 -16.01
CA ALA E 35 -42.80 1.97 -17.34
C ALA E 35 -43.23 0.98 -18.41
N LEU E 36 -43.00 -0.31 -18.17
CA LEU E 36 -43.37 -1.34 -19.13
C LEU E 36 -44.88 -1.38 -19.28
N LEU E 37 -45.60 -1.41 -18.17
CA LEU E 37 -47.05 -1.47 -18.19
C LEU E 37 -47.63 -0.23 -18.88
N GLN E 38 -47.03 0.93 -18.62
CA GLN E 38 -47.51 2.17 -19.22
C GLN E 38 -47.34 2.22 -20.73
N VAL E 39 -46.50 1.34 -21.26
CA VAL E 39 -46.30 1.27 -22.70
C VAL E 39 -47.30 0.25 -23.26
N GLN E 40 -47.42 -0.88 -22.57
CA GLN E 40 -48.35 -1.93 -22.99
C GLN E 40 -49.76 -1.40 -23.08
N ILE E 41 -50.18 -0.72 -22.01
CA ILE E 41 -51.52 -0.15 -21.94
C ILE E 41 -51.35 1.37 -21.84
N PRO E 42 -51.11 2.02 -22.99
CA PRO E 42 -50.92 3.47 -23.06
C PRO E 42 -52.17 4.28 -22.78
N ALA E 43 -51.98 5.51 -22.31
CA ALA E 43 -53.07 6.41 -22.01
C ALA E 43 -53.37 7.29 -23.23
N THR E 44 -54.63 7.30 -23.69
CA THR E 44 -54.99 8.12 -24.84
C THR E 44 -54.90 9.60 -24.45
N PRO E 45 -54.75 10.49 -25.44
CA PRO E 45 -54.63 11.92 -25.13
C PRO E 45 -55.83 12.38 -24.32
N THR E 46 -56.98 11.77 -24.59
CA THR E 46 -58.21 12.10 -23.89
C THR E 46 -58.09 11.72 -22.42
N SER E 47 -57.67 10.47 -22.18
CA SER E 47 -57.50 9.98 -20.83
C SER E 47 -56.62 10.93 -20.03
N LEU E 48 -55.49 11.33 -20.62
CA LEU E 48 -54.57 12.24 -19.93
C LEU E 48 -55.16 13.63 -19.72
N GLU E 49 -56.02 14.06 -20.62
CA GLU E 49 -56.62 15.38 -20.49
C GLU E 49 -57.70 15.30 -19.40
N THR E 50 -58.49 14.23 -19.44
CA THR E 50 -59.55 14.02 -18.47
C THR E 50 -58.97 14.05 -17.05
N ALA E 51 -57.86 13.35 -16.85
CA ALA E 51 -57.21 13.30 -15.55
C ALA E 51 -56.79 14.68 -15.05
N LYS E 52 -56.21 15.48 -15.94
CA LYS E 52 -55.75 16.81 -15.58
C LYS E 52 -56.92 17.72 -15.22
N ARG E 53 -58.00 17.63 -16.00
CA ARG E 53 -59.17 18.44 -15.75
C ARG E 53 -59.74 18.14 -14.37
N GLY E 54 -59.92 16.85 -14.08
CA GLY E 54 -60.45 16.43 -12.80
C GLY E 54 -59.67 17.03 -11.65
N ARG E 55 -58.35 17.02 -11.75
CA ARG E 55 -57.54 17.57 -10.68
C ARG E 55 -57.76 19.07 -10.53
N ARG E 56 -57.86 19.78 -11.65
CA ARG E 56 -58.05 21.22 -11.61
C ARG E 56 -59.37 21.56 -10.93
N GLU E 57 -60.43 20.92 -11.39
CA GLU E 57 -61.74 21.16 -10.81
C GLU E 57 -61.78 20.81 -9.32
N ALA E 58 -61.21 19.66 -8.97
CA ALA E 58 -61.18 19.23 -7.58
C ALA E 58 -60.42 20.25 -6.74
N ILE E 59 -59.29 20.72 -7.26
CA ILE E 59 -58.47 21.71 -6.57
C ILE E 59 -59.22 23.00 -6.30
N ASP E 60 -59.88 23.53 -7.33
CA ASP E 60 -60.64 24.78 -7.20
C ASP E 60 -61.73 24.66 -6.17
N ILE E 61 -62.42 23.52 -6.16
CA ILE E 61 -63.50 23.32 -5.23
C ILE E 61 -63.05 23.20 -3.78
N ILE E 62 -62.01 22.41 -3.51
CA ILE E 62 -61.59 22.24 -2.14
C ILE E 62 -60.82 23.43 -1.58
N THR E 63 -60.41 24.34 -2.45
CA THR E 63 -59.68 25.51 -1.98
C THR E 63 -60.55 26.77 -1.91
N GLY E 64 -61.83 26.63 -2.29
CA GLY E 64 -62.74 27.76 -2.22
C GLY E 64 -62.93 28.57 -3.49
N LYS E 65 -62.15 28.27 -4.52
CA LYS E 65 -62.24 29.00 -5.76
C LYS E 65 -63.49 28.69 -6.60
N ASP E 66 -64.16 27.59 -6.29
CA ASP E 66 -65.37 27.24 -7.04
C ASP E 66 -66.47 26.86 -6.07
N ASP E 67 -67.69 27.33 -6.31
CA ASP E 67 -68.81 27.04 -5.42
C ASP E 67 -69.53 25.72 -5.69
N ARG E 68 -69.02 24.94 -6.63
CA ARG E 68 -69.64 23.65 -6.92
C ARG E 68 -69.22 22.64 -5.86
N VAL E 69 -69.85 21.48 -5.87
CA VAL E 69 -69.51 20.44 -4.90
C VAL E 69 -68.80 19.28 -5.59
N LEU E 70 -67.65 18.89 -5.03
CA LEU E 70 -66.88 17.79 -5.57
C LEU E 70 -67.57 16.49 -5.17
N VAL E 71 -67.90 15.68 -6.16
CA VAL E 71 -68.56 14.42 -5.89
C VAL E 71 -67.77 13.18 -6.33
N ILE E 72 -67.36 12.35 -5.37
CA ILE E 72 -66.66 11.11 -5.69
C ILE E 72 -67.74 10.02 -5.56
N VAL E 73 -68.32 9.60 -6.68
CA VAL E 73 -69.38 8.60 -6.68
C VAL E 73 -69.09 7.41 -7.59
N GLY E 74 -69.56 6.23 -7.18
CA GLY E 74 -69.33 5.03 -7.97
C GLY E 74 -69.30 3.78 -7.11
N PRO E 75 -69.12 2.60 -7.74
CA PRO E 75 -69.08 1.31 -7.04
C PRO E 75 -68.13 1.30 -5.86
N CYS E 76 -68.40 0.40 -4.92
CA CYS E 76 -67.54 0.27 -3.76
C CYS E 76 -66.19 -0.22 -4.27
N SER E 77 -66.24 -1.15 -5.22
CA SER E 77 -65.03 -1.72 -5.83
C SER E 77 -65.42 -2.26 -7.20
N ILE E 78 -64.48 -2.22 -8.14
CA ILE E 78 -64.75 -2.71 -9.49
C ILE E 78 -64.22 -4.12 -9.67
N HIS E 79 -65.07 -5.04 -10.12
CA HIS E 79 -64.65 -6.42 -10.35
C HIS E 79 -65.10 -6.82 -11.75
N ASP E 80 -65.77 -5.90 -12.44
CA ASP E 80 -66.29 -6.12 -13.77
C ASP E 80 -66.06 -4.86 -14.63
N LEU E 81 -65.13 -4.94 -15.57
CA LEU E 81 -64.84 -3.81 -16.43
C LEU E 81 -65.98 -3.40 -17.37
N GLU E 82 -66.81 -4.37 -17.76
CA GLU E 82 -67.92 -4.04 -18.66
C GLU E 82 -68.99 -3.29 -17.86
N ALA E 83 -69.39 -3.86 -16.73
CA ALA E 83 -70.41 -3.24 -15.89
C ALA E 83 -69.93 -1.84 -15.47
N ALA E 84 -68.63 -1.72 -15.21
CA ALA E 84 -68.05 -0.44 -14.80
C ALA E 84 -68.13 0.54 -15.95
N GLN E 85 -68.03 0.03 -17.18
CA GLN E 85 -68.08 0.89 -18.35
C GLN E 85 -69.49 1.40 -18.62
N GLU E 86 -70.49 0.54 -18.40
CA GLU E 86 -71.88 0.94 -18.62
C GLU E 86 -72.21 2.04 -17.64
N TYR E 87 -71.82 1.82 -16.39
CA TYR E 87 -72.05 2.77 -15.32
C TYR E 87 -71.37 4.09 -15.66
N ALA E 88 -70.13 4.03 -16.12
CA ALA E 88 -69.41 5.24 -16.47
C ALA E 88 -70.19 6.06 -17.50
N LEU E 89 -70.72 5.39 -18.52
CA LEU E 89 -71.50 6.09 -19.54
C LEU E 89 -72.69 6.81 -18.93
N ARG E 90 -73.42 6.13 -18.07
CA ARG E 90 -74.58 6.74 -17.42
C ARG E 90 -74.14 7.96 -16.59
N LEU E 91 -73.14 7.75 -15.74
CA LEU E 91 -72.63 8.82 -14.88
C LEU E 91 -72.07 9.97 -15.69
N LYS E 92 -71.48 9.65 -16.86
CA LYS E 92 -70.92 10.68 -17.71
C LYS E 92 -72.01 11.57 -18.27
N LYS E 93 -73.13 10.94 -18.62
CA LYS E 93 -74.28 11.64 -19.17
C LYS E 93 -74.81 12.56 -18.06
N LEU E 94 -75.00 11.97 -16.89
CA LEU E 94 -75.51 12.71 -15.74
C LEU E 94 -74.62 13.89 -15.37
N SER E 95 -73.31 13.66 -15.35
CA SER E 95 -72.34 14.70 -15.00
C SER E 95 -72.31 15.85 -16.01
N ASP E 96 -72.42 15.51 -17.30
CA ASP E 96 -72.42 16.54 -18.34
C ASP E 96 -73.68 17.37 -18.16
N GLU E 97 -74.77 16.69 -17.82
CA GLU E 97 -76.05 17.32 -17.59
C GLU E 97 -76.02 18.37 -16.49
N LEU E 98 -75.72 17.95 -15.27
CA LEU E 98 -75.67 18.89 -14.16
C LEU E 98 -74.26 19.26 -13.72
N LYS E 99 -73.39 19.53 -14.69
CA LYS E 99 -72.00 19.89 -14.40
C LYS E 99 -71.87 21.35 -13.98
N GLY E 100 -72.99 22.06 -14.01
CA GLY E 100 -72.96 23.46 -13.61
C GLY E 100 -72.91 23.63 -12.10
N ASP E 101 -73.20 22.56 -11.35
CA ASP E 101 -73.18 22.64 -9.89
C ASP E 101 -72.31 21.55 -9.28
N LEU E 102 -72.26 20.40 -9.94
CA LEU E 102 -71.49 19.27 -9.44
C LEU E 102 -70.32 18.85 -10.32
N SER E 103 -69.14 18.78 -9.72
CA SER E 103 -67.94 18.33 -10.41
C SER E 103 -67.82 16.86 -10.02
N ILE E 104 -68.15 15.96 -10.93
CA ILE E 104 -68.13 14.53 -10.63
C ILE E 104 -66.91 13.71 -11.06
N ILE E 105 -66.44 12.88 -10.14
CA ILE E 105 -65.31 11.97 -10.39
C ILE E 105 -65.87 10.60 -10.04
N MET E 106 -65.48 9.57 -10.78
CA MET E 106 -65.98 8.22 -10.50
C MET E 106 -65.10 7.39 -9.56
N ARG E 107 -65.76 6.56 -8.76
CA ARG E 107 -65.07 5.69 -7.82
C ARG E 107 -64.53 4.44 -8.50
N ALA E 108 -63.23 4.45 -8.76
CA ALA E 108 -62.58 3.32 -9.38
C ALA E 108 -61.75 2.62 -8.32
N TYR E 109 -62.30 2.48 -7.13
CA TYR E 109 -61.57 1.81 -6.07
C TYR E 109 -61.41 0.37 -6.55
N LEU E 110 -60.20 -0.17 -6.51
CA LEU E 110 -59.96 -1.54 -6.96
C LEU E 110 -60.66 -2.58 -6.09
N GLY E 121 -59.13 -7.62 -3.95
CA GLY E 121 -59.38 -6.57 -4.92
C GLY E 121 -59.13 -6.94 -6.38
N LEU E 122 -59.20 -5.97 -7.29
CA LEU E 122 -58.98 -6.25 -8.71
C LEU E 122 -57.52 -6.51 -9.07
N ILE E 123 -56.60 -5.92 -8.32
CA ILE E 123 -55.19 -6.13 -8.60
C ILE E 123 -54.77 -7.52 -8.16
N ASN E 124 -55.15 -7.90 -6.95
CA ASN E 124 -54.80 -9.23 -6.44
C ASN E 124 -55.50 -10.33 -7.22
N ASP E 125 -56.80 -10.21 -7.38
CA ASP E 125 -57.57 -11.23 -8.10
C ASP E 125 -58.31 -10.73 -9.34
N PRO E 126 -57.59 -10.55 -10.46
CA PRO E 126 -58.24 -10.08 -11.68
C PRO E 126 -59.06 -11.21 -12.28
N ASP E 127 -59.24 -12.27 -11.47
CA ASP E 127 -59.97 -13.45 -11.89
C ASP E 127 -61.16 -13.74 -10.97
N VAL E 128 -61.14 -13.16 -9.77
CA VAL E 128 -62.20 -13.37 -8.80
C VAL E 128 -62.41 -14.86 -8.52
N ASN E 129 -61.34 -15.51 -8.05
CA ASN E 129 -61.37 -16.94 -7.74
C ASN E 129 -60.06 -17.40 -7.11
N ASN E 130 -59.60 -16.64 -6.12
CA ASN E 130 -58.35 -16.94 -5.40
C ASN E 130 -57.16 -17.29 -6.29
N THR E 131 -57.23 -16.88 -7.56
CA THR E 131 -56.16 -17.12 -8.52
C THR E 131 -55.27 -15.88 -8.55
N PHE E 132 -54.44 -15.73 -7.52
CA PHE E 132 -53.54 -14.58 -7.42
C PHE E 132 -52.80 -14.36 -8.74
N ASN E 133 -53.00 -13.18 -9.32
CA ASN E 133 -52.39 -12.83 -10.59
C ASN E 133 -52.17 -11.32 -10.64
N ILE E 134 -51.23 -10.84 -9.83
CA ILE E 134 -50.93 -9.41 -9.77
C ILE E 134 -50.66 -8.81 -11.16
N ASN E 135 -49.84 -9.49 -11.95
CA ASN E 135 -49.51 -8.98 -13.28
C ASN E 135 -50.75 -8.72 -14.11
N LYS E 136 -51.68 -9.68 -14.12
CA LYS E 136 -52.91 -9.52 -14.88
C LYS E 136 -53.79 -8.48 -14.16
N GLY E 137 -53.71 -8.50 -12.82
CA GLY E 137 -54.48 -7.56 -12.03
C GLY E 137 -54.12 -6.12 -12.36
N LEU E 138 -52.82 -5.85 -12.44
CA LEU E 138 -52.34 -4.52 -12.75
C LEU E 138 -52.76 -4.15 -14.16
N GLN E 139 -52.82 -5.14 -15.04
CA GLN E 139 -53.23 -4.87 -16.41
C GLN E 139 -54.68 -4.45 -16.41
N SER E 140 -55.52 -5.23 -15.73
CA SER E 140 -56.94 -4.92 -15.66
C SER E 140 -57.10 -3.54 -15.05
N ALA E 141 -56.47 -3.35 -13.90
CA ALA E 141 -56.54 -2.07 -13.21
C ALA E 141 -56.25 -0.94 -14.18
N ARG E 142 -55.09 -0.98 -14.84
CA ARG E 142 -54.75 0.09 -15.77
C ARG E 142 -55.65 0.20 -16.99
N GLN E 143 -56.08 -0.93 -17.53
CA GLN E 143 -56.95 -0.90 -18.69
C GLN E 143 -58.25 -0.20 -18.28
N LEU E 144 -58.77 -0.60 -17.11
CA LEU E 144 -59.98 -0.01 -16.55
C LEU E 144 -59.84 1.51 -16.46
N PHE E 145 -58.82 1.97 -15.76
CA PHE E 145 -58.60 3.41 -15.62
C PHE E 145 -58.54 4.09 -16.99
N VAL E 146 -57.91 3.43 -17.98
CA VAL E 146 -57.83 4.03 -19.31
C VAL E 146 -59.22 4.07 -19.95
N ASN E 147 -59.96 2.96 -19.85
CA ASN E 147 -61.29 2.90 -20.43
C ASN E 147 -62.19 4.02 -19.90
N LEU E 148 -62.19 4.19 -18.58
CA LEU E 148 -63.01 5.21 -17.94
C LEU E 148 -62.61 6.63 -18.33
N THR E 149 -61.39 7.03 -17.97
CA THR E 149 -60.90 8.37 -18.28
C THR E 149 -60.97 8.66 -19.77
N ASN E 150 -60.98 7.61 -20.58
CA ASN E 150 -61.02 7.77 -22.02
C ASN E 150 -62.33 8.36 -22.52
N ILE E 151 -63.43 8.12 -21.81
CA ILE E 151 -64.71 8.69 -22.23
C ILE E 151 -64.93 10.07 -21.61
N GLY E 152 -63.87 10.63 -21.02
CA GLY E 152 -63.95 11.95 -20.41
C GLY E 152 -64.43 12.01 -18.96
N LEU E 153 -64.45 10.88 -18.28
CA LEU E 153 -64.89 10.83 -16.90
C LEU E 153 -63.71 10.66 -15.94
N PRO E 154 -63.40 11.68 -15.12
CA PRO E 154 -62.27 11.57 -14.20
C PRO E 154 -62.53 10.42 -13.22
N ILE E 155 -61.47 9.92 -12.57
CA ILE E 155 -61.63 8.82 -11.62
C ILE E 155 -60.82 9.04 -10.35
N GLY E 156 -61.25 8.37 -9.29
CA GLY E 156 -60.58 8.47 -8.00
C GLY E 156 -60.42 7.07 -7.46
N SER E 157 -59.41 6.85 -6.64
CA SER E 157 -59.18 5.51 -6.12
C SER E 157 -58.49 5.60 -4.77
N GLU E 158 -58.43 4.49 -4.04
CA GLU E 158 -57.74 4.50 -2.75
C GLU E 158 -56.27 4.20 -2.97
N MET E 159 -55.41 4.96 -2.30
CA MET E 159 -53.98 4.76 -2.42
C MET E 159 -53.58 3.68 -1.42
N LEU E 160 -53.72 2.41 -1.83
CA LEU E 160 -53.42 1.26 -0.97
C LEU E 160 -52.00 1.14 -0.49
N ASP E 161 -51.07 1.10 -1.44
CA ASP E 161 -49.66 0.93 -1.11
C ASP E 161 -48.78 1.93 -1.83
N THR E 162 -47.52 1.96 -1.43
CA THR E 162 -46.52 2.84 -1.98
C THR E 162 -46.00 2.49 -3.39
N ILE E 163 -46.46 1.39 -3.96
CA ILE E 163 -46.01 0.98 -5.28
C ILE E 163 -47.10 1.04 -6.36
N SER E 164 -48.31 0.59 -6.02
CA SER E 164 -49.41 0.63 -6.98
C SER E 164 -49.53 1.93 -7.74
N PRO E 165 -49.58 3.08 -7.03
CA PRO E 165 -49.70 4.41 -7.66
C PRO E 165 -48.85 4.58 -8.91
N GLN E 166 -47.64 4.04 -8.86
CA GLN E 166 -46.70 4.14 -9.96
C GLN E 166 -47.28 3.64 -11.26
N TYR E 167 -48.19 2.66 -11.17
CA TYR E 167 -48.80 2.10 -12.36
C TYR E 167 -50.03 2.82 -12.82
N LEU E 168 -50.68 3.56 -11.92
CA LEU E 168 -51.92 4.23 -12.29
C LEU E 168 -52.01 5.73 -12.06
N ALA E 169 -51.04 6.29 -11.34
CA ALA E 169 -51.05 7.71 -11.01
C ALA E 169 -51.34 8.69 -12.15
N ASP E 170 -50.89 8.37 -13.36
CA ASP E 170 -51.12 9.27 -14.48
C ASP E 170 -52.55 9.39 -14.99
N LEU E 171 -53.46 8.62 -14.40
CA LEU E 171 -54.87 8.63 -14.82
C LEU E 171 -55.81 9.05 -13.69
N VAL E 172 -55.28 9.19 -12.48
CA VAL E 172 -56.11 9.55 -11.33
C VAL E 172 -56.23 11.05 -11.03
N SER E 173 -57.45 11.52 -10.81
CA SER E 173 -57.69 12.92 -10.50
C SER E 173 -57.89 13.12 -8.99
N PHE E 174 -58.14 12.03 -8.27
CA PHE E 174 -58.35 12.07 -6.83
C PHE E 174 -57.96 10.76 -6.13
N GLY E 175 -57.33 10.90 -4.95
CA GLY E 175 -56.93 9.74 -4.19
C GLY E 175 -57.34 9.86 -2.73
N ALA E 176 -57.62 8.73 -2.08
CA ALA E 176 -58.02 8.79 -0.69
C ALA E 176 -57.22 7.81 0.15
N ILE E 177 -57.07 8.11 1.43
CA ILE E 177 -56.37 7.23 2.33
C ILE E 177 -57.44 6.66 3.27
N GLY E 178 -57.58 5.35 3.26
CA GLY E 178 -58.59 4.75 4.10
C GLY E 178 -58.46 5.02 5.57
N ALA E 179 -59.55 4.83 6.30
CA ALA E 179 -59.55 5.06 7.74
C ALA E 179 -58.49 4.17 8.42
N ARG E 180 -58.31 2.97 7.89
CA ARG E 180 -57.34 2.06 8.47
C ARG E 180 -55.87 2.47 8.22
N THR E 181 -55.64 3.52 7.41
CA THR E 181 -54.27 3.96 7.13
C THR E 181 -53.93 5.43 7.32
N THR E 182 -54.93 6.25 7.61
CA THR E 182 -54.74 7.68 7.84
C THR E 182 -53.64 7.99 8.87
N GLU E 183 -53.42 7.09 9.82
CA GLU E 183 -52.39 7.32 10.83
C GLU E 183 -51.03 6.82 10.39
N SER E 184 -51.01 6.06 9.30
CA SER E 184 -49.77 5.45 8.78
C SER E 184 -48.78 6.47 8.21
N GLN E 185 -47.63 6.60 8.86
CA GLN E 185 -46.59 7.50 8.43
C GLN E 185 -46.32 7.25 6.96
N LEU E 186 -46.27 5.97 6.60
CA LEU E 186 -45.99 5.55 5.24
C LEU E 186 -46.96 6.15 4.22
N HIS E 187 -48.25 6.19 4.57
CA HIS E 187 -49.26 6.75 3.67
C HIS E 187 -49.31 8.27 3.67
N ARG E 188 -48.77 8.89 4.72
CA ARG E 188 -48.73 10.34 4.78
C ARG E 188 -47.61 10.81 3.85
N GLU E 189 -46.48 10.09 3.89
CA GLU E 189 -45.36 10.42 3.04
C GLU E 189 -45.76 10.20 1.59
N LEU E 190 -46.49 9.12 1.32
CA LEU E 190 -46.93 8.84 -0.03
C LEU E 190 -47.83 9.95 -0.58
N ALA E 191 -48.75 10.44 0.26
CA ALA E 191 -49.67 11.50 -0.14
C ALA E 191 -48.93 12.79 -0.47
N SER E 192 -47.85 13.04 0.27
CA SER E 192 -47.05 14.23 0.07
C SER E 192 -46.34 14.27 -1.27
N GLY E 193 -46.45 13.20 -2.05
CA GLY E 193 -45.80 13.15 -3.34
C GLY E 193 -46.72 12.78 -4.50
N LEU E 194 -48.02 12.75 -4.25
CA LEU E 194 -48.95 12.42 -5.33
C LEU E 194 -49.30 13.68 -6.11
N SER E 195 -49.55 13.52 -7.40
CA SER E 195 -49.86 14.66 -8.27
C SER E 195 -51.34 15.06 -8.29
N PHE E 196 -52.05 14.83 -7.19
CA PHE E 196 -53.46 15.17 -7.13
C PHE E 196 -53.96 15.31 -5.69
N PRO E 197 -55.18 15.83 -5.49
CA PRO E 197 -55.72 15.98 -4.14
C PRO E 197 -55.94 14.64 -3.43
N VAL E 198 -55.65 14.62 -2.13
CA VAL E 198 -55.80 13.41 -1.34
C VAL E 198 -56.73 13.62 -0.14
N GLY E 199 -57.72 12.75 0.01
CA GLY E 199 -58.64 12.86 1.12
C GLY E 199 -58.29 11.85 2.20
N PHE E 200 -58.14 12.34 3.43
CA PHE E 200 -57.82 11.48 4.57
C PHE E 200 -59.08 11.27 5.39
N LYS E 201 -59.53 10.02 5.51
CA LYS E 201 -60.73 9.72 6.30
C LYS E 201 -60.41 9.77 7.78
N ASN E 202 -61.38 10.12 8.62
CA ASN E 202 -61.13 10.16 10.05
C ASN E 202 -60.96 8.75 10.62
N GLY E 203 -60.43 8.66 11.83
CA GLY E 203 -60.20 7.37 12.47
C GLY E 203 -61.42 6.47 12.53
N THR E 204 -61.20 5.16 12.63
CA THR E 204 -62.30 4.22 12.72
C THR E 204 -63.03 4.40 14.07
N ASP E 205 -62.39 5.14 14.98
CA ASP E 205 -62.98 5.40 16.29
C ASP E 205 -63.80 6.70 16.27
N GLY E 206 -64.02 7.24 15.07
CA GLY E 206 -64.81 8.46 14.93
C GLY E 206 -64.15 9.82 15.12
N THR E 207 -62.87 9.86 15.48
CA THR E 207 -62.17 11.14 15.70
C THR E 207 -61.52 11.70 14.42
N LEU E 208 -61.31 13.03 14.40
CA LEU E 208 -60.71 13.72 13.25
C LEU E 208 -59.27 14.13 13.46
N ASN E 209 -58.82 14.10 14.71
CA ASN E 209 -57.45 14.49 15.00
C ASN E 209 -56.45 13.82 14.06
N VAL E 210 -56.56 12.51 13.90
CA VAL E 210 -55.64 11.79 13.03
C VAL E 210 -55.69 12.23 11.57
N ALA E 211 -56.87 12.59 11.06
CA ALA E 211 -56.97 13.03 9.68
C ALA E 211 -56.41 14.44 9.52
N VAL E 212 -56.56 15.25 10.56
CA VAL E 212 -56.04 16.61 10.51
C VAL E 212 -54.52 16.54 10.53
N ASP E 213 -53.96 15.68 11.39
CA ASP E 213 -52.52 15.53 11.46
C ASP E 213 -51.99 14.98 10.13
N ALA E 214 -52.75 14.11 9.49
CA ALA E 214 -52.34 13.54 8.22
C ALA E 214 -52.16 14.65 7.19
N CYS E 215 -53.13 15.53 7.09
CA CYS E 215 -53.08 16.65 6.16
C CYS E 215 -51.87 17.55 6.46
N GLN E 216 -51.63 17.84 7.73
CA GLN E 216 -50.50 18.66 8.11
C GLN E 216 -49.21 17.99 7.62
N ALA E 217 -49.06 16.71 7.93
CA ALA E 217 -47.86 15.96 7.56
C ALA E 217 -47.66 15.86 6.05
N ALA E 218 -48.73 15.53 5.31
CA ALA E 218 -48.64 15.39 3.87
C ALA E 218 -48.28 16.69 3.17
N ALA E 219 -48.37 17.81 3.89
CA ALA E 219 -48.05 19.10 3.30
C ALA E 219 -46.55 19.33 3.28
N HIS E 220 -45.81 18.60 4.11
CA HIS E 220 -44.37 18.74 4.15
C HIS E 220 -43.67 17.84 3.14
N SER E 221 -42.36 18.04 3.02
CA SER E 221 -41.54 17.27 2.12
C SER E 221 -41.06 16.05 2.89
N HIS E 222 -41.10 14.88 2.25
CA HIS E 222 -40.65 13.65 2.89
C HIS E 222 -39.65 12.89 2.05
N HIS E 223 -38.87 12.04 2.72
CA HIS E 223 -37.87 11.22 2.07
C HIS E 223 -38.15 9.75 2.36
N PHE E 224 -38.73 9.03 1.40
CA PHE E 224 -39.00 7.64 1.64
C PHE E 224 -38.45 6.73 0.54
N MET E 225 -38.73 5.43 0.66
CA MET E 225 -38.27 4.45 -0.33
C MET E 225 -39.46 3.90 -1.11
N SER E 226 -39.45 4.09 -2.42
CA SER E 226 -40.51 3.58 -3.29
C SER E 226 -39.74 3.04 -4.51
N VAL E 227 -40.45 2.54 -5.52
CA VAL E 227 -39.76 2.02 -6.70
C VAL E 227 -39.92 3.03 -7.84
N THR E 228 -38.95 3.06 -8.73
CA THR E 228 -39.00 3.98 -9.87
C THR E 228 -39.90 3.42 -10.94
N LYS E 229 -40.05 4.17 -12.04
CA LYS E 229 -40.87 3.74 -13.15
C LYS E 229 -40.30 2.43 -13.73
N HIS E 230 -39.01 2.19 -13.46
CA HIS E 230 -38.35 1.00 -13.97
C HIS E 230 -38.29 -0.20 -13.02
N GLY E 231 -39.10 -0.16 -11.95
CA GLY E 231 -39.15 -1.27 -11.02
C GLY E 231 -37.99 -1.42 -10.07
N VAL E 232 -37.21 -0.36 -9.91
CA VAL E 232 -36.05 -0.40 -9.02
C VAL E 232 -36.31 0.43 -7.76
N ALA E 233 -35.75 -0.03 -6.64
CA ALA E 233 -35.91 0.69 -5.37
C ALA E 233 -35.05 1.96 -5.37
N ALA E 234 -35.62 3.06 -4.90
CA ALA E 234 -34.87 4.30 -4.85
C ALA E 234 -35.36 5.19 -3.71
N ILE E 235 -34.53 6.17 -3.36
CA ILE E 235 -34.86 7.13 -2.32
C ILE E 235 -35.70 8.26 -2.94
N THR E 236 -36.99 8.29 -2.62
CA THR E 236 -37.86 9.34 -3.15
C THR E 236 -37.86 10.62 -2.28
N THR E 237 -38.04 11.76 -2.92
CA THR E 237 -38.08 13.04 -2.19
C THR E 237 -39.32 13.77 -2.67
N THR E 238 -40.26 14.02 -1.75
CA THR E 238 -41.50 14.70 -2.13
C THR E 238 -41.48 16.23 -1.95
N LYS E 239 -42.38 16.88 -2.65
CA LYS E 239 -42.50 18.33 -2.62
C LYS E 239 -43.45 18.78 -1.51
N GLY E 240 -44.40 17.93 -1.16
CA GLY E 240 -45.38 18.27 -0.16
C GLY E 240 -46.67 18.49 -0.92
N ASN E 241 -47.79 18.05 -0.36
CA ASN E 241 -49.08 18.21 -1.02
C ASN E 241 -49.98 19.15 -0.25
N GLU E 242 -50.37 20.27 -0.87
CA GLU E 242 -51.24 21.22 -0.18
C GLU E 242 -52.71 21.00 -0.50
N HIS E 243 -53.01 19.97 -1.26
CA HIS E 243 -54.39 19.67 -1.62
C HIS E 243 -54.94 18.44 -0.89
N CYS E 244 -54.68 18.38 0.41
CA CYS E 244 -55.16 17.30 1.26
C CYS E 244 -56.28 17.82 2.15
N PHE E 245 -57.39 17.09 2.17
CA PHE E 245 -58.53 17.48 2.99
C PHE E 245 -59.02 16.33 3.86
N VAL E 246 -59.95 16.64 4.74
CA VAL E 246 -60.50 15.65 5.66
C VAL E 246 -61.83 15.11 5.16
N ILE E 247 -62.04 13.81 5.33
CA ILE E 247 -63.28 13.16 4.94
C ILE E 247 -63.97 12.64 6.19
N LEU E 248 -65.24 13.01 6.37
CA LEU E 248 -66.00 12.56 7.51
C LEU E 248 -66.77 11.30 7.09
N ARG E 249 -66.52 10.20 7.78
CA ARG E 249 -67.14 8.94 7.43
C ARG E 249 -67.67 8.13 8.62
N GLY E 250 -67.93 8.81 9.74
CA GLY E 250 -68.46 8.11 10.89
C GLY E 250 -67.40 7.40 11.72
N GLY E 251 -67.86 6.55 12.64
CA GLY E 251 -66.97 5.82 13.52
C GLY E 251 -67.61 5.55 14.87
N LYS E 252 -66.79 5.23 15.87
CA LYS E 252 -67.30 4.92 17.20
C LYS E 252 -68.14 6.02 17.83
N LYS E 253 -67.59 7.25 17.85
CA LYS E 253 -68.28 8.39 18.42
C LYS E 253 -69.66 8.59 17.77
N GLY E 254 -69.91 7.87 16.68
CA GLY E 254 -71.17 7.97 15.97
C GLY E 254 -71.00 8.64 14.63
N THR E 255 -72.10 8.85 13.92
CA THR E 255 -72.04 9.52 12.62
C THR E 255 -71.63 10.97 12.84
N ASN E 256 -71.04 11.58 11.81
CA ASN E 256 -70.59 12.96 11.90
C ASN E 256 -70.83 13.77 10.62
N TYR E 257 -72.09 13.84 10.19
CA TYR E 257 -72.42 14.59 8.98
C TYR E 257 -73.43 15.70 9.26
N ASP E 258 -74.06 15.66 10.43
CA ASP E 258 -75.06 16.66 10.81
C ASP E 258 -74.38 18.03 10.95
N ALA E 259 -75.16 19.06 11.19
CA ALA E 259 -74.61 20.40 11.33
C ALA E 259 -73.66 20.53 12.54
N LYS E 260 -74.06 20.03 13.70
CA LYS E 260 -73.23 20.13 14.91
C LYS E 260 -71.83 19.54 14.70
N SER E 261 -71.78 18.39 14.03
CA SER E 261 -70.53 17.70 13.76
C SER E 261 -69.64 18.51 12.81
N VAL E 262 -70.24 19.05 11.76
CA VAL E 262 -69.51 19.84 10.78
C VAL E 262 -68.95 21.11 11.43
N ALA E 263 -69.52 21.50 12.57
CA ALA E 263 -69.02 22.68 13.27
C ALA E 263 -67.84 22.30 14.16
N GLU E 264 -67.96 21.16 14.85
CA GLU E 264 -66.86 20.70 15.70
C GLU E 264 -65.67 20.55 14.78
N ALA E 265 -65.99 20.14 13.55
CA ALA E 265 -64.98 19.94 12.51
C ALA E 265 -64.26 21.24 12.16
N LYS E 266 -65.00 22.19 11.57
CA LYS E 266 -64.44 23.47 11.18
C LYS E 266 -63.60 24.10 12.29
N ALA E 267 -63.99 23.83 13.53
CA ALA E 267 -63.29 24.37 14.69
C ALA E 267 -61.93 23.72 14.90
N GLN E 268 -61.71 22.56 14.29
CA GLN E 268 -60.44 21.87 14.44
C GLN E 268 -59.47 22.13 13.30
N LEU E 269 -59.99 22.56 12.17
CA LEU E 269 -59.12 22.82 11.02
C LEU E 269 -58.14 23.97 11.29
N PRO E 270 -56.85 23.75 10.96
CA PRO E 270 -55.78 24.75 11.14
C PRO E 270 -55.87 25.80 10.04
N ALA E 271 -55.10 26.87 10.18
CA ALA E 271 -55.11 27.90 9.15
C ALA E 271 -54.74 27.27 7.80
N GLY E 272 -55.41 27.69 6.74
CA GLY E 272 -55.10 27.14 5.43
C GLY E 272 -55.69 25.79 5.09
N SER E 273 -56.57 25.25 5.93
CA SER E 273 -57.18 23.95 5.66
C SER E 273 -58.07 24.07 4.43
N ASN E 274 -58.35 22.94 3.79
CA ASN E 274 -59.20 22.99 2.61
C ASN E 274 -60.61 22.58 3.01
N GLY E 275 -61.50 22.46 2.05
CA GLY E 275 -62.88 22.09 2.35
C GLY E 275 -63.15 20.62 2.70
N LEU E 276 -63.92 20.41 3.77
CA LEU E 276 -64.32 19.10 4.24
C LEU E 276 -65.09 18.32 3.19
N MET E 277 -64.91 16.99 3.21
CA MET E 277 -65.65 16.10 2.32
C MET E 277 -66.45 15.19 3.25
N ILE E 278 -67.61 14.72 2.79
CA ILE E 278 -68.45 13.85 3.60
C ILE E 278 -68.81 12.55 2.89
N ASP E 279 -68.56 11.43 3.58
CA ASP E 279 -68.86 10.10 3.07
C ASP E 279 -70.31 9.84 3.45
N TYR E 280 -71.14 9.55 2.45
CA TYR E 280 -72.54 9.24 2.67
C TYR E 280 -72.63 7.73 2.96
N SER E 281 -71.53 7.13 3.40
CA SER E 281 -71.52 5.69 3.65
C SER E 281 -70.64 5.27 4.81
N HIS E 282 -70.35 3.97 4.84
CA HIS E 282 -69.51 3.41 5.90
C HIS E 282 -70.02 3.79 7.30
N GLY E 283 -69.16 4.29 8.17
CA GLY E 283 -69.62 4.66 9.50
C GLY E 283 -70.77 5.67 9.56
N ASN E 284 -71.07 6.33 8.43
CA ASN E 284 -72.15 7.31 8.39
C ASN E 284 -73.46 6.68 7.98
N SER E 285 -73.39 5.58 7.22
CA SER E 285 -74.57 4.86 6.78
C SER E 285 -74.95 3.90 7.90
N ASN E 286 -74.16 3.95 8.97
CA ASN E 286 -74.35 3.11 10.14
C ASN E 286 -74.81 1.73 9.72
N LYS E 287 -73.90 1.00 9.07
CA LYS E 287 -74.16 -0.37 8.62
C LYS E 287 -75.49 -0.56 7.87
N ASP E 288 -75.78 0.32 6.91
CA ASP E 288 -77.01 0.22 6.12
C ASP E 288 -77.04 1.23 4.99
N PHE E 289 -76.82 0.75 3.77
CA PHE E 289 -76.77 1.60 2.59
C PHE E 289 -78.02 2.43 2.28
N ARG E 290 -79.18 1.96 2.69
CA ARG E 290 -80.41 2.71 2.40
C ARG E 290 -80.37 4.09 3.08
N ASN E 291 -79.50 4.22 4.08
CA ASN E 291 -79.35 5.47 4.81
C ASN E 291 -78.58 6.54 4.02
N GLN E 292 -77.95 6.16 2.92
CA GLN E 292 -77.22 7.15 2.14
C GLN E 292 -78.12 8.34 1.77
N PRO E 293 -79.23 8.11 1.04
CA PRO E 293 -80.11 9.22 0.66
C PRO E 293 -80.55 10.07 1.84
N LYS E 294 -80.56 9.48 3.03
CA LYS E 294 -80.98 10.18 4.24
C LYS E 294 -79.93 11.24 4.61
N VAL E 295 -78.67 10.81 4.66
CA VAL E 295 -77.57 11.73 4.97
C VAL E 295 -77.54 12.84 3.93
N ASN E 296 -77.91 12.50 2.70
CA ASN E 296 -77.93 13.47 1.63
C ASN E 296 -78.83 14.64 1.99
N ASP E 297 -79.97 14.36 2.64
CA ASP E 297 -80.88 15.42 3.04
C ASP E 297 -80.22 16.36 4.05
N VAL E 298 -79.76 15.81 5.17
CA VAL E 298 -79.12 16.64 6.20
C VAL E 298 -77.97 17.48 5.64
N VAL E 299 -77.29 16.96 4.62
CA VAL E 299 -76.16 17.68 4.05
C VAL E 299 -76.67 18.75 3.08
N CYS E 300 -77.62 18.37 2.22
CA CYS E 300 -78.17 19.31 1.25
C CYS E 300 -78.74 20.53 1.95
N GLU E 301 -79.23 20.33 3.16
CA GLU E 301 -79.79 21.42 3.94
C GLU E 301 -78.70 22.40 4.36
N GLN E 302 -77.59 21.91 4.89
CA GLN E 302 -76.50 22.79 5.31
C GLN E 302 -75.95 23.56 4.14
N ILE E 303 -75.85 22.89 3.01
CA ILE E 303 -75.32 23.53 1.81
C ILE E 303 -76.29 24.57 1.30
N ALA E 304 -77.58 24.25 1.33
CA ALA E 304 -78.60 25.18 0.84
C ALA E 304 -78.67 26.46 1.65
N ASN E 305 -78.25 26.37 2.91
CA ASN E 305 -78.28 27.51 3.81
C ASN E 305 -76.94 28.23 3.96
N GLY E 306 -76.13 28.17 2.91
CA GLY E 306 -74.85 28.87 2.91
C GLY E 306 -73.59 28.26 3.52
N GLU E 307 -73.55 26.94 3.73
CA GLU E 307 -72.35 26.31 4.28
C GLU E 307 -71.33 26.14 3.17
N ASN E 308 -70.19 26.81 3.31
CA ASN E 308 -69.16 26.73 2.30
C ASN E 308 -68.00 25.89 2.82
N ALA E 309 -68.23 25.16 3.89
CA ALA E 309 -67.20 24.32 4.48
C ALA E 309 -67.35 22.90 3.97
N ILE E 310 -68.47 22.62 3.32
CA ILE E 310 -68.70 21.30 2.75
C ILE E 310 -68.49 21.43 1.25
N THR E 311 -67.33 20.97 0.77
CA THR E 311 -67.05 21.08 -0.65
C THR E 311 -67.16 19.77 -1.41
N GLY E 312 -67.23 18.66 -0.68
CA GLY E 312 -67.35 17.39 -1.38
C GLY E 312 -68.11 16.30 -0.65
N VAL E 313 -68.62 15.36 -1.40
CA VAL E 313 -69.35 14.22 -0.85
C VAL E 313 -68.85 12.93 -1.49
N MET E 314 -68.98 11.82 -0.78
CA MET E 314 -68.54 10.54 -1.30
C MET E 314 -69.72 9.59 -1.28
N ILE E 315 -70.09 9.10 -2.45
CA ILE E 315 -71.23 8.21 -2.59
C ILE E 315 -70.86 6.85 -3.16
N GLU E 316 -71.34 5.79 -2.49
CA GLU E 316 -71.12 4.42 -2.94
C GLU E 316 -72.40 3.96 -3.66
N SER E 317 -72.34 3.90 -4.99
CA SER E 317 -73.48 3.51 -5.79
C SER E 317 -73.03 2.66 -6.97
N ASN E 318 -73.89 1.73 -7.39
CA ASN E 318 -73.59 0.86 -8.51
C ASN E 318 -74.76 0.93 -9.50
N ILE E 319 -74.74 0.09 -10.55
CA ILE E 319 -75.82 0.06 -11.53
C ILE E 319 -77.13 -0.38 -10.84
N ASN E 320 -77.01 -1.35 -9.96
CA ASN E 320 -78.15 -1.85 -9.20
C ASN E 320 -77.81 -1.55 -7.74
N GLU E 321 -78.21 -2.40 -6.80
CA GLU E 321 -77.88 -2.08 -5.42
C GLU E 321 -77.57 -3.30 -4.55
N GLY E 322 -77.14 -3.01 -3.33
CA GLY E 322 -76.78 -4.06 -2.40
C GLY E 322 -75.49 -4.72 -2.80
N ASN E 323 -75.22 -5.89 -2.24
CA ASN E 323 -74.01 -6.63 -2.56
C ASN E 323 -74.33 -8.01 -3.13
N GLN E 324 -73.33 -8.91 -3.09
CA GLN E 324 -73.48 -10.25 -3.65
C GLN E 324 -72.42 -11.19 -3.09
N GLY E 325 -72.33 -12.40 -3.65
CA GLY E 325 -71.35 -13.38 -3.20
C GLY E 325 -70.72 -14.09 -4.39
N ILE E 326 -69.97 -15.17 -4.12
CA ILE E 326 -69.31 -15.93 -5.19
C ILE E 326 -69.81 -17.38 -5.31
N PRO E 327 -70.35 -17.76 -6.48
CA PRO E 327 -70.88 -19.10 -6.75
C PRO E 327 -69.83 -20.12 -7.23
N LYS E 335 -74.00 -12.66 -10.60
CA LYS E 335 -75.06 -11.71 -10.91
C LYS E 335 -74.58 -10.65 -11.92
N TYR E 336 -74.75 -9.38 -11.55
CA TYR E 336 -74.33 -8.26 -12.41
C TYR E 336 -74.83 -6.92 -11.85
N GLY E 337 -74.01 -5.88 -12.00
CA GLY E 337 -74.38 -4.56 -11.53
C GLY E 337 -74.51 -4.40 -10.03
N VAL E 338 -74.18 -5.45 -9.27
CA VAL E 338 -74.22 -5.39 -7.81
C VAL E 338 -72.80 -5.61 -7.27
N SER E 339 -72.45 -4.84 -6.24
CA SER E 339 -71.12 -4.90 -5.65
C SER E 339 -70.88 -6.23 -4.92
N ILE E 340 -69.66 -6.78 -5.05
CA ILE E 340 -69.30 -8.02 -4.38
C ILE E 340 -68.68 -7.70 -3.03
N THR E 341 -68.65 -6.40 -2.72
CA THR E 341 -68.10 -5.92 -1.45
C THR E 341 -69.20 -5.16 -0.70
N ASP E 342 -69.00 -3.86 -0.46
CA ASP E 342 -70.02 -3.09 0.24
C ASP E 342 -71.28 -2.87 -0.61
N ALA E 343 -72.42 -2.77 0.06
CA ALA E 343 -73.68 -2.56 -0.63
C ALA E 343 -73.80 -1.09 -1.03
N CYS E 344 -74.28 -0.86 -2.25
CA CYS E 344 -74.43 0.49 -2.77
C CYS E 344 -75.90 0.86 -2.88
N ILE E 345 -76.18 1.92 -3.64
CA ILE E 345 -77.55 2.33 -3.89
C ILE E 345 -77.70 2.13 -5.38
N GLY E 346 -78.95 2.12 -5.87
CA GLY E 346 -79.18 1.92 -7.29
C GLY E 346 -78.96 3.16 -8.11
N TRP E 347 -78.90 2.99 -9.44
CA TRP E 347 -78.69 4.13 -10.32
C TRP E 347 -79.77 5.20 -10.21
N GLU E 348 -81.02 4.77 -10.00
CA GLU E 348 -82.13 5.72 -9.88
C GLU E 348 -81.99 6.48 -8.56
N THR E 349 -81.70 5.74 -7.48
CA THR E 349 -81.53 6.32 -6.16
C THR E 349 -80.49 7.43 -6.26
N THR E 350 -79.37 7.10 -6.90
CA THR E 350 -78.26 8.01 -7.10
C THR E 350 -78.68 9.24 -7.91
N GLU E 351 -79.20 9.00 -9.11
CA GLU E 351 -79.62 10.07 -9.99
C GLU E 351 -80.38 11.16 -9.24
N ASP E 352 -81.15 10.77 -8.25
CA ASP E 352 -81.91 11.77 -7.52
C ASP E 352 -81.18 12.36 -6.34
N VAL E 353 -80.27 11.59 -5.76
CA VAL E 353 -79.51 12.11 -4.64
C VAL E 353 -78.68 13.26 -5.19
N LEU E 354 -78.10 13.04 -6.38
CA LEU E 354 -77.29 14.07 -7.03
C LEU E 354 -78.12 15.29 -7.43
N ARG E 355 -79.15 15.10 -8.25
CA ARG E 355 -80.01 16.20 -8.67
C ARG E 355 -80.43 16.99 -7.44
N LYS E 356 -80.84 16.27 -6.40
CA LYS E 356 -81.26 16.89 -5.17
C LYS E 356 -80.07 17.69 -4.66
N LEU E 357 -78.90 17.06 -4.68
CA LEU E 357 -77.66 17.69 -4.21
C LEU E 357 -77.25 18.89 -5.05
N ALA E 358 -77.40 18.75 -6.36
CA ALA E 358 -77.05 19.83 -7.29
C ALA E 358 -77.96 21.00 -7.04
N ALA E 359 -79.24 20.71 -6.79
CA ALA E 359 -80.23 21.74 -6.52
C ALA E 359 -79.75 22.57 -5.34
N ALA E 360 -79.29 21.90 -4.29
CA ALA E 360 -78.81 22.54 -3.07
C ALA E 360 -77.57 23.41 -3.35
N VAL E 361 -76.77 22.99 -4.33
CA VAL E 361 -75.55 23.72 -4.71
C VAL E 361 -75.93 25.05 -5.37
N ARG E 362 -77.05 25.04 -6.08
CA ARG E 362 -77.53 26.24 -6.74
C ARG E 362 -78.08 27.19 -5.69
N GLN E 363 -78.79 26.62 -4.72
CA GLN E 363 -79.37 27.40 -3.65
C GLN E 363 -78.32 28.15 -2.85
N ARG E 364 -77.24 27.45 -2.50
CA ARG E 364 -76.16 28.07 -1.73
C ARG E 364 -75.59 29.30 -2.41
N ARG E 365 -75.82 29.45 -3.71
CA ARG E 365 -75.29 30.60 -4.44
C ARG E 365 -75.97 31.92 -4.06
N GLU E 366 -77.29 31.99 -4.18
CA GLU E 366 -77.97 33.21 -3.80
C GLU E 366 -77.61 33.47 -2.36
N VAL E 367 -77.80 32.46 -1.51
CA VAL E 367 -77.50 32.58 -0.09
C VAL E 367 -76.22 33.36 0.19
N ASN E 368 -75.27 33.32 -0.74
CA ASN E 368 -74.04 34.06 -0.54
C ASN E 368 -74.02 35.29 -1.45
N LYS E 369 -74.67 36.33 -0.95
CA LYS E 369 -74.80 37.64 -1.60
C LYS E 369 -75.21 38.68 -0.55
N LYS E 370 -76.33 38.55 0.01
N GLY F 18 -47.96 13.76 -23.42
CA GLY F 18 -48.35 14.87 -22.50
C GLY F 18 -49.04 14.38 -21.23
N ALA F 19 -48.42 13.42 -20.55
CA ALA F 19 -48.98 12.86 -19.32
C ALA F 19 -48.38 13.55 -18.09
N GLU F 20 -49.25 13.95 -17.16
CA GLU F 20 -48.80 14.63 -15.95
C GLU F 20 -48.52 13.71 -14.77
N GLU F 21 -47.25 13.65 -14.37
CA GLU F 21 -46.84 12.82 -13.24
C GLU F 21 -45.69 13.45 -12.46
N ASP F 22 -45.39 12.86 -11.30
CA ASP F 22 -44.31 13.32 -10.43
C ASP F 22 -44.20 14.83 -10.18
N VAL F 23 -45.29 15.56 -10.36
CA VAL F 23 -45.25 17.01 -10.13
C VAL F 23 -44.88 17.33 -8.68
N ARG F 24 -45.13 16.39 -7.77
CA ARG F 24 -44.80 16.58 -6.37
C ARG F 24 -43.62 15.71 -5.96
N ILE F 25 -42.95 15.12 -6.94
CA ILE F 25 -41.76 14.30 -6.69
C ILE F 25 -40.52 15.11 -7.09
N LEU F 26 -39.78 15.62 -6.11
CA LEU F 26 -38.59 16.41 -6.41
C LEU F 26 -37.47 15.60 -7.06
N GLY F 27 -37.50 14.28 -6.92
CA GLY F 27 -36.47 13.47 -7.54
C GLY F 27 -36.18 12.18 -6.80
N TYR F 28 -35.60 11.22 -7.52
CA TYR F 28 -35.23 9.93 -6.96
C TYR F 28 -33.73 9.88 -6.76
N ASP F 29 -33.28 9.02 -5.85
CA ASP F 29 -31.85 8.90 -5.61
C ASP F 29 -31.44 7.44 -5.65
N PRO F 30 -30.24 7.17 -6.16
CA PRO F 30 -29.76 5.80 -6.23
C PRO F 30 -29.71 5.20 -4.84
N LEU F 31 -30.12 3.93 -4.74
CA LEU F 31 -30.16 3.25 -3.47
C LEU F 31 -29.46 1.89 -3.52
N ALA F 32 -28.47 1.67 -2.66
CA ALA F 32 -27.79 0.38 -2.63
C ALA F 32 -28.83 -0.71 -2.36
N SER F 33 -28.76 -1.83 -3.07
CA SER F 33 -29.74 -2.89 -2.86
C SER F 33 -29.48 -3.62 -1.55
N PRO F 34 -30.46 -4.40 -1.06
CA PRO F 34 -30.26 -5.13 0.19
C PRO F 34 -29.06 -6.07 0.03
N ALA F 35 -29.07 -6.86 -1.05
CA ALA F 35 -28.00 -7.80 -1.34
C ALA F 35 -26.63 -7.11 -1.27
N LEU F 36 -26.56 -5.93 -1.87
CA LEU F 36 -25.30 -5.18 -1.87
C LEU F 36 -24.91 -4.78 -0.47
N LEU F 37 -25.86 -4.24 0.28
CA LEU F 37 -25.59 -3.81 1.66
C LEU F 37 -25.17 -4.99 2.52
N GLN F 38 -25.84 -6.14 2.34
CA GLN F 38 -25.54 -7.33 3.12
C GLN F 38 -24.16 -7.88 2.87
N VAL F 39 -23.55 -7.48 1.77
CA VAL F 39 -22.20 -7.91 1.46
C VAL F 39 -21.22 -6.89 2.05
N GLN F 40 -21.55 -5.61 1.90
CA GLN F 40 -20.71 -4.53 2.43
C GLN F 40 -20.58 -4.66 3.94
N ILE F 41 -21.72 -4.84 4.60
CA ILE F 41 -21.74 -4.98 6.04
C ILE F 41 -22.25 -6.39 6.35
N PRO F 42 -21.38 -7.39 6.27
CA PRO F 42 -21.73 -8.78 6.53
C PRO F 42 -22.03 -9.10 7.99
N ALA F 43 -22.86 -10.13 8.19
CA ALA F 43 -23.23 -10.56 9.53
C ALA F 43 -22.27 -11.66 10.01
N THR F 44 -21.64 -11.47 11.16
CA THR F 44 -20.73 -12.47 11.68
C THR F 44 -21.53 -13.72 12.06
N PRO F 45 -20.85 -14.87 12.15
CA PRO F 45 -21.55 -16.12 12.50
C PRO F 45 -22.27 -15.97 13.83
N THR F 46 -21.67 -15.19 14.72
CA THR F 46 -22.24 -14.95 16.04
C THR F 46 -23.54 -14.16 15.89
N SER F 47 -23.48 -13.08 15.14
CA SER F 47 -24.65 -12.25 14.90
C SER F 47 -25.81 -13.11 14.40
N LEU F 48 -25.54 -13.97 13.42
CA LEU F 48 -26.58 -14.84 12.87
C LEU F 48 -27.09 -15.88 13.86
N GLU F 49 -26.21 -16.31 14.76
CA GLU F 49 -26.61 -17.30 15.74
C GLU F 49 -27.45 -16.62 16.81
N THR F 50 -27.00 -15.44 17.24
CA THR F 50 -27.72 -14.65 18.25
C THR F 50 -29.15 -14.38 17.79
N ALA F 51 -29.31 -13.99 16.53
CA ALA F 51 -30.64 -13.73 15.99
C ALA F 51 -31.54 -14.95 16.02
N LYS F 52 -31.01 -16.11 15.66
CA LYS F 52 -31.80 -17.34 15.67
C LYS F 52 -32.21 -17.73 17.06
N ARG F 53 -31.29 -17.60 18.01
CA ARG F 53 -31.57 -17.95 19.39
C ARG F 53 -32.70 -17.09 19.92
N GLY F 54 -32.58 -15.78 19.72
CA GLY F 54 -33.60 -14.85 20.18
C GLY F 54 -34.99 -15.24 19.71
N ARG F 55 -35.10 -15.61 18.44
CA ARG F 55 -36.39 -16.01 17.90
C ARG F 55 -36.91 -17.27 18.58
N ARG F 56 -36.03 -18.24 18.81
CA ARG F 56 -36.43 -19.50 19.45
C ARG F 56 -36.98 -19.24 20.83
N GLU F 57 -36.20 -18.52 21.64
CA GLU F 57 -36.62 -18.21 22.99
C GLU F 57 -37.92 -17.41 23.00
N ALA F 58 -38.02 -16.41 22.14
CA ALA F 58 -39.22 -15.60 22.06
C ALA F 58 -40.42 -16.47 21.72
N ILE F 59 -40.22 -17.36 20.75
CA ILE F 59 -41.29 -18.25 20.32
C ILE F 59 -41.78 -19.16 21.44
N ASP F 60 -40.84 -19.75 22.18
CA ASP F 60 -41.19 -20.66 23.27
C ASP F 60 -41.99 -19.94 24.34
N ILE F 61 -41.58 -18.72 24.66
CA ILE F 61 -42.25 -17.94 25.69
C ILE F 61 -43.66 -17.49 25.32
N ILE F 62 -43.85 -16.95 24.12
CA ILE F 62 -45.18 -16.50 23.75
C ILE F 62 -46.14 -17.63 23.41
N THR F 63 -45.64 -18.85 23.26
CA THR F 63 -46.54 -19.98 22.94
C THR F 63 -46.81 -20.86 24.15
N GLY F 64 -46.20 -20.52 25.29
CA GLY F 64 -46.44 -21.27 26.51
C GLY F 64 -45.42 -22.33 26.87
N LYS F 65 -44.51 -22.64 25.95
CA LYS F 65 -43.50 -23.65 26.18
C LYS F 65 -42.44 -23.27 27.22
N ASP F 66 -42.31 -21.99 27.53
CA ASP F 66 -41.32 -21.57 28.52
C ASP F 66 -41.96 -20.61 29.52
N ASP F 67 -41.68 -20.80 30.81
CA ASP F 67 -42.27 -19.96 31.84
C ASP F 67 -41.52 -18.66 32.12
N ARG F 68 -40.52 -18.36 31.30
CA ARG F 68 -39.78 -17.11 31.49
C ARG F 68 -40.57 -15.97 30.84
N VAL F 69 -40.15 -14.74 31.11
CA VAL F 69 -40.82 -13.60 30.54
C VAL F 69 -39.96 -12.94 29.47
N LEU F 70 -40.55 -12.74 28.29
CA LEU F 70 -39.84 -12.12 27.18
C LEU F 70 -39.77 -10.62 27.48
N VAL F 71 -38.56 -10.07 27.47
CA VAL F 71 -38.37 -8.65 27.75
C VAL F 71 -37.73 -7.88 26.60
N ILE F 72 -38.45 -6.95 26.00
CA ILE F 72 -37.91 -6.11 24.93
C ILE F 72 -37.56 -4.78 25.62
N VAL F 73 -36.31 -4.61 26.01
CA VAL F 73 -35.88 -3.39 26.71
C VAL F 73 -34.72 -2.67 26.00
N GLY F 74 -34.72 -1.33 26.12
CA GLY F 74 -33.67 -0.55 25.49
C GLY F 74 -34.12 0.85 25.13
N PRO F 75 -33.24 1.68 24.55
CA PRO F 75 -33.56 3.06 24.15
C PRO F 75 -34.82 3.19 23.34
N CYS F 76 -35.40 4.38 23.34
CA CYS F 76 -36.62 4.63 22.57
C CYS F 76 -36.21 4.54 21.12
N SER F 77 -35.05 5.10 20.82
CA SER F 77 -34.49 5.10 19.48
C SER F 77 -32.99 5.26 19.58
N ILE F 78 -32.25 4.69 18.63
CA ILE F 78 -30.79 4.79 18.66
C ILE F 78 -30.32 5.87 17.71
N HIS F 79 -29.49 6.79 18.21
CA HIS F 79 -28.96 7.86 17.38
C HIS F 79 -27.45 7.91 17.58
N ASP F 80 -26.96 7.04 18.45
CA ASP F 80 -25.54 6.98 18.78
C ASP F 80 -25.13 5.50 18.91
N LEU F 81 -24.35 5.02 17.95
CA LEU F 81 -23.89 3.63 17.96
C LEU F 81 -22.92 3.35 19.09
N GLU F 82 -22.19 4.38 19.48
CA GLU F 82 -21.21 4.32 20.57
C GLU F 82 -21.91 4.07 21.90
N ALA F 83 -22.91 4.90 22.20
CA ALA F 83 -23.70 4.81 23.43
C ALA F 83 -24.55 3.55 23.43
N ALA F 84 -25.04 3.17 22.26
CA ALA F 84 -25.86 1.98 22.14
C ALA F 84 -25.04 0.74 22.45
N GLN F 85 -23.76 0.79 22.11
CA GLN F 85 -22.89 -0.34 22.35
C GLN F 85 -22.56 -0.49 23.83
N GLU F 86 -22.37 0.64 24.53
CA GLU F 86 -22.06 0.58 25.95
C GLU F 86 -23.24 -0.03 26.66
N TYR F 87 -24.43 0.46 26.29
CA TYR F 87 -25.66 -0.02 26.87
C TYR F 87 -25.80 -1.51 26.63
N ALA F 88 -25.54 -1.94 25.41
CA ALA F 88 -25.66 -3.35 25.06
C ALA F 88 -24.79 -4.20 25.99
N LEU F 89 -23.55 -3.77 26.22
CA LEU F 89 -22.66 -4.53 27.09
C LEU F 89 -23.27 -4.68 28.47
N ARG F 90 -23.77 -3.58 29.04
CA ARG F 90 -24.37 -3.63 30.37
C ARG F 90 -25.56 -4.59 30.36
N LEU F 91 -26.46 -4.41 29.39
CA LEU F 91 -27.65 -5.24 29.29
C LEU F 91 -27.30 -6.71 29.07
N LYS F 92 -26.19 -6.94 28.37
CA LYS F 92 -25.76 -8.29 28.09
C LYS F 92 -25.27 -9.01 29.35
N LYS F 93 -24.50 -8.31 30.18
CA LYS F 93 -24.00 -8.91 31.41
C LYS F 93 -25.20 -9.31 32.26
N LEU F 94 -26.05 -8.32 32.56
CA LEU F 94 -27.24 -8.53 33.35
C LEU F 94 -28.10 -9.64 32.77
N SER F 95 -28.21 -9.64 31.45
CA SER F 95 -28.99 -10.63 30.74
C SER F 95 -28.52 -12.03 31.12
N ASP F 96 -27.21 -12.23 31.16
CA ASP F 96 -26.64 -13.53 31.53
C ASP F 96 -27.03 -13.89 32.95
N GLU F 97 -26.91 -12.90 33.84
CA GLU F 97 -27.22 -13.07 35.24
C GLU F 97 -28.69 -13.40 35.49
N LEU F 98 -29.58 -13.11 34.53
CA LEU F 98 -31.01 -13.38 34.72
C LEU F 98 -31.61 -14.26 33.62
N LYS F 99 -30.76 -14.99 32.90
CA LYS F 99 -31.22 -15.83 31.81
C LYS F 99 -32.19 -16.92 32.23
N GLY F 100 -32.16 -17.27 33.51
CA GLY F 100 -33.05 -18.31 34.01
C GLY F 100 -34.47 -17.80 34.18
N ASP F 101 -34.61 -16.50 34.39
CA ASP F 101 -35.91 -15.86 34.60
C ASP F 101 -36.41 -15.06 33.42
N LEU F 102 -35.50 -14.24 32.86
CA LEU F 102 -35.83 -13.37 31.75
C LEU F 102 -35.18 -13.74 30.43
N SER F 103 -35.88 -13.46 29.34
CA SER F 103 -35.37 -13.71 28.00
C SER F 103 -35.30 -12.33 27.34
N ILE F 104 -34.25 -11.58 27.72
CA ILE F 104 -34.02 -10.23 27.24
C ILE F 104 -33.63 -10.04 25.78
N ILE F 105 -34.21 -9.02 25.18
CA ILE F 105 -33.97 -8.63 23.79
C ILE F 105 -33.85 -7.11 23.82
N MET F 106 -32.93 -6.55 23.04
CA MET F 106 -32.73 -5.12 23.07
C MET F 106 -33.57 -4.35 22.08
N ARG F 107 -33.99 -3.17 22.49
CA ARG F 107 -34.76 -2.30 21.62
C ARG F 107 -33.73 -1.60 20.75
N ALA F 108 -33.82 -1.80 19.45
CA ALA F 108 -32.92 -1.14 18.51
C ALA F 108 -33.85 -0.51 17.51
N TYR F 109 -34.58 0.52 17.95
CA TYR F 109 -35.52 1.19 17.08
C TYR F 109 -34.87 2.30 16.27
N LEU F 110 -35.10 2.25 14.95
CA LEU F 110 -34.53 3.21 14.04
C LEU F 110 -35.25 4.54 14.11
N GLU F 111 -36.54 4.55 13.75
CA GLU F 111 -37.35 5.76 13.79
C GLU F 111 -38.38 5.69 14.92
N LYS F 112 -39.11 6.79 15.10
CA LYS F 112 -40.15 6.88 16.13
C LYS F 112 -41.53 7.04 15.49
N GLY F 118 -39.93 16.43 15.18
CA GLY F 118 -38.52 16.32 15.50
C GLY F 118 -37.70 15.45 14.56
N TRP F 119 -36.75 14.70 15.13
CA TRP F 119 -35.86 13.80 14.38
C TRP F 119 -36.54 12.72 13.53
N LYS F 120 -36.05 12.57 12.30
CA LYS F 120 -36.59 11.60 11.35
C LYS F 120 -36.22 10.14 11.68
N GLY F 121 -35.05 9.93 12.28
CA GLY F 121 -34.60 8.60 12.64
C GLY F 121 -33.25 8.23 12.04
N LEU F 122 -32.58 7.23 12.62
CA LEU F 122 -31.28 6.79 12.13
C LEU F 122 -31.19 6.52 10.61
N ILE F 123 -32.16 5.82 10.05
CA ILE F 123 -32.12 5.53 8.62
C ILE F 123 -32.28 6.81 7.81
N ASN F 124 -33.29 7.60 8.17
CA ASN F 124 -33.57 8.84 7.47
C ASN F 124 -32.52 9.92 7.66
N ASP F 125 -32.21 10.22 8.92
CA ASP F 125 -31.23 11.26 9.21
C ASP F 125 -30.18 10.74 10.18
N PRO F 126 -29.20 9.98 9.67
CA PRO F 126 -28.10 9.40 10.44
C PRO F 126 -27.20 10.41 11.11
N ASP F 127 -26.95 11.51 10.41
CA ASP F 127 -26.07 12.56 10.93
C ASP F 127 -26.74 13.41 12.01
N VAL F 128 -28.07 13.38 12.08
CA VAL F 128 -28.83 14.15 13.06
C VAL F 128 -28.61 15.62 12.77
N ASN F 129 -29.06 16.06 11.61
CA ASN F 129 -28.89 17.44 11.19
C ASN F 129 -29.67 17.77 9.91
N ASN F 130 -30.95 17.44 9.90
CA ASN F 130 -31.84 17.71 8.77
C ASN F 130 -31.33 17.43 7.36
N THR F 131 -30.48 16.43 7.19
CA THR F 131 -29.99 16.06 5.87
C THR F 131 -30.31 14.59 5.71
N PHE F 132 -31.27 14.29 4.85
CA PHE F 132 -31.72 12.92 4.67
C PHE F 132 -30.84 12.03 3.80
N ASN F 133 -29.85 11.41 4.44
CA ASN F 133 -28.92 10.53 3.76
C ASN F 133 -29.29 9.07 4.04
N ILE F 134 -30.31 8.56 3.34
CA ILE F 134 -30.74 7.17 3.54
C ILE F 134 -29.64 6.12 3.35
N ASN F 135 -28.87 6.22 2.28
CA ASN F 135 -27.82 5.23 2.03
C ASN F 135 -26.91 5.06 3.24
N LYS F 136 -26.48 6.19 3.82
CA LYS F 136 -25.62 6.14 5.00
C LYS F 136 -26.44 5.66 6.20
N GLY F 137 -27.72 6.04 6.21
CA GLY F 137 -28.61 5.65 7.28
C GLY F 137 -28.74 4.14 7.34
N LEU F 138 -28.96 3.53 6.19
CA LEU F 138 -29.10 2.07 6.10
C LEU F 138 -27.79 1.42 6.53
N GLN F 139 -26.68 2.07 6.22
CA GLN F 139 -25.39 1.51 6.60
C GLN F 139 -25.28 1.52 8.11
N SER F 140 -25.57 2.68 8.72
CA SER F 140 -25.51 2.80 10.17
C SER F 140 -26.45 1.78 10.79
N ALA F 141 -27.69 1.76 10.29
CA ALA F 141 -28.68 0.83 10.79
C ALA F 141 -28.12 -0.57 10.82
N ARG F 142 -27.67 -1.06 9.66
CA ARG F 142 -27.14 -2.41 9.60
C ARG F 142 -25.88 -2.65 10.41
N GLN F 143 -24.99 -1.67 10.44
CA GLN F 143 -23.77 -1.81 11.20
C GLN F 143 -24.14 -1.98 12.67
N LEU F 144 -25.07 -1.12 13.12
CA LEU F 144 -25.56 -1.15 14.49
C LEU F 144 -26.08 -2.54 14.82
N PHE F 145 -27.02 -3.03 14.02
CA PHE F 145 -27.59 -4.34 14.25
C PHE F 145 -26.50 -5.40 14.32
N VAL F 146 -25.48 -5.28 13.47
CA VAL F 146 -24.41 -6.25 13.50
C VAL F 146 -23.61 -6.11 14.79
N ASN F 147 -23.26 -4.88 15.15
CA ASN F 147 -22.50 -4.65 16.38
C ASN F 147 -23.16 -5.26 17.61
N LEU F 148 -24.47 -5.04 17.73
CA LEU F 148 -25.22 -5.54 18.87
C LEU F 148 -25.32 -7.05 18.88
N THR F 149 -25.95 -7.63 17.87
CA THR F 149 -26.11 -9.08 17.79
C THR F 149 -24.76 -9.78 17.85
N ASN F 150 -23.71 -9.07 17.49
CA ASN F 150 -22.38 -9.64 17.50
C ASN F 150 -21.87 -10.00 18.90
N ILE F 151 -22.31 -9.27 19.92
CA ILE F 151 -21.86 -9.57 21.27
C ILE F 151 -22.80 -10.57 21.95
N GLY F 152 -23.69 -11.16 21.15
CA GLY F 152 -24.62 -12.15 21.67
C GLY F 152 -25.93 -11.65 22.24
N LEU F 153 -26.26 -10.40 21.95
CA LEU F 153 -27.51 -9.81 22.45
C LEU F 153 -28.53 -9.68 21.33
N PRO F 154 -29.64 -10.44 21.41
CA PRO F 154 -30.66 -10.35 20.35
C PRO F 154 -31.24 -8.94 20.30
N ILE F 155 -31.89 -8.59 19.20
CA ILE F 155 -32.46 -7.26 19.07
C ILE F 155 -33.86 -7.28 18.48
N GLY F 156 -34.60 -6.21 18.73
CA GLY F 156 -35.96 -6.08 18.20
C GLY F 156 -36.07 -4.68 17.64
N SER F 157 -36.97 -4.50 16.68
CA SER F 157 -37.13 -3.18 16.08
C SER F 157 -38.55 -3.03 15.54
N GLU F 158 -38.94 -1.81 15.20
CA GLU F 158 -40.26 -1.60 14.64
C GLU F 158 -40.21 -1.80 13.15
N MET F 159 -41.19 -2.51 12.61
CA MET F 159 -41.24 -2.76 11.17
C MET F 159 -41.91 -1.57 10.51
N LEU F 160 -41.08 -0.58 10.20
CA LEU F 160 -41.47 0.68 9.59
C LEU F 160 -42.21 0.52 8.27
N ASP F 161 -41.48 0.13 7.23
CA ASP F 161 -42.06 -0.05 5.90
C ASP F 161 -41.85 -1.46 5.37
N THR F 162 -42.30 -1.69 4.13
CA THR F 162 -42.18 -3.00 3.49
C THR F 162 -40.82 -3.20 2.77
N ILE F 163 -39.91 -2.24 2.92
CA ILE F 163 -38.61 -2.33 2.28
C ILE F 163 -37.43 -2.50 3.23
N SER F 164 -37.33 -1.64 4.23
CA SER F 164 -36.22 -1.71 5.19
C SER F 164 -35.91 -3.12 5.70
N PRO F 165 -36.95 -3.93 5.95
CA PRO F 165 -36.68 -5.27 6.45
C PRO F 165 -35.69 -6.07 5.61
N GLN F 166 -35.84 -6.00 4.28
CA GLN F 166 -34.94 -6.70 3.37
C GLN F 166 -33.46 -6.43 3.66
N TYR F 167 -33.17 -5.27 4.24
CA TYR F 167 -31.80 -4.91 4.58
C TYR F 167 -31.40 -5.34 5.98
N LEU F 168 -32.37 -5.66 6.84
CA LEU F 168 -32.03 -5.96 8.23
C LEU F 168 -32.72 -7.15 8.87
N ALA F 169 -33.75 -7.67 8.21
CA ALA F 169 -34.49 -8.81 8.74
C ALA F 169 -33.57 -9.94 9.26
N ASP F 170 -32.51 -10.22 8.54
CA ASP F 170 -31.58 -11.28 8.92
C ASP F 170 -30.86 -11.06 10.23
N LEU F 171 -31.27 -10.09 11.04
CA LEU F 171 -30.56 -9.85 12.30
C LEU F 171 -31.50 -9.64 13.45
N VAL F 172 -32.78 -9.61 13.13
CA VAL F 172 -33.84 -9.38 14.09
C VAL F 172 -34.50 -10.61 14.73
N SER F 173 -34.66 -10.58 16.05
CA SER F 173 -35.32 -11.67 16.76
C SER F 173 -36.75 -11.27 17.09
N PHE F 174 -37.07 -9.99 16.95
CA PHE F 174 -38.40 -9.49 17.28
C PHE F 174 -38.83 -8.24 16.51
N GLY F 175 -40.07 -8.22 16.07
CA GLY F 175 -40.61 -7.09 15.36
C GLY F 175 -41.92 -6.60 15.96
N ALA F 176 -42.12 -5.29 15.94
CA ALA F 176 -43.34 -4.73 16.50
C ALA F 176 -43.97 -3.81 15.47
N ILE F 177 -45.29 -3.75 15.50
CA ILE F 177 -46.04 -2.86 14.61
C ILE F 177 -46.67 -1.85 15.57
N GLY F 178 -46.23 -0.59 15.47
CA GLY F 178 -46.73 0.45 16.32
C GLY F 178 -48.22 0.68 16.19
N ALA F 179 -48.81 1.24 17.24
CA ALA F 179 -50.24 1.55 17.31
C ALA F 179 -50.82 2.21 16.07
N ARG F 180 -50.05 3.10 15.47
CA ARG F 180 -50.49 3.82 14.29
C ARG F 180 -50.53 3.03 13.01
N THR F 181 -49.96 1.83 13.00
CA THR F 181 -49.99 1.01 11.79
C THR F 181 -50.66 -0.35 11.94
N THR F 182 -51.00 -0.73 13.17
CA THR F 182 -51.66 -2.01 13.44
C THR F 182 -52.89 -2.29 12.56
N GLU F 183 -53.56 -1.24 12.11
CA GLU F 183 -54.74 -1.43 11.28
C GLU F 183 -54.38 -1.49 9.79
N SER F 184 -53.15 -1.09 9.48
CA SER F 184 -52.68 -1.06 8.09
C SER F 184 -52.59 -2.44 7.46
N GLN F 185 -53.38 -2.63 6.41
CA GLN F 185 -53.40 -3.89 5.68
C GLN F 185 -51.98 -4.20 5.25
N LEU F 186 -51.30 -3.15 4.78
CA LEU F 186 -49.93 -3.25 4.30
C LEU F 186 -48.98 -3.84 5.34
N HIS F 187 -49.14 -3.44 6.60
CA HIS F 187 -48.28 -3.95 7.67
C HIS F 187 -48.71 -5.32 8.17
N ARG F 188 -49.94 -5.71 7.91
CA ARG F 188 -50.41 -7.02 8.35
C ARG F 188 -49.83 -8.04 7.36
N GLU F 189 -49.84 -7.68 6.08
CA GLU F 189 -49.29 -8.55 5.06
C GLU F 189 -47.79 -8.70 5.30
N LEU F 190 -47.11 -7.60 5.60
CA LEU F 190 -45.68 -7.64 5.85
C LEU F 190 -45.35 -8.57 7.02
N ALA F 191 -46.14 -8.51 8.08
CA ALA F 191 -45.91 -9.34 9.26
C ALA F 191 -46.07 -10.82 8.93
N SER F 192 -46.99 -11.11 8.02
CA SER F 192 -47.26 -12.48 7.62
C SER F 192 -46.09 -13.13 6.88
N GLY F 193 -45.06 -12.35 6.57
CA GLY F 193 -43.93 -12.89 5.86
C GLY F 193 -42.61 -12.69 6.56
N LEU F 194 -42.64 -12.23 7.81
CA LEU F 194 -41.39 -12.01 8.53
C LEU F 194 -40.93 -13.30 9.20
N SER F 195 -39.62 -13.48 9.30
CA SER F 195 -39.05 -14.69 9.89
C SER F 195 -38.90 -14.66 11.40
N PHE F 196 -39.78 -13.93 12.07
CA PHE F 196 -39.72 -13.84 13.54
C PHE F 196 -41.05 -13.37 14.13
N PRO F 197 -41.18 -13.45 15.46
CA PRO F 197 -42.41 -13.02 16.12
C PRO F 197 -42.69 -11.53 15.96
N VAL F 198 -43.95 -11.19 15.73
CA VAL F 198 -44.36 -9.81 15.56
C VAL F 198 -45.40 -9.37 16.60
N GLY F 199 -45.14 -8.26 17.28
CA GLY F 199 -46.09 -7.77 18.27
C GLY F 199 -46.91 -6.62 17.70
N PHE F 200 -48.24 -6.74 17.76
CA PHE F 200 -49.14 -5.69 17.30
C PHE F 200 -49.66 -4.88 18.48
N LYS F 201 -49.34 -3.59 18.54
CA LYS F 201 -49.82 -2.74 19.65
C LYS F 201 -51.29 -2.41 19.44
N ASN F 202 -52.02 -2.18 20.54
CA ASN F 202 -53.44 -1.85 20.41
C ASN F 202 -53.62 -0.44 19.85
N GLY F 203 -54.83 -0.13 19.39
CA GLY F 203 -55.09 1.18 18.80
C GLY F 203 -54.73 2.35 19.71
N THR F 204 -54.50 3.51 19.10
CA THR F 204 -54.16 4.70 19.89
C THR F 204 -55.39 5.15 20.69
N ASP F 205 -56.54 4.57 20.38
CA ASP F 205 -57.75 4.89 21.11
C ASP F 205 -57.97 3.93 22.28
N GLY F 206 -56.96 3.12 22.59
CA GLY F 206 -57.05 2.20 23.71
C GLY F 206 -57.70 0.84 23.50
N THR F 207 -58.25 0.57 22.31
CA THR F 207 -58.90 -0.72 22.04
C THR F 207 -57.96 -1.81 21.51
N LEU F 208 -58.33 -3.07 21.73
CA LEU F 208 -57.53 -4.23 21.30
C LEU F 208 -58.05 -4.91 20.05
N ASN F 209 -59.30 -4.67 19.72
CA ASN F 209 -59.90 -5.29 18.55
C ASN F 209 -58.98 -5.24 17.32
N VAL F 210 -58.45 -4.06 17.02
CA VAL F 210 -57.56 -3.92 15.88
C VAL F 210 -56.30 -4.77 15.95
N ALA F 211 -55.74 -4.94 17.15
CA ALA F 211 -54.52 -5.74 17.29
C ALA F 211 -54.84 -7.21 17.19
N VAL F 212 -56.03 -7.59 17.68
CA VAL F 212 -56.45 -8.98 17.60
C VAL F 212 -56.69 -9.33 16.12
N ASP F 213 -57.33 -8.42 15.39
CA ASP F 213 -57.59 -8.66 13.96
C ASP F 213 -56.27 -8.72 13.20
N ALA F 214 -55.30 -7.91 13.61
CA ALA F 214 -54.00 -7.91 12.96
C ALA F 214 -53.35 -9.29 13.06
N CYS F 215 -53.35 -9.85 14.27
CA CYS F 215 -52.78 -11.17 14.50
C CYS F 215 -53.49 -12.24 13.64
N GLN F 216 -54.81 -12.15 13.56
CA GLN F 216 -55.57 -13.11 12.77
C GLN F 216 -55.14 -13.00 11.32
N ALA F 217 -55.09 -11.77 10.80
CA ALA F 217 -54.72 -11.54 9.41
C ALA F 217 -53.28 -11.97 9.11
N ALA F 218 -52.36 -11.60 9.97
CA ALA F 218 -50.95 -11.93 9.74
C ALA F 218 -50.70 -13.44 9.74
N ALA F 219 -51.68 -14.21 10.21
CA ALA F 219 -51.54 -15.65 10.26
C ALA F 219 -51.81 -16.29 8.90
N HIS F 220 -52.49 -15.56 8.02
CA HIS F 220 -52.79 -16.06 6.70
C HIS F 220 -51.70 -15.76 5.69
N SER F 221 -51.84 -16.32 4.51
CA SER F 221 -50.90 -16.12 3.43
C SER F 221 -51.35 -14.90 2.65
N HIS F 222 -50.41 -14.01 2.29
CA HIS F 222 -50.76 -12.82 1.54
C HIS F 222 -49.91 -12.66 0.31
N HIS F 223 -50.41 -11.88 -0.64
CA HIS F 223 -49.74 -11.59 -1.89
C HIS F 223 -49.57 -10.11 -2.06
N PHE F 224 -48.38 -9.58 -1.79
CA PHE F 224 -48.17 -8.16 -1.95
C PHE F 224 -46.95 -7.82 -2.81
N MET F 225 -46.66 -6.52 -2.93
CA MET F 225 -45.53 -6.07 -3.72
C MET F 225 -44.44 -5.50 -2.83
N SER F 226 -43.24 -6.05 -2.94
CA SER F 226 -42.12 -5.58 -2.15
C SER F 226 -40.94 -5.54 -3.13
N VAL F 227 -39.72 -5.38 -2.61
CA VAL F 227 -38.57 -5.41 -3.48
C VAL F 227 -37.73 -6.63 -3.07
N THR F 228 -37.06 -7.22 -4.06
CA THR F 228 -36.23 -8.38 -3.80
C THR F 228 -34.90 -7.96 -3.19
N LYS F 229 -34.06 -8.94 -2.88
CA LYS F 229 -32.75 -8.67 -2.32
C LYS F 229 -31.95 -7.81 -3.29
N HIS F 230 -32.35 -7.87 -4.57
CA HIS F 230 -31.64 -7.11 -5.59
C HIS F 230 -32.20 -5.74 -5.94
N GLY F 231 -33.10 -5.24 -5.11
CA GLY F 231 -33.66 -3.92 -5.32
C GLY F 231 -34.71 -3.80 -6.42
N VAL F 232 -35.27 -4.94 -6.84
CA VAL F 232 -36.29 -4.93 -7.89
C VAL F 232 -37.67 -5.23 -7.31
N ALA F 233 -38.70 -4.63 -7.91
CA ALA F 233 -40.06 -4.84 -7.46
C ALA F 233 -40.55 -6.22 -7.88
N ALA F 234 -41.21 -6.92 -6.97
CA ALA F 234 -41.73 -8.25 -7.28
C ALA F 234 -42.98 -8.60 -6.48
N ILE F 235 -43.70 -9.61 -6.95
CA ILE F 235 -44.91 -10.06 -6.29
C ILE F 235 -44.51 -11.06 -5.18
N THR F 236 -44.63 -10.65 -3.93
CA THR F 236 -44.26 -11.52 -2.81
C THR F 236 -45.43 -12.41 -2.38
N THR F 237 -45.12 -13.61 -1.90
CA THR F 237 -46.15 -14.52 -1.42
C THR F 237 -45.71 -14.99 -0.04
N THR F 238 -46.53 -14.71 0.98
CA THR F 238 -46.17 -15.10 2.34
C THR F 238 -46.77 -16.44 2.79
N LYS F 239 -46.14 -17.01 3.80
CA LYS F 239 -46.55 -18.29 4.36
C LYS F 239 -47.58 -18.10 5.47
N GLY F 240 -47.52 -16.95 6.14
CA GLY F 240 -48.42 -16.68 7.24
C GLY F 240 -47.55 -16.75 8.48
N ASN F 241 -47.82 -15.91 9.46
CA ASN F 241 -47.02 -15.90 10.68
C ASN F 241 -47.89 -16.28 11.86
N GLU F 242 -47.54 -17.37 12.56
CA GLU F 242 -48.33 -17.79 13.71
C GLU F 242 -47.74 -17.31 15.02
N HIS F 243 -46.69 -16.49 14.94
CA HIS F 243 -46.06 -15.98 16.14
C HIS F 243 -46.33 -14.48 16.35
N CYS F 244 -47.58 -14.08 16.16
CA CYS F 244 -48.01 -12.71 16.34
C CYS F 244 -48.83 -12.59 17.62
N PHE F 245 -48.46 -11.63 18.46
CA PHE F 245 -49.17 -11.43 19.70
C PHE F 245 -49.59 -9.96 19.88
N VAL F 246 -50.37 -9.72 20.92
CA VAL F 246 -50.88 -8.39 21.20
C VAL F 246 -50.06 -7.69 22.26
N ILE F 247 -49.83 -6.40 22.07
CA ILE F 247 -49.09 -5.61 23.04
C ILE F 247 -50.03 -4.56 23.61
N LEU F 248 -50.10 -4.49 24.93
CA LEU F 248 -50.95 -3.51 25.60
C LEU F 248 -50.08 -2.31 25.91
N ARG F 249 -50.48 -1.15 25.37
CA ARG F 249 -49.71 0.07 25.56
C ARG F 249 -50.53 1.31 25.91
N GLY F 250 -51.73 1.10 26.43
CA GLY F 250 -52.55 2.24 26.81
C GLY F 250 -53.30 2.88 25.66
N GLY F 251 -53.90 4.03 25.96
CA GLY F 251 -54.67 4.76 24.95
C GLY F 251 -55.77 5.67 25.49
N LYS F 252 -56.59 6.20 24.58
CA LYS F 252 -57.69 7.09 24.93
C LYS F 252 -58.66 6.48 25.92
N LYS F 253 -58.54 5.17 26.15
CA LYS F 253 -59.41 4.48 27.10
C LYS F 253 -58.64 4.22 28.38
N GLY F 254 -57.72 5.14 28.72
CA GLY F 254 -56.90 4.99 29.91
C GLY F 254 -55.80 3.97 29.72
N THR F 255 -54.93 3.82 30.73
CA THR F 255 -53.86 2.85 30.65
C THR F 255 -54.53 1.48 30.66
N ASN F 256 -53.73 0.41 30.55
CA ASN F 256 -54.30 -0.94 30.57
C ASN F 256 -53.35 -2.05 31.00
N TYR F 257 -52.48 -1.75 31.95
CA TYR F 257 -51.54 -2.75 32.43
C TYR F 257 -52.02 -3.39 33.74
N ASP F 258 -53.17 -2.95 34.22
CA ASP F 258 -53.77 -3.43 35.46
C ASP F 258 -54.61 -4.71 35.24
N ALA F 259 -54.72 -5.54 36.28
CA ALA F 259 -55.46 -6.79 36.24
C ALA F 259 -56.81 -6.73 35.52
N LYS F 260 -57.61 -5.72 35.85
CA LYS F 260 -58.94 -5.54 35.24
C LYS F 260 -58.76 -5.45 33.73
N SER F 261 -57.90 -4.54 33.28
CA SER F 261 -57.62 -4.34 31.86
C SER F 261 -57.06 -5.63 31.25
N VAL F 262 -56.18 -6.30 32.00
CA VAL F 262 -55.59 -7.55 31.56
C VAL F 262 -56.68 -8.60 31.33
N ALA F 263 -57.52 -8.79 32.34
CA ALA F 263 -58.60 -9.77 32.26
C ALA F 263 -59.53 -9.46 31.10
N GLU F 264 -59.86 -8.19 30.92
CA GLU F 264 -60.76 -7.81 29.84
C GLU F 264 -60.06 -8.13 28.51
N ALA F 265 -58.75 -7.92 28.50
CA ALA F 265 -57.94 -8.15 27.32
C ALA F 265 -58.00 -9.63 26.89
N LYS F 266 -57.81 -10.52 27.87
CA LYS F 266 -57.84 -11.97 27.65
C LYS F 266 -59.20 -12.43 27.15
N ALA F 267 -60.26 -11.89 27.73
CA ALA F 267 -61.60 -12.28 27.31
C ALA F 267 -61.82 -11.84 25.88
N GLN F 268 -60.83 -11.19 25.29
CA GLN F 268 -60.93 -10.75 23.90
C GLN F 268 -60.06 -11.56 22.96
N LEU F 269 -59.14 -12.32 23.53
CA LEU F 269 -58.24 -13.17 22.75
C LEU F 269 -58.89 -14.46 22.32
N PRO F 270 -58.79 -14.80 21.02
CA PRO F 270 -59.37 -16.03 20.47
C PRO F 270 -58.83 -17.30 21.14
N ALA F 271 -59.42 -18.45 20.80
CA ALA F 271 -59.01 -19.74 21.36
C ALA F 271 -57.52 -20.02 21.27
N GLY F 272 -56.91 -20.29 22.42
CA GLY F 272 -55.50 -20.59 22.47
C GLY F 272 -54.68 -19.64 21.60
N SER F 273 -54.55 -18.40 22.06
CA SER F 273 -53.79 -17.36 21.36
C SER F 273 -52.38 -17.42 21.93
N ASN F 274 -51.56 -16.45 21.54
CA ASN F 274 -50.20 -16.37 22.05
C ASN F 274 -50.27 -15.48 23.28
N GLY F 275 -49.15 -15.33 23.98
CA GLY F 275 -49.16 -14.49 25.18
C GLY F 275 -49.46 -13.03 24.90
N LEU F 276 -49.51 -12.23 25.98
CA LEU F 276 -49.78 -10.79 25.90
C LEU F 276 -48.53 -10.06 26.31
N MET F 277 -48.22 -8.97 25.63
CA MET F 277 -47.07 -8.18 26.01
C MET F 277 -47.59 -6.85 26.54
N ILE F 278 -46.96 -6.38 27.59
CA ILE F 278 -47.34 -5.13 28.23
C ILE F 278 -46.21 -4.12 28.10
N ASP F 279 -46.51 -3.00 27.42
CA ASP F 279 -45.54 -1.91 27.25
C ASP F 279 -45.66 -0.94 28.42
N TYR F 280 -44.65 -0.90 29.29
CA TYR F 280 -44.67 0.00 30.43
C TYR F 280 -44.68 1.48 30.01
N SER F 281 -44.44 1.76 28.73
CA SER F 281 -44.38 3.14 28.30
C SER F 281 -45.49 3.64 27.42
N HIS F 282 -45.22 4.75 26.74
CA HIS F 282 -46.20 5.35 25.85
C HIS F 282 -47.48 5.48 26.65
N GLY F 283 -48.60 5.04 26.08
CA GLY F 283 -49.88 5.13 26.77
C GLY F 283 -49.96 4.74 28.25
N ASN F 284 -49.27 3.68 28.67
CA ASN F 284 -49.30 3.24 30.06
C ASN F 284 -48.40 4.01 31.01
N SER F 285 -47.62 4.92 30.47
CA SER F 285 -46.74 5.73 31.29
C SER F 285 -47.35 7.12 31.37
N ASN F 286 -48.31 7.35 30.47
CA ASN F 286 -49.02 8.62 30.32
C ASN F 286 -48.25 9.85 30.78
N LYS F 287 -47.52 10.45 29.85
CA LYS F 287 -46.76 11.67 30.10
C LYS F 287 -45.59 11.63 31.07
N ASP F 288 -45.34 10.52 31.75
CA ASP F 288 -44.23 10.51 32.70
C ASP F 288 -43.43 9.22 32.70
N PHE F 289 -42.23 9.27 32.12
CA PHE F 289 -41.36 8.11 32.04
C PHE F 289 -40.95 7.53 33.37
N ARG F 290 -41.23 8.22 34.47
CA ARG F 290 -40.88 7.68 35.78
C ARG F 290 -41.96 6.73 36.26
N ASN F 291 -43.09 6.67 35.53
CA ASN F 291 -44.17 5.77 35.89
C ASN F 291 -43.88 4.35 35.45
N GLN F 292 -42.70 4.14 34.86
CA GLN F 292 -42.37 2.81 34.39
C GLN F 292 -42.11 1.86 35.54
N PRO F 293 -41.42 2.32 36.60
CA PRO F 293 -41.21 1.36 37.68
C PRO F 293 -42.55 1.11 38.34
N LYS F 294 -43.39 2.13 38.31
CA LYS F 294 -44.74 2.12 38.88
C LYS F 294 -45.53 1.01 38.21
N VAL F 295 -45.57 1.04 36.87
CA VAL F 295 -46.29 0.04 36.10
C VAL F 295 -45.72 -1.35 36.37
N ASN F 296 -44.40 -1.41 36.46
CA ASN F 296 -43.69 -2.65 36.71
C ASN F 296 -44.25 -3.41 37.91
N ASP F 297 -44.36 -2.72 39.05
CA ASP F 297 -44.88 -3.35 40.27
C ASP F 297 -46.28 -3.89 40.07
N VAL F 298 -47.14 -3.12 39.41
CA VAL F 298 -48.52 -3.56 39.17
C VAL F 298 -48.53 -4.79 38.25
N VAL F 299 -47.52 -4.91 37.38
CA VAL F 299 -47.46 -6.06 36.49
C VAL F 299 -46.81 -7.20 37.26
N CYS F 300 -45.74 -6.90 37.99
CA CYS F 300 -45.07 -7.90 38.80
C CYS F 300 -46.08 -8.62 39.68
N GLU F 301 -46.85 -7.86 40.45
CA GLU F 301 -47.85 -8.44 41.32
C GLU F 301 -48.76 -9.42 40.59
N GLN F 302 -49.34 -9.01 39.47
CA GLN F 302 -50.20 -9.92 38.73
C GLN F 302 -49.39 -11.15 38.38
N ILE F 303 -48.20 -10.96 37.84
CA ILE F 303 -47.34 -12.07 37.48
C ILE F 303 -47.14 -12.98 38.68
N ALA F 304 -46.41 -12.47 39.67
CA ALA F 304 -46.09 -13.18 40.90
C ALA F 304 -47.25 -13.98 41.49
N ASN F 305 -48.43 -13.37 41.57
CA ASN F 305 -49.59 -14.06 42.12
C ASN F 305 -50.25 -15.08 41.20
N GLY F 306 -49.63 -15.37 40.05
CA GLY F 306 -50.19 -16.38 39.16
C GLY F 306 -50.68 -16.10 37.75
N GLU F 307 -50.44 -14.91 37.20
CA GLU F 307 -50.90 -14.62 35.83
C GLU F 307 -49.93 -15.21 34.81
N ASN F 308 -50.44 -16.07 33.93
CA ASN F 308 -49.60 -16.71 32.94
C ASN F 308 -49.84 -16.18 31.54
N ALA F 309 -50.85 -15.33 31.38
CA ALA F 309 -51.14 -14.78 30.07
C ALA F 309 -50.17 -13.64 29.75
N ILE F 310 -49.55 -13.07 30.78
CA ILE F 310 -48.59 -12.00 30.57
C ILE F 310 -47.25 -12.68 30.30
N THR F 311 -46.89 -12.77 29.03
CA THR F 311 -45.65 -13.44 28.65
C THR F 311 -44.48 -12.48 28.42
N GLY F 312 -44.75 -11.21 28.13
CA GLY F 312 -43.66 -10.28 27.89
C GLY F 312 -43.93 -8.83 28.27
N VAL F 313 -42.90 -8.00 28.27
CA VAL F 313 -43.03 -6.59 28.61
C VAL F 313 -42.05 -5.71 27.83
N MET F 314 -42.44 -4.44 27.60
CA MET F 314 -41.62 -3.46 26.88
C MET F 314 -41.14 -2.42 27.87
N ILE F 315 -39.90 -1.96 27.70
CA ILE F 315 -39.33 -0.96 28.59
C ILE F 315 -38.42 -0.02 27.84
N GLU F 316 -38.69 1.30 27.89
CA GLU F 316 -37.82 2.24 27.20
C GLU F 316 -36.77 2.69 28.21
N SER F 317 -35.57 2.17 28.05
CA SER F 317 -34.45 2.44 28.94
C SER F 317 -33.24 2.91 28.18
N ASN F 318 -32.34 3.59 28.88
CA ASN F 318 -31.13 4.11 28.27
C ASN F 318 -30.04 4.23 29.32
N ILE F 319 -28.84 4.66 28.93
CA ILE F 319 -27.76 4.80 29.91
C ILE F 319 -28.11 5.84 30.98
N ASN F 320 -28.59 7.00 30.55
CA ASN F 320 -28.98 8.06 31.45
C ASN F 320 -30.45 8.37 31.17
N GLU F 321 -31.17 8.84 32.19
CA GLU F 321 -32.61 9.13 32.09
C GLU F 321 -32.99 10.40 31.34
N GLY F 322 -34.27 10.51 31.04
CA GLY F 322 -34.79 11.67 30.35
C GLY F 322 -34.77 11.65 28.84
N ASN F 323 -34.52 12.81 28.27
CA ASN F 323 -34.42 13.00 26.83
C ASN F 323 -33.88 14.42 26.60
N GLN F 324 -33.78 14.85 25.35
CA GLN F 324 -33.19 16.15 25.03
C GLN F 324 -33.46 16.56 23.60
N GLY F 325 -33.38 17.86 23.34
CA GLY F 325 -33.59 18.37 21.99
C GLY F 325 -32.32 18.29 21.18
N ILE F 326 -32.42 18.60 19.89
CA ILE F 326 -31.27 18.57 18.99
C ILE F 326 -30.83 20.00 18.66
N PRO F 327 -29.55 20.34 18.97
CA PRO F 327 -29.05 21.70 18.70
C PRO F 327 -28.84 21.97 17.19
N GLY F 330 -24.98 20.39 15.48
CA GLY F 330 -26.10 19.65 16.04
C GLY F 330 -25.66 18.48 16.89
N LYS F 331 -25.51 17.31 16.27
CA LYS F 331 -25.10 16.07 16.93
C LYS F 331 -23.95 16.20 17.95
N ALA F 332 -22.94 16.99 17.61
CA ALA F 332 -21.79 17.19 18.49
C ALA F 332 -22.17 17.85 19.81
N GLY F 333 -23.35 18.47 19.84
CA GLY F 333 -23.81 19.15 21.02
C GLY F 333 -24.60 18.28 21.98
N LEU F 334 -25.13 17.18 21.47
CA LEU F 334 -25.90 16.25 22.28
C LEU F 334 -25.15 15.80 23.51
N LYS F 335 -25.86 15.14 24.42
CA LYS F 335 -25.26 14.63 25.64
C LYS F 335 -25.25 13.12 25.53
N TYR F 336 -24.24 12.49 26.11
CA TYR F 336 -24.08 11.05 26.06
C TYR F 336 -25.21 10.28 26.75
N GLY F 337 -25.61 9.16 26.13
CA GLY F 337 -26.65 8.30 26.68
C GLY F 337 -28.00 8.89 27.05
N VAL F 338 -28.44 9.92 26.32
CA VAL F 338 -29.73 10.54 26.58
C VAL F 338 -30.58 10.52 25.32
N SER F 339 -31.75 9.89 25.40
CA SER F 339 -32.64 9.80 24.24
C SER F 339 -32.95 11.14 23.60
N ILE F 340 -33.22 11.15 22.30
CA ILE F 340 -33.58 12.38 21.63
C ILE F 340 -34.96 12.24 21.01
N THR F 341 -35.72 11.32 21.57
CA THR F 341 -37.11 11.07 21.20
C THR F 341 -37.79 10.90 22.56
N ASP F 342 -38.69 9.93 22.73
CA ASP F 342 -39.36 9.74 24.03
C ASP F 342 -38.35 9.54 25.17
N ALA F 343 -38.64 10.15 26.32
CA ALA F 343 -37.79 10.07 27.50
C ALA F 343 -37.71 8.64 28.04
N CYS F 344 -36.64 8.31 28.75
CA CYS F 344 -36.49 6.95 29.29
C CYS F 344 -35.91 6.92 30.70
N ILE F 345 -36.06 5.77 31.36
CA ILE F 345 -35.52 5.58 32.70
C ILE F 345 -34.02 5.24 32.56
N GLY F 346 -33.17 5.89 33.35
CA GLY F 346 -31.74 5.63 33.28
C GLY F 346 -31.37 4.17 33.56
N TRP F 347 -30.09 3.82 33.45
CA TRP F 347 -29.63 2.45 33.66
C TRP F 347 -29.80 1.89 35.06
N GLU F 348 -29.27 2.58 36.07
CA GLU F 348 -29.38 2.12 37.45
C GLU F 348 -30.84 1.75 37.75
N THR F 349 -31.77 2.59 37.28
CA THR F 349 -33.21 2.33 37.49
C THR F 349 -33.60 1.03 36.79
N THR F 350 -33.17 0.89 35.55
CA THR F 350 -33.50 -0.28 34.74
C THR F 350 -33.06 -1.60 35.38
N GLU F 351 -31.87 -1.61 35.97
CA GLU F 351 -31.39 -2.83 36.60
C GLU F 351 -32.38 -3.24 37.68
N ASP F 352 -32.86 -2.23 38.40
CA ASP F 352 -33.82 -2.38 39.48
C ASP F 352 -35.09 -3.06 38.94
N VAL F 353 -35.69 -2.43 37.93
CA VAL F 353 -36.89 -2.96 37.32
C VAL F 353 -36.76 -4.42 36.93
N LEU F 354 -35.75 -4.74 36.13
CA LEU F 354 -35.54 -6.10 35.67
C LEU F 354 -35.37 -7.13 36.78
N ARG F 355 -34.49 -6.87 37.72
CA ARG F 355 -34.28 -7.80 38.82
C ARG F 355 -35.59 -8.06 39.55
N LYS F 356 -36.38 -7.02 39.79
CA LYS F 356 -37.66 -7.21 40.46
C LYS F 356 -38.58 -8.00 39.55
N LEU F 357 -38.40 -7.84 38.25
CA LEU F 357 -39.23 -8.56 37.30
C LEU F 357 -38.78 -10.02 37.38
N ALA F 358 -37.48 -10.22 37.58
CA ALA F 358 -36.93 -11.55 37.65
C ALA F 358 -37.57 -12.30 38.81
N ALA F 359 -37.58 -11.68 39.99
CA ALA F 359 -38.16 -12.31 41.17
C ALA F 359 -39.63 -12.70 40.92
N ALA F 360 -40.42 -11.74 40.42
CA ALA F 360 -41.82 -11.98 40.12
C ALA F 360 -41.99 -13.23 39.26
N VAL F 361 -41.04 -13.47 38.36
CA VAL F 361 -41.11 -14.63 37.48
C VAL F 361 -40.81 -15.88 38.29
N ARG F 362 -39.87 -15.77 39.22
CA ARG F 362 -39.52 -16.89 40.07
C ARG F 362 -40.77 -17.23 40.88
N GLN F 363 -41.22 -16.25 41.68
CA GLN F 363 -42.42 -16.40 42.49
C GLN F 363 -43.55 -17.08 41.70
N ARG F 364 -43.81 -16.61 40.49
CA ARG F 364 -44.85 -17.20 39.67
C ARG F 364 -44.60 -18.67 39.37
N ARG F 365 -43.33 -19.05 39.25
CA ARG F 365 -42.97 -20.44 38.96
C ARG F 365 -43.52 -21.36 40.06
N GLU F 366 -43.32 -20.95 41.31
CA GLU F 366 -43.80 -21.70 42.47
C GLU F 366 -45.32 -21.84 42.43
N VAL F 367 -46.01 -20.69 42.38
CA VAL F 367 -47.47 -20.67 42.34
C VAL F 367 -48.06 -21.63 41.31
N ASN F 368 -47.29 -21.98 40.28
CA ASN F 368 -47.80 -22.88 39.25
C ASN F 368 -47.54 -24.35 39.55
N LYS F 369 -46.71 -24.61 40.56
CA LYS F 369 -46.37 -25.98 40.96
C LYS F 369 -47.58 -26.69 41.60
N LYS F 370 -47.52 -27.94 41.73
N ALA G 19 -22.22 18.42 -16.36
CA ALA G 19 -21.89 17.12 -17.01
C ALA G 19 -22.53 17.06 -18.39
N GLU G 20 -21.87 16.40 -19.33
CA GLU G 20 -22.39 16.28 -20.69
C GLU G 20 -22.51 14.80 -21.10
N GLU G 21 -23.55 14.13 -20.64
CA GLU G 21 -23.79 12.73 -20.97
C GLU G 21 -25.01 12.54 -21.87
N ASP G 22 -25.09 11.37 -22.48
CA ASP G 22 -26.21 11.01 -23.35
C ASP G 22 -26.55 12.00 -24.45
N VAL G 23 -25.57 12.76 -24.92
CA VAL G 23 -25.85 13.70 -25.99
C VAL G 23 -26.15 12.95 -27.27
N ARG G 24 -25.66 11.71 -27.37
CA ARG G 24 -25.91 10.89 -28.56
C ARG G 24 -26.89 9.75 -28.26
N ILE G 25 -27.52 9.81 -27.09
CA ILE G 25 -28.51 8.81 -26.70
C ILE G 25 -29.90 9.43 -26.84
N LEU G 26 -30.65 9.06 -27.88
CA LEU G 26 -31.98 9.61 -28.10
C LEU G 26 -32.99 9.23 -27.03
N GLY G 27 -32.72 8.15 -26.29
CA GLY G 27 -33.63 7.75 -25.24
C GLY G 27 -33.64 6.26 -24.97
N TYR G 28 -34.08 5.90 -23.76
CA TYR G 28 -34.17 4.51 -23.35
C TYR G 28 -35.64 4.07 -23.39
N ASP G 29 -35.86 2.76 -23.48
CA ASP G 29 -37.21 2.25 -23.52
C ASP G 29 -37.35 1.12 -22.53
N PRO G 30 -38.52 1.01 -21.90
CA PRO G 30 -38.74 -0.06 -20.92
C PRO G 30 -38.59 -1.42 -21.61
N LEU G 31 -37.95 -2.33 -20.91
CA LEU G 31 -37.68 -3.66 -21.44
C LEU G 31 -38.12 -4.78 -20.48
N ALA G 32 -39.00 -5.66 -20.94
CA ALA G 32 -39.45 -6.77 -20.11
C ALA G 32 -38.23 -7.56 -19.67
N SER G 33 -38.16 -7.95 -18.41
CA SER G 33 -36.99 -8.70 -17.93
C SER G 33 -37.02 -10.14 -18.44
N PRO G 34 -35.88 -10.85 -18.37
CA PRO G 34 -35.82 -12.24 -18.83
C PRO G 34 -36.86 -13.07 -18.07
N ALA G 35 -36.78 -13.00 -16.75
CA ALA G 35 -37.69 -13.72 -15.86
C ALA G 35 -39.14 -13.48 -16.28
N LEU G 36 -39.49 -12.22 -16.56
CA LEU G 36 -40.84 -11.88 -16.96
C LEU G 36 -41.18 -12.56 -18.29
N LEU G 37 -40.28 -12.45 -19.26
CA LEU G 37 -40.51 -13.05 -20.59
C LEU G 37 -40.63 -14.56 -20.48
N GLN G 38 -39.80 -15.17 -19.65
CA GLN G 38 -39.83 -16.62 -19.46
C GLN G 38 -41.12 -17.13 -18.84
N VAL G 39 -41.88 -16.24 -18.22
CA VAL G 39 -43.15 -16.62 -17.63
C VAL G 39 -44.24 -16.41 -18.70
N GLN G 40 -44.16 -15.29 -19.41
CA GLN G 40 -45.12 -14.97 -20.47
C GLN G 40 -45.12 -16.06 -21.52
N ILE G 41 -43.93 -16.41 -21.98
CA ILE G 41 -43.76 -17.44 -23.00
C ILE G 41 -42.97 -18.58 -22.36
N PRO G 42 -43.65 -19.44 -21.60
CA PRO G 42 -43.05 -20.58 -20.92
C PRO G 42 -42.57 -21.69 -21.85
N ALA G 43 -41.57 -22.43 -21.39
CA ALA G 43 -41.03 -23.54 -22.15
C ALA G 43 -41.75 -24.82 -21.74
N THR G 44 -42.28 -25.56 -22.72
CA THR G 44 -42.98 -26.80 -22.43
C THR G 44 -41.95 -27.84 -21.96
N PRO G 45 -42.40 -28.87 -21.23
CA PRO G 45 -41.46 -29.90 -20.75
C PRO G 45 -40.67 -30.50 -21.90
N THR G 46 -41.33 -30.61 -23.05
CA THR G 46 -40.70 -31.15 -24.24
C THR G 46 -39.58 -30.24 -24.69
N SER G 47 -39.90 -28.95 -24.81
CA SER G 47 -38.91 -27.97 -25.22
C SER G 47 -37.66 -28.07 -24.35
N LEU G 48 -37.85 -28.13 -23.04
CA LEU G 48 -36.73 -28.23 -22.12
C LEU G 48 -35.98 -29.53 -22.23
N GLU G 49 -36.68 -30.60 -22.60
CA GLU G 49 -36.03 -31.90 -22.74
C GLU G 49 -35.23 -31.92 -24.04
N THR G 50 -35.84 -31.40 -25.10
CA THR G 50 -35.21 -31.33 -26.40
C THR G 50 -33.88 -30.58 -26.30
N ALA G 51 -33.89 -29.46 -25.60
CA ALA G 51 -32.68 -28.66 -25.43
C ALA G 51 -31.57 -29.42 -24.71
N LYS G 52 -31.93 -30.16 -23.67
CA LYS G 52 -30.94 -30.92 -22.91
C LYS G 52 -30.34 -32.04 -23.74
N ARG G 53 -31.20 -32.71 -24.51
CA ARG G 53 -30.76 -33.81 -25.36
C ARG G 53 -29.75 -33.28 -26.38
N GLY G 54 -30.12 -32.22 -27.07
CA GLY G 54 -29.24 -31.63 -28.07
C GLY G 54 -27.85 -31.34 -27.52
N ARG G 55 -27.77 -30.82 -26.31
CA ARG G 55 -26.48 -30.52 -25.72
C ARG G 55 -25.70 -31.79 -25.44
N ARG G 56 -26.38 -32.82 -24.93
CA ARG G 56 -25.71 -34.08 -24.64
C ARG G 56 -25.11 -34.68 -25.92
N GLU G 57 -25.94 -34.79 -26.96
CA GLU G 57 -25.48 -35.35 -28.21
C GLU G 57 -24.33 -34.54 -28.80
N ALA G 58 -24.47 -33.21 -28.80
CA ALA G 58 -23.43 -32.34 -29.34
C ALA G 58 -22.13 -32.54 -28.56
N ILE G 59 -22.24 -32.62 -27.23
CA ILE G 59 -21.08 -32.80 -26.38
C ILE G 59 -20.34 -34.11 -26.69
N ASP G 60 -21.09 -35.20 -26.79
CA ASP G 60 -20.51 -36.52 -27.07
C ASP G 60 -19.78 -36.53 -28.40
N ILE G 61 -20.38 -35.91 -29.41
CA ILE G 61 -19.77 -35.86 -30.72
C ILE G 61 -18.49 -35.03 -30.79
N ILE G 62 -18.51 -33.82 -30.24
CA ILE G 62 -17.31 -32.99 -30.31
C ILE G 62 -16.20 -33.43 -29.39
N THR G 63 -16.49 -34.32 -28.44
CA THR G 63 -15.45 -34.80 -27.53
C THR G 63 -14.91 -36.18 -27.89
N GLY G 64 -15.47 -36.78 -28.96
CA GLY G 64 -15.00 -38.07 -29.40
C GLY G 64 -15.78 -39.28 -28.93
N LYS G 65 -16.73 -39.08 -28.02
CA LYS G 65 -17.51 -40.18 -27.50
C LYS G 65 -18.54 -40.76 -28.47
N ASP G 66 -18.87 -40.04 -29.53
CA ASP G 66 -19.83 -40.55 -30.51
C ASP G 66 -19.29 -40.35 -31.91
N ASP G 67 -19.43 -41.37 -32.76
CA ASP G 67 -18.90 -41.28 -34.13
C ASP G 67 -19.84 -40.62 -35.13
N ARG G 68 -20.96 -40.08 -34.64
CA ARG G 68 -21.87 -39.39 -35.55
C ARG G 68 -21.34 -37.99 -35.83
N VAL G 69 -21.96 -37.31 -36.79
CA VAL G 69 -21.54 -35.96 -37.13
C VAL G 69 -22.59 -34.97 -36.68
N LEU G 70 -22.14 -33.95 -35.95
CA LEU G 70 -23.03 -32.91 -35.48
C LEU G 70 -23.34 -32.00 -36.65
N VAL G 71 -24.63 -31.82 -36.94
CA VAL G 71 -25.05 -30.98 -38.05
C VAL G 71 -25.92 -29.77 -37.63
N ILE G 72 -25.41 -28.56 -37.83
CA ILE G 72 -26.17 -27.35 -37.53
C ILE G 72 -26.68 -26.88 -38.90
N VAL G 73 -27.91 -27.20 -39.23
CA VAL G 73 -28.49 -26.84 -40.53
C VAL G 73 -29.80 -26.07 -40.40
N GLY G 74 -30.04 -25.15 -41.32
CA GLY G 74 -31.27 -24.37 -41.30
C GLY G 74 -31.08 -23.01 -41.96
N PRO G 75 -32.14 -22.19 -42.01
CA PRO G 75 -32.10 -20.85 -42.62
C PRO G 75 -30.94 -19.99 -42.13
N CYS G 76 -30.58 -19.00 -42.94
CA CYS G 76 -29.51 -18.09 -42.58
C CYS G 76 -30.02 -17.29 -41.38
N SER G 77 -31.28 -16.89 -41.46
CA SER G 77 -31.94 -16.13 -40.40
C SER G 77 -33.44 -16.35 -40.53
N ILE G 78 -34.14 -16.34 -39.39
CA ILE G 78 -35.58 -16.54 -39.40
C ILE G 78 -36.31 -15.22 -39.35
N HIS G 79 -37.23 -15.01 -40.28
CA HIS G 79 -38.02 -13.77 -40.29
C HIS G 79 -39.49 -14.15 -40.42
N ASP G 80 -39.74 -15.45 -40.50
CA ASP G 80 -41.10 -15.98 -40.64
C ASP G 80 -41.24 -17.21 -39.76
N LEU G 81 -42.01 -17.10 -38.67
CA LEU G 81 -42.21 -18.22 -37.76
C LEU G 81 -43.02 -19.36 -38.37
N GLU G 82 -43.91 -19.04 -39.30
CA GLU G 82 -44.72 -20.07 -39.97
C GLU G 82 -43.79 -20.92 -40.85
N ALA G 83 -43.08 -20.25 -41.76
CA ALA G 83 -42.16 -20.91 -42.68
C ALA G 83 -41.10 -21.70 -41.91
N ALA G 84 -40.65 -21.13 -40.79
CA ALA G 84 -39.63 -21.78 -39.98
C ALA G 84 -40.21 -23.05 -39.37
N GLN G 85 -41.50 -23.04 -39.08
CA GLN G 85 -42.14 -24.20 -38.48
C GLN G 85 -42.32 -25.32 -39.50
N GLU G 86 -42.66 -24.97 -40.74
CA GLU G 86 -42.84 -25.97 -41.77
C GLU G 86 -41.49 -26.66 -41.98
N TYR G 87 -40.44 -25.84 -42.10
CA TYR G 87 -39.10 -26.35 -42.30
C TYR G 87 -38.71 -27.27 -41.15
N ALA G 88 -39.01 -26.85 -39.93
CA ALA G 88 -38.67 -27.65 -38.77
C ALA G 88 -39.30 -29.04 -38.88
N LEU G 89 -40.57 -29.09 -39.28
CA LEU G 89 -41.25 -30.38 -39.41
C LEU G 89 -40.51 -31.28 -40.39
N ARG G 90 -40.16 -30.73 -41.56
CA ARG G 90 -39.45 -31.49 -42.57
C ARG G 90 -38.11 -31.98 -42.03
N LEU G 91 -37.34 -31.07 -41.44
CA LEU G 91 -36.02 -31.41 -40.89
C LEU G 91 -36.14 -32.40 -39.75
N LYS G 92 -37.24 -32.35 -39.03
CA LYS G 92 -37.47 -33.25 -37.91
C LYS G 92 -37.68 -34.69 -38.39
N LYS G 93 -38.48 -34.86 -39.45
CA LYS G 93 -38.73 -36.20 -40.01
C LYS G 93 -37.40 -36.79 -40.50
N LEU G 94 -36.71 -36.04 -41.34
CA LEU G 94 -35.43 -36.48 -41.86
C LEU G 94 -34.49 -36.79 -40.71
N SER G 95 -34.63 -36.02 -39.63
CA SER G 95 -33.77 -36.21 -38.46
C SER G 95 -33.97 -37.63 -37.91
N ASP G 96 -35.20 -38.12 -37.99
CA ASP G 96 -35.51 -39.46 -37.50
C ASP G 96 -34.85 -40.56 -38.34
N GLU G 97 -34.80 -40.38 -39.66
CA GLU G 97 -34.19 -41.37 -40.54
C GLU G 97 -32.67 -41.47 -40.28
N LEU G 98 -32.01 -40.32 -40.25
CA LEU G 98 -30.57 -40.28 -40.05
C LEU G 98 -30.12 -40.21 -38.59
N LYS G 99 -31.08 -40.22 -37.65
CA LYS G 99 -30.74 -40.14 -36.23
C LYS G 99 -29.57 -41.04 -35.87
N GLY G 100 -29.50 -42.18 -36.54
CA GLY G 100 -28.44 -43.14 -36.26
C GLY G 100 -27.05 -42.68 -36.66
N ASP G 101 -26.96 -41.72 -37.58
CA ASP G 101 -25.66 -41.27 -38.06
C ASP G 101 -25.30 -39.79 -37.82
N LEU G 102 -26.27 -38.90 -37.95
CA LEU G 102 -26.00 -37.48 -37.77
C LEU G 102 -26.89 -36.88 -36.68
N SER G 103 -26.31 -35.99 -35.89
CA SER G 103 -27.04 -35.29 -34.83
C SER G 103 -27.48 -33.95 -35.41
N ILE G 104 -28.77 -33.82 -35.71
CA ILE G 104 -29.26 -32.59 -36.32
C ILE G 104 -29.82 -31.54 -35.36
N ILE G 105 -29.36 -30.30 -35.56
CA ILE G 105 -29.81 -29.17 -34.77
C ILE G 105 -30.17 -28.08 -35.77
N MET G 106 -31.38 -27.54 -35.68
CA MET G 106 -31.82 -26.49 -36.60
C MET G 106 -31.15 -25.16 -36.36
N ARG G 107 -30.79 -24.48 -37.45
CA ARG G 107 -30.13 -23.18 -37.38
C ARG G 107 -31.20 -22.09 -37.22
N ALA G 108 -31.47 -21.73 -35.97
CA ALA G 108 -32.44 -20.69 -35.68
C ALA G 108 -31.70 -19.38 -35.36
N TYR G 109 -31.29 -18.68 -36.40
CA TYR G 109 -30.59 -17.40 -36.24
C TYR G 109 -31.55 -16.22 -36.28
N LEU G 110 -31.18 -15.15 -35.60
CA LEU G 110 -32.02 -13.97 -35.54
C LEU G 110 -31.65 -12.86 -36.55
N GLU G 111 -30.38 -12.79 -36.96
CA GLU G 111 -29.96 -11.77 -37.94
C GLU G 111 -28.55 -11.96 -38.55
N LYS G 112 -28.29 -11.21 -39.62
CA LYS G 112 -27.01 -11.19 -40.37
C LYS G 112 -26.19 -10.04 -39.71
N PRO G 113 -24.98 -9.72 -40.22
CA PRO G 113 -24.25 -8.62 -39.56
C PRO G 113 -24.76 -7.23 -39.95
N TRP G 119 -33.00 -5.38 -43.05
CA TRP G 119 -33.73 -6.05 -41.97
C TRP G 119 -32.77 -6.41 -40.85
N LYS G 120 -32.63 -5.51 -39.88
CA LYS G 120 -31.71 -5.71 -38.77
C LYS G 120 -31.91 -6.92 -37.85
N GLY G 121 -32.84 -7.82 -38.20
CA GLY G 121 -33.04 -9.00 -37.37
C GLY G 121 -34.46 -9.23 -36.88
N LEU G 122 -34.70 -10.41 -36.32
CA LEU G 122 -36.02 -10.77 -35.80
C LEU G 122 -36.32 -10.05 -34.48
N ILE G 123 -35.35 -10.03 -33.58
CA ILE G 123 -35.51 -9.37 -32.29
C ILE G 123 -35.63 -7.86 -32.50
N ASN G 124 -34.69 -7.34 -33.27
CA ASN G 124 -34.60 -5.92 -33.55
C ASN G 124 -35.68 -5.35 -34.49
N ASP G 125 -36.58 -6.20 -34.99
CA ASP G 125 -37.64 -5.75 -35.89
C ASP G 125 -38.52 -6.91 -36.35
N PRO G 126 -39.24 -7.53 -35.41
CA PRO G 126 -40.13 -8.65 -35.71
C PRO G 126 -41.21 -8.38 -36.75
N ASP G 127 -41.37 -7.13 -37.15
CA ASP G 127 -42.40 -6.81 -38.12
C ASP G 127 -41.89 -6.61 -39.53
N VAL G 128 -40.60 -6.83 -39.74
CA VAL G 128 -39.98 -6.68 -41.05
C VAL G 128 -40.42 -5.38 -41.77
N ASN G 129 -40.06 -4.22 -41.18
CA ASN G 129 -40.42 -2.91 -41.74
C ASN G 129 -39.93 -1.73 -40.89
N ASN G 130 -38.76 -1.84 -40.29
CA ASN G 130 -38.22 -0.77 -39.44
C ASN G 130 -39.20 -0.44 -38.30
N THR G 131 -39.20 -1.29 -37.28
CA THR G 131 -40.09 -1.08 -36.13
C THR G 131 -39.24 -0.95 -34.86
N PHE G 132 -38.08 -1.59 -34.88
CA PHE G 132 -37.18 -1.53 -33.73
C PHE G 132 -37.93 -1.88 -32.44
N ASN G 133 -38.93 -2.74 -32.58
CA ASN G 133 -39.75 -3.18 -31.45
C ASN G 133 -39.09 -4.35 -30.74
N ILE G 134 -37.95 -4.11 -30.09
CA ILE G 134 -37.24 -5.18 -29.40
C ILE G 134 -38.10 -5.99 -28.41
N ASN G 135 -39.04 -5.37 -27.72
CA ASN G 135 -39.89 -6.12 -26.79
C ASN G 135 -40.66 -7.19 -27.56
N LYS G 136 -41.23 -6.81 -28.70
CA LYS G 136 -41.97 -7.75 -29.52
C LYS G 136 -40.98 -8.72 -30.16
N GLY G 137 -39.80 -8.20 -30.49
CA GLY G 137 -38.77 -9.02 -31.11
C GLY G 137 -38.37 -10.16 -30.20
N LEU G 138 -38.14 -9.84 -28.93
CA LEU G 138 -37.76 -10.84 -27.97
C LEU G 138 -38.89 -11.84 -27.79
N GLN G 139 -40.12 -11.37 -27.91
CA GLN G 139 -41.26 -12.27 -27.78
C GLN G 139 -41.26 -13.26 -28.92
N SER G 140 -41.12 -12.74 -30.15
CA SER G 140 -41.09 -13.58 -31.33
C SER G 140 -39.92 -14.56 -31.19
N ALA G 141 -38.74 -14.01 -30.90
CA ALA G 141 -37.56 -14.85 -30.73
C ALA G 141 -37.86 -16.01 -29.80
N ARG G 142 -38.32 -15.73 -28.58
CA ARG G 142 -38.60 -16.81 -27.63
C ARG G 142 -39.75 -17.72 -28.03
N GLN G 143 -40.79 -17.17 -28.63
CA GLN G 143 -41.91 -18.00 -29.07
C GLN G 143 -41.37 -18.99 -30.11
N LEU G 144 -40.61 -18.46 -31.05
CA LEU G 144 -39.99 -19.26 -32.10
C LEU G 144 -39.20 -20.42 -31.49
N PHE G 145 -38.23 -20.10 -30.64
CA PHE G 145 -37.45 -21.13 -30.00
C PHE G 145 -38.34 -22.16 -29.31
N VAL G 146 -39.43 -21.71 -28.69
CA VAL G 146 -40.31 -22.65 -28.02
C VAL G 146 -41.02 -23.53 -29.05
N ASN G 147 -41.52 -22.90 -30.11
CA ASN G 147 -42.23 -23.65 -31.15
C ASN G 147 -41.36 -24.77 -31.74
N LEU G 148 -40.12 -24.43 -32.06
CA LEU G 148 -39.20 -25.39 -32.64
C LEU G 148 -38.84 -26.52 -31.66
N THR G 149 -38.19 -26.18 -30.55
CA THR G 149 -37.79 -27.19 -29.57
C THR G 149 -38.98 -28.00 -29.09
N ASN G 150 -40.18 -27.44 -29.23
CA ASN G 150 -41.38 -28.11 -28.78
C ASN G 150 -41.71 -29.35 -29.60
N ILE G 151 -41.33 -29.38 -30.86
CA ILE G 151 -41.60 -30.56 -31.68
C ILE G 151 -40.45 -31.56 -31.60
N GLY G 152 -39.54 -31.33 -30.66
CA GLY G 152 -38.42 -32.26 -30.47
C GLY G 152 -37.17 -31.99 -31.29
N LEU G 153 -37.09 -30.81 -31.91
CA LEU G 153 -35.94 -30.45 -32.73
C LEU G 153 -35.03 -29.45 -32.02
N PRO G 154 -33.81 -29.86 -31.62
CA PRO G 154 -32.90 -28.93 -30.93
C PRO G 154 -32.58 -27.73 -31.84
N ILE G 155 -32.11 -26.63 -31.25
CA ILE G 155 -31.79 -25.46 -32.05
C ILE G 155 -30.47 -24.83 -31.65
N GLY G 156 -29.89 -24.08 -32.58
CA GLY G 156 -28.64 -23.40 -32.33
C GLY G 156 -28.80 -21.97 -32.80
N SER G 157 -28.04 -21.04 -32.23
CA SER G 157 -28.17 -19.64 -32.62
C SER G 157 -26.85 -18.92 -32.37
N GLU G 158 -26.71 -17.72 -32.91
CA GLU G 158 -25.48 -16.96 -32.70
C GLU G 158 -25.63 -16.17 -31.41
N MET G 159 -24.59 -16.15 -30.60
CA MET G 159 -24.62 -15.41 -29.34
C MET G 159 -24.18 -13.97 -29.62
N LEU G 160 -25.14 -13.12 -29.94
CA LEU G 160 -24.87 -11.72 -30.26
C LEU G 160 -24.29 -10.84 -29.15
N ASP G 161 -25.06 -10.60 -28.09
CA ASP G 161 -24.58 -9.77 -26.99
C ASP G 161 -24.45 -10.56 -25.70
N THR G 162 -24.23 -9.86 -24.59
CA THR G 162 -24.11 -10.50 -23.28
C THR G 162 -25.47 -10.47 -22.55
N ILE G 163 -26.49 -9.96 -23.22
CA ILE G 163 -27.80 -9.84 -22.63
C ILE G 163 -28.92 -10.72 -23.19
N SER G 164 -29.11 -10.71 -24.51
CA SER G 164 -30.17 -11.51 -25.13
C SER G 164 -30.11 -13.02 -24.82
N PRO G 165 -28.92 -13.58 -24.55
CA PRO G 165 -28.85 -15.01 -24.23
C PRO G 165 -29.72 -15.33 -23.02
N GLN G 166 -29.77 -14.39 -22.07
CA GLN G 166 -30.55 -14.54 -20.85
C GLN G 166 -32.04 -14.76 -21.10
N TYR G 167 -32.49 -14.43 -22.30
CA TYR G 167 -33.89 -14.59 -22.68
C TYR G 167 -34.16 -15.90 -23.43
N LEU G 168 -33.10 -16.56 -23.87
CA LEU G 168 -33.28 -17.76 -24.67
C LEU G 168 -32.35 -18.94 -24.32
N ALA G 169 -31.34 -18.71 -23.49
CA ALA G 169 -30.40 -19.77 -23.12
C ALA G 169 -31.02 -21.12 -22.74
N ASP G 170 -32.18 -21.10 -22.08
CA ASP G 170 -32.81 -22.33 -21.63
C ASP G 170 -33.32 -23.24 -22.76
N LEU G 171 -33.50 -22.66 -23.95
CA LEU G 171 -34.02 -23.38 -25.11
C LEU G 171 -32.97 -23.76 -26.15
N VAL G 172 -31.75 -23.25 -25.98
CA VAL G 172 -30.64 -23.46 -26.91
C VAL G 172 -29.71 -24.62 -26.58
N SER G 173 -29.28 -25.33 -27.61
CA SER G 173 -28.38 -26.49 -27.45
C SER G 173 -26.99 -26.20 -27.99
N PHE G 174 -26.92 -25.28 -28.94
CA PHE G 174 -25.66 -24.89 -29.58
C PHE G 174 -25.54 -23.38 -29.77
N GLY G 175 -24.38 -22.83 -29.41
CA GLY G 175 -24.15 -21.41 -29.57
C GLY G 175 -22.94 -21.15 -30.45
N ALA G 176 -23.02 -20.18 -31.35
CA ALA G 176 -21.89 -19.86 -32.22
C ALA G 176 -21.49 -18.37 -32.15
N ILE G 177 -20.20 -18.09 -32.07
CA ILE G 177 -19.68 -16.72 -32.03
C ILE G 177 -19.22 -16.38 -33.44
N GLY G 178 -19.91 -15.46 -34.09
CA GLY G 178 -19.55 -15.08 -35.44
C GLY G 178 -18.09 -14.73 -35.69
N ALA G 179 -17.73 -14.64 -36.97
CA ALA G 179 -16.36 -14.29 -37.36
C ALA G 179 -15.95 -12.94 -36.78
N ARG G 180 -16.84 -11.95 -36.93
CA ARG G 180 -16.58 -10.60 -36.45
C ARG G 180 -16.39 -10.46 -34.94
N THR G 181 -16.73 -11.50 -34.17
CA THR G 181 -16.61 -11.40 -32.71
C THR G 181 -15.71 -12.39 -31.97
N THR G 182 -15.19 -13.38 -32.69
CA THR G 182 -14.31 -14.39 -32.10
C THR G 182 -13.13 -13.79 -31.32
N GLU G 183 -12.70 -12.60 -31.70
CA GLU G 183 -11.57 -11.95 -31.00
C GLU G 183 -12.02 -11.11 -29.82
N SER G 184 -13.32 -10.84 -29.74
CA SER G 184 -13.91 -10.04 -28.69
C SER G 184 -13.83 -10.67 -27.31
N GLN G 185 -13.07 -10.03 -26.43
CA GLN G 185 -12.90 -10.50 -25.07
C GLN G 185 -14.29 -10.69 -24.44
N LEU G 186 -15.17 -9.76 -24.74
CA LEU G 186 -16.53 -9.79 -24.22
C LEU G 186 -17.26 -11.07 -24.57
N HIS G 187 -17.11 -11.53 -25.82
CA HIS G 187 -17.77 -12.76 -26.25
C HIS G 187 -17.08 -14.03 -25.78
N ARG G 188 -15.80 -13.91 -25.43
CA ARG G 188 -15.08 -15.08 -24.93
C ARG G 188 -15.53 -15.32 -23.50
N GLU G 189 -15.71 -14.23 -22.74
CA GLU G 189 -16.16 -14.33 -21.37
C GLU G 189 -17.60 -14.86 -21.37
N LEU G 190 -18.41 -14.36 -22.30
CA LEU G 190 -19.80 -14.82 -22.40
C LEU G 190 -19.88 -16.33 -22.65
N ALA G 191 -19.02 -16.84 -23.54
CA ALA G 191 -19.02 -18.26 -23.89
C ALA G 191 -18.63 -19.10 -22.70
N SER G 192 -17.73 -18.57 -21.87
CA SER G 192 -17.26 -19.28 -20.70
C SER G 192 -18.35 -19.51 -19.66
N GLY G 193 -19.54 -18.95 -19.88
CA GLY G 193 -20.61 -19.11 -18.92
C GLY G 193 -21.90 -19.60 -19.53
N LEU G 194 -21.87 -20.06 -20.78
CA LEU G 194 -23.06 -20.59 -21.41
C LEU G 194 -23.22 -22.07 -21.06
N SER G 195 -24.46 -22.51 -20.94
CA SER G 195 -24.75 -23.90 -20.57
C SER G 195 -24.78 -24.88 -21.75
N PHE G 196 -23.99 -24.60 -22.78
CA PHE G 196 -23.94 -25.47 -23.95
C PHE G 196 -22.69 -25.27 -24.77
N PRO G 197 -22.44 -26.15 -25.75
CA PRO G 197 -21.24 -26.03 -26.59
C PRO G 197 -21.24 -24.76 -27.43
N VAL G 198 -20.07 -24.14 -27.57
CA VAL G 198 -19.93 -22.92 -28.35
C VAL G 198 -18.90 -23.07 -29.47
N GLY G 199 -19.30 -22.70 -30.69
CA GLY G 199 -18.37 -22.78 -31.80
C GLY G 199 -17.83 -21.42 -32.16
N PHE G 200 -16.51 -21.30 -32.21
CA PHE G 200 -15.85 -20.05 -32.57
C PHE G 200 -15.38 -20.12 -34.01
N LYS G 201 -15.93 -19.27 -34.89
CA LYS G 201 -15.49 -19.24 -36.29
C LYS G 201 -14.11 -18.60 -36.42
N ASN G 202 -13.35 -18.99 -37.44
CA ASN G 202 -12.02 -18.40 -37.63
C ASN G 202 -12.16 -16.95 -38.10
N GLY G 203 -11.05 -16.21 -38.03
CA GLY G 203 -11.07 -14.81 -38.45
C GLY G 203 -11.56 -14.59 -39.88
N THR G 204 -12.05 -13.38 -40.16
CA THR G 204 -12.53 -13.05 -41.50
C THR G 204 -11.35 -13.02 -42.46
N ASP G 205 -10.13 -13.03 -41.92
CA ASP G 205 -8.93 -13.03 -42.74
C ASP G 205 -8.45 -14.45 -43.03
N GLY G 206 -9.28 -15.43 -42.70
CA GLY G 206 -8.94 -16.82 -42.95
C GLY G 206 -8.06 -17.58 -41.95
N THR G 207 -7.59 -16.92 -40.90
CA THR G 207 -6.74 -17.59 -39.90
C THR G 207 -7.53 -18.24 -38.76
N LEU G 208 -6.91 -19.24 -38.11
CA LEU G 208 -7.54 -19.97 -37.01
C LEU G 208 -7.00 -19.59 -35.64
N ASN G 209 -5.85 -18.95 -35.60
CA ASN G 209 -5.25 -18.56 -34.34
C ASN G 209 -6.26 -17.91 -33.38
N VAL G 210 -7.02 -16.94 -33.89
CA VAL G 210 -7.99 -16.27 -33.06
C VAL G 210 -9.08 -17.19 -32.51
N ALA G 211 -9.53 -18.16 -33.30
CA ALA G 211 -10.56 -19.08 -32.82
C ALA G 211 -9.98 -20.06 -31.81
N VAL G 212 -8.72 -20.42 -31.99
CA VAL G 212 -8.07 -21.32 -31.05
C VAL G 212 -7.89 -20.60 -29.73
N ASP G 213 -7.47 -19.33 -29.77
CA ASP G 213 -7.30 -18.54 -28.55
C ASP G 213 -8.64 -18.34 -27.85
N ALA G 214 -9.70 -18.18 -28.62
CA ALA G 214 -11.04 -18.01 -28.07
C ALA G 214 -11.43 -19.24 -27.23
N CYS G 215 -11.21 -20.43 -27.78
CA CYS G 215 -11.51 -21.67 -27.07
C CYS G 215 -10.70 -21.79 -25.79
N GLN G 216 -9.43 -21.44 -25.85
CA GLN G 216 -8.58 -21.49 -24.67
C GLN G 216 -9.13 -20.55 -23.60
N ALA G 217 -9.46 -19.33 -24.00
CA ALA G 217 -9.98 -18.33 -23.08
C ALA G 217 -11.33 -18.71 -22.49
N ALA G 218 -12.25 -19.15 -23.32
CA ALA G 218 -13.58 -19.53 -22.85
C ALA G 218 -13.54 -20.70 -21.88
N ALA G 219 -12.41 -21.38 -21.79
CA ALA G 219 -12.30 -22.52 -20.91
C ALA G 219 -12.03 -22.08 -19.48
N HIS G 220 -11.57 -20.85 -19.32
CA HIS G 220 -11.28 -20.32 -18.00
C HIS G 220 -12.49 -19.66 -17.37
N SER G 221 -12.35 -19.31 -16.11
CA SER G 221 -13.39 -18.64 -15.34
C SER G 221 -13.21 -17.13 -15.56
N HIS G 222 -14.32 -16.42 -15.80
CA HIS G 222 -14.25 -14.98 -16.03
C HIS G 222 -15.23 -14.23 -15.14
N HIS G 223 -14.92 -12.95 -14.93
CA HIS G 223 -15.77 -12.06 -14.12
C HIS G 223 -16.21 -10.89 -14.96
N PHE G 224 -17.44 -10.91 -15.44
CA PHE G 224 -17.90 -9.78 -16.23
C PHE G 224 -19.22 -9.18 -15.73
N MET G 225 -19.74 -8.19 -16.45
CA MET G 225 -20.99 -7.56 -16.07
C MET G 225 -22.09 -7.89 -17.07
N SER G 226 -23.18 -8.44 -16.56
CA SER G 226 -24.32 -8.80 -17.40
C SER G 226 -25.54 -8.45 -16.58
N VAL G 227 -26.71 -8.81 -17.06
CA VAL G 227 -27.92 -8.53 -16.29
C VAL G 227 -28.48 -9.85 -15.78
N THR G 228 -29.13 -9.80 -14.62
CA THR G 228 -29.71 -11.00 -14.04
C THR G 228 -31.02 -11.33 -14.72
N LYS G 229 -31.66 -12.39 -14.26
CA LYS G 229 -32.95 -12.79 -14.80
C LYS G 229 -33.97 -11.67 -14.56
N HIS G 230 -33.70 -10.82 -13.56
CA HIS G 230 -34.60 -9.74 -13.23
C HIS G 230 -34.31 -8.39 -13.87
N GLY G 231 -33.45 -8.37 -14.87
CA GLY G 231 -33.15 -7.14 -15.59
C GLY G 231 -32.22 -6.16 -14.90
N VAL G 232 -31.52 -6.63 -13.88
CA VAL G 232 -30.60 -5.79 -13.15
C VAL G 232 -29.15 -6.12 -13.46
N ALA G 233 -28.30 -5.09 -13.44
CA ALA G 233 -26.88 -5.29 -13.72
C ALA G 233 -26.20 -5.95 -12.54
N ALA G 234 -25.33 -6.92 -12.81
CA ALA G 234 -24.62 -7.60 -11.73
C ALA G 234 -23.28 -8.15 -12.20
N ILE G 235 -22.43 -8.46 -11.23
CA ILE G 235 -21.11 -9.01 -11.52
C ILE G 235 -21.24 -10.53 -11.70
N THR G 236 -21.11 -11.01 -12.93
CA THR G 236 -21.21 -12.44 -13.22
C THR G 236 -19.88 -13.17 -13.04
N THR G 237 -19.93 -14.42 -12.60
CA THR G 237 -18.72 -15.22 -12.43
C THR G 237 -18.95 -16.56 -13.15
N THR G 238 -18.15 -16.83 -14.18
CA THR G 238 -18.31 -18.06 -14.94
C THR G 238 -17.45 -19.22 -14.46
N LYS G 239 -17.87 -20.42 -14.84
CA LYS G 239 -17.20 -21.64 -14.45
C LYS G 239 -16.14 -22.03 -15.46
N GLY G 240 -16.33 -21.62 -16.71
CA GLY G 240 -15.40 -21.98 -17.76
C GLY G 240 -16.13 -22.98 -18.62
N ASN G 241 -15.95 -22.91 -19.93
CA ASN G 241 -16.65 -23.82 -20.83
C ASN G 241 -15.63 -24.72 -21.53
N GLU G 242 -15.74 -26.03 -21.34
CA GLU G 242 -14.80 -26.93 -21.99
C GLU G 242 -15.34 -27.52 -23.28
N HIS G 243 -16.52 -27.06 -23.69
CA HIS G 243 -17.14 -27.56 -24.91
C HIS G 243 -17.13 -26.53 -26.03
N CYS G 244 -15.98 -25.89 -26.20
CA CYS G 244 -15.78 -24.89 -27.24
C CYS G 244 -14.90 -25.47 -28.34
N PHE G 245 -15.35 -25.36 -29.57
CA PHE G 245 -14.61 -25.87 -30.70
C PHE G 245 -14.43 -24.82 -31.80
N VAL G 246 -13.60 -25.14 -32.80
CA VAL G 246 -13.33 -24.25 -33.89
C VAL G 246 -14.19 -24.55 -35.11
N ILE G 247 -14.64 -23.52 -35.80
CA ILE G 247 -15.44 -23.69 -37.00
C ILE G 247 -14.66 -23.09 -38.15
N LEU G 248 -14.49 -23.87 -39.22
CA LEU G 248 -13.77 -23.40 -40.40
C LEU G 248 -14.82 -22.87 -41.36
N ARG G 249 -14.68 -21.59 -41.72
CA ARG G 249 -15.64 -20.95 -42.61
C ARG G 249 -15.03 -20.12 -43.72
N GLY G 250 -13.77 -20.37 -44.04
CA GLY G 250 -13.13 -19.61 -45.11
C GLY G 250 -12.61 -18.25 -44.66
N GLY G 251 -12.27 -17.43 -45.65
CA GLY G 251 -11.74 -16.10 -45.38
C GLY G 251 -10.78 -15.71 -46.48
N LYS G 252 -10.06 -14.61 -46.25
CA LYS G 252 -9.12 -14.10 -47.23
C LYS G 252 -8.04 -15.08 -47.68
N LYS G 253 -7.70 -16.05 -46.85
CA LYS G 253 -6.69 -17.06 -47.24
C LYS G 253 -7.33 -18.21 -48.01
N GLY G 254 -8.51 -17.97 -48.58
CA GLY G 254 -9.22 -18.97 -49.35
C GLY G 254 -10.03 -19.95 -48.52
N THR G 255 -10.96 -20.65 -49.19
CA THR G 255 -11.81 -21.64 -48.53
C THR G 255 -10.96 -22.70 -47.82
N ASN G 256 -11.51 -23.32 -46.78
CA ASN G 256 -10.77 -24.32 -46.01
C ASN G 256 -11.52 -25.61 -45.63
N TYR G 257 -12.35 -26.10 -46.56
CA TYR G 257 -13.11 -27.33 -46.32
C TYR G 257 -12.46 -28.52 -47.01
N ASP G 258 -11.15 -28.45 -47.19
CA ASP G 258 -10.41 -29.51 -47.87
C ASP G 258 -9.41 -30.16 -46.95
N ALA G 259 -9.10 -31.41 -47.26
CA ALA G 259 -8.16 -32.21 -46.49
C ALA G 259 -6.88 -31.48 -46.13
N LYS G 260 -6.32 -30.79 -47.12
CA LYS G 260 -5.07 -30.06 -46.92
C LYS G 260 -5.29 -28.99 -45.85
N SER G 261 -6.42 -28.28 -45.94
CA SER G 261 -6.76 -27.23 -44.98
C SER G 261 -7.02 -27.86 -43.62
N VAL G 262 -7.93 -28.83 -43.58
CA VAL G 262 -8.26 -29.52 -42.35
C VAL G 262 -7.01 -30.04 -41.63
N ALA G 263 -6.06 -30.56 -42.40
CA ALA G 263 -4.82 -31.07 -41.82
C ALA G 263 -4.08 -29.90 -41.15
N GLU G 264 -4.16 -28.74 -41.80
CA GLU G 264 -3.52 -27.51 -41.31
C GLU G 264 -4.13 -27.10 -39.96
N ALA G 265 -5.45 -27.22 -39.88
CA ALA G 265 -6.21 -26.91 -38.67
C ALA G 265 -5.70 -27.80 -37.56
N LYS G 266 -5.94 -29.11 -37.71
CA LYS G 266 -5.52 -30.12 -36.73
C LYS G 266 -4.10 -29.85 -36.24
N ALA G 267 -3.29 -29.26 -37.10
CA ALA G 267 -1.91 -28.96 -36.77
C ALA G 267 -1.80 -27.95 -35.63
N GLN G 268 -2.77 -27.05 -35.55
CA GLN G 268 -2.76 -26.01 -34.53
C GLN G 268 -3.54 -26.30 -33.23
N LEU G 269 -4.29 -27.38 -33.18
CA LEU G 269 -5.08 -27.68 -31.98
C LEU G 269 -4.31 -28.17 -30.75
N PRO G 270 -4.41 -27.42 -29.64
CA PRO G 270 -3.76 -27.71 -28.35
C PRO G 270 -4.35 -28.88 -27.56
N ALA G 271 -3.69 -29.24 -26.46
CA ALA G 271 -4.13 -30.35 -25.61
C ALA G 271 -5.54 -30.14 -25.08
N GLY G 272 -6.46 -31.02 -25.45
CA GLY G 272 -7.82 -30.88 -24.96
C GLY G 272 -8.74 -30.10 -25.89
N SER G 273 -8.40 -30.10 -27.18
CA SER G 273 -9.20 -29.40 -28.17
C SER G 273 -10.22 -30.37 -28.73
N ASN G 274 -11.47 -29.94 -28.80
CA ASN G 274 -12.53 -30.78 -29.30
C ASN G 274 -12.39 -31.04 -30.79
N GLY G 275 -13.52 -31.32 -31.43
CA GLY G 275 -13.50 -31.60 -32.84
C GLY G 275 -14.00 -30.47 -33.74
N LEU G 276 -13.25 -30.26 -34.81
CA LEU G 276 -13.56 -29.24 -35.81
C LEU G 276 -14.95 -29.35 -36.36
N MET G 277 -15.40 -28.24 -36.90
CA MET G 277 -16.69 -28.16 -37.54
C MET G 277 -16.42 -27.40 -38.82
N ILE G 278 -17.26 -27.60 -39.83
CA ILE G 278 -17.05 -26.91 -41.09
C ILE G 278 -18.31 -26.28 -41.63
N ASP G 279 -18.20 -25.00 -41.97
CA ASP G 279 -19.34 -24.28 -42.52
C ASP G 279 -19.32 -24.54 -44.01
N TYR G 280 -20.43 -25.03 -44.55
CA TYR G 280 -20.45 -25.27 -45.99
C TYR G 280 -20.64 -23.92 -46.67
N SER G 281 -21.49 -23.09 -46.08
CA SER G 281 -21.83 -21.77 -46.58
C SER G 281 -20.78 -20.71 -46.23
N HIS G 282 -21.10 -19.46 -46.60
CA HIS G 282 -20.25 -18.29 -46.34
C HIS G 282 -18.89 -18.29 -47.05
N GLY G 283 -17.82 -18.11 -46.28
CA GLY G 283 -16.50 -18.06 -46.86
C GLY G 283 -16.08 -19.26 -47.70
N ASN G 284 -16.72 -20.42 -47.44
CA ASN G 284 -16.43 -21.66 -48.17
C ASN G 284 -17.29 -21.82 -49.41
N SER G 285 -18.50 -21.29 -49.37
CA SER G 285 -19.39 -21.37 -50.53
C SER G 285 -19.02 -20.27 -51.51
N ASN G 286 -18.12 -19.40 -51.07
CA ASN G 286 -17.63 -18.30 -51.88
C ASN G 286 -18.68 -17.64 -52.77
N LYS G 287 -19.55 -16.82 -52.16
CA LYS G 287 -20.58 -16.10 -52.91
C LYS G 287 -21.67 -16.95 -53.59
N ASP G 288 -21.36 -18.19 -53.95
CA ASP G 288 -22.37 -19.04 -54.60
C ASP G 288 -22.99 -20.03 -53.62
N PHE G 289 -24.30 -19.94 -53.45
CA PHE G 289 -25.01 -20.82 -52.54
C PHE G 289 -25.08 -22.24 -53.09
N ARG G 290 -25.09 -22.36 -54.42
CA ARG G 290 -25.13 -23.66 -55.07
C ARG G 290 -23.85 -24.44 -54.77
N ASN G 291 -22.86 -23.73 -54.23
CA ASN G 291 -21.59 -24.34 -53.88
C ASN G 291 -21.54 -25.11 -52.57
N GLN G 292 -22.64 -25.11 -51.81
CA GLN G 292 -22.65 -25.85 -50.56
C GLN G 292 -22.56 -27.35 -50.84
N PRO G 293 -23.46 -27.90 -51.70
CA PRO G 293 -23.40 -29.35 -52.00
C PRO G 293 -22.01 -29.82 -52.42
N LYS G 294 -21.29 -29.02 -53.20
CA LYS G 294 -19.94 -29.41 -53.60
C LYS G 294 -19.14 -29.66 -52.33
N VAL G 295 -19.04 -28.62 -51.50
CA VAL G 295 -18.31 -28.68 -50.25
C VAL G 295 -18.60 -29.96 -49.48
N ASN G 296 -19.87 -30.35 -49.50
CA ASN G 296 -20.32 -31.55 -48.81
C ASN G 296 -19.48 -32.73 -49.29
N ASP G 297 -19.43 -32.91 -50.60
CA ASP G 297 -18.69 -34.01 -51.22
C ASP G 297 -17.20 -34.03 -50.85
N VAL G 298 -16.58 -32.87 -50.70
CA VAL G 298 -15.17 -32.81 -50.35
C VAL G 298 -14.88 -33.14 -48.88
N VAL G 299 -15.87 -32.96 -48.03
CA VAL G 299 -15.64 -33.27 -46.62
C VAL G 299 -16.12 -34.69 -46.42
N CYS G 300 -17.32 -34.96 -46.92
CA CYS G 300 -17.93 -36.27 -46.84
C CYS G 300 -16.87 -37.33 -47.10
N GLU G 301 -16.05 -37.07 -48.10
CA GLU G 301 -14.97 -37.97 -48.47
C GLU G 301 -13.94 -38.10 -47.37
N GLN G 302 -13.47 -36.98 -46.83
CA GLN G 302 -12.46 -37.02 -45.77
C GLN G 302 -13.00 -37.81 -44.57
N ILE G 303 -14.32 -37.77 -44.40
CA ILE G 303 -14.96 -38.48 -43.31
C ILE G 303 -14.91 -39.97 -43.64
N ALA G 304 -15.64 -40.35 -44.69
CA ALA G 304 -15.71 -41.72 -45.15
C ALA G 304 -14.34 -42.40 -45.22
N ASN G 305 -13.29 -41.64 -45.50
CA ASN G 305 -11.96 -42.23 -45.58
C ASN G 305 -11.19 -42.21 -44.27
N GLY G 306 -11.92 -42.18 -43.16
CA GLY G 306 -11.29 -42.19 -41.85
C GLY G 306 -10.83 -40.92 -41.14
N GLU G 307 -11.46 -39.76 -41.40
CA GLU G 307 -11.06 -38.52 -40.72
C GLU G 307 -11.93 -38.30 -39.48
N ASN G 308 -11.30 -38.32 -38.31
CA ASN G 308 -12.00 -38.15 -37.05
C ASN G 308 -12.06 -36.75 -36.47
N ALA G 309 -11.21 -35.85 -36.98
CA ALA G 309 -11.18 -34.48 -36.48
C ALA G 309 -12.42 -33.71 -36.93
N ILE G 310 -13.07 -34.17 -37.99
CA ILE G 310 -14.27 -33.49 -38.44
C ILE G 310 -15.48 -34.10 -37.73
N THR G 311 -15.96 -33.40 -36.69
CA THR G 311 -17.10 -33.84 -35.89
C THR G 311 -18.42 -33.21 -36.28
N GLY G 312 -18.37 -32.05 -36.93
CA GLY G 312 -19.61 -31.41 -37.31
C GLY G 312 -19.49 -30.54 -38.55
N VAL G 313 -20.64 -30.16 -39.09
CA VAL G 313 -20.68 -29.31 -40.28
C VAL G 313 -21.84 -28.32 -40.14
N MET G 314 -21.76 -27.19 -40.85
CA MET G 314 -22.82 -26.19 -40.81
C MET G 314 -23.42 -26.05 -42.20
N ILE G 315 -24.73 -25.82 -42.28
CA ILE G 315 -25.42 -25.71 -43.57
C ILE G 315 -26.53 -24.68 -43.58
N GLU G 316 -26.50 -23.78 -44.55
CA GLU G 316 -27.54 -22.77 -44.68
C GLU G 316 -28.51 -23.20 -45.77
N SER G 317 -29.67 -23.72 -45.35
CA SER G 317 -30.71 -24.19 -46.27
C SER G 317 -32.08 -23.71 -45.81
N ASN G 318 -33.05 -23.71 -46.72
CA ASN G 318 -34.40 -23.27 -46.39
C ASN G 318 -35.43 -24.21 -47.01
N ILE G 319 -36.62 -23.69 -47.32
CA ILE G 319 -37.66 -24.49 -47.95
C ILE G 319 -37.41 -24.46 -49.46
N ASN G 320 -36.83 -23.35 -49.92
CA ASN G 320 -36.51 -23.14 -51.33
C ASN G 320 -35.19 -22.38 -51.38
N GLU G 321 -34.48 -22.50 -52.49
CA GLU G 321 -33.19 -21.85 -52.62
C GLU G 321 -33.19 -20.36 -52.95
N GLY G 322 -32.00 -19.78 -52.98
CA GLY G 322 -31.83 -18.37 -53.25
C GLY G 322 -32.21 -17.51 -52.07
N ASN G 323 -32.03 -16.20 -52.23
CA ASN G 323 -32.37 -15.24 -51.19
C ASN G 323 -33.30 -14.24 -51.87
N GLN G 324 -33.95 -13.37 -51.09
CA GLN G 324 -34.88 -12.42 -51.68
C GLN G 324 -35.38 -11.36 -50.71
N ILE G 326 -36.36 -7.99 -50.18
CA ILE G 326 -37.39 -7.29 -49.41
C ILE G 326 -38.02 -6.19 -50.25
N PRO G 327 -39.19 -6.45 -50.85
CA PRO G 327 -39.85 -5.45 -51.69
C PRO G 327 -40.25 -4.18 -50.90
N ALA G 328 -41.09 -3.36 -51.54
CA ALA G 328 -41.59 -2.14 -50.93
C ALA G 328 -43.02 -2.46 -50.47
N GLU G 329 -43.12 -3.50 -49.65
CA GLU G 329 -44.41 -3.95 -49.15
C GLU G 329 -44.22 -5.14 -48.20
N ALA G 332 -45.36 -7.10 -46.44
CA ALA G 332 -44.52 -8.14 -47.02
C ALA G 332 -45.23 -8.91 -48.14
N GLY G 333 -44.78 -8.70 -49.37
CA GLY G 333 -45.35 -9.40 -50.50
C GLY G 333 -44.34 -10.44 -50.91
N LEU G 334 -43.26 -10.52 -50.12
CA LEU G 334 -42.15 -11.45 -50.33
C LEU G 334 -42.55 -12.86 -50.75
N LYS G 335 -41.57 -13.60 -51.27
CA LYS G 335 -41.81 -14.97 -51.68
C LYS G 335 -41.68 -15.86 -50.44
N TYR G 336 -42.34 -17.01 -50.48
CA TYR G 336 -42.30 -17.95 -49.37
C TYR G 336 -41.05 -18.81 -49.45
N GLY G 337 -40.66 -19.38 -48.31
CA GLY G 337 -39.49 -20.23 -48.27
C GLY G 337 -38.15 -19.65 -48.64
N VAL G 338 -38.12 -18.42 -49.14
CA VAL G 338 -36.86 -17.80 -49.52
C VAL G 338 -36.44 -16.77 -48.46
N SER G 339 -35.25 -16.96 -47.90
CA SER G 339 -34.74 -16.05 -46.86
C SER G 339 -34.60 -14.62 -47.39
N ILE G 340 -34.41 -13.67 -46.48
CA ILE G 340 -34.24 -12.26 -46.83
C ILE G 340 -32.82 -11.82 -46.48
N THR G 341 -31.96 -12.81 -46.24
CA THR G 341 -30.55 -12.60 -45.94
C THR G 341 -29.78 -13.50 -46.91
N ASP G 342 -28.73 -14.17 -46.45
CA ASP G 342 -27.95 -15.06 -47.34
C ASP G 342 -28.83 -16.09 -48.03
N ALA G 343 -28.49 -16.40 -49.28
CA ALA G 343 -29.24 -17.39 -50.05
C ALA G 343 -28.83 -18.76 -49.54
N CYS G 344 -29.82 -19.64 -49.43
CA CYS G 344 -29.61 -20.99 -48.94
C CYS G 344 -29.99 -22.02 -50.01
N ILE G 345 -29.47 -23.24 -49.89
CA ILE G 345 -29.79 -24.28 -50.85
C ILE G 345 -31.20 -24.76 -50.54
N GLY G 346 -31.93 -25.21 -51.57
CA GLY G 346 -33.30 -25.67 -51.37
C GLY G 346 -33.44 -26.88 -50.47
N TRP G 347 -34.67 -27.19 -50.08
CA TRP G 347 -34.95 -28.34 -49.20
C TRP G 347 -34.43 -29.64 -49.79
N GLU G 348 -34.84 -29.92 -51.03
CA GLU G 348 -34.40 -31.13 -51.71
C GLU G 348 -32.88 -31.18 -51.65
N THR G 349 -32.27 -30.12 -52.14
CA THR G 349 -30.81 -30.02 -52.17
C THR G 349 -30.24 -30.44 -50.82
N THR G 350 -31.05 -30.26 -49.77
CA THR G 350 -30.63 -30.60 -48.42
C THR G 350 -30.84 -32.07 -48.05
N GLU G 351 -31.99 -32.62 -48.41
CA GLU G 351 -32.28 -34.03 -48.11
C GLU G 351 -31.15 -34.88 -48.64
N ASP G 352 -30.62 -34.47 -49.78
CA ASP G 352 -29.53 -35.23 -50.38
C ASP G 352 -28.19 -34.92 -49.77
N VAL G 353 -27.88 -33.63 -49.59
CA VAL G 353 -26.62 -33.28 -48.96
C VAL G 353 -26.44 -34.07 -47.65
N LEU G 354 -27.48 -34.08 -46.83
CA LEU G 354 -27.45 -34.79 -45.55
C LEU G 354 -27.33 -36.29 -45.69
N ARG G 355 -28.13 -36.89 -46.56
CA ARG G 355 -28.12 -38.34 -46.76
C ARG G 355 -26.73 -38.84 -47.12
N LYS G 356 -26.07 -38.11 -48.00
CA LYS G 356 -24.72 -38.46 -48.42
C LYS G 356 -23.77 -38.32 -47.24
N LEU G 357 -24.07 -37.41 -46.32
CA LEU G 357 -23.24 -37.20 -45.13
C LEU G 357 -23.38 -38.41 -44.22
N ALA G 358 -24.62 -38.81 -43.97
CA ALA G 358 -24.89 -39.96 -43.13
C ALA G 358 -24.08 -41.14 -43.66
N ALA G 359 -24.15 -41.34 -44.98
CA ALA G 359 -23.41 -42.41 -45.64
C ALA G 359 -21.93 -42.30 -45.30
N ALA G 360 -21.38 -41.09 -45.44
CA ALA G 360 -19.97 -40.85 -45.15
C ALA G 360 -19.64 -41.18 -43.69
N VAL G 361 -20.63 -41.05 -42.81
CA VAL G 361 -20.42 -41.37 -41.39
C VAL G 361 -20.37 -42.89 -41.26
N ARG G 362 -21.32 -43.56 -41.92
CA ARG G 362 -21.38 -45.02 -41.91
C ARG G 362 -20.09 -45.62 -42.43
N GLN G 363 -19.52 -45.03 -43.46
CA GLN G 363 -18.29 -45.55 -43.99
C GLN G 363 -17.16 -45.30 -43.00
N ARG G 364 -17.18 -44.16 -42.32
CA ARG G 364 -16.12 -43.87 -41.36
C ARG G 364 -16.13 -44.92 -40.26
N ARG G 365 -17.32 -45.33 -39.82
CA ARG G 365 -17.41 -46.35 -38.77
C ARG G 365 -16.67 -47.59 -39.29
N GLU G 366 -17.01 -47.98 -40.51
CA GLU G 366 -16.38 -49.12 -41.15
C GLU G 366 -14.87 -48.97 -41.04
N VAL G 367 -14.33 -47.92 -41.67
CA VAL G 367 -12.89 -47.66 -41.65
C VAL G 367 -12.22 -47.78 -40.27
N ASN G 368 -13.03 -47.86 -39.21
CA ASN G 368 -12.50 -48.00 -37.86
C ASN G 368 -12.79 -49.43 -37.39
N LYS G 369 -13.96 -49.88 -37.51
N GLY H 18 -38.36 -28.95 -16.13
CA GLY H 18 -37.26 -28.19 -15.42
C GLY H 18 -36.17 -27.75 -16.36
N ALA H 19 -36.02 -26.44 -16.53
CA ALA H 19 -35.01 -25.85 -17.43
C ALA H 19 -33.59 -25.86 -16.88
N GLU H 20 -32.65 -26.38 -17.66
CA GLU H 20 -31.24 -26.44 -17.26
C GLU H 20 -30.55 -25.14 -17.69
N GLU H 21 -30.50 -24.18 -16.78
CA GLU H 21 -29.90 -22.88 -17.04
C GLU H 21 -28.85 -22.53 -15.98
N ASP H 22 -27.87 -21.71 -16.37
CA ASP H 22 -26.79 -21.24 -15.50
C ASP H 22 -25.89 -22.32 -14.85
N VAL H 23 -25.56 -23.35 -15.60
CA VAL H 23 -24.71 -24.44 -15.11
C VAL H 23 -23.24 -24.02 -15.10
N ARG H 24 -22.90 -23.02 -15.90
CA ARG H 24 -21.52 -22.54 -15.96
C ARG H 24 -21.40 -21.16 -15.32
N ILE H 25 -22.45 -20.74 -14.63
CA ILE H 25 -22.46 -19.46 -13.93
C ILE H 25 -22.31 -19.73 -12.42
N LEU H 26 -21.12 -19.48 -11.88
CA LEU H 26 -20.87 -19.72 -10.46
C LEU H 26 -21.67 -18.81 -9.53
N GLY H 27 -22.16 -17.68 -10.06
CA GLY H 27 -22.94 -16.79 -9.22
C GLY H 27 -22.85 -15.33 -9.60
N TYR H 28 -23.84 -14.56 -9.20
CA TYR H 28 -23.87 -13.14 -9.47
C TYR H 28 -23.53 -12.36 -8.19
N ASP H 29 -23.08 -11.12 -8.35
CA ASP H 29 -22.75 -10.31 -7.21
C ASP H 29 -23.39 -8.96 -7.34
N PRO H 30 -23.82 -8.40 -6.21
CA PRO H 30 -24.47 -7.08 -6.23
C PRO H 30 -23.49 -6.05 -6.79
N LEU H 31 -24.02 -5.16 -7.63
CA LEU H 31 -23.23 -4.14 -8.27
C LEU H 31 -23.82 -2.74 -8.10
N ALA H 32 -23.04 -1.81 -7.53
CA ALA H 32 -23.52 -0.44 -7.36
C ALA H 32 -23.89 0.10 -8.72
N SER H 33 -25.03 0.78 -8.84
CA SER H 33 -25.43 1.31 -10.14
C SER H 33 -24.57 2.52 -10.54
N PRO H 34 -24.60 2.89 -11.83
CA PRO H 34 -23.82 4.04 -12.27
C PRO H 34 -24.22 5.30 -11.48
N ALA H 35 -25.53 5.56 -11.43
CA ALA H 35 -26.08 6.70 -10.71
C ALA H 35 -25.56 6.74 -9.28
N LEU H 36 -25.56 5.58 -8.62
CA LEU H 36 -25.06 5.51 -7.25
C LEU H 36 -23.58 5.85 -7.18
N LEU H 37 -22.79 5.25 -8.06
CA LEU H 37 -21.35 5.51 -8.09
C LEU H 37 -21.08 6.98 -8.39
N GLN H 38 -21.84 7.57 -9.31
CA GLN H 38 -21.66 8.97 -9.68
C GLN H 38 -21.96 9.95 -8.55
N VAL H 39 -22.66 9.48 -7.53
CA VAL H 39 -22.96 10.31 -6.39
C VAL H 39 -21.86 10.09 -5.37
N GLN H 40 -21.46 8.84 -5.16
CA GLN H 40 -20.40 8.52 -4.21
C GLN H 40 -19.12 9.23 -4.57
N ILE H 41 -18.74 9.13 -5.85
CA ILE H 41 -17.54 9.77 -6.34
C ILE H 41 -17.96 10.79 -7.38
N PRO H 42 -18.39 11.98 -6.92
CA PRO H 42 -18.86 13.06 -7.79
C PRO H 42 -17.74 13.73 -8.59
N ALA H 43 -18.13 14.30 -9.73
CA ALA H 43 -17.19 14.99 -10.61
C ALA H 43 -17.17 16.49 -10.26
N THR H 44 -15.99 17.02 -9.97
CA THR H 44 -15.86 18.44 -9.65
C THR H 44 -16.19 19.25 -10.90
N PRO H 45 -16.57 20.52 -10.72
CA PRO H 45 -16.91 21.37 -11.88
C PRO H 45 -15.73 21.43 -12.87
N THR H 46 -14.53 21.39 -12.34
CA THR H 46 -13.33 21.40 -13.16
C THR H 46 -13.28 20.14 -14.01
N SER H 47 -13.43 18.99 -13.35
CA SER H 47 -13.41 17.71 -14.04
C SER H 47 -14.38 17.73 -15.22
N LEU H 48 -15.61 18.20 -14.97
CA LEU H 48 -16.61 18.26 -16.02
C LEU H 48 -16.27 19.26 -17.12
N GLU H 49 -15.56 20.32 -16.76
CA GLU H 49 -15.20 21.32 -17.75
C GLU H 49 -14.04 20.79 -18.59
N THR H 50 -13.08 20.17 -17.91
CA THR H 50 -11.92 19.59 -18.58
C THR H 50 -12.38 18.60 -19.66
N ALA H 51 -13.35 17.75 -19.30
CA ALA H 51 -13.86 16.75 -20.22
C ALA H 51 -14.49 17.37 -21.46
N LYS H 52 -15.28 18.43 -21.27
CA LYS H 52 -15.94 19.09 -22.39
C LYS H 52 -14.93 19.76 -23.31
N ARG H 53 -13.91 20.40 -22.71
CA ARG H 53 -12.89 21.07 -23.49
C ARG H 53 -12.16 20.05 -24.37
N GLY H 54 -11.73 18.95 -23.76
CA GLY H 54 -11.03 17.92 -24.50
C GLY H 54 -11.80 17.46 -25.73
N ARG H 55 -13.11 17.26 -25.58
CA ARG H 55 -13.92 16.83 -26.71
C ARG H 55 -13.95 17.88 -27.79
N ARG H 56 -14.10 19.15 -27.41
CA ARG H 56 -14.15 20.23 -28.39
C ARG H 56 -12.87 20.30 -29.19
N GLU H 57 -11.74 20.34 -28.50
CA GLU H 57 -10.44 20.39 -29.15
C GLU H 57 -10.23 19.19 -30.07
N ALA H 58 -10.53 17.99 -29.57
CA ALA H 58 -10.38 16.76 -30.34
C ALA H 58 -11.25 16.85 -31.59
N ILE H 59 -12.49 17.29 -31.43
CA ILE H 59 -13.41 17.42 -32.55
C ILE H 59 -12.89 18.37 -33.63
N ASP H 60 -12.41 19.55 -33.22
CA ASP H 60 -11.89 20.53 -34.16
C ASP H 60 -10.70 19.99 -34.94
N ILE H 61 -9.82 19.29 -34.23
CA ILE H 61 -8.65 18.74 -34.88
C ILE H 61 -8.95 17.64 -35.90
N ILE H 62 -9.77 16.66 -35.52
CA ILE H 62 -10.06 15.57 -36.45
C ILE H 62 -10.99 15.97 -37.60
N THR H 63 -11.64 17.12 -37.50
CA THR H 63 -12.53 17.55 -38.58
C THR H 63 -11.89 18.59 -39.50
N GLY H 64 -10.66 18.97 -39.20
CA GLY H 64 -9.96 19.94 -40.03
C GLY H 64 -10.01 21.38 -39.58
N LYS H 65 -10.83 21.70 -38.58
CA LYS H 65 -10.95 23.08 -38.10
C LYS H 65 -9.74 23.60 -37.33
N ASP H 66 -8.86 22.71 -36.87
CA ASP H 66 -7.68 23.15 -36.13
C ASP H 66 -6.44 22.45 -36.69
N ASP H 67 -5.37 23.20 -36.88
CA ASP H 67 -4.14 22.62 -37.44
C ASP H 67 -3.22 21.95 -36.43
N ARG H 68 -3.66 21.87 -35.17
CA ARG H 68 -2.85 21.22 -34.16
C ARG H 68 -2.99 19.70 -34.31
N VAL H 69 -2.16 18.97 -33.57
CA VAL H 69 -2.21 17.52 -33.61
C VAL H 69 -2.74 16.96 -32.30
N LEU H 70 -3.78 16.14 -32.40
CA LEU H 70 -4.39 15.49 -31.24
C LEU H 70 -3.44 14.42 -30.75
N VAL H 71 -3.05 14.48 -29.48
CA VAL H 71 -2.13 13.49 -28.92
C VAL H 71 -2.74 12.73 -27.74
N ILE H 72 -2.89 11.42 -27.89
CA ILE H 72 -3.40 10.57 -26.80
C ILE H 72 -2.15 9.88 -26.26
N VAL H 73 -1.57 10.42 -25.20
CA VAL H 73 -0.34 9.87 -24.60
C VAL H 73 -0.50 9.52 -23.12
N GLY H 74 0.22 8.48 -22.68
CA GLY H 74 0.15 8.06 -21.29
C GLY H 74 0.43 6.57 -21.13
N PRO H 75 0.38 6.06 -19.90
CA PRO H 75 0.63 4.63 -19.61
C PRO H 75 -0.20 3.68 -20.44
N CYS H 76 0.29 2.45 -20.58
CA CYS H 76 -0.42 1.44 -21.34
C CYS H 76 -1.70 1.15 -20.56
N SER H 77 -1.57 1.08 -19.25
CA SER H 77 -2.67 0.83 -18.36
C SER H 77 -2.31 1.38 -16.97
N ILE H 78 -3.31 1.84 -16.22
CA ILE H 78 -3.06 2.40 -14.89
C ILE H 78 -3.35 1.37 -13.82
N HIS H 79 -2.40 1.13 -12.93
CA HIS H 79 -2.59 0.19 -11.85
C HIS H 79 -2.20 0.86 -10.55
N ASP H 80 -1.76 2.11 -10.65
CA ASP H 80 -1.31 2.91 -9.52
C ASP H 80 -1.82 4.34 -9.67
N LEU H 81 -2.80 4.72 -8.85
CA LEU H 81 -3.36 6.06 -8.92
C LEU H 81 -2.40 7.17 -8.52
N GLU H 82 -1.44 6.86 -7.65
CA GLU H 82 -0.47 7.86 -7.23
C GLU H 82 0.50 8.13 -8.38
N ALA H 83 1.10 7.07 -8.89
CA ALA H 83 2.04 7.20 -10.00
C ALA H 83 1.35 7.86 -11.18
N ALA H 84 0.08 7.54 -11.39
CA ALA H 84 -0.67 8.12 -12.49
C ALA H 84 -0.87 9.60 -12.26
N GLN H 85 -0.98 9.99 -11.00
CA GLN H 85 -1.18 11.39 -10.67
C GLN H 85 0.09 12.20 -10.87
N GLU H 86 1.24 11.63 -10.52
CA GLU H 86 2.50 12.33 -10.70
C GLU H 86 2.72 12.58 -12.18
N TYR H 87 2.48 11.52 -12.97
CA TYR H 87 2.62 11.60 -14.40
C TYR H 87 1.68 12.66 -14.96
N ALA H 88 0.45 12.67 -14.49
CA ALA H 88 -0.51 13.66 -14.97
C ALA H 88 0.02 15.07 -14.76
N LEU H 89 0.58 15.34 -13.58
CA LEU H 89 1.11 16.66 -13.30
C LEU H 89 2.19 17.03 -14.31
N ARG H 90 3.13 16.13 -14.55
CA ARG H 90 4.20 16.37 -15.51
C ARG H 90 3.62 16.65 -16.90
N LEU H 91 2.73 15.76 -17.35
CA LEU H 91 2.11 15.91 -18.66
C LEU H 91 1.28 17.17 -18.76
N LYS H 92 0.71 17.59 -17.65
CA LYS H 92 -0.12 18.79 -17.64
C LYS H 92 0.72 20.03 -17.86
N LYS H 93 1.89 20.08 -17.23
CA LYS H 93 2.77 21.22 -17.38
C LYS H 93 3.15 21.31 -18.86
N LEU H 94 3.86 20.29 -19.34
CA LEU H 94 4.31 20.20 -20.72
C LEU H 94 3.17 20.53 -21.66
N SER H 95 1.96 20.06 -21.35
CA SER H 95 0.79 20.31 -22.18
C SER H 95 0.56 21.80 -22.38
N ASP H 96 0.79 22.57 -21.33
CA ASP H 96 0.62 24.02 -21.41
C ASP H 96 1.74 24.64 -22.23
N GLU H 97 2.94 24.09 -22.07
CA GLU H 97 4.10 24.59 -22.78
C GLU H 97 3.87 24.49 -24.28
N LEU H 98 3.16 23.46 -24.72
CA LEU H 98 2.92 23.24 -26.14
C LEU H 98 1.46 23.37 -26.57
N LYS H 99 0.58 23.78 -25.66
CA LYS H 99 -0.85 23.88 -26.00
C LYS H 99 -1.15 24.72 -27.25
N GLY H 100 -0.10 25.23 -27.90
CA GLY H 100 -0.28 26.03 -29.08
C GLY H 100 -0.16 25.23 -30.36
N ASP H 101 0.45 24.05 -30.25
CA ASP H 101 0.62 23.18 -31.41
C ASP H 101 -0.02 21.81 -31.16
N LEU H 102 -0.01 21.37 -29.90
CA LEU H 102 -0.57 20.07 -29.55
C LEU H 102 -1.70 20.12 -28.54
N SER H 103 -2.75 19.35 -28.81
CA SER H 103 -3.88 19.23 -27.89
C SER H 103 -3.65 17.87 -27.26
N ILE H 104 -3.33 17.87 -25.97
CA ILE H 104 -3.04 16.62 -25.28
C ILE H 104 -4.15 16.09 -24.41
N ILE H 105 -4.27 14.76 -24.44
CA ILE H 105 -5.25 14.00 -23.68
C ILE H 105 -4.44 12.86 -23.05
N MET H 106 -4.62 12.62 -21.76
CA MET H 106 -3.84 11.55 -21.14
C MET H 106 -4.49 10.19 -21.35
N ARG H 107 -3.64 9.17 -21.52
CA ARG H 107 -4.10 7.81 -21.69
C ARG H 107 -4.44 7.28 -20.32
N ALA H 108 -5.71 6.98 -20.10
CA ALA H 108 -6.14 6.45 -18.81
C ALA H 108 -6.85 5.12 -19.11
N TYR H 109 -6.07 4.14 -19.58
CA TYR H 109 -6.64 2.85 -19.90
C TYR H 109 -6.71 1.97 -18.67
N LEU H 110 -7.86 1.32 -18.49
CA LEU H 110 -8.04 0.47 -17.32
C LEU H 110 -7.36 -0.90 -17.50
N GLU H 111 -7.22 -1.35 -18.75
CA GLU H 111 -6.58 -2.62 -19.01
C GLU H 111 -5.92 -2.76 -20.39
N LYS H 112 -4.99 -3.70 -20.48
CA LYS H 112 -4.30 -4.02 -21.73
C LYS H 112 -5.10 -5.20 -22.30
N PRO H 113 -5.22 -5.28 -23.64
CA PRO H 113 -5.98 -6.37 -24.28
C PRO H 113 -5.55 -7.80 -23.94
N TRP H 119 -2.36 -9.70 -15.25
CA TRP H 119 -3.19 -8.69 -14.59
C TRP H 119 -4.45 -8.41 -15.38
N LYS H 120 -5.60 -8.76 -14.80
CA LYS H 120 -6.88 -8.57 -15.43
C LYS H 120 -7.25 -7.11 -15.76
N GLY H 121 -6.73 -6.15 -15.00
CA GLY H 121 -7.04 -4.75 -15.25
C GLY H 121 -7.33 -4.03 -13.94
N LEU H 122 -7.81 -2.80 -14.00
CA LEU H 122 -8.11 -2.05 -12.76
C LEU H 122 -9.54 -2.29 -12.29
N ILE H 123 -10.46 -2.42 -13.23
CA ILE H 123 -11.85 -2.67 -12.87
C ILE H 123 -11.96 -4.06 -12.24
N ASN H 124 -11.37 -5.06 -12.88
CA ASN H 124 -11.41 -6.42 -12.38
C ASN H 124 -10.60 -6.65 -11.12
N ASP H 125 -9.29 -6.39 -11.19
CA ASP H 125 -8.41 -6.60 -10.03
C ASP H 125 -7.62 -5.37 -9.59
N PRO H 126 -8.30 -4.37 -8.99
CA PRO H 126 -7.65 -3.14 -8.54
C PRO H 126 -6.61 -3.34 -7.43
N ASP H 127 -6.83 -4.36 -6.60
CA ASP H 127 -5.90 -4.64 -5.50
C ASP H 127 -4.57 -5.10 -6.08
N VAL H 128 -4.63 -5.53 -7.35
CA VAL H 128 -3.47 -6.06 -8.06
C VAL H 128 -2.89 -7.18 -7.21
N ASN H 129 -3.71 -8.23 -7.03
CA ASN H 129 -3.34 -9.42 -6.26
C ASN H 129 -4.19 -10.60 -6.70
N ASN H 130 -4.26 -10.80 -8.01
CA ASN H 130 -5.03 -11.87 -8.64
C ASN H 130 -6.35 -12.30 -8.01
N THR H 131 -7.13 -11.33 -7.54
CA THR H 131 -8.45 -11.62 -6.97
C THR H 131 -9.36 -10.68 -7.75
N PHE H 132 -10.66 -10.84 -7.62
CA PHE H 132 -11.56 -9.96 -8.35
C PHE H 132 -12.35 -9.09 -7.39
N ASN H 133 -12.93 -8.03 -7.90
CA ASN H 133 -13.70 -7.10 -7.08
C ASN H 133 -14.09 -5.89 -7.93
N ILE H 134 -15.05 -6.09 -8.83
CA ILE H 134 -15.50 -5.02 -9.70
C ILE H 134 -16.02 -3.78 -9.01
N ASN H 135 -16.68 -3.92 -7.85
CA ASN H 135 -17.19 -2.74 -7.15
C ASN H 135 -16.07 -1.78 -6.76
N LYS H 136 -15.01 -2.31 -6.16
CA LYS H 136 -13.88 -1.48 -5.76
C LYS H 136 -13.15 -1.01 -7.02
N GLY H 137 -13.13 -1.87 -8.03
CA GLY H 137 -12.47 -1.53 -9.28
C GLY H 137 -13.12 -0.33 -9.94
N LEU H 138 -14.44 -0.33 -9.99
CA LEU H 138 -15.18 0.78 -10.57
C LEU H 138 -14.97 2.05 -9.75
N GLN H 139 -14.80 1.88 -8.44
CA GLN H 139 -14.55 3.03 -7.59
C GLN H 139 -13.19 3.62 -7.94
N SER H 140 -12.16 2.78 -7.98
CA SER H 140 -10.82 3.22 -8.33
C SER H 140 -10.86 3.87 -9.71
N ALA H 141 -11.45 3.16 -10.66
CA ALA H 141 -11.55 3.68 -12.01
C ALA H 141 -12.11 5.09 -11.99
N ARG H 142 -13.29 5.29 -11.40
CA ARG H 142 -13.90 6.61 -11.38
C ARG H 142 -13.13 7.64 -10.58
N GLN H 143 -12.57 7.23 -9.43
CA GLN H 143 -11.80 8.17 -8.62
C GLN H 143 -10.63 8.67 -9.46
N LEU H 144 -9.96 7.73 -10.13
CA LEU H 144 -8.83 8.03 -10.99
C LEU H 144 -9.23 9.06 -12.04
N PHE H 145 -10.27 8.76 -12.80
CA PHE H 145 -10.72 9.70 -13.82
C PHE H 145 -11.00 11.06 -13.23
N VAL H 146 -11.57 11.10 -12.02
CA VAL H 146 -11.86 12.38 -11.40
C VAL H 146 -10.56 13.09 -11.01
N ASN H 147 -9.64 12.35 -10.39
CA ASN H 147 -8.36 12.93 -10.00
C ASN H 147 -7.65 13.59 -11.18
N LEU H 148 -7.58 12.88 -12.30
CA LEU H 148 -6.91 13.38 -13.49
C LEU H 148 -7.60 14.61 -14.09
N THR H 149 -8.83 14.42 -14.55
CA THR H 149 -9.57 15.53 -15.16
C THR H 149 -9.70 16.72 -14.21
N ASN H 150 -9.56 16.45 -12.91
CA ASN H 150 -9.65 17.50 -11.91
C ASN H 150 -8.50 18.52 -12.00
N ILE H 151 -7.32 18.09 -12.44
CA ILE H 151 -6.21 19.03 -12.55
C ILE H 151 -6.20 19.68 -13.93
N GLY H 152 -7.27 19.51 -14.69
CA GLY H 152 -7.37 20.12 -16.00
C GLY H 152 -6.82 19.34 -17.18
N LEU H 153 -6.53 18.07 -16.98
CA LEU H 153 -5.97 17.22 -18.03
C LEU H 153 -7.02 16.26 -18.58
N PRO H 154 -7.45 16.44 -19.83
CA PRO H 154 -8.46 15.54 -20.40
C PRO H 154 -7.94 14.11 -20.44
N ILE H 155 -8.85 13.14 -20.54
CA ILE H 155 -8.42 11.73 -20.57
C ILE H 155 -9.13 10.92 -21.64
N GLY H 156 -8.50 9.83 -22.03
CA GLY H 156 -9.05 8.94 -23.04
C GLY H 156 -8.92 7.53 -22.52
N SER H 157 -9.81 6.64 -22.95
CA SER H 157 -9.77 5.26 -22.48
C SER H 157 -10.35 4.34 -23.53
N GLU H 158 -10.15 3.03 -23.37
CA GLU H 158 -10.70 2.07 -24.31
C GLU H 158 -12.11 1.72 -23.88
N MET H 159 -13.03 1.68 -24.84
CA MET H 159 -14.41 1.35 -24.54
C MET H 159 -14.57 -0.17 -24.53
N LEU H 160 -14.30 -0.75 -23.36
CA LEU H 160 -14.37 -2.19 -23.12
C LEU H 160 -15.73 -2.81 -23.41
N ASP H 161 -16.77 -2.45 -22.65
CA ASP H 161 -18.09 -3.02 -22.87
C ASP H 161 -19.23 -2.05 -23.10
N THR H 162 -20.45 -2.53 -22.98
CA THR H 162 -21.63 -1.70 -23.18
C THR H 162 -22.17 -1.20 -21.80
N ILE H 163 -21.36 -1.38 -20.76
CA ILE H 163 -21.74 -1.00 -19.39
C ILE H 163 -20.70 -0.15 -18.62
N SER H 164 -19.42 -0.47 -18.73
CA SER H 164 -18.36 0.30 -18.06
C SER H 164 -18.57 1.79 -18.32
N PRO H 165 -18.84 2.16 -19.59
CA PRO H 165 -19.04 3.56 -19.94
C PRO H 165 -20.04 4.31 -19.06
N GLN H 166 -21.15 3.67 -18.71
CA GLN H 166 -22.17 4.29 -17.88
C GLN H 166 -21.60 4.83 -16.58
N TYR H 167 -20.50 4.24 -16.12
CA TYR H 167 -19.87 4.67 -14.88
C TYR H 167 -18.77 5.70 -15.07
N LEU H 168 -18.41 6.06 -16.31
CA LEU H 168 -17.30 6.99 -16.51
C LEU H 168 -17.37 7.92 -17.73
N ALA H 169 -18.37 7.75 -18.59
CA ALA H 169 -18.49 8.56 -19.79
C ALA H 169 -18.41 10.09 -19.56
N ASP H 170 -19.11 10.55 -18.52
CA ASP H 170 -19.15 11.96 -18.18
C ASP H 170 -17.76 12.59 -18.10
N LEU H 171 -16.80 11.80 -17.66
CA LEU H 171 -15.43 12.28 -17.48
C LEU H 171 -14.42 12.03 -18.60
N VAL H 172 -14.84 11.29 -19.62
CA VAL H 172 -13.97 10.92 -20.74
C VAL H 172 -14.04 11.88 -21.92
N SER H 173 -12.89 12.13 -22.56
CA SER H 173 -12.85 13.06 -23.68
C SER H 173 -12.62 12.37 -25.03
N PHE H 174 -11.98 11.21 -24.98
CA PHE H 174 -11.71 10.43 -26.17
C PHE H 174 -11.94 8.95 -25.92
N GLY H 175 -12.55 8.27 -26.90
CA GLY H 175 -12.83 6.85 -26.81
C GLY H 175 -12.14 6.04 -27.92
N ALA H 176 -11.46 4.98 -27.51
CA ALA H 176 -10.74 4.13 -28.45
C ALA H 176 -11.26 2.72 -28.43
N ILE H 177 -11.59 2.18 -29.60
CA ILE H 177 -12.04 0.79 -29.73
C ILE H 177 -10.85 -0.06 -30.19
N GLY H 178 -10.48 -1.07 -29.41
CA GLY H 178 -9.36 -1.92 -29.75
C GLY H 178 -9.44 -2.70 -31.04
N ALA H 179 -8.28 -3.13 -31.53
CA ALA H 179 -8.19 -3.91 -32.76
C ALA H 179 -9.03 -5.19 -32.72
N ARG H 180 -9.08 -5.85 -31.55
CA ARG H 180 -9.86 -7.08 -31.40
C ARG H 180 -11.38 -6.84 -31.38
N THR H 181 -11.80 -5.59 -31.32
CA THR H 181 -13.24 -5.33 -31.28
C THR H 181 -13.80 -4.42 -32.37
N THR H 182 -12.93 -3.82 -33.17
CA THR H 182 -13.36 -2.95 -34.26
C THR H 182 -14.43 -3.59 -35.17
N GLU H 183 -14.40 -4.90 -35.31
CA GLU H 183 -15.37 -5.58 -36.17
C GLU H 183 -16.65 -5.91 -35.42
N SER H 184 -16.60 -5.83 -34.10
CA SER H 184 -17.75 -6.14 -33.26
C SER H 184 -18.93 -5.21 -33.45
N GLN H 185 -20.04 -5.76 -33.94
CA GLN H 185 -21.26 -5.00 -34.15
C GLN H 185 -21.62 -4.28 -32.85
N LEU H 186 -21.46 -5.02 -31.76
CA LEU H 186 -21.77 -4.52 -30.43
C LEU H 186 -21.00 -3.23 -30.11
N HIS H 187 -19.71 -3.18 -30.45
CA HIS H 187 -18.90 -1.99 -30.18
C HIS H 187 -19.14 -0.87 -31.17
N ARG H 188 -19.68 -1.18 -32.34
CA ARG H 188 -19.96 -0.14 -33.31
C ARG H 188 -21.23 0.57 -32.85
N GLU H 189 -22.20 -0.19 -32.36
CA GLU H 189 -23.43 0.40 -31.86
C GLU H 189 -23.11 1.26 -30.64
N LEU H 190 -22.25 0.75 -29.76
CA LEU H 190 -21.87 1.50 -28.57
C LEU H 190 -21.22 2.85 -28.93
N ALA H 191 -20.36 2.85 -29.94
CA ALA H 191 -19.67 4.07 -30.35
C ALA H 191 -20.65 5.10 -30.90
N SER H 192 -21.70 4.61 -31.56
CA SER H 192 -22.72 5.47 -32.15
C SER H 192 -23.51 6.23 -31.11
N GLY H 193 -23.29 5.93 -29.84
CA GLY H 193 -24.03 6.61 -28.79
C GLY H 193 -23.15 7.25 -27.73
N LEU H 194 -21.85 7.31 -27.97
CA LEU H 194 -20.96 7.93 -26.99
C LEU H 194 -20.92 9.44 -27.23
N SER H 195 -20.73 10.20 -26.15
CA SER H 195 -20.71 11.66 -26.21
C SER H 195 -19.34 12.25 -26.54
N PHE H 196 -18.51 11.52 -27.28
CA PHE H 196 -17.18 12.01 -27.63
C PHE H 196 -16.61 11.27 -28.83
N PRO H 197 -15.48 11.75 -29.38
CA PRO H 197 -14.86 11.10 -30.54
C PRO H 197 -14.37 9.70 -30.23
N VAL H 198 -14.55 8.80 -31.20
CA VAL H 198 -14.11 7.42 -31.03
C VAL H 198 -13.13 7.01 -32.13
N GLY H 199 -12.01 6.42 -31.72
CA GLY H 199 -11.03 5.97 -32.69
C GLY H 199 -11.09 4.45 -32.84
N PHE H 200 -11.26 3.99 -34.08
CA PHE H 200 -11.30 2.56 -34.39
C PHE H 200 -9.96 2.11 -34.96
N LYS H 201 -9.26 1.21 -34.25
CA LYS H 201 -7.98 0.70 -34.73
C LYS H 201 -8.20 -0.27 -35.87
N ASN H 202 -7.23 -0.38 -36.78
CA ASN H 202 -7.37 -1.31 -37.90
C ASN H 202 -7.26 -2.75 -37.40
N GLY H 203 -7.65 -3.71 -38.24
CA GLY H 203 -7.60 -5.11 -37.86
C GLY H 203 -6.23 -5.59 -37.41
N THR H 204 -6.20 -6.66 -36.63
CA THR H 204 -4.93 -7.21 -36.16
C THR H 204 -4.16 -7.81 -37.34
N ASP H 205 -4.84 -7.95 -38.48
CA ASP H 205 -4.20 -8.49 -39.67
C ASP H 205 -3.62 -7.36 -40.55
N GLY H 206 -3.58 -6.13 -40.01
CA GLY H 206 -3.04 -5.00 -40.73
C GLY H 206 -3.92 -4.26 -41.71
N THR H 207 -5.16 -4.69 -41.92
CA THR H 207 -6.05 -4.01 -42.87
C THR H 207 -6.90 -2.90 -42.24
N LEU H 208 -7.35 -1.95 -43.07
CA LEU H 208 -8.15 -0.81 -42.60
C LEU H 208 -9.62 -0.91 -42.93
N ASN H 209 -9.96 -1.80 -43.85
CA ASN H 209 -11.35 -1.96 -44.25
C ASN H 209 -12.29 -2.04 -43.05
N VAL H 210 -11.94 -2.88 -42.08
CA VAL H 210 -12.78 -3.05 -40.90
C VAL H 210 -12.96 -1.77 -40.08
N ALA H 211 -11.91 -0.97 -39.98
CA ALA H 211 -12.00 0.28 -39.21
C ALA H 211 -12.81 1.30 -39.99
N VAL H 212 -12.70 1.27 -41.31
CA VAL H 212 -13.45 2.21 -42.13
C VAL H 212 -14.94 1.88 -42.02
N ASP H 213 -15.25 0.58 -42.08
CA ASP H 213 -16.65 0.14 -41.96
C ASP H 213 -17.19 0.50 -40.58
N ALA H 214 -16.35 0.38 -39.55
CA ALA H 214 -16.75 0.70 -38.19
C ALA H 214 -17.19 2.16 -38.12
N CYS H 215 -16.40 3.06 -38.68
CA CYS H 215 -16.73 4.48 -38.68
C CYS H 215 -18.06 4.74 -39.41
N GLN H 216 -18.24 4.07 -40.55
CA GLN H 216 -19.47 4.24 -41.31
C GLN H 216 -20.65 3.80 -40.47
N ALA H 217 -20.53 2.64 -39.84
CA ALA H 217 -21.61 2.10 -39.01
C ALA H 217 -21.91 2.96 -37.79
N ALA H 218 -20.87 3.37 -37.07
CA ALA H 218 -21.06 4.18 -35.87
C ALA H 218 -21.71 5.53 -36.17
N ALA H 219 -21.76 5.90 -37.43
CA ALA H 219 -22.35 7.18 -37.81
C ALA H 219 -23.86 7.07 -37.87
N HIS H 220 -24.38 5.86 -37.94
CA HIS H 220 -25.82 5.68 -38.00
C HIS H 220 -26.42 5.53 -36.63
N SER H 221 -27.75 5.49 -36.59
CA SER H 221 -28.49 5.34 -35.35
C SER H 221 -28.69 3.85 -35.12
N HIS H 222 -28.50 3.40 -33.90
CA HIS H 222 -28.65 1.99 -33.56
C HIS H 222 -29.56 1.76 -32.37
N HIS H 223 -30.13 0.57 -32.30
CA HIS H 223 -31.02 0.17 -31.20
C HIS H 223 -30.44 -1.04 -30.51
N PHE H 224 -29.81 -0.85 -29.35
CA PHE H 224 -29.27 -1.98 -28.66
C PHE H 224 -29.73 -2.07 -27.19
N MET H 225 -29.20 -3.04 -26.45
CA MET H 225 -29.58 -3.21 -25.08
C MET H 225 -28.44 -2.93 -24.15
N SER H 226 -28.65 -1.98 -23.25
CA SER H 226 -27.63 -1.63 -22.26
C SER H 226 -28.30 -1.50 -20.90
N VAL H 227 -27.59 -0.88 -19.97
CA VAL H 227 -28.20 -0.66 -18.67
C VAL H 227 -28.31 0.84 -18.46
N THR H 228 -29.36 1.28 -17.74
CA THR H 228 -29.58 2.69 -17.48
C THR H 228 -28.68 3.14 -16.33
N LYS H 229 -28.74 4.42 -16.02
CA LYS H 229 -27.96 4.98 -14.93
C LYS H 229 -28.33 4.26 -13.65
N HIS H 230 -29.52 3.67 -13.61
CA HIS H 230 -30.00 2.98 -12.42
C HIS H 230 -29.74 1.48 -12.36
N GLY H 231 -28.90 0.98 -13.24
CA GLY H 231 -28.56 -0.44 -13.24
C GLY H 231 -29.59 -1.39 -13.81
N VAL H 232 -30.54 -0.86 -14.57
CA VAL H 232 -31.59 -1.68 -15.16
C VAL H 232 -31.38 -1.81 -16.66
N ALA H 233 -31.77 -2.97 -17.20
CA ALA H 233 -31.62 -3.22 -18.62
C ALA H 233 -32.69 -2.46 -19.39
N ALA H 234 -32.31 -1.84 -20.51
CA ALA H 234 -33.26 -1.09 -21.33
C ALA H 234 -32.85 -1.05 -22.78
N ILE H 235 -33.80 -0.70 -23.63
CA ILE H 235 -33.56 -0.60 -25.07
C ILE H 235 -33.00 0.80 -25.37
N THR H 236 -31.72 0.86 -25.71
CA THR H 236 -31.09 2.13 -26.02
C THR H 236 -31.25 2.53 -27.49
N THR H 237 -31.34 3.82 -27.76
CA THR H 237 -31.47 4.31 -29.14
C THR H 237 -30.41 5.40 -29.33
N THR H 238 -29.48 5.17 -30.24
CA THR H 238 -28.41 6.14 -30.47
C THR H 238 -28.69 7.15 -31.58
N LYS H 239 -27.98 8.27 -31.52
CA LYS H 239 -28.13 9.35 -32.49
C LYS H 239 -27.18 9.17 -33.67
N GLY H 240 -26.08 8.49 -33.42
CA GLY H 240 -25.09 8.29 -34.47
C GLY H 240 -23.93 9.18 -34.09
N ASN H 241 -22.72 8.72 -34.33
CA ASN H 241 -21.53 9.50 -33.98
C ASN H 241 -20.76 9.87 -35.24
N GLU H 242 -20.62 11.17 -35.51
CA GLU H 242 -19.90 11.59 -36.70
C GLU H 242 -18.43 11.92 -36.42
N HIS H 243 -18.00 11.68 -35.18
CA HIS H 243 -16.62 11.96 -34.78
C HIS H 243 -15.80 10.69 -34.57
N CYS H 244 -15.94 9.77 -35.52
CA CYS H 244 -15.21 8.50 -35.49
C CYS H 244 -14.14 8.53 -36.56
N PHE H 245 -12.92 8.19 -36.17
CA PHE H 245 -11.81 8.17 -37.11
C PHE H 245 -11.06 6.85 -37.04
N VAL H 246 -10.13 6.66 -37.96
CA VAL H 246 -9.33 5.45 -38.02
C VAL H 246 -7.97 5.63 -37.38
N ILE H 247 -7.52 4.59 -36.69
CA ILE H 247 -6.21 4.63 -36.05
C ILE H 247 -5.34 3.56 -36.69
N LEU H 248 -4.14 3.96 -37.13
CA LEU H 248 -3.23 3.02 -37.76
C LEU H 248 -2.31 2.51 -36.68
N ARG H 249 -2.30 1.19 -36.49
CA ARG H 249 -1.48 0.60 -35.44
C ARG H 249 -0.71 -0.65 -35.85
N GLY H 250 -0.48 -0.83 -37.15
CA GLY H 250 0.25 -1.99 -37.61
C GLY H 250 -0.58 -3.25 -37.69
N GLY H 251 0.09 -4.40 -37.82
CA GLY H 251 -0.64 -5.65 -37.90
C GLY H 251 0.11 -6.77 -38.61
N LYS H 252 -0.66 -7.69 -39.20
CA LYS H 252 -0.09 -8.83 -39.92
C LYS H 252 0.47 -8.39 -41.27
N LYS H 253 0.04 -7.24 -41.75
CA LYS H 253 0.54 -6.70 -43.02
C LYS H 253 1.74 -5.79 -42.73
N GLY H 254 2.23 -5.87 -41.49
CA GLY H 254 3.36 -5.05 -41.10
C GLY H 254 2.93 -3.69 -40.59
N THR H 255 3.92 -2.86 -40.26
CA THR H 255 3.67 -1.51 -39.76
C THR H 255 3.02 -0.67 -40.85
N ASN H 256 2.33 0.39 -40.46
CA ASN H 256 1.66 1.26 -41.43
C ASN H 256 1.65 2.72 -41.05
N TYR H 257 2.75 3.20 -40.47
CA TYR H 257 2.84 4.60 -40.08
C TYR H 257 3.67 5.39 -41.08
N ASP H 258 4.36 4.68 -41.96
CA ASP H 258 5.19 5.31 -42.99
C ASP H 258 4.33 6.04 -44.03
N ALA H 259 4.99 6.84 -44.86
CA ALA H 259 4.35 7.64 -45.90
C ALA H 259 3.50 6.89 -46.93
N LYS H 260 3.98 5.74 -47.36
CA LYS H 260 3.26 4.95 -48.36
C LYS H 260 1.98 4.37 -47.76
N SER H 261 2.09 3.88 -46.52
CA SER H 261 0.95 3.31 -45.82
C SER H 261 -0.13 4.35 -45.58
N VAL H 262 0.30 5.60 -45.40
CA VAL H 262 -0.64 6.68 -45.19
C VAL H 262 -1.52 6.86 -46.43
N ALA H 263 -0.91 6.89 -47.60
CA ALA H 263 -1.66 7.07 -48.84
C ALA H 263 -2.70 5.97 -49.06
N GLU H 264 -2.31 4.72 -48.81
CA GLU H 264 -3.23 3.60 -48.99
C GLU H 264 -4.38 3.81 -48.02
N ALA H 265 -4.04 4.31 -46.84
CA ALA H 265 -5.02 4.58 -45.81
C ALA H 265 -5.99 5.66 -46.29
N LYS H 266 -5.45 6.82 -46.67
CA LYS H 266 -6.31 7.91 -47.10
C LYS H 266 -7.01 7.61 -48.41
N ALA H 267 -6.47 6.66 -49.16
CA ALA H 267 -7.07 6.27 -50.43
C ALA H 267 -8.30 5.44 -50.11
N GLN H 268 -8.22 4.71 -49.00
CA GLN H 268 -9.31 3.86 -48.54
C GLN H 268 -10.48 4.58 -47.91
N LEU H 269 -10.26 5.70 -47.22
CA LEU H 269 -11.40 6.38 -46.59
C LEU H 269 -12.17 7.27 -47.53
N PRO H 270 -13.50 7.28 -47.36
CA PRO H 270 -14.48 8.05 -48.14
C PRO H 270 -14.33 9.57 -48.14
N ALA H 271 -15.39 10.23 -48.61
CA ALA H 271 -15.43 11.68 -48.69
C ALA H 271 -15.69 12.29 -47.32
N GLY H 272 -15.13 13.48 -47.10
CA GLY H 272 -15.30 14.17 -45.84
C GLY H 272 -15.26 13.24 -44.65
N SER H 273 -14.12 12.63 -44.42
CA SER H 273 -13.98 11.73 -43.29
C SER H 273 -12.80 12.14 -42.42
N ASN H 274 -13.08 12.38 -41.15
CA ASN H 274 -12.09 12.80 -40.15
C ASN H 274 -10.67 12.27 -40.35
N GLY H 275 -9.69 13.04 -39.87
CA GLY H 275 -8.30 12.66 -40.01
C GLY H 275 -7.93 11.32 -39.41
N LEU H 276 -6.77 10.81 -39.79
CA LEU H 276 -6.24 9.53 -39.31
C LEU H 276 -5.42 9.70 -38.07
N MET H 277 -5.34 8.64 -37.27
CA MET H 277 -4.51 8.68 -36.06
C MET H 277 -3.48 7.57 -36.18
N ILE H 278 -2.30 7.78 -35.61
CA ILE H 278 -1.26 6.79 -35.69
C ILE H 278 -0.83 6.40 -34.30
N ASP H 279 -0.82 5.09 -34.05
CA ASP H 279 -0.39 4.56 -32.77
C ASP H 279 1.09 4.25 -32.93
N TYR H 280 1.94 4.88 -32.12
CA TYR H 280 3.37 4.64 -32.21
C TYR H 280 3.74 3.27 -31.63
N SER H 281 2.96 2.78 -30.68
CA SER H 281 3.24 1.52 -30.02
C SER H 281 2.51 0.31 -30.61
N HIS H 282 2.58 -0.81 -29.90
CA HIS H 282 1.88 -2.01 -30.34
C HIS H 282 2.40 -2.59 -31.65
N GLY H 283 1.54 -2.59 -32.67
CA GLY H 283 1.93 -3.15 -33.96
C GLY H 283 3.01 -2.37 -34.68
N ASN H 284 2.92 -1.04 -34.64
CA ASN H 284 3.90 -0.20 -35.32
C ASN H 284 5.25 -0.14 -34.59
N SER H 285 5.40 -0.94 -33.54
CA SER H 285 6.64 -0.94 -32.78
C SER H 285 7.36 -2.28 -32.80
N ASN H 286 6.78 -3.27 -33.48
CA ASN H 286 7.38 -4.60 -33.55
C ASN H 286 7.91 -5.04 -32.19
N LYS H 287 7.04 -5.05 -31.19
CA LYS H 287 7.42 -5.47 -29.85
C LYS H 287 8.74 -4.84 -29.38
N ASP H 288 8.72 -3.53 -29.11
CA ASP H 288 9.90 -2.81 -28.64
C ASP H 288 9.53 -1.34 -28.47
N PHE H 289 9.50 -0.85 -27.23
CA PHE H 289 9.15 0.54 -26.98
C PHE H 289 10.21 1.53 -27.47
N ARG H 290 11.35 1.01 -27.87
CA ARG H 290 12.45 1.84 -28.36
C ARG H 290 12.12 2.46 -29.70
N ASN H 291 11.26 1.79 -30.47
CA ASN H 291 10.87 2.29 -31.79
C ASN H 291 9.83 3.39 -31.79
N GLN H 292 9.40 3.81 -30.61
CA GLN H 292 8.41 4.87 -30.51
C GLN H 292 8.97 6.15 -31.15
N PRO H 293 10.18 6.55 -30.74
CA PRO H 293 10.77 7.76 -31.33
C PRO H 293 11.06 7.59 -32.83
N LYS H 294 11.44 6.38 -33.25
CA LYS H 294 11.67 6.12 -34.68
C LYS H 294 10.38 6.42 -35.44
N VAL H 295 9.30 5.77 -35.03
CA VAL H 295 7.98 5.97 -35.65
C VAL H 295 7.66 7.45 -35.68
N ASN H 296 8.02 8.15 -34.59
CA ASN H 296 7.80 9.59 -34.47
C ASN H 296 8.53 10.36 -35.57
N ASP H 297 9.83 10.12 -35.67
CA ASP H 297 10.65 10.79 -36.69
C ASP H 297 10.03 10.65 -38.08
N VAL H 298 9.57 9.45 -38.41
CA VAL H 298 8.94 9.21 -39.69
C VAL H 298 7.60 9.94 -39.79
N VAL H 299 6.93 10.11 -38.65
CA VAL H 299 5.63 10.78 -38.64
C VAL H 299 5.79 12.31 -38.66
N CYS H 300 6.75 12.82 -37.90
CA CYS H 300 6.98 14.25 -37.87
C CYS H 300 7.38 14.67 -39.28
N GLU H 301 8.22 13.83 -39.88
CA GLU H 301 8.73 14.04 -41.22
C GLU H 301 7.57 14.23 -42.20
N GLN H 302 6.50 13.45 -42.02
CA GLN H 302 5.32 13.55 -42.88
C GLN H 302 4.49 14.78 -42.52
N ILE H 303 4.54 15.17 -41.25
CA ILE H 303 3.79 16.34 -40.82
C ILE H 303 4.47 17.60 -41.35
N ALA H 304 5.79 17.65 -41.22
CA ALA H 304 6.59 18.80 -41.64
C ALA H 304 6.62 19.06 -43.15
N ASN H 305 5.99 18.19 -43.94
CA ASN H 305 6.00 18.40 -45.39
C ASN H 305 4.65 18.63 -46.01
N GLY H 306 3.63 18.82 -45.18
CA GLY H 306 2.30 19.09 -45.71
C GLY H 306 1.24 18.02 -45.53
N GLU H 307 1.59 16.91 -44.89
CA GLU H 307 0.61 15.86 -44.66
C GLU H 307 -0.43 16.33 -43.64
N ASN H 308 -1.57 16.77 -44.15
CA ASN H 308 -2.65 17.28 -43.30
C ASN H 308 -3.65 16.20 -42.92
N ALA H 309 -3.45 14.99 -43.42
CA ALA H 309 -4.36 13.89 -43.13
C ALA H 309 -4.06 13.25 -41.78
N ILE H 310 -2.82 13.36 -41.32
CA ILE H 310 -2.45 12.79 -40.03
C ILE H 310 -2.79 13.82 -38.96
N THR H 311 -3.96 13.70 -38.35
CA THR H 311 -4.40 14.63 -37.33
C THR H 311 -4.16 14.19 -35.89
N GLY H 312 -3.52 13.06 -35.69
CA GLY H 312 -3.27 12.64 -34.33
C GLY H 312 -2.37 11.43 -34.16
N VAL H 313 -1.75 11.34 -32.99
CA VAL H 313 -0.87 10.22 -32.70
C VAL H 313 -1.16 9.72 -31.29
N MET H 314 -0.83 8.46 -31.05
CA MET H 314 -1.06 7.84 -29.76
C MET H 314 0.30 7.37 -29.28
N ILE H 315 0.62 7.65 -28.02
CA ILE H 315 1.91 7.29 -27.46
C ILE H 315 1.76 6.64 -26.09
N GLU H 316 2.49 5.55 -25.85
CA GLU H 316 2.43 4.88 -24.56
C GLU H 316 3.61 5.38 -23.73
N SER H 317 3.35 6.42 -22.94
CA SER H 317 4.37 7.04 -22.12
C SER H 317 4.20 6.70 -20.64
N ASN H 318 5.27 6.86 -19.87
CA ASN H 318 5.25 6.56 -18.45
C ASN H 318 6.42 7.25 -17.76
N ILE H 319 6.31 7.45 -16.45
CA ILE H 319 7.36 8.08 -15.65
C ILE H 319 8.72 7.47 -15.98
N ASN H 320 8.74 6.14 -16.03
CA ASN H 320 9.95 5.39 -16.33
C ASN H 320 9.70 4.40 -17.47
N GLU H 321 10.71 4.26 -18.34
CA GLU H 321 10.63 3.36 -19.48
C GLU H 321 10.53 1.90 -19.08
N GLY H 322 10.19 1.05 -20.05
CA GLY H 322 10.08 -0.38 -19.83
C GLY H 322 8.73 -0.87 -19.33
N ASN H 323 8.77 -1.91 -18.52
CA ASN H 323 7.57 -2.51 -17.93
C ASN H 323 8.06 -3.61 -16.99
N GLN H 324 7.18 -4.12 -16.13
CA GLN H 324 7.59 -5.16 -15.19
C GLN H 324 6.55 -6.26 -15.01
N GLY H 325 6.89 -7.23 -14.17
CA GLY H 325 5.99 -8.34 -13.91
C GLY H 325 5.41 -8.22 -12.51
N ILE H 326 4.53 -9.14 -12.12
CA ILE H 326 3.91 -9.10 -10.80
C ILE H 326 4.61 -10.03 -9.79
N PRO H 327 5.33 -9.44 -8.82
CA PRO H 327 6.09 -10.14 -7.77
C PRO H 327 5.22 -10.99 -6.83
N ALA H 328 5.40 -10.81 -5.52
CA ALA H 328 4.63 -11.54 -4.52
C ALA H 328 4.82 -10.90 -3.15
N ALA H 332 2.49 -6.03 -5.48
CA ALA H 332 3.18 -6.03 -4.21
C ALA H 332 4.32 -4.99 -4.16
N GLY H 333 5.56 -5.44 -4.29
CA GLY H 333 6.69 -4.54 -4.27
C GLY H 333 7.24 -4.25 -5.66
N LEU H 334 6.42 -3.57 -6.46
CA LEU H 334 6.78 -3.21 -7.83
C LEU H 334 7.60 -1.92 -7.88
N LYS H 335 8.38 -1.75 -8.94
CA LYS H 335 9.19 -0.56 -9.10
C LYS H 335 8.24 0.56 -9.48
N TYR H 336 8.34 1.68 -8.77
CA TYR H 336 7.46 2.83 -9.02
C TYR H 336 7.53 3.32 -10.47
N GLY H 337 6.42 3.83 -10.97
CA GLY H 337 6.35 4.39 -12.32
C GLY H 337 6.72 3.51 -13.50
N VAL H 338 6.55 2.19 -13.35
CA VAL H 338 6.86 1.28 -14.44
C VAL H 338 5.67 0.36 -14.72
N SER H 339 5.11 0.51 -15.92
CA SER H 339 3.95 -0.26 -16.36
C SER H 339 4.02 -1.77 -16.20
N ILE H 340 2.93 -2.36 -15.70
CA ILE H 340 2.89 -3.81 -15.52
C ILE H 340 2.23 -4.51 -16.71
N THR H 341 2.19 -3.82 -17.85
CA THR H 341 1.61 -4.37 -19.07
C THR H 341 2.59 -4.17 -20.24
N ASP H 342 2.17 -3.46 -21.29
CA ASP H 342 3.05 -3.21 -22.42
C ASP H 342 4.16 -2.25 -22.01
N ALA H 343 5.32 -2.40 -22.64
CA ALA H 343 6.46 -1.55 -22.35
C ALA H 343 6.19 -0.14 -22.85
N CYS H 344 6.68 0.86 -22.13
CA CYS H 344 6.47 2.25 -22.52
C CYS H 344 7.80 2.94 -22.52
N ILE H 345 7.81 4.15 -23.07
CA ILE H 345 8.99 5.00 -23.12
C ILE H 345 8.99 5.88 -21.87
N GLY H 346 10.18 6.17 -21.34
CA GLY H 346 10.25 7.01 -20.15
C GLY H 346 9.66 8.38 -20.39
N TRP H 347 9.67 9.20 -19.34
CA TRP H 347 9.14 10.55 -19.45
C TRP H 347 10.03 11.48 -20.25
N GLU H 348 11.32 11.46 -19.94
CA GLU H 348 12.30 12.30 -20.61
C GLU H 348 12.13 12.09 -22.11
N THR H 349 12.10 10.83 -22.51
CA THR H 349 11.92 10.47 -23.91
C THR H 349 10.65 11.12 -24.47
N THR H 350 9.60 11.08 -23.65
CA THR H 350 8.31 11.63 -24.05
C THR H 350 8.36 13.14 -24.29
N GLU H 351 9.01 13.87 -23.40
CA GLU H 351 9.09 15.32 -23.56
C GLU H 351 9.80 15.58 -24.88
N ASP H 352 10.86 14.80 -25.12
CA ASP H 352 11.65 14.90 -26.34
C ASP H 352 10.72 14.76 -27.56
N VAL H 353 10.01 13.64 -27.60
CA VAL H 353 9.08 13.30 -28.67
C VAL H 353 7.94 14.29 -28.94
N LEU H 354 7.36 14.86 -27.88
CA LEU H 354 6.27 15.81 -28.08
C LEU H 354 6.79 17.15 -28.58
N ARG H 355 8.05 17.43 -28.26
CA ARG H 355 8.72 18.66 -28.68
C ARG H 355 9.02 18.57 -30.17
N LYS H 356 9.53 17.42 -30.61
CA LYS H 356 9.84 17.24 -32.02
C LYS H 356 8.54 17.27 -32.80
N LEU H 357 7.49 16.73 -32.19
CA LEU H 357 6.19 16.69 -32.83
C LEU H 357 5.63 18.11 -32.88
N ALA H 358 5.88 18.88 -31.82
CA ALA H 358 5.42 20.26 -31.79
C ALA H 358 6.17 20.98 -32.90
N ALA H 359 7.45 20.69 -33.02
CA ALA H 359 8.30 21.29 -34.04
C ALA H 359 7.72 21.02 -35.44
N ALA H 360 7.23 19.80 -35.65
CA ALA H 360 6.66 19.39 -36.92
C ALA H 360 5.34 20.11 -37.20
N VAL H 361 4.47 20.21 -36.19
CA VAL H 361 3.18 20.87 -36.35
C VAL H 361 3.35 22.34 -36.74
N ARG H 362 4.44 22.96 -36.28
CA ARG H 362 4.68 24.35 -36.62
C ARG H 362 5.19 24.45 -38.06
N GLN H 363 6.12 23.58 -38.42
CA GLN H 363 6.66 23.57 -39.77
C GLN H 363 5.56 23.36 -40.81
N ARG H 364 4.58 22.52 -40.50
CA ARG H 364 3.47 22.28 -41.43
C ARG H 364 2.64 23.55 -41.60
N ARG H 365 2.46 24.31 -40.52
CA ARG H 365 1.70 25.55 -40.58
C ARG H 365 2.34 26.46 -41.65
N GLU H 366 3.64 26.30 -41.82
CA GLU H 366 4.42 27.05 -42.81
C GLU H 366 4.04 26.53 -44.18
N VAL H 367 4.56 25.34 -44.48
CA VAL H 367 4.32 24.63 -45.73
C VAL H 367 2.95 24.89 -46.33
N ASN H 368 1.95 25.14 -45.49
CA ASN H 368 0.60 25.38 -45.98
C ASN H 368 0.35 26.80 -46.48
N LYS H 369 -0.81 27.09 -46.83
MN MN I . 24.34 8.19 45.15
N PHE J . 30.93 -5.98 25.96
CA PHE J . 29.93 -5.93 27.06
C PHE J . 30.22 -6.97 28.15
O PHE J . 31.20 -7.73 27.99
CB PHE J . 28.53 -6.15 26.47
CG PHE J . 28.06 -5.00 25.60
CD1 PHE J . 27.88 -5.19 24.23
CD2 PHE J . 27.80 -3.75 26.14
CE1 PHE J . 27.44 -4.14 23.41
CE2 PHE J . 27.37 -2.70 25.34
CZ PHE J . 27.19 -2.89 23.96
OXT PHE J . 29.49 -7.00 29.17
MN MN K . -0.65 2.27 22.93
MN MN L . 65.61 8.30 -2.11
N PHE M . 42.27 14.90 2.51
CA PHE M . 43.06 14.94 1.23
C PHE M . 43.41 16.36 0.84
O PHE M . 42.97 17.30 1.54
CB PHE M . 42.26 14.26 0.13
CG PHE M . 42.04 12.79 0.36
CD1 PHE M . 40.76 12.26 0.40
CD2 PHE M . 43.14 11.94 0.56
CE1 PHE M . 40.56 10.89 0.64
CE2 PHE M . 42.95 10.58 0.79
CZ PHE M . 41.66 10.05 0.83
OXT PHE M . 44.12 16.53 -0.18
MN MN N . 41.70 -7.30 -21.43
N PHE O . 39.31 -11.16 2.65
CA PHE O . 40.56 -11.39 1.88
C PHE O . 40.84 -12.86 1.58
O PHE O . 40.29 -13.73 2.29
CB PHE O . 41.75 -10.78 2.62
CG PHE O . 41.79 -9.29 2.58
CD1 PHE O . 41.94 -8.55 3.76
CD2 PHE O . 41.65 -8.62 1.37
CE1 PHE O . 41.96 -7.16 3.73
CE2 PHE O . 41.67 -7.23 1.32
CZ PHE O . 41.82 -6.49 2.51
OXT PHE O . 41.62 -13.11 0.65
MN MN P . -66.87 0.65 0.60
N PHE Q . -36.46 -10.70 4.64
CA PHE Q . -37.70 -10.75 5.47
C PHE Q . -37.60 -11.78 6.60
O PHE Q . -38.53 -11.82 7.45
CB PHE Q . -38.90 -11.05 4.58
CG PHE Q . -39.36 -9.89 3.76
CD1 PHE Q . -39.98 -10.07 2.52
CD2 PHE Q . -39.21 -8.58 4.24
CE1 PHE Q . -40.45 -8.99 1.78
CE2 PHE Q . -39.67 -7.49 3.50
CZ PHE Q . -40.29 -7.70 2.27
OXT PHE Q . -36.59 -12.52 6.64
MN MN R . -40.95 5.56 22.19
N PHE S . -46.32 8.66 -9.83
CA PHE S . -47.07 9.29 -8.70
C PHE S . -47.85 10.55 -9.13
O PHE S . -47.79 10.90 -10.33
CB PHE S . -46.11 9.65 -7.56
CG PHE S . -45.50 8.46 -6.87
CD1 PHE S . -46.30 7.53 -6.21
CD2 PHE S . -44.11 8.30 -6.82
CE1 PHE S . -45.75 6.46 -5.51
CE2 PHE S . -43.53 7.23 -6.13
CZ PHE S . -44.35 6.31 -5.47
OXT PHE S . -48.51 11.17 -8.29
MN MN T . -25.57 -16.52 -42.97
N PHE U . -28.38 -17.83 -19.30
CA PHE U . -27.07 -18.38 -19.74
C PHE U . -27.04 -19.90 -19.65
O PHE U . -26.87 -20.42 -18.53
CB PHE U . -25.93 -17.79 -18.90
CG PHE U . -25.76 -16.32 -19.10
CD1 PHE U . -25.56 -15.48 -18.00
CD2 PHE U . -25.78 -15.77 -20.38
CE1 PHE U . -25.38 -14.11 -18.17
CE2 PHE U . -25.62 -14.41 -20.56
CZ PHE U . -25.42 -13.57 -19.46
OXT PHE U . -27.19 -20.55 -20.70
MN MN V . -0.68 -1.12 -24.70
N PHE W . -23.78 7.46 -21.13
CA PHE W . -22.72 7.42 -22.18
C PHE W . -22.37 8.83 -22.66
O PHE W . -21.89 8.96 -23.81
CB PHE W . -23.17 6.56 -23.36
CG PHE W . -23.69 5.21 -22.99
CD1 PHE W . -25.05 5.00 -22.80
CD2 PHE W . -22.81 4.14 -22.80
CE1 PHE W . -25.54 3.74 -22.43
CE2 PHE W . -23.28 2.88 -22.42
CZ PHE W . -24.65 2.67 -22.24
OXT PHE W . -22.59 9.79 -21.89
#